data_3PM9
#
_entry.id   3PM9
#
_cell.length_a   146.085
_cell.length_b   250.728
_cell.length_c   251.711
_cell.angle_alpha   90.000
_cell.angle_beta   90.000
_cell.angle_gamma   90.000
#
_symmetry.space_group_name_H-M   'I 2 2 2'
#
loop_
_entity.id
_entity.type
_entity.pdbx_description
1 polymer 'Putative oxidoreductase'
2 non-polymer 'FLAVIN-ADENINE DINUCLEOTIDE'
3 non-polymer 'UNKNOWN LIGAND'
4 non-polymer 'PHOSPHATE ION'
5 water water
#
_entity_poly.entity_id   1
_entity_poly.type   'polypeptide(L)'
_entity_poly.pdbx_seq_one_letter_code
;G(MSE)NIVSQLSPVTLSPELIARFTAIVGDKHALTDPLELEAYITEERNLYRGHSPLVLRPGSTEEVVAICKLANEARV
ALVPQGGNTGLVGGQTPHNGEVVISLKR(MSE)DKIREIDTSSNTITVEAGAILQRVQEKAAEVDRLFPLSLGAQGSCTI
GGNLSTNAGGTAALAYGLARD(MSE)ALGVEVVLADGRV(MSE)NLLSKLKKDNTGYDLRDLFIGAEGTLGIITAATLKL
FPKPRAVETAFVGLQSPDDALKLLGIAQGEAAGNLTSFELIAETPLDFSVRHANNRDPLEARYPWYVLIELSSPRDDARA
ALESILERGFEDGIVVDAAIANSVQQQQAFWKLREEISPAQKPEGGSIKHDISVPVAAVPQFIEQANAAVVALIPGARPV
PFGHLGDGNIHYNVSQPVGADKAEFLARWHDVSQVVFEVVLRLGGSISAEHGIGV(MSE)KRDELAEVKDKTAIEL
(MSE)RSIKALLDPHGI(MSE)NPGKVV
;
_entity_poly.pdbx_strand_id   A,B,C,D,E,F
#
loop_
_chem_comp.id
_chem_comp.type
_chem_comp.name
_chem_comp.formula
FAD non-polymer 'FLAVIN-ADENINE DINUCLEOTIDE' 'C27 H33 N9 O15 P2'
PO4 non-polymer 'PHOSPHATE ION' 'O4 P -3'
UNL non-polymer 'UNKNOWN LIGAND' ?
#
# COMPACT_ATOMS: atom_id res chain seq x y z
N THR A 12 -21.18 -34.23 -34.69
CA THR A 12 -20.17 -33.72 -33.71
C THR A 12 -19.21 -32.70 -34.39
N LEU A 13 -18.19 -32.23 -33.66
CA LEU A 13 -17.20 -31.26 -34.19
C LEU A 13 -16.24 -31.90 -35.21
N SER A 14 -16.12 -31.29 -36.38
CA SER A 14 -15.27 -31.85 -37.44
C SER A 14 -13.76 -31.71 -37.19
N PRO A 15 -12.95 -32.63 -37.77
CA PRO A 15 -11.49 -32.56 -37.69
C PRO A 15 -10.93 -31.20 -38.11
N GLU A 16 -11.52 -30.61 -39.13
CA GLU A 16 -11.11 -29.28 -39.62
C GLU A 16 -11.13 -28.28 -38.49
N LEU A 17 -12.27 -28.16 -37.82
CA LEU A 17 -12.42 -27.19 -36.73
C LEU A 17 -11.53 -27.55 -35.53
N ILE A 18 -11.40 -28.84 -35.22
CA ILE A 18 -10.54 -29.23 -34.12
C ILE A 18 -9.11 -28.76 -34.43
N ALA A 19 -8.66 -29.00 -35.65
CA ALA A 19 -7.31 -28.63 -36.06
C ALA A 19 -7.08 -27.14 -35.92
N ARG A 20 -8.05 -26.35 -36.38
CA ARG A 20 -7.92 -24.90 -36.37
C ARG A 20 -7.93 -24.27 -34.99
N PHE A 21 -8.73 -24.83 -34.07
CA PHE A 21 -8.74 -24.36 -32.67
C PHE A 21 -7.42 -24.76 -32.00
N THR A 22 -6.99 -25.97 -32.29
CA THR A 22 -5.73 -26.48 -31.77
C THR A 22 -4.57 -25.58 -32.17
N ALA A 23 -4.56 -25.13 -33.42
CA ALA A 23 -3.47 -24.28 -33.90
C ALA A 23 -3.42 -22.97 -33.14
N ILE A 24 -4.59 -22.44 -32.79
CA ILE A 24 -4.67 -21.17 -32.08
C ILE A 24 -4.00 -21.22 -30.72
N VAL A 25 -4.19 -22.31 -29.99
CA VAL A 25 -3.66 -22.40 -28.62
C VAL A 25 -2.44 -23.29 -28.42
N GLY A 26 -2.11 -24.11 -29.42
CA GLY A 26 -1.02 -25.07 -29.31
C GLY A 26 -1.60 -26.42 -28.83
N ASP A 27 -1.18 -27.53 -29.46
CA ASP A 27 -1.75 -28.85 -29.14
C ASP A 27 -1.63 -29.27 -27.67
N LYS A 28 -0.58 -28.83 -26.98
CA LYS A 28 -0.43 -29.13 -25.56
C LYS A 28 -1.57 -28.57 -24.72
N HIS A 29 -2.21 -27.50 -25.23
CA HIS A 29 -3.30 -26.85 -24.55
C HIS A 29 -4.65 -27.05 -25.27
N ALA A 30 -4.76 -28.16 -26.02
CA ALA A 30 -5.97 -28.53 -26.75
C ALA A 30 -6.27 -30.00 -26.44
N LEU A 31 -7.17 -30.23 -25.51
CA LEU A 31 -7.48 -31.59 -25.05
C LEU A 31 -8.65 -32.24 -25.80
N THR A 32 -8.44 -33.48 -26.26
CA THR A 32 -9.50 -34.27 -26.94
C THR A 32 -9.65 -35.73 -26.39
N ASP A 33 -8.69 -36.16 -25.57
CA ASP A 33 -8.69 -37.49 -24.97
C ASP A 33 -9.72 -37.54 -23.85
N PRO A 34 -10.67 -38.49 -23.92
CA PRO A 34 -11.70 -38.61 -22.87
C PRO A 34 -11.18 -38.60 -21.41
N LEU A 35 -9.98 -39.17 -21.16
CA LEU A 35 -9.40 -39.18 -19.80
C LEU A 35 -9.04 -37.77 -19.30
N GLU A 36 -8.61 -36.90 -20.22
CA GLU A 36 -8.27 -35.52 -19.89
C GLU A 36 -9.53 -34.65 -19.80
N LEU A 37 -10.49 -34.92 -20.69
CA LEU A 37 -11.77 -34.19 -20.72
C LEU A 37 -12.63 -34.42 -19.48
N GLU A 38 -12.44 -35.58 -18.83
CA GLU A 38 -13.22 -35.97 -17.62
C GLU A 38 -13.30 -34.87 -16.54
N ALA A 39 -12.20 -34.17 -16.31
CA ALA A 39 -12.14 -33.10 -15.31
C ALA A 39 -12.93 -31.83 -15.68
N TYR A 40 -13.27 -31.68 -16.97
CA TYR A 40 -13.99 -30.47 -17.46
C TYR A 40 -15.47 -30.67 -17.74
N ILE A 41 -15.87 -31.90 -18.07
CA ILE A 41 -17.29 -32.20 -18.40
C ILE A 41 -18.16 -32.60 -17.20
N THR A 42 -17.56 -32.68 -16.01
CA THR A 42 -18.29 -33.00 -14.78
C THR A 42 -17.82 -32.04 -13.71
N GLU A 43 -18.55 -31.95 -12.61
CA GLU A 43 -18.17 -31.04 -11.52
CA GLU A 43 -18.20 -31.03 -11.50
C GLU A 43 -18.10 -31.74 -10.15
N GLU A 44 -17.64 -30.99 -9.12
CA GLU A 44 -17.46 -31.47 -7.71
C GLU A 44 -18.69 -32.21 -7.09
N ARG A 45 -19.88 -31.58 -7.16
CA ARG A 45 -21.11 -32.18 -6.59
C ARG A 45 -21.75 -33.31 -7.46
N ASN A 46 -21.19 -33.58 -8.66
CA ASN A 46 -21.71 -34.62 -9.59
C ASN A 46 -23.20 -34.46 -9.91
N LEU A 47 -23.61 -33.21 -10.06
CA LEU A 47 -24.99 -32.83 -10.33
C LEU A 47 -25.41 -33.18 -11.78
N TYR A 48 -24.60 -32.76 -12.76
CA TYR A 48 -24.83 -33.04 -14.19
C TYR A 48 -23.59 -33.70 -14.79
N ARG A 49 -23.81 -34.48 -15.84
CA ARG A 49 -22.69 -35.07 -16.57
C ARG A 49 -22.86 -34.75 -18.04
N GLY A 50 -21.98 -33.91 -18.55
CA GLY A 50 -22.03 -33.48 -19.95
C GLY A 50 -21.05 -34.19 -20.85
N HIS A 51 -20.98 -33.73 -22.10
CA HIS A 51 -20.06 -34.27 -23.10
C HIS A 51 -19.48 -33.15 -23.98
N SER A 52 -18.20 -33.34 -24.36
CA SER A 52 -17.48 -32.36 -25.18
C SER A 52 -16.43 -33.01 -26.05
N PRO A 53 -16.29 -32.52 -27.30
CA PRO A 53 -15.26 -33.03 -28.18
C PRO A 53 -13.92 -32.28 -28.04
N LEU A 54 -13.87 -31.19 -27.27
CA LEU A 54 -12.66 -30.35 -27.18
C LEU A 54 -12.64 -29.34 -26.02
N VAL A 55 -11.52 -29.30 -25.31
CA VAL A 55 -11.29 -28.31 -24.27
C VAL A 55 -10.08 -27.49 -24.68
N LEU A 56 -10.24 -26.16 -24.72
CA LEU A 56 -9.17 -25.24 -25.08
C LEU A 56 -8.73 -24.45 -23.85
N ARG A 57 -7.42 -24.33 -23.66
CA ARG A 57 -6.84 -23.61 -22.54
C ARG A 57 -5.98 -22.46 -23.09
N PRO A 58 -6.62 -21.42 -23.64
CA PRO A 58 -5.88 -20.31 -24.21
C PRO A 58 -5.02 -19.60 -23.18
N GLY A 59 -3.97 -18.94 -23.65
CA GLY A 59 -3.03 -18.25 -22.78
C GLY A 59 -3.00 -16.75 -22.94
N SER A 60 -4.00 -16.18 -23.62
CA SER A 60 -4.06 -14.72 -23.84
C SER A 60 -5.39 -14.31 -24.43
N THR A 61 -5.74 -13.05 -24.23
CA THR A 61 -6.97 -12.48 -24.80
C THR A 61 -6.93 -12.60 -26.33
N GLU A 62 -5.76 -12.41 -26.91
CA GLU A 62 -5.57 -12.49 -28.34
C GLU A 62 -6.06 -13.86 -28.83
N GLU A 63 -5.70 -14.91 -28.08
CA GLU A 63 -6.13 -16.28 -28.43
C GLU A 63 -7.63 -16.46 -28.19
N VAL A 64 -8.16 -15.87 -27.14
CA VAL A 64 -9.61 -15.95 -26.92
C VAL A 64 -10.34 -15.29 -28.09
N VAL A 65 -9.82 -14.16 -28.57
CA VAL A 65 -10.40 -13.48 -29.71
C VAL A 65 -10.40 -14.41 -30.94
N ALA A 66 -9.26 -15.01 -31.26
CA ALA A 66 -9.16 -15.92 -32.42
C ALA A 66 -10.16 -17.05 -32.28
N ILE A 67 -10.27 -17.60 -31.06
CA ILE A 67 -11.21 -18.67 -30.80
C ILE A 67 -12.63 -18.22 -31.09
N CYS A 68 -13.05 -17.09 -30.52
CA CYS A 68 -14.43 -16.61 -30.72
C CYS A 68 -14.78 -16.31 -32.17
N LYS A 69 -13.92 -15.61 -32.89
CA LYS A 69 -14.18 -15.31 -34.30
C LYS A 69 -14.44 -16.58 -35.12
N LEU A 70 -13.66 -17.63 -34.85
CA LEU A 70 -13.81 -18.88 -35.55
C LEU A 70 -15.10 -19.53 -35.14
N ALA A 71 -15.34 -19.60 -33.83
CA ALA A 71 -16.55 -20.24 -33.32
C ALA A 71 -17.80 -19.56 -33.86
N ASN A 72 -17.78 -18.23 -33.92
CA ASN A 72 -18.93 -17.44 -34.38
C ASN A 72 -19.21 -17.71 -35.86
N GLU A 73 -18.16 -17.83 -36.64
CA GLU A 73 -18.24 -18.07 -38.09
C GLU A 73 -18.68 -19.50 -38.40
N ALA A 74 -18.16 -20.47 -37.66
CA ALA A 74 -18.49 -21.89 -37.88
C ALA A 74 -19.70 -22.35 -37.07
N ARG A 75 -20.34 -21.43 -36.36
CA ARG A 75 -21.49 -21.74 -35.53
C ARG A 75 -21.19 -22.82 -34.46
N VAL A 76 -19.98 -22.78 -33.90
CA VAL A 76 -19.59 -23.70 -32.85
C VAL A 76 -19.89 -23.09 -31.48
N ALA A 77 -20.66 -23.79 -30.67
CA ALA A 77 -21.03 -23.33 -29.33
C ALA A 77 -19.86 -23.46 -28.36
N LEU A 78 -19.65 -22.42 -27.55
CA LEU A 78 -18.58 -22.38 -26.56
C LEU A 78 -19.13 -22.35 -25.14
N VAL A 79 -18.42 -22.97 -24.19
CA VAL A 79 -18.80 -22.92 -22.78
C VAL A 79 -17.61 -22.39 -21.95
N PRO A 80 -17.68 -21.14 -21.48
CA PRO A 80 -16.58 -20.62 -20.68
C PRO A 80 -16.54 -21.30 -19.35
N GLN A 81 -15.34 -21.62 -18.89
CA GLN A 81 -15.17 -22.29 -17.62
C GLN A 81 -13.92 -21.83 -16.91
N GLY A 82 -14.06 -21.57 -15.61
CA GLY A 82 -12.97 -21.16 -14.78
C GLY A 82 -12.55 -22.33 -13.92
N GLY A 83 -12.88 -22.23 -12.62
CA GLY A 83 -12.53 -23.27 -11.64
C GLY A 83 -13.43 -24.50 -11.62
N ASN A 84 -14.50 -24.46 -12.39
CA ASN A 84 -15.46 -25.58 -12.46
C ASN A 84 -16.09 -25.94 -11.11
N THR A 85 -16.32 -24.93 -10.28
CA THR A 85 -16.95 -25.12 -8.97
C THR A 85 -18.40 -24.61 -8.95
N GLY A 86 -18.90 -24.11 -10.08
CA GLY A 86 -20.28 -23.63 -10.18
C GLY A 86 -21.23 -24.76 -9.87
N LEU A 87 -22.35 -24.43 -9.24
CA LEU A 87 -23.32 -25.43 -8.76
C LEU A 87 -24.69 -25.44 -9.50
N VAL A 88 -24.74 -24.89 -10.71
CA VAL A 88 -26.00 -24.84 -11.48
C VAL A 88 -25.83 -25.25 -12.94
N GLY A 89 -24.80 -26.03 -13.22
CA GLY A 89 -24.52 -26.52 -14.56
C GLY A 89 -24.24 -25.44 -15.59
N GLY A 90 -23.81 -24.27 -15.12
CA GLY A 90 -23.50 -23.16 -16.02
C GLY A 90 -22.24 -23.35 -16.85
N GLN A 91 -21.23 -23.99 -16.26
CA GLN A 91 -19.94 -24.22 -16.91
C GLN A 91 -19.80 -25.64 -17.52
N THR A 92 -20.90 -26.36 -17.62
CA THR A 92 -20.87 -27.71 -18.14
C THR A 92 -21.36 -27.74 -19.59
N PRO A 93 -20.59 -28.40 -20.48
CA PRO A 93 -21.02 -28.54 -21.85
C PRO A 93 -21.99 -29.72 -21.94
N HIS A 94 -23.27 -29.41 -22.02
CA HIS A 94 -24.30 -30.44 -22.08
C HIS A 94 -24.56 -30.95 -23.49
N ASN A 95 -24.04 -30.29 -24.52
CA ASN A 95 -24.43 -30.71 -25.85
C ASN A 95 -23.36 -30.66 -26.97
N GLY A 96 -22.20 -31.26 -26.74
CA GLY A 96 -21.12 -31.30 -27.78
C GLY A 96 -20.44 -29.93 -28.03
N GLU A 97 -20.42 -29.11 -26.98
CA GLU A 97 -19.84 -27.77 -27.03
C GLU A 97 -18.37 -27.80 -26.72
N VAL A 98 -17.63 -26.80 -27.20
CA VAL A 98 -16.20 -26.70 -26.92
C VAL A 98 -16.00 -25.90 -25.64
N VAL A 99 -15.27 -26.46 -24.67
CA VAL A 99 -15.01 -25.77 -23.41
C VAL A 99 -13.84 -24.82 -23.53
N ILE A 100 -14.02 -23.59 -23.05
CA ILE A 100 -12.95 -22.60 -23.06
C ILE A 100 -12.56 -22.36 -21.60
N SER A 101 -11.50 -23.03 -21.18
CA SER A 101 -10.98 -22.90 -19.83
C SER A 101 -10.01 -21.75 -19.78
N LEU A 102 -10.10 -20.96 -18.72
CA LEU A 102 -9.27 -19.80 -18.57
C LEU A 102 -8.20 -19.99 -17.54
N LYS A 103 -7.99 -21.24 -17.14
CA LYS A 103 -7.03 -21.57 -16.08
C LYS A 103 -5.59 -21.13 -16.36
N ARG A 104 -5.19 -21.02 -17.62
CA ARG A 104 -3.82 -20.60 -17.94
C ARG A 104 -3.63 -19.10 -17.85
N MSE A 105 -4.71 -18.33 -18.06
CA MSE A 105 -4.64 -16.87 -17.92
C MSE A 105 -4.84 -16.55 -16.44
O MSE A 105 -5.92 -16.15 -16.03
CB MSE A 105 -5.71 -16.19 -18.75
CG MSE A 105 -5.57 -16.42 -20.22
SE MSE A 105 -6.78 -15.34 -21.25
CE MSE A 105 -6.11 -13.57 -20.79
N ASP A 106 -3.79 -16.71 -15.65
CA ASP A 106 -3.85 -16.52 -14.21
C ASP A 106 -2.83 -15.52 -13.67
N LYS A 107 -2.30 -14.68 -14.52
CA LYS A 107 -1.31 -13.71 -14.08
C LYS A 107 -1.93 -12.57 -13.24
N ILE A 108 -1.19 -12.11 -12.23
CA ILE A 108 -1.56 -10.91 -11.47
C ILE A 108 -0.74 -9.87 -12.18
N ARG A 109 -1.38 -8.88 -12.79
CA ARG A 109 -0.67 -7.90 -13.61
C ARG A 109 -0.13 -6.68 -12.92
N GLU A 110 -0.85 -6.17 -11.93
CA GLU A 110 -0.43 -4.96 -11.25
C GLU A 110 -1.15 -4.80 -9.93
N ILE A 111 -0.39 -4.39 -8.91
CA ILE A 111 -0.94 -4.12 -7.61
C ILE A 111 -0.56 -2.67 -7.30
N ASP A 112 -1.57 -1.81 -7.15
CA ASP A 112 -1.36 -0.41 -6.82
C ASP A 112 -1.87 -0.28 -5.41
N THR A 113 -0.96 -0.05 -4.46
CA THR A 113 -1.35 0.06 -3.07
C THR A 113 -1.79 1.48 -2.71
N SER A 114 -1.49 2.45 -3.57
CA SER A 114 -1.97 3.83 -3.34
C SER A 114 -3.39 4.00 -3.86
N SER A 115 -3.64 3.50 -5.07
CA SER A 115 -4.98 3.57 -5.64
C SER A 115 -5.84 2.45 -5.04
N ASN A 116 -5.19 1.46 -4.45
CA ASN A 116 -5.85 0.32 -3.86
C ASN A 116 -6.64 -0.46 -4.89
N THR A 117 -5.89 -0.96 -5.87
CA THR A 117 -6.43 -1.76 -6.93
C THR A 117 -5.49 -2.91 -7.27
N ILE A 118 -6.05 -3.91 -7.93
CA ILE A 118 -5.29 -5.05 -8.36
C ILE A 118 -5.89 -5.49 -9.68
N THR A 119 -5.04 -5.67 -10.67
CA THR A 119 -5.46 -6.08 -12.00
C THR A 119 -5.00 -7.51 -12.17
N VAL A 120 -5.94 -8.39 -12.56
CA VAL A 120 -5.66 -9.81 -12.68
C VAL A 120 -6.37 -10.42 -13.85
N GLU A 121 -5.86 -11.55 -14.32
CA GLU A 121 -6.46 -12.26 -15.42
C GLU A 121 -7.59 -13.14 -14.86
N ALA A 122 -8.54 -13.47 -15.73
CA ALA A 122 -9.76 -14.20 -15.34
C ALA A 122 -9.52 -15.48 -14.57
N GLY A 123 -8.44 -16.18 -14.92
CA GLY A 123 -8.13 -17.46 -14.35
C GLY A 123 -7.39 -17.46 -13.03
N ALA A 124 -7.07 -16.29 -12.52
CA ALA A 124 -6.41 -16.21 -11.24
C ALA A 124 -7.32 -16.85 -10.17
N ILE A 125 -6.73 -17.69 -9.32
CA ILE A 125 -7.47 -18.38 -8.26
C ILE A 125 -7.72 -17.41 -7.12
N LEU A 126 -8.97 -17.32 -6.67
CA LEU A 126 -9.36 -16.36 -5.60
C LEU A 126 -8.43 -16.36 -4.39
N GLN A 127 -7.99 -17.55 -3.98
CA GLN A 127 -7.12 -17.69 -2.84
C GLN A 127 -5.78 -17.05 -3.06
N ARG A 128 -5.24 -17.15 -4.28
CA ARG A 128 -3.93 -16.56 -4.58
C ARG A 128 -4.01 -15.03 -4.61
N VAL A 129 -5.12 -14.49 -5.13
CA VAL A 129 -5.31 -13.04 -5.14
C VAL A 129 -5.35 -12.53 -3.69
N GLN A 130 -6.05 -13.26 -2.82
CA GLN A 130 -6.11 -12.92 -1.40
C GLN A 130 -4.71 -12.90 -0.80
N GLU A 131 -3.91 -13.91 -1.14
CA GLU A 131 -2.54 -14.05 -0.63
C GLU A 131 -1.64 -12.87 -1.05
N LYS A 132 -1.67 -12.50 -2.33
CA LYS A 132 -0.89 -11.36 -2.82
C LYS A 132 -1.35 -10.06 -2.17
N ALA A 133 -2.66 -9.92 -1.99
CA ALA A 133 -3.21 -8.74 -1.35
C ALA A 133 -2.59 -8.62 0.06
N ALA A 134 -2.61 -9.74 0.78
CA ALA A 134 -2.06 -9.83 2.12
C ALA A 134 -0.56 -9.53 2.18
N GLU A 135 0.18 -9.94 1.14
CA GLU A 135 1.64 -9.72 1.08
C GLU A 135 2.06 -8.25 1.01
N VAL A 136 1.14 -7.37 0.60
CA VAL A 136 1.43 -5.93 0.53
C VAL A 136 0.56 -5.16 1.54
N ASP A 137 0.21 -5.84 2.63
CA ASP A 137 -0.56 -5.26 3.73
C ASP A 137 -1.94 -4.73 3.29
N ARG A 138 -2.65 -5.55 2.52
CA ARG A 138 -3.98 -5.21 2.04
C ARG A 138 -4.87 -6.43 2.12
N LEU A 139 -6.16 -6.24 1.89
CA LEU A 139 -7.12 -7.33 1.96
C LEU A 139 -7.99 -7.39 0.71
N PHE A 140 -8.14 -8.57 0.15
CA PHE A 140 -9.12 -8.77 -0.90
C PHE A 140 -10.21 -9.57 -0.19
N PRO A 141 -11.29 -8.89 0.20
CA PRO A 141 -12.32 -9.44 1.08
C PRO A 141 -13.29 -10.49 0.53
N LEU A 142 -13.31 -10.71 -0.78
CA LEU A 142 -14.20 -11.73 -1.32
C LEU A 142 -13.66 -13.05 -0.83
N SER A 143 -14.31 -13.59 0.20
CA SER A 143 -13.93 -14.85 0.81
C SER A 143 -15.10 -15.78 0.58
N LEU A 144 -14.79 -17.03 0.28
CA LEU A 144 -15.80 -17.95 -0.21
C LEU A 144 -15.41 -19.38 0.11
N GLY A 145 -16.31 -20.33 -0.16
CA GLY A 145 -16.06 -21.75 0.16
C GLY A 145 -15.08 -22.50 -0.77
N ALA A 146 -15.20 -22.28 -2.07
CA ALA A 146 -14.34 -22.95 -3.07
C ALA A 146 -13.08 -22.15 -3.44
N GLN A 147 -12.64 -21.25 -2.53
CA GLN A 147 -11.44 -20.38 -2.71
C GLN A 147 -10.22 -21.04 -3.32
N GLY A 148 -9.96 -22.28 -2.92
CA GLY A 148 -8.81 -23.02 -3.40
C GLY A 148 -8.80 -23.27 -4.90
N SER A 149 -9.96 -23.32 -5.51
CA SER A 149 -10.02 -23.58 -6.95
C SER A 149 -10.87 -22.64 -7.82
N CYS A 150 -11.76 -21.84 -7.22
CA CYS A 150 -12.61 -20.92 -8.01
C CYS A 150 -11.77 -19.74 -8.47
N THR A 151 -12.14 -19.19 -9.62
CA THR A 151 -11.40 -18.10 -10.24
C THR A 151 -12.13 -16.76 -10.24
N ILE A 152 -11.36 -15.68 -10.45
CA ILE A 152 -11.91 -14.32 -10.50
C ILE A 152 -12.93 -14.18 -11.62
N GLY A 153 -12.64 -14.78 -12.77
CA GLY A 153 -13.57 -14.74 -13.89
C GLY A 153 -14.86 -15.44 -13.53
N GLY A 154 -14.72 -16.54 -12.80
CA GLY A 154 -15.87 -17.28 -12.34
C GLY A 154 -16.63 -16.47 -11.31
N ASN A 155 -15.90 -15.87 -10.36
CA ASN A 155 -16.55 -15.08 -9.30
C ASN A 155 -17.34 -13.92 -9.91
N LEU A 156 -16.74 -13.24 -10.87
CA LEU A 156 -17.42 -12.14 -11.51
C LEU A 156 -18.62 -12.62 -12.35
N SER A 157 -18.46 -13.70 -13.09
CA SER A 157 -19.55 -14.23 -13.93
C SER A 157 -20.75 -14.75 -13.14
N THR A 158 -20.51 -15.28 -11.95
CA THR A 158 -21.61 -15.76 -11.12
C THR A 158 -22.04 -14.70 -10.11
N ASN A 159 -21.23 -13.66 -9.96
CA ASN A 159 -21.41 -12.60 -8.95
C ASN A 159 -21.38 -13.22 -7.56
N ALA A 160 -20.29 -13.92 -7.28
CA ALA A 160 -20.14 -14.64 -6.00
C ALA A 160 -20.15 -13.70 -4.80
N GLY A 161 -20.68 -14.21 -3.70
CA GLY A 161 -20.75 -13.46 -2.45
C GLY A 161 -20.52 -14.41 -1.31
N GLY A 162 -19.95 -13.93 -0.22
CA GLY A 162 -19.64 -14.80 0.91
C GLY A 162 -20.19 -14.37 2.24
N THR A 163 -19.64 -14.98 3.28
CA THR A 163 -20.04 -14.72 4.65
C THR A 163 -19.86 -13.26 5.01
N ALA A 164 -18.79 -12.65 4.49
CA ALA A 164 -18.49 -11.24 4.79
C ALA A 164 -19.23 -10.21 3.91
N ALA A 165 -20.15 -10.69 3.06
CA ALA A 165 -20.90 -9.81 2.17
C ALA A 165 -21.51 -8.60 2.88
N LEU A 166 -22.02 -8.77 4.10
CA LEU A 166 -22.69 -7.67 4.82
C LEU A 166 -21.81 -6.45 5.02
N ALA A 167 -20.49 -6.65 5.04
CA ALA A 167 -19.55 -5.58 5.23
C ALA A 167 -18.92 -5.13 3.91
N TYR A 168 -18.49 -6.08 3.09
CA TYR A 168 -17.75 -5.75 1.87
C TYR A 168 -18.50 -5.83 0.54
N GLY A 169 -19.72 -6.36 0.56
CA GLY A 169 -20.52 -6.49 -0.66
C GLY A 169 -20.23 -7.78 -1.40
N LEU A 170 -20.59 -7.83 -2.68
CA LEU A 170 -20.42 -9.00 -3.51
C LEU A 170 -19.29 -8.79 -4.51
N ALA A 171 -19.06 -9.76 -5.40
CA ALA A 171 -18.03 -9.64 -6.45
C ALA A 171 -18.26 -8.37 -7.25
N ARG A 172 -19.52 -8.04 -7.47
CA ARG A 172 -19.94 -6.83 -8.16
C ARG A 172 -19.35 -5.59 -7.50
N ASP A 173 -19.37 -5.57 -6.18
CA ASP A 173 -18.87 -4.45 -5.40
C ASP A 173 -17.33 -4.34 -5.43
N MSE A 174 -16.66 -5.44 -5.76
CA MSE A 174 -15.21 -5.50 -5.82
C MSE A 174 -14.66 -5.03 -7.16
O MSE A 174 -13.48 -4.73 -7.27
CB MSE A 174 -14.72 -6.95 -5.73
CG MSE A 174 -15.26 -7.84 -4.63
SE MSE A 174 -14.41 -7.52 -3.01
CE MSE A 174 -15.21 -5.78 -2.67
N ALA A 175 -15.51 -5.01 -8.18
CA ALA A 175 -15.04 -4.71 -9.54
C ALA A 175 -15.05 -3.24 -9.91
N LEU A 176 -13.93 -2.80 -10.48
CA LEU A 176 -13.75 -1.44 -11.01
C LEU A 176 -13.70 -1.46 -12.53
N GLY A 177 -13.33 -2.61 -13.10
CA GLY A 177 -13.21 -2.74 -14.54
C GLY A 177 -13.08 -4.16 -14.99
N VAL A 178 -13.45 -4.41 -16.25
CA VAL A 178 -13.37 -5.73 -16.86
C VAL A 178 -12.96 -5.65 -18.31
N GLU A 179 -12.31 -6.72 -18.77
CA GLU A 179 -11.94 -6.88 -20.17
C GLU A 179 -12.73 -8.10 -20.65
N VAL A 180 -13.54 -7.92 -21.68
CA VAL A 180 -14.40 -8.97 -22.16
C VAL A 180 -14.26 -9.18 -23.63
N VAL A 181 -14.24 -10.43 -24.06
CA VAL A 181 -14.20 -10.72 -25.49
C VAL A 181 -15.61 -11.18 -25.86
N LEU A 182 -16.19 -10.58 -26.88
CA LEU A 182 -17.54 -10.94 -27.29
C LEU A 182 -17.56 -12.10 -28.30
N ALA A 183 -18.76 -12.63 -28.56
CA ALA A 183 -18.93 -13.76 -29.50
C ALA A 183 -18.33 -13.49 -30.88
N ASP A 184 -18.43 -12.25 -31.37
CA ASP A 184 -17.92 -11.93 -32.68
C ASP A 184 -16.44 -11.61 -32.67
N GLY A 185 -15.83 -11.61 -31.49
CA GLY A 185 -14.40 -11.39 -31.40
C GLY A 185 -13.93 -10.02 -30.99
N ARG A 186 -14.88 -9.08 -30.85
CA ARG A 186 -14.55 -7.74 -30.41
C ARG A 186 -14.10 -7.78 -28.98
N VAL A 187 -13.23 -6.86 -28.61
CA VAL A 187 -12.74 -6.77 -27.25
C VAL A 187 -13.25 -5.48 -26.65
N MSE A 188 -13.92 -5.58 -25.51
CA MSE A 188 -14.35 -4.42 -24.78
C MSE A 188 -13.42 -4.32 -23.60
O MSE A 188 -13.50 -5.15 -22.66
CB MSE A 188 -15.78 -4.57 -24.31
CG MSE A 188 -16.33 -3.29 -23.71
SE MSE A 188 -17.94 -3.58 -22.77
CE MSE A 188 -17.25 -4.76 -21.37
N ASN A 189 -12.50 -3.36 -23.63
CA ASN A 189 -11.58 -3.18 -22.56
C ASN A 189 -11.99 -2.04 -21.68
N LEU A 190 -12.59 -2.35 -20.54
CA LEU A 190 -13.00 -1.35 -19.57
C LEU A 190 -12.20 -1.50 -18.29
N LEU A 191 -10.94 -1.91 -18.39
CA LEU A 191 -10.07 -2.02 -17.23
C LEU A 191 -9.84 -0.60 -16.77
N SER A 192 -9.87 -0.37 -15.47
CA SER A 192 -9.77 0.98 -14.94
C SER A 192 -9.52 0.93 -13.47
N LYS A 193 -8.86 1.96 -12.97
CA LYS A 193 -8.58 2.08 -11.54
C LYS A 193 -9.39 3.21 -10.95
N LEU A 194 -10.44 3.66 -11.65
CA LEU A 194 -11.24 4.82 -11.19
C LEU A 194 -12.38 4.45 -10.27
N LYS A 195 -12.61 5.28 -9.26
CA LYS A 195 -13.71 5.11 -8.30
C LYS A 195 -14.90 5.98 -8.75
N LYS A 196 -14.60 7.03 -9.51
CA LYS A 196 -15.62 7.89 -10.08
C LYS A 196 -15.37 8.02 -11.56
N ASP A 197 -16.36 7.60 -12.35
CA ASP A 197 -16.27 7.63 -13.78
C ASP A 197 -17.66 7.48 -14.35
N ASN A 198 -18.28 8.61 -14.71
CA ASN A 198 -19.61 8.61 -15.27
C ASN A 198 -19.50 8.99 -16.73
N THR A 199 -18.97 8.06 -17.53
CA THR A 199 -18.79 8.28 -18.95
C THR A 199 -19.56 7.24 -19.75
N GLY A 200 -20.88 7.41 -19.79
CA GLY A 200 -21.76 6.52 -20.54
C GLY A 200 -22.40 5.42 -19.71
N TYR A 201 -23.05 4.48 -20.39
CA TYR A 201 -23.74 3.40 -19.70
C TYR A 201 -22.76 2.47 -19.00
N ASP A 202 -23.26 1.83 -17.96
CA ASP A 202 -22.51 0.90 -17.16
C ASP A 202 -22.61 -0.47 -17.78
N LEU A 203 -21.65 -0.78 -18.63
CA LEU A 203 -21.62 -2.08 -19.30
C LEU A 203 -20.95 -3.14 -18.43
N ARG A 204 -20.05 -2.70 -17.55
CA ARG A 204 -19.33 -3.60 -16.66
C ARG A 204 -20.29 -4.54 -15.97
N ASP A 205 -21.24 -3.98 -15.24
CA ASP A 205 -22.16 -4.77 -14.46
C ASP A 205 -23.06 -5.73 -15.24
N LEU A 206 -23.14 -5.52 -16.55
CA LEU A 206 -23.95 -6.38 -17.39
C LEU A 206 -23.27 -7.77 -17.50
N PHE A 207 -21.95 -7.81 -17.59
CA PHE A 207 -21.23 -9.09 -17.71
C PHE A 207 -21.07 -9.80 -16.36
N ILE A 208 -21.06 -9.02 -15.28
CA ILE A 208 -20.96 -9.58 -13.95
C ILE A 208 -22.32 -10.14 -13.63
N GLY A 209 -22.38 -11.46 -13.44
CA GLY A 209 -23.65 -12.14 -13.19
C GLY A 209 -24.23 -12.75 -14.45
N ALA A 210 -23.54 -12.57 -15.57
CA ALA A 210 -24.00 -13.06 -16.89
C ALA A 210 -23.72 -14.54 -17.11
N GLU A 211 -22.99 -15.15 -16.20
CA GLU A 211 -22.68 -16.57 -16.28
C GLU A 211 -22.12 -17.00 -17.64
N GLY A 212 -21.32 -16.11 -18.23
CA GLY A 212 -20.66 -16.39 -19.49
C GLY A 212 -21.58 -16.48 -20.69
N THR A 213 -22.80 -15.96 -20.55
CA THR A 213 -23.76 -16.01 -21.63
C THR A 213 -23.67 -14.82 -22.56
N LEU A 214 -22.99 -13.76 -22.12
CA LEU A 214 -22.84 -12.54 -22.94
C LEU A 214 -21.43 -12.28 -23.46
N GLY A 215 -20.47 -13.13 -23.07
CA GLY A 215 -19.08 -12.98 -23.50
C GLY A 215 -18.11 -13.62 -22.50
N ILE A 216 -16.82 -13.61 -22.84
CA ILE A 216 -15.78 -14.18 -22.02
C ILE A 216 -14.95 -13.08 -21.36
N ILE A 217 -14.86 -13.14 -20.03
CA ILE A 217 -14.07 -12.18 -19.26
C ILE A 217 -12.65 -12.73 -19.24
N THR A 218 -11.69 -11.90 -19.66
CA THR A 218 -10.30 -12.34 -19.68
C THR A 218 -9.44 -11.67 -18.60
N ALA A 219 -9.88 -10.53 -18.10
CA ALA A 219 -9.17 -9.81 -17.06
C ALA A 219 -10.13 -8.86 -16.37
N ALA A 220 -9.71 -8.38 -15.20
CA ALA A 220 -10.51 -7.46 -14.40
C ALA A 220 -9.61 -6.69 -13.43
N THR A 221 -10.06 -5.51 -13.05
CA THR A 221 -9.36 -4.69 -12.05
C THR A 221 -10.29 -4.67 -10.83
N LEU A 222 -9.75 -5.07 -9.68
CA LEU A 222 -10.53 -5.20 -8.44
C LEU A 222 -10.07 -4.24 -7.38
N LYS A 223 -10.92 -4.00 -6.40
CA LYS A 223 -10.59 -3.13 -5.26
C LYS A 223 -9.75 -3.88 -4.26
N LEU A 224 -8.87 -3.14 -3.62
CA LEU A 224 -8.13 -3.65 -2.51
C LEU A 224 -8.65 -2.87 -1.33
N PHE A 225 -8.60 -3.48 -0.14
CA PHE A 225 -9.08 -2.84 1.09
C PHE A 225 -7.99 -2.84 2.16
N PRO A 226 -8.15 -2.01 3.20
CA PRO A 226 -7.21 -2.03 4.32
C PRO A 226 -7.27 -3.37 5.05
N LYS A 227 -6.12 -3.84 5.53
CA LYS A 227 -6.03 -5.08 6.27
C LYS A 227 -6.39 -4.77 7.72
N PRO A 228 -7.42 -5.47 8.27
CA PRO A 228 -7.75 -5.19 9.68
C PRO A 228 -6.63 -5.59 10.65
N ARG A 229 -6.45 -4.80 11.70
CA ARG A 229 -5.40 -5.05 12.71
C ARG A 229 -5.94 -5.96 13.83
N ALA A 230 -7.25 -5.89 14.10
CA ALA A 230 -7.89 -6.67 15.16
C ALA A 230 -9.15 -7.39 14.68
N VAL A 231 -9.30 -8.64 15.07
CA VAL A 231 -10.46 -9.45 14.73
C VAL A 231 -10.92 -10.15 16.02
N GLU A 232 -12.21 -10.01 16.34
CA GLU A 232 -12.77 -10.63 17.54
C GLU A 232 -14.02 -11.42 17.15
N THR A 233 -14.22 -12.56 17.80
CA THR A 233 -15.30 -13.48 17.46
C THR A 233 -16.04 -13.98 18.69
N ALA A 234 -17.32 -14.32 18.51
CA ALA A 234 -18.15 -14.82 19.61
C ALA A 234 -19.28 -15.72 19.13
N PHE A 235 -19.56 -16.76 19.93
CA PHE A 235 -20.71 -17.65 19.73
C PHE A 235 -21.77 -17.24 20.73
N VAL A 236 -22.99 -17.11 20.26
CA VAL A 236 -24.09 -16.66 21.09
C VAL A 236 -25.22 -17.69 21.05
N GLY A 237 -25.83 -17.91 22.21
CA GLY A 237 -26.97 -18.82 22.33
C GLY A 237 -28.22 -18.00 22.51
N LEU A 238 -29.22 -18.23 21.65
CA LEU A 238 -30.48 -17.50 21.68
C LEU A 238 -31.65 -18.47 21.53
N GLN A 239 -32.85 -17.95 21.79
CA GLN A 239 -34.08 -18.76 21.74
C GLN A 239 -34.77 -18.81 20.37
N SER A 240 -34.55 -17.80 19.53
CA SER A 240 -35.20 -17.73 18.25
C SER A 240 -34.48 -16.89 17.20
N PRO A 241 -34.79 -17.12 15.92
CA PRO A 241 -34.23 -16.32 14.85
C PRO A 241 -34.63 -14.86 14.98
N ASP A 242 -35.79 -14.64 15.59
CA ASP A 242 -36.27 -13.30 15.79
C ASP A 242 -35.40 -12.56 16.81
N ASP A 243 -34.95 -13.28 17.84
CA ASP A 243 -34.06 -12.70 18.84
C ASP A 243 -32.69 -12.41 18.20
N ALA A 244 -32.27 -13.26 17.27
CA ALA A 244 -31.02 -13.06 16.53
C ALA A 244 -31.10 -11.81 15.66
N LEU A 245 -32.28 -11.56 15.08
CA LEU A 245 -32.51 -10.37 14.23
C LEU A 245 -32.42 -9.10 15.07
N LYS A 246 -32.86 -9.15 16.33
CA LYS A 246 -32.75 -8.00 17.21
C LYS A 246 -31.31 -7.79 17.59
N LEU A 247 -30.58 -8.88 17.74
CA LEU A 247 -29.16 -8.78 18.05
C LEU A 247 -28.45 -8.14 16.85
N LEU A 248 -28.81 -8.58 15.63
CA LEU A 248 -28.24 -7.99 14.39
C LEU A 248 -28.41 -6.47 14.40
N GLY A 249 -29.60 -5.99 14.76
CA GLY A 249 -29.86 -4.54 14.85
C GLY A 249 -28.88 -3.84 15.78
N ILE A 250 -28.61 -4.47 16.93
CA ILE A 250 -27.68 -3.96 17.89
C ILE A 250 -26.26 -3.97 17.32
N ALA A 251 -25.85 -5.09 16.73
CA ALA A 251 -24.50 -5.21 16.16
C ALA A 251 -24.27 -4.15 15.08
N GLN A 252 -25.23 -4.02 14.17
CA GLN A 252 -25.15 -3.03 13.10
C GLN A 252 -24.97 -1.62 13.62
N GLY A 253 -25.79 -1.23 14.58
CA GLY A 253 -25.71 0.14 15.15
C GLY A 253 -24.47 0.44 16.00
N GLU A 254 -23.82 -0.60 16.50
CA GLU A 254 -22.67 -0.47 17.38
CA GLU A 254 -22.65 -0.45 17.36
C GLU A 254 -21.34 -0.69 16.61
N ALA A 255 -21.41 -1.39 15.47
CA ALA A 255 -20.18 -1.70 14.71
C ALA A 255 -20.15 -1.26 13.27
N ALA A 256 -21.32 -1.06 12.67
CA ALA A 256 -21.41 -0.63 11.27
C ALA A 256 -20.50 -1.47 10.33
N GLY A 257 -19.59 -0.83 9.61
CA GLY A 257 -18.70 -1.51 8.69
C GLY A 257 -17.73 -2.52 9.28
N ASN A 258 -17.54 -2.49 10.60
CA ASN A 258 -16.64 -3.42 11.26
C ASN A 258 -17.27 -4.79 11.52
N LEU A 259 -18.59 -4.89 11.42
CA LEU A 259 -19.28 -6.18 11.59
C LEU A 259 -19.07 -6.95 10.30
N THR A 260 -18.13 -7.90 10.32
CA THR A 260 -17.78 -8.67 9.13
C THR A 260 -18.34 -10.10 9.09
N SER A 261 -19.13 -10.48 10.10
CA SER A 261 -19.86 -11.76 10.10
C SER A 261 -20.98 -11.79 11.10
N PHE A 262 -22.11 -12.37 10.68
CA PHE A 262 -23.25 -12.55 11.56
C PHE A 262 -24.01 -13.73 11.01
N GLU A 263 -23.64 -14.90 11.52
CA GLU A 263 -24.20 -16.15 11.05
C GLU A 263 -25.27 -16.67 12.01
N LEU A 264 -26.40 -17.11 11.43
CA LEU A 264 -27.48 -17.70 12.21
C LEU A 264 -27.37 -19.17 11.98
N ILE A 265 -27.23 -19.95 13.05
CA ILE A 265 -27.09 -21.40 12.93
C ILE A 265 -28.10 -22.08 13.84
N ALA A 266 -28.88 -23.00 13.30
CA ALA A 266 -29.86 -23.74 14.09
C ALA A 266 -29.14 -24.86 14.86
N GLU A 267 -29.79 -25.37 15.90
CA GLU A 267 -29.20 -26.42 16.72
C GLU A 267 -28.79 -27.63 15.90
N THR A 268 -29.66 -28.05 14.99
CA THR A 268 -29.37 -29.25 14.21
C THR A 268 -28.03 -29.15 13.45
N PRO A 269 -27.86 -28.12 12.61
CA PRO A 269 -26.59 -28.06 11.90
C PRO A 269 -25.39 -28.02 12.84
N LEU A 270 -25.50 -27.30 13.94
CA LEU A 270 -24.42 -27.24 14.91
C LEU A 270 -24.15 -28.63 15.47
N ASP A 271 -25.22 -29.33 15.86
CA ASP A 271 -25.12 -30.72 16.41
C ASP A 271 -24.42 -31.66 15.42
N PHE A 272 -24.69 -31.49 14.13
CA PHE A 272 -24.09 -32.31 13.09
C PHE A 272 -22.59 -32.07 13.03
N SER A 273 -22.20 -30.80 13.08
CA SER A 273 -20.79 -30.43 12.99
C SER A 273 -20.02 -30.96 14.19
N VAL A 274 -20.65 -30.95 15.35
CA VAL A 274 -20.05 -31.46 16.57
C VAL A 274 -19.86 -32.98 16.52
N ARG A 275 -20.93 -33.70 16.21
CA ARG A 275 -20.89 -35.17 16.21
C ARG A 275 -20.19 -35.81 15.01
N HIS A 276 -20.05 -35.11 13.89
CA HIS A 276 -19.46 -35.73 12.68
C HIS A 276 -18.18 -35.11 12.12
N ALA A 277 -17.85 -33.89 12.55
CA ALA A 277 -16.63 -33.19 12.07
C ALA A 277 -15.63 -32.93 13.20
N ASN A 278 -15.78 -33.67 14.30
CA ASN A 278 -14.89 -33.56 15.46
C ASN A 278 -14.67 -32.11 15.92
N ASN A 279 -15.77 -31.40 16.15
CA ASN A 279 -15.73 -30.00 16.59
C ASN A 279 -16.24 -29.85 18.00
N ARG A 280 -15.80 -28.80 18.67
CA ARG A 280 -16.16 -28.57 20.04
C ARG A 280 -17.44 -27.75 20.19
N ASP A 281 -18.34 -28.23 21.03
CA ASP A 281 -19.59 -27.52 21.33
C ASP A 281 -19.17 -26.25 22.07
N PRO A 282 -19.43 -25.07 21.50
CA PRO A 282 -18.93 -23.83 22.07
C PRO A 282 -19.55 -23.34 23.38
N LEU A 283 -20.77 -23.78 23.72
CA LEU A 283 -21.42 -23.31 24.96
C LEU A 283 -21.77 -24.43 25.94
N GLU A 284 -21.82 -24.06 27.22
CA GLU A 284 -22.14 -24.97 28.38
C GLU A 284 -23.41 -25.81 28.15
N ALA A 285 -24.48 -25.15 27.70
CA ALA A 285 -25.75 -25.79 27.44
C ALA A 285 -26.09 -25.70 25.96
N ARG A 286 -27.10 -26.45 25.54
CA ARG A 286 -27.54 -26.41 24.15
C ARG A 286 -28.61 -25.35 23.97
N TYR A 287 -28.65 -24.77 22.78
CA TYR A 287 -29.61 -23.74 22.45
C TYR A 287 -30.25 -24.05 21.11
N PRO A 288 -31.54 -23.68 20.95
CA PRO A 288 -32.20 -23.96 19.68
C PRO A 288 -31.61 -23.14 18.54
N TRP A 289 -31.06 -21.98 18.85
CA TRP A 289 -30.47 -21.12 17.84
C TRP A 289 -29.18 -20.48 18.31
N TYR A 290 -28.25 -20.34 17.39
CA TYR A 290 -26.95 -19.77 17.67
C TYR A 290 -26.61 -18.66 16.68
N VAL A 291 -25.74 -17.76 17.11
CA VAL A 291 -25.20 -16.73 16.24
C VAL A 291 -23.69 -16.74 16.34
N LEU A 292 -23.01 -16.79 15.20
CA LEU A 292 -21.55 -16.65 15.17
C LEU A 292 -21.29 -15.24 14.66
N ILE A 293 -20.80 -14.37 15.55
CA ILE A 293 -20.55 -12.97 15.23
C ILE A 293 -19.06 -12.66 15.24
N GLU A 294 -18.62 -11.87 14.27
CA GLU A 294 -17.23 -11.46 14.17
C GLU A 294 -17.13 -9.98 13.81
N LEU A 295 -16.17 -9.31 14.43
CA LEU A 295 -15.88 -7.90 14.17
C LEU A 295 -14.45 -7.79 13.68
N SER A 296 -14.23 -6.93 12.68
CA SER A 296 -12.89 -6.71 12.12
C SER A 296 -12.64 -5.21 12.06
N SER A 297 -11.61 -4.75 12.76
CA SER A 297 -11.31 -3.31 12.87
C SER A 297 -9.87 -2.94 12.52
N PRO A 298 -9.67 -1.72 11.99
CA PRO A 298 -8.32 -1.26 11.70
C PRO A 298 -7.56 -0.88 13.00
N ARG A 299 -8.32 -0.54 14.06
CA ARG A 299 -7.78 -0.23 15.38
C ARG A 299 -8.03 -1.40 16.34
N ASP A 300 -7.44 -1.32 17.54
CA ASP A 300 -7.59 -2.35 18.57
C ASP A 300 -8.78 -2.03 19.49
N ASP A 301 -9.95 -1.85 18.88
CA ASP A 301 -11.18 -1.53 19.61
C ASP A 301 -12.34 -2.46 19.24
N ALA A 302 -12.03 -3.60 18.62
CA ALA A 302 -13.04 -4.55 18.17
C ALA A 302 -13.66 -5.31 19.32
N ARG A 303 -12.85 -5.67 20.31
CA ARG A 303 -13.34 -6.42 21.45
C ARG A 303 -14.32 -5.59 22.28
N ALA A 304 -14.02 -4.32 22.45
CA ALA A 304 -14.87 -3.42 23.22
C ALA A 304 -16.24 -3.29 22.57
N ALA A 305 -16.27 -3.26 21.24
CA ALA A 305 -17.52 -3.17 20.48
C ALA A 305 -18.35 -4.46 20.65
N LEU A 306 -17.69 -5.61 20.52
CA LEU A 306 -18.35 -6.89 20.67
C LEU A 306 -18.98 -7.01 22.05
N GLU A 307 -18.18 -6.75 23.07
CA GLU A 307 -18.66 -6.76 24.44
C GLU A 307 -19.83 -5.80 24.63
N SER A 308 -19.74 -4.65 24.01
CA SER A 308 -20.82 -3.68 24.10
C SER A 308 -22.11 -4.26 23.46
N ILE A 309 -21.98 -4.92 22.30
CA ILE A 309 -23.13 -5.54 21.62
C ILE A 309 -23.75 -6.62 22.50
N LEU A 310 -22.90 -7.51 23.00
CA LEU A 310 -23.37 -8.60 23.85
C LEU A 310 -24.03 -8.06 25.14
N GLU A 311 -23.53 -6.95 25.69
CA GLU A 311 -24.09 -6.37 26.91
C GLU A 311 -25.52 -5.91 26.68
N ARG A 312 -25.76 -5.14 25.60
CA ARG A 312 -27.10 -4.65 25.27
C ARG A 312 -28.06 -5.82 24.99
N GLY A 313 -27.54 -6.90 24.41
CA GLY A 313 -28.33 -8.10 24.13
C GLY A 313 -28.72 -8.84 25.40
N PHE A 314 -27.80 -8.89 26.37
CA PHE A 314 -28.11 -9.47 27.67
C PHE A 314 -29.18 -8.63 28.34
N GLU A 315 -28.96 -7.34 28.35
CA GLU A 315 -29.89 -6.41 28.98
C GLU A 315 -31.30 -6.54 28.40
N ASP A 316 -31.38 -6.70 27.08
CA ASP A 316 -32.65 -6.85 26.37
C ASP A 316 -33.26 -8.24 26.48
N GLY A 317 -32.50 -9.19 27.01
CA GLY A 317 -32.99 -10.56 27.20
C GLY A 317 -32.99 -11.40 25.93
N ILE A 318 -32.26 -10.95 24.90
CA ILE A 318 -32.20 -11.69 23.66
C ILE A 318 -30.99 -12.65 23.62
N VAL A 319 -29.96 -12.34 24.39
CA VAL A 319 -28.78 -13.21 24.52
C VAL A 319 -28.93 -14.01 25.79
N VAL A 320 -28.82 -15.33 25.71
CA VAL A 320 -28.93 -16.18 26.90
C VAL A 320 -27.54 -16.53 27.45
N ASP A 321 -26.61 -16.82 26.55
CA ASP A 321 -25.22 -17.10 26.93
C ASP A 321 -24.29 -16.76 25.75
N ALA A 322 -23.05 -16.43 26.04
CA ALA A 322 -22.11 -16.09 25.00
C ALA A 322 -20.69 -16.45 25.37
N ALA A 323 -19.89 -16.80 24.37
CA ALA A 323 -18.50 -17.13 24.58
C ALA A 323 -17.68 -16.36 23.57
N ILE A 324 -16.91 -15.37 24.06
CA ILE A 324 -16.01 -14.58 23.20
C ILE A 324 -14.70 -15.33 23.11
N ALA A 325 -14.22 -15.53 21.88
CA ALA A 325 -12.96 -16.23 21.66
C ALA A 325 -11.80 -15.51 22.38
N ASN A 326 -10.99 -16.29 23.11
CA ASN A 326 -9.84 -15.74 23.89
C ASN A 326 -8.47 -16.00 23.27
N SER A 327 -8.42 -16.73 22.15
CA SER A 327 -7.18 -17.00 21.47
C SER A 327 -7.43 -17.26 20.00
N VAL A 328 -6.36 -17.25 19.21
CA VAL A 328 -6.46 -17.52 17.78
C VAL A 328 -6.95 -18.96 17.57
N GLN A 329 -6.48 -19.90 18.41
CA GLN A 329 -6.88 -21.32 18.30
C GLN A 329 -8.38 -21.48 18.54
N GLN A 330 -8.89 -20.74 19.51
CA GLN A 330 -10.29 -20.81 19.84
C GLN A 330 -11.15 -20.15 18.73
N GLN A 331 -10.64 -19.10 18.08
CA GLN A 331 -11.34 -18.49 16.94
C GLN A 331 -11.45 -19.49 15.82
N GLN A 332 -10.34 -20.15 15.51
CA GLN A 332 -10.31 -21.14 14.44
C GLN A 332 -11.21 -22.32 14.79
N ALA A 333 -11.33 -22.62 16.08
CA ALA A 333 -12.20 -23.71 16.51
C ALA A 333 -13.66 -23.33 16.19
N PHE A 334 -14.05 -22.11 16.56
CA PHE A 334 -15.39 -21.55 16.27
C PHE A 334 -15.73 -21.61 14.77
N TRP A 335 -14.80 -21.16 13.93
CA TRP A 335 -15.01 -21.18 12.48
C TRP A 335 -14.98 -22.57 11.89
N LYS A 336 -14.15 -23.46 12.44
CA LYS A 336 -14.07 -24.83 11.93
C LYS A 336 -15.46 -25.46 12.06
N LEU A 337 -16.11 -25.21 13.20
CA LEU A 337 -17.46 -25.71 13.43
C LEU A 337 -18.39 -25.22 12.34
N ARG A 338 -18.42 -23.91 12.09
CA ARG A 338 -19.28 -23.33 11.05
C ARG A 338 -18.95 -23.82 9.64
N GLU A 339 -17.67 -23.81 9.27
CA GLU A 339 -17.22 -24.23 7.94
C GLU A 339 -17.44 -25.70 7.64
N GLU A 340 -17.56 -26.52 8.67
CA GLU A 340 -17.72 -27.97 8.47
C GLU A 340 -19.15 -28.48 8.59
N ILE A 341 -20.12 -27.56 8.59
CA ILE A 341 -21.53 -27.94 8.65
C ILE A 341 -21.89 -28.66 7.36
N SER A 342 -21.42 -28.15 6.24
CA SER A 342 -21.72 -28.75 4.95
C SER A 342 -21.34 -30.25 4.88
N PRO A 343 -20.06 -30.58 5.05
CA PRO A 343 -19.67 -32.00 5.03
C PRO A 343 -20.24 -32.83 6.19
N ALA A 344 -20.58 -32.18 7.30
CA ALA A 344 -21.15 -32.89 8.46
C ALA A 344 -22.55 -33.47 8.18
N GLN A 345 -23.20 -33.00 7.11
CA GLN A 345 -24.52 -33.49 6.73
C GLN A 345 -24.49 -34.86 6.05
N LYS A 346 -23.42 -35.13 5.28
CA LYS A 346 -23.27 -36.40 4.51
C LYS A 346 -23.59 -37.71 5.31
N PRO A 347 -22.95 -37.91 6.48
CA PRO A 347 -23.23 -39.13 7.25
C PRO A 347 -24.63 -39.20 7.86
N GLU A 348 -25.35 -38.08 7.81
CA GLU A 348 -26.65 -37.99 8.40
C GLU A 348 -27.74 -38.29 7.34
N GLY A 349 -27.33 -38.56 6.10
CA GLY A 349 -28.26 -38.96 5.05
C GLY A 349 -28.51 -38.00 3.89
N GLY A 350 -29.57 -38.26 3.17
CA GLY A 350 -29.95 -37.42 2.06
C GLY A 350 -30.21 -36.00 2.52
N SER A 351 -29.75 -35.05 1.71
CA SER A 351 -29.92 -33.64 2.00
C SER A 351 -30.44 -32.92 0.76
N ILE A 352 -31.62 -32.30 0.88
CA ILE A 352 -32.17 -31.49 -0.21
C ILE A 352 -31.74 -30.05 0.08
N LYS A 353 -30.88 -29.50 -0.78
CA LYS A 353 -30.28 -28.17 -0.56
C LYS A 353 -30.89 -27.07 -1.40
N HIS A 354 -30.98 -25.89 -0.79
CA HIS A 354 -31.47 -24.67 -1.43
C HIS A 354 -30.77 -23.45 -0.83
N ASP A 355 -30.28 -22.58 -1.70
CA ASP A 355 -29.59 -21.37 -1.28
C ASP A 355 -30.46 -20.20 -1.73
N ILE A 356 -31.17 -19.61 -0.77
CA ILE A 356 -32.13 -18.55 -1.07
C ILE A 356 -31.89 -17.30 -0.27
N SER A 357 -32.65 -16.26 -0.57
CA SER A 357 -32.57 -15.03 0.20
C SER A 357 -33.91 -14.34 0.28
N VAL A 358 -34.10 -13.61 1.38
CA VAL A 358 -35.29 -12.84 1.65
C VAL A 358 -34.84 -11.56 2.32
N PRO A 359 -35.73 -10.57 2.40
CA PRO A 359 -35.33 -9.37 3.10
C PRO A 359 -34.89 -9.74 4.50
N VAL A 360 -33.83 -9.09 4.99
CA VAL A 360 -33.32 -9.42 6.32
C VAL A 360 -34.46 -9.48 7.36
N ALA A 361 -35.40 -8.52 7.32
CA ALA A 361 -36.50 -8.51 8.29
C ALA A 361 -37.35 -9.75 8.21
N ALA A 362 -37.43 -10.36 7.02
CA ALA A 362 -38.25 -11.55 6.80
C ALA A 362 -37.58 -12.89 7.05
N VAL A 363 -36.38 -12.91 7.63
CA VAL A 363 -35.68 -14.19 7.83
C VAL A 363 -36.40 -15.09 8.83
N PRO A 364 -36.88 -14.54 9.95
CA PRO A 364 -37.60 -15.39 10.90
C PRO A 364 -38.87 -15.94 10.34
N GLN A 365 -39.57 -15.17 9.52
CA GLN A 365 -40.81 -15.65 8.89
C GLN A 365 -40.47 -16.75 7.90
N PHE A 366 -39.40 -16.57 7.15
CA PHE A 366 -39.03 -17.57 6.18
C PHE A 366 -38.78 -18.93 6.83
N ILE A 367 -37.91 -18.93 7.83
CA ILE A 367 -37.52 -20.15 8.52
C ILE A 367 -38.74 -20.85 9.07
N GLU A 368 -39.52 -20.11 9.82
CA GLU A 368 -40.71 -20.62 10.46
C GLU A 368 -41.68 -21.19 9.43
N GLN A 369 -41.87 -20.45 8.34
CA GLN A 369 -42.84 -20.87 7.32
C GLN A 369 -42.35 -22.05 6.51
N ALA A 370 -41.08 -22.02 6.11
CA ALA A 370 -40.48 -23.12 5.34
C ALA A 370 -40.52 -24.42 6.18
N ASN A 371 -39.99 -24.36 7.40
CA ASN A 371 -40.03 -25.52 8.30
C ASN A 371 -41.41 -26.19 8.35
N ALA A 372 -42.44 -25.40 8.68
CA ALA A 372 -43.78 -25.93 8.81
C ALA A 372 -44.28 -26.56 7.51
N ALA A 373 -44.05 -25.89 6.39
CA ALA A 373 -44.47 -26.43 5.09
C ALA A 373 -43.70 -27.72 4.75
N VAL A 374 -42.39 -27.69 4.94
CA VAL A 374 -41.55 -28.85 4.62
C VAL A 374 -41.88 -30.07 5.49
N VAL A 375 -42.11 -29.87 6.80
CA VAL A 375 -42.47 -30.99 7.69
C VAL A 375 -43.89 -31.52 7.38
N ALA A 376 -44.76 -30.65 6.90
CA ALA A 376 -46.11 -31.06 6.46
C ALA A 376 -46.02 -31.91 5.17
N LEU A 377 -45.03 -31.61 4.33
CA LEU A 377 -44.84 -32.34 3.08
C LEU A 377 -44.25 -33.71 3.38
N ILE A 378 -43.20 -33.72 4.21
CA ILE A 378 -42.50 -34.95 4.56
C ILE A 378 -42.33 -35.06 6.06
N PRO A 379 -43.34 -35.64 6.75
CA PRO A 379 -43.25 -35.79 8.21
C PRO A 379 -41.95 -36.45 8.63
N GLY A 380 -41.30 -35.86 9.64
CA GLY A 380 -40.03 -36.38 10.13
C GLY A 380 -38.84 -35.77 9.42
N ALA A 381 -39.07 -35.00 8.36
CA ALA A 381 -37.97 -34.34 7.65
C ALA A 381 -37.32 -33.38 8.64
N ARG A 382 -36.00 -33.24 8.54
CA ARG A 382 -35.25 -32.40 9.48
C ARG A 382 -34.62 -31.17 8.83
N PRO A 383 -35.24 -29.98 9.01
CA PRO A 383 -34.67 -28.78 8.45
C PRO A 383 -33.27 -28.50 9.01
N VAL A 384 -32.36 -28.09 8.14
CA VAL A 384 -31.00 -27.76 8.53
C VAL A 384 -30.69 -26.35 8.00
N PRO A 385 -31.20 -25.31 8.68
CA PRO A 385 -31.00 -23.94 8.25
C PRO A 385 -29.85 -23.22 8.93
N PHE A 386 -29.08 -22.51 8.13
CA PHE A 386 -27.97 -21.73 8.61
C PHE A 386 -27.59 -20.74 7.54
N GLY A 387 -27.11 -19.57 7.94
CA GLY A 387 -26.75 -18.57 6.94
C GLY A 387 -26.30 -17.21 7.42
N HIS A 388 -26.28 -16.28 6.46
CA HIS A 388 -25.80 -14.95 6.65
C HIS A 388 -26.99 -14.06 6.94
N LEU A 389 -27.34 -13.95 8.21
CA LEU A 389 -28.51 -13.19 8.58
C LEU A 389 -28.41 -11.71 8.18
N GLY A 390 -27.19 -11.18 8.09
CA GLY A 390 -26.96 -9.78 7.73
C GLY A 390 -27.26 -9.37 6.30
N ASP A 391 -27.26 -10.34 5.38
CA ASP A 391 -27.59 -10.05 3.97
C ASP A 391 -28.78 -10.87 3.54
N GLY A 392 -29.48 -11.47 4.51
CA GLY A 392 -30.69 -12.25 4.24
C GLY A 392 -30.56 -13.53 3.45
N ASN A 393 -29.34 -14.08 3.34
CA ASN A 393 -29.09 -15.33 2.59
C ASN A 393 -29.01 -16.55 3.51
N ILE A 394 -30.01 -17.43 3.41
CA ILE A 394 -30.07 -18.64 4.22
C ILE A 394 -29.83 -19.90 3.39
N HIS A 395 -28.98 -20.79 3.90
CA HIS A 395 -28.81 -22.09 3.28
C HIS A 395 -29.93 -22.90 3.89
N TYR A 396 -30.99 -23.13 3.12
CA TYR A 396 -32.14 -23.84 3.64
C TYR A 396 -32.13 -25.27 3.15
N ASN A 397 -31.51 -26.12 3.96
CA ASN A 397 -31.36 -27.51 3.66
C ASN A 397 -32.29 -28.36 4.49
N VAL A 398 -32.71 -29.49 3.94
CA VAL A 398 -33.55 -30.44 4.67
C VAL A 398 -32.89 -31.81 4.61
N SER A 399 -32.61 -32.39 5.77
CA SER A 399 -32.04 -33.72 5.84
C SER A 399 -33.15 -34.72 5.94
N GLN A 400 -32.92 -35.92 5.41
CA GLN A 400 -33.93 -36.98 5.42
C GLN A 400 -34.43 -37.34 6.83
N PRO A 401 -35.65 -37.90 6.93
CA PRO A 401 -36.10 -38.36 8.22
C PRO A 401 -35.20 -39.52 8.68
N VAL A 402 -34.93 -39.57 9.97
CA VAL A 402 -34.09 -40.60 10.55
C VAL A 402 -34.67 -41.94 10.13
N GLY A 403 -33.85 -42.77 9.47
CA GLY A 403 -34.25 -44.11 9.06
C GLY A 403 -34.90 -44.27 7.70
N ALA A 404 -35.19 -43.16 7.01
CA ALA A 404 -35.84 -43.25 5.70
C ALA A 404 -34.82 -43.67 4.65
N ASP A 405 -35.30 -44.05 3.48
CA ASP A 405 -34.44 -44.44 2.40
C ASP A 405 -33.90 -43.18 1.74
N LYS A 406 -32.59 -43.14 1.51
CA LYS A 406 -31.93 -41.96 0.93
C LYS A 406 -32.46 -41.62 -0.47
N ALA A 407 -32.42 -42.59 -1.38
CA ALA A 407 -32.87 -42.38 -2.76
C ALA A 407 -34.33 -41.90 -2.84
N GLU A 408 -35.19 -42.48 -2.02
CA GLU A 408 -36.61 -42.12 -2.01
C GLU A 408 -36.84 -40.70 -1.48
N PHE A 409 -35.98 -40.28 -0.55
CA PHE A 409 -36.05 -38.93 0.01
C PHE A 409 -35.54 -37.87 -0.98
N LEU A 410 -34.44 -38.16 -1.66
CA LEU A 410 -33.88 -37.24 -2.64
C LEU A 410 -34.79 -37.07 -3.86
N ALA A 411 -35.67 -38.05 -4.08
CA ALA A 411 -36.64 -37.99 -5.16
C ALA A 411 -37.68 -36.89 -4.93
N ARG A 412 -37.81 -36.42 -3.68
CA ARG A 412 -38.77 -35.37 -3.33
C ARG A 412 -38.19 -33.93 -3.52
N TRP A 413 -36.97 -33.83 -4.05
CA TRP A 413 -36.30 -32.55 -4.27
C TRP A 413 -37.23 -31.50 -4.87
N HIS A 414 -37.81 -31.80 -6.03
CA HIS A 414 -38.69 -30.85 -6.73
C HIS A 414 -39.91 -30.43 -5.91
N ASP A 415 -40.54 -31.39 -5.23
CA ASP A 415 -41.67 -31.11 -4.35
C ASP A 415 -41.26 -30.18 -3.24
N VAL A 416 -40.06 -30.37 -2.71
CA VAL A 416 -39.53 -29.50 -1.67
C VAL A 416 -39.28 -28.09 -2.24
N SER A 417 -38.73 -28.03 -3.46
CA SER A 417 -38.47 -26.76 -4.13
C SER A 417 -39.73 -25.92 -4.30
N GLN A 418 -40.79 -26.56 -4.82
CA GLN A 418 -42.07 -25.88 -4.97
C GLN A 418 -42.51 -25.22 -3.69
N VAL A 419 -42.43 -25.98 -2.60
CA VAL A 419 -42.83 -25.47 -1.30
C VAL A 419 -41.89 -24.35 -0.82
N VAL A 420 -40.60 -24.58 -0.88
CA VAL A 420 -39.66 -23.59 -0.42
C VAL A 420 -39.77 -22.31 -1.21
N PHE A 421 -39.88 -22.42 -2.55
CA PHE A 421 -39.97 -21.23 -3.40
C PHE A 421 -41.25 -20.42 -3.19
N GLU A 422 -42.35 -21.07 -2.83
CA GLU A 422 -43.57 -20.35 -2.56
C GLU A 422 -43.37 -19.45 -1.32
N VAL A 423 -42.67 -19.96 -0.30
CA VAL A 423 -42.40 -19.15 0.88
C VAL A 423 -41.45 -18.01 0.49
N VAL A 424 -40.43 -18.34 -0.29
CA VAL A 424 -39.50 -17.31 -0.74
C VAL A 424 -40.22 -16.19 -1.49
N LEU A 425 -41.07 -16.58 -2.44
CA LEU A 425 -41.75 -15.59 -3.26
CA LEU A 425 -41.85 -15.62 -3.27
C LEU A 425 -42.74 -14.71 -2.48
N ARG A 426 -43.51 -15.29 -1.54
CA ARG A 426 -44.45 -14.49 -0.79
C ARG A 426 -43.75 -13.52 0.14
N LEU A 427 -42.50 -13.80 0.48
CA LEU A 427 -41.71 -12.90 1.35
C LEU A 427 -40.88 -11.91 0.57
N GLY A 428 -41.00 -11.92 -0.74
CA GLY A 428 -40.27 -11.00 -1.60
C GLY A 428 -38.84 -11.39 -1.84
N GLY A 429 -38.53 -12.67 -1.68
CA GLY A 429 -37.16 -13.18 -1.80
C GLY A 429 -36.69 -13.59 -3.17
N SER A 430 -35.53 -14.23 -3.22
CA SER A 430 -34.92 -14.72 -4.45
C SER A 430 -34.73 -16.22 -4.43
N ILE A 431 -35.03 -16.85 -5.56
CA ILE A 431 -34.88 -18.29 -5.69
C ILE A 431 -33.42 -18.73 -5.86
N SER A 432 -32.52 -17.79 -6.11
CA SER A 432 -31.08 -18.06 -6.24
C SER A 432 -30.31 -16.87 -5.71
N ALA A 433 -29.78 -17.00 -4.50
CA ALA A 433 -29.11 -15.88 -3.84
C ALA A 433 -27.66 -15.70 -4.24
N GLU A 434 -26.97 -16.80 -4.48
CA GLU A 434 -25.52 -16.76 -4.79
C GLU A 434 -25.13 -17.53 -6.03
N HIS A 435 -25.57 -18.80 -6.10
CA HIS A 435 -25.12 -19.72 -7.12
C HIS A 435 -25.42 -19.32 -8.56
N GLY A 436 -26.57 -18.71 -8.78
CA GLY A 436 -26.97 -18.29 -10.12
C GLY A 436 -28.07 -19.15 -10.70
N ILE A 437 -28.26 -19.02 -12.01
CA ILE A 437 -29.29 -19.73 -12.74
C ILE A 437 -28.75 -20.89 -13.60
N GLY A 438 -27.79 -20.60 -14.49
CA GLY A 438 -27.23 -21.62 -15.37
C GLY A 438 -28.33 -22.39 -16.08
N VAL A 439 -28.26 -23.71 -16.06
CA VAL A 439 -29.28 -24.58 -16.66
C VAL A 439 -30.35 -25.00 -15.64
N MSE A 440 -29.95 -25.19 -14.39
CA MSE A 440 -30.84 -25.68 -13.34
C MSE A 440 -32.10 -24.86 -13.08
O MSE A 440 -33.19 -25.42 -12.98
CB MSE A 440 -30.04 -25.83 -12.03
CG MSE A 440 -30.88 -26.35 -10.85
SE MSE A 440 -29.78 -26.57 -9.25
CE MSE A 440 -28.57 -27.98 -9.95
N LYS A 441 -31.95 -23.55 -12.94
CA LYS A 441 -33.08 -22.70 -12.60
C LYS A 441 -33.57 -21.86 -13.79
N ARG A 442 -33.15 -22.21 -14.99
CA ARG A 442 -33.53 -21.47 -16.21
C ARG A 442 -35.04 -21.36 -16.39
N ASP A 443 -35.75 -22.46 -16.19
CA ASP A 443 -37.21 -22.46 -16.31
C ASP A 443 -37.86 -21.66 -15.21
N GLU A 444 -37.43 -21.86 -13.96
CA GLU A 444 -37.98 -21.13 -12.82
C GLU A 444 -37.74 -19.60 -12.94
N LEU A 445 -36.68 -19.21 -13.62
CA LEU A 445 -36.38 -17.79 -13.82
C LEU A 445 -37.48 -17.14 -14.65
N ALA A 446 -37.84 -17.80 -15.76
CA ALA A 446 -38.88 -17.29 -16.63
C ALA A 446 -40.23 -17.16 -15.90
N GLU A 447 -40.51 -18.08 -14.98
CA GLU A 447 -41.78 -18.04 -14.24
C GLU A 447 -41.85 -16.92 -13.20
N VAL A 448 -40.74 -16.67 -12.49
CA VAL A 448 -40.74 -15.70 -11.36
C VAL A 448 -40.28 -14.27 -11.64
N LYS A 449 -39.34 -14.10 -12.57
CA LYS A 449 -38.80 -12.76 -12.87
C LYS A 449 -39.83 -11.83 -13.53
N ASP A 450 -39.67 -10.53 -13.27
CA ASP A 450 -40.49 -9.48 -13.88
C ASP A 450 -40.53 -9.69 -15.41
N LYS A 451 -41.72 -9.62 -15.99
CA LYS A 451 -41.88 -9.90 -17.42
C LYS A 451 -41.06 -8.97 -18.34
N THR A 452 -41.02 -7.68 -18.04
CA THR A 452 -40.26 -6.74 -18.86
C THR A 452 -38.76 -7.02 -18.73
N ALA A 453 -38.34 -7.29 -17.51
CA ALA A 453 -36.95 -7.60 -17.23
C ALA A 453 -36.47 -8.80 -18.07
N ILE A 454 -37.28 -9.85 -18.08
CA ILE A 454 -36.95 -11.07 -18.80
C ILE A 454 -36.90 -10.81 -20.32
N GLU A 455 -37.81 -10.01 -20.85
CA GLU A 455 -37.79 -9.66 -22.29
C GLU A 455 -36.50 -8.94 -22.66
N LEU A 456 -36.09 -7.98 -21.83
CA LEU A 456 -34.86 -7.24 -22.06
C LEU A 456 -33.66 -8.15 -22.01
N MSE A 457 -33.64 -9.09 -21.07
CA MSE A 457 -32.51 -10.03 -21.00
C MSE A 457 -32.38 -10.81 -22.32
O MSE A 457 -31.29 -10.92 -22.89
CB MSE A 457 -32.62 -10.98 -19.82
CG MSE A 457 -32.58 -10.31 -18.48
SE MSE A 457 -32.70 -11.64 -17.09
CE MSE A 457 -33.07 -10.48 -15.56
N ARG A 458 -33.51 -11.31 -22.85
CA ARG A 458 -33.49 -12.06 -24.11
C ARG A 458 -33.01 -11.15 -25.24
N SER A 459 -33.43 -9.89 -25.23
CA SER A 459 -33.03 -8.95 -26.29
C SER A 459 -31.53 -8.60 -26.25
N ILE A 460 -30.98 -8.49 -25.05
CA ILE A 460 -29.57 -8.18 -24.91
C ILE A 460 -28.74 -9.40 -25.30
N LYS A 461 -29.24 -10.58 -24.92
CA LYS A 461 -28.58 -11.84 -25.27
C LYS A 461 -28.49 -11.96 -26.79
N ALA A 462 -29.63 -11.77 -27.47
CA ALA A 462 -29.68 -11.84 -28.95
C ALA A 462 -28.78 -10.80 -29.59
N LEU A 463 -28.65 -9.64 -28.96
CA LEU A 463 -27.81 -8.59 -29.48
C LEU A 463 -26.32 -8.90 -29.34
N LEU A 464 -25.92 -9.37 -28.17
CA LEU A 464 -24.53 -9.69 -27.91
C LEU A 464 -24.06 -11.06 -28.42
N ASP A 465 -25.00 -11.96 -28.69
CA ASP A 465 -24.69 -13.31 -29.18
C ASP A 465 -25.73 -13.77 -30.21
N PRO A 466 -25.81 -13.05 -31.34
CA PRO A 466 -26.81 -13.35 -32.36
C PRO A 466 -26.78 -14.81 -32.86
N HIS A 467 -25.61 -15.42 -32.98
CA HIS A 467 -25.57 -16.80 -33.47
C HIS A 467 -25.74 -17.84 -32.38
N GLY A 468 -25.92 -17.43 -31.13
CA GLY A 468 -26.14 -18.35 -30.02
C GLY A 468 -25.00 -19.32 -29.70
N ILE A 469 -23.75 -18.85 -29.79
CA ILE A 469 -22.58 -19.70 -29.48
C ILE A 469 -22.02 -19.44 -28.10
N MSE A 470 -22.46 -18.36 -27.45
CA MSE A 470 -21.89 -18.00 -26.15
C MSE A 470 -22.66 -18.66 -25.02
O MSE A 470 -23.62 -18.11 -24.52
CB MSE A 470 -21.86 -16.48 -26.00
CG MSE A 470 -21.06 -15.97 -24.83
SE MSE A 470 -19.22 -16.57 -24.82
CE MSE A 470 -18.64 -15.91 -26.54
N ASN A 471 -22.22 -19.86 -24.65
CA ASN A 471 -22.78 -20.63 -23.56
C ASN A 471 -24.32 -20.74 -23.66
N PRO A 472 -24.82 -21.21 -24.82
CA PRO A 472 -26.27 -21.32 -25.04
C PRO A 472 -27.00 -22.24 -24.07
N GLY A 473 -28.29 -22.00 -23.91
CA GLY A 473 -29.15 -22.81 -23.06
C GLY A 473 -29.00 -22.56 -21.56
N LYS A 474 -28.40 -21.43 -21.21
CA LYS A 474 -28.17 -21.10 -19.81
C LYS A 474 -28.64 -19.67 -19.53
N VAL A 475 -29.27 -19.51 -18.37
CA VAL A 475 -29.86 -18.23 -17.88
C VAL A 475 -31.16 -17.88 -18.64
N VAL A 476 -31.04 -17.62 -19.93
CA VAL A 476 -32.20 -17.32 -20.78
C VAL A 476 -32.09 -18.05 -22.11
N THR B 12 -44.25 22.96 -34.91
CA THR B 12 -44.16 22.66 -33.44
C THR B 12 -45.11 21.48 -33.07
N LEU B 13 -45.30 21.26 -31.75
CA LEU B 13 -46.22 20.19 -31.27
C LEU B 13 -47.68 20.60 -31.52
N SER B 14 -48.50 19.69 -32.01
CA SER B 14 -49.89 20.03 -32.35
C SER B 14 -50.84 20.17 -31.16
N PRO B 15 -51.91 20.97 -31.33
CA PRO B 15 -52.96 21.10 -30.31
C PRO B 15 -53.59 19.74 -29.94
N GLU B 16 -53.77 18.87 -30.92
CA GLU B 16 -54.29 17.53 -30.69
C GLU B 16 -53.49 16.84 -29.62
N LEU B 17 -52.17 16.77 -29.84
CA LEU B 17 -51.27 16.06 -28.92
C LEU B 17 -51.16 16.74 -27.57
N ILE B 18 -51.10 18.06 -27.56
CA ILE B 18 -51.06 18.81 -26.31
C ILE B 18 -52.31 18.47 -25.48
N ALA B 19 -53.45 18.43 -26.13
CA ALA B 19 -54.71 18.09 -25.48
C ALA B 19 -54.68 16.69 -24.90
N ARG B 20 -54.13 15.74 -25.65
CA ARG B 20 -54.10 14.36 -25.16
C ARG B 20 -53.12 14.18 -23.99
N PHE B 21 -51.94 14.79 -24.06
CA PHE B 21 -51.03 14.75 -22.92
C PHE B 21 -51.66 15.43 -21.71
N THR B 22 -52.32 16.57 -21.95
CA THR B 22 -52.96 17.30 -20.87
C THR B 22 -53.98 16.42 -20.15
N ALA B 23 -54.83 15.75 -20.91
CA ALA B 23 -55.85 14.89 -20.33
C ALA B 23 -55.26 13.81 -19.42
N ILE B 24 -54.10 13.26 -19.78
CA ILE B 24 -53.48 12.21 -18.97
C ILE B 24 -53.13 12.68 -17.55
N VAL B 25 -52.48 13.82 -17.44
CA VAL B 25 -52.03 14.34 -16.14
C VAL B 25 -53.01 15.33 -15.48
N GLY B 26 -53.98 15.85 -16.25
CA GLY B 26 -54.90 16.89 -15.75
C GLY B 26 -54.29 18.24 -16.09
N ASP B 27 -55.11 19.19 -16.56
CA ASP B 27 -54.56 20.48 -17.02
C ASP B 27 -53.79 21.30 -15.99
N LYS B 28 -54.04 21.08 -14.70
CA LYS B 28 -53.30 21.81 -13.67
C LYS B 28 -51.84 21.36 -13.62
N HIS B 29 -51.56 20.19 -14.21
CA HIS B 29 -50.21 19.66 -14.19
C HIS B 29 -49.57 19.62 -15.60
N ALA B 30 -50.14 20.39 -16.53
CA ALA B 30 -49.66 20.48 -17.89
C ALA B 30 -49.46 21.96 -18.21
N LEU B 31 -48.20 22.39 -18.21
CA LEU B 31 -47.83 23.79 -18.42
C LEU B 31 -47.49 24.12 -19.90
N THR B 32 -48.08 25.22 -20.40
CA THR B 32 -47.82 25.72 -21.77
C THR B 32 -47.54 27.25 -21.86
N ASP B 33 -47.77 27.96 -20.75
CA ASP B 33 -47.52 29.39 -20.64
C ASP B 33 -46.00 29.57 -20.54
N PRO B 34 -45.40 30.43 -21.40
CA PRO B 34 -43.94 30.69 -21.38
C PRO B 34 -43.36 31.10 -20.01
N LEU B 35 -44.11 31.85 -19.22
CA LEU B 35 -43.66 32.25 -17.88
C LEU B 35 -43.49 31.03 -16.96
N GLU B 36 -44.36 30.02 -17.14
CA GLU B 36 -44.29 28.78 -16.35
C GLU B 36 -43.21 27.81 -16.89
N LEU B 37 -43.04 27.79 -18.22
CA LEU B 37 -42.02 26.95 -18.87
C LEU B 37 -40.60 27.41 -18.59
N GLU B 38 -40.43 28.70 -18.27
CA GLU B 38 -39.12 29.28 -18.00
C GLU B 38 -38.27 28.49 -16.99
N ALA B 39 -38.88 27.98 -15.93
CA ALA B 39 -38.14 27.24 -14.89
C ALA B 39 -37.67 25.82 -15.33
N TYR B 40 -38.23 25.31 -16.42
CA TYR B 40 -37.90 23.96 -16.90
C TYR B 40 -37.00 23.95 -18.14
N ILE B 41 -36.99 25.04 -18.90
CA ILE B 41 -36.17 25.13 -20.13
C ILE B 41 -34.80 25.79 -19.91
N THR B 42 -34.44 26.04 -18.65
CA THR B 42 -33.16 26.62 -18.34
C THR B 42 -32.76 26.22 -16.93
N GLU B 43 -31.45 26.09 -16.70
CA GLU B 43 -30.89 25.71 -15.39
CA GLU B 43 -30.93 25.72 -15.38
C GLU B 43 -30.21 26.92 -14.74
N GLU B 44 -30.10 26.94 -13.39
CA GLU B 44 -29.48 28.08 -12.62
C GLU B 44 -28.12 28.64 -13.18
N ARG B 45 -27.22 27.75 -13.65
CA ARG B 45 -25.89 28.19 -14.20
C ARG B 45 -25.90 28.62 -15.72
N ASN B 46 -27.07 29.06 -16.22
CA ASN B 46 -27.27 29.55 -17.63
C ASN B 46 -26.38 28.96 -18.76
N LEU B 47 -25.98 27.69 -18.59
CA LEU B 47 -25.09 27.01 -19.54
C LEU B 47 -25.76 26.86 -20.94
N TYR B 48 -27.02 26.42 -20.93
CA TYR B 48 -27.82 26.26 -22.15
C TYR B 48 -29.19 26.89 -21.89
N ARG B 49 -29.84 27.32 -22.97
CA ARG B 49 -31.21 27.85 -22.87
C ARG B 49 -32.05 27.18 -23.96
N GLY B 50 -32.89 26.22 -23.53
CA GLY B 50 -33.70 25.45 -24.44
C GLY B 50 -35.07 26.01 -24.76
N HIS B 51 -35.89 25.18 -25.41
CA HIS B 51 -37.25 25.54 -25.75
C HIS B 51 -38.17 24.30 -25.78
N SER B 52 -39.39 24.48 -25.23
CA SER B 52 -40.38 23.42 -25.16
C SER B 52 -41.81 23.97 -25.28
N PRO B 53 -42.72 23.19 -25.91
CA PRO B 53 -44.11 23.58 -25.99
C PRO B 53 -44.95 23.03 -24.83
N LEU B 54 -44.37 22.18 -23.97
CA LEU B 54 -45.15 21.54 -22.92
C LEU B 54 -44.33 20.88 -21.81
N VAL B 55 -44.71 21.14 -20.57
CA VAL B 55 -44.11 20.49 -19.42
C VAL B 55 -45.21 19.69 -18.72
N LEU B 56 -44.98 18.38 -18.57
CA LEU B 56 -45.95 17.53 -17.85
C LEU B 56 -45.39 17.12 -16.50
N ARG B 57 -46.24 17.18 -15.48
CA ARG B 57 -45.88 16.81 -14.11
C ARG B 57 -46.78 15.65 -13.69
N PRO B 58 -46.47 14.43 -14.16
CA PRO B 58 -47.29 13.27 -13.84
C PRO B 58 -47.22 12.91 -12.38
N GLY B 59 -48.29 12.31 -11.89
CA GLY B 59 -48.40 11.95 -10.48
C GLY B 59 -48.33 10.48 -10.16
N SER B 60 -48.08 9.64 -11.17
CA SER B 60 -47.99 8.20 -10.96
C SER B 60 -47.31 7.53 -12.12
N THR B 61 -46.86 6.31 -11.89
CA THR B 61 -46.22 5.51 -12.93
C THR B 61 -47.18 5.22 -14.10
N GLU B 62 -48.44 5.08 -13.77
CA GLU B 62 -49.49 4.78 -14.75
C GLU B 62 -49.60 5.91 -15.76
N GLU B 63 -49.48 7.14 -15.26
CA GLU B 63 -49.53 8.33 -16.12
C GLU B 63 -48.26 8.40 -16.94
N VAL B 64 -47.13 8.01 -16.35
CA VAL B 64 -45.87 7.99 -17.10
C VAL B 64 -45.95 6.95 -18.23
N VAL B 65 -46.64 5.84 -17.97
CA VAL B 65 -46.87 4.81 -18.99
C VAL B 65 -47.76 5.37 -20.12
N ALA B 66 -48.81 6.10 -19.74
CA ALA B 66 -49.72 6.65 -20.73
C ALA B 66 -49.00 7.66 -21.60
N ILE B 67 -48.17 8.50 -20.97
CA ILE B 67 -47.42 9.51 -21.71
C ILE B 67 -46.48 8.82 -22.71
N CYS B 68 -45.70 7.86 -22.23
CA CYS B 68 -44.75 7.17 -23.07
C CYS B 68 -45.38 6.45 -24.25
N LYS B 69 -46.52 5.79 -24.02
CA LYS B 69 -47.19 5.11 -25.13
C LYS B 69 -47.59 6.10 -26.23
N LEU B 70 -48.15 7.23 -25.82
CA LEU B 70 -48.60 8.24 -26.77
C LEU B 70 -47.43 8.86 -27.48
N ALA B 71 -46.40 9.25 -26.72
CA ALA B 71 -45.20 9.86 -27.29
C ALA B 71 -44.56 8.92 -28.33
N ASN B 72 -44.51 7.65 -28.00
CA ASN B 72 -43.90 6.64 -28.87
C ASN B 72 -44.67 6.48 -30.18
N GLU B 73 -46.00 6.51 -30.10
CA GLU B 73 -46.87 6.40 -31.28
CA GLU B 73 -46.87 6.40 -31.26
C GLU B 73 -46.72 7.62 -32.18
N ALA B 74 -46.83 8.81 -31.59
CA ALA B 74 -46.75 10.06 -32.35
C ALA B 74 -45.35 10.56 -32.65
N ARG B 75 -44.33 9.87 -32.14
CA ARG B 75 -42.93 10.26 -32.36
C ARG B 75 -42.66 11.64 -31.75
N VAL B 76 -43.08 11.83 -30.51
CA VAL B 76 -42.81 13.07 -29.79
C VAL B 76 -41.70 12.77 -28.82
N ALA B 77 -40.62 13.55 -28.91
CA ALA B 77 -39.48 13.37 -28.03
C ALA B 77 -39.76 13.86 -26.63
N LEU B 78 -39.32 13.10 -25.64
CA LEU B 78 -39.49 13.40 -24.24
C LEU B 78 -38.15 13.65 -23.58
N VAL B 79 -38.15 14.54 -22.60
CA VAL B 79 -36.95 14.86 -21.82
C VAL B 79 -37.30 14.71 -20.34
N PRO B 80 -36.80 13.64 -19.68
CA PRO B 80 -37.10 13.47 -18.27
C PRO B 80 -36.38 14.50 -17.46
N GLN B 81 -36.99 14.93 -16.37
CA GLN B 81 -36.39 15.93 -15.53
C GLN B 81 -36.90 15.81 -14.11
N GLY B 82 -35.97 15.98 -13.17
CA GLY B 82 -36.28 15.95 -11.77
C GLY B 82 -36.09 17.33 -11.20
N GLY B 83 -34.99 17.50 -10.45
CA GLY B 83 -34.69 18.76 -9.80
C GLY B 83 -34.11 19.84 -10.68
N ASN B 84 -33.72 19.48 -11.90
CA ASN B 84 -33.16 20.43 -12.85
C ASN B 84 -31.89 21.08 -12.33
N THR B 85 -31.01 20.27 -11.76
CA THR B 85 -29.72 20.76 -11.25
C THR B 85 -28.51 20.13 -11.98
N GLY B 86 -28.77 19.30 -13.00
CA GLY B 86 -27.70 18.66 -13.79
C GLY B 86 -26.92 19.73 -14.50
N LEU B 87 -25.61 19.50 -14.67
CA LEU B 87 -24.71 20.52 -15.22
C LEU B 87 -24.16 20.22 -16.62
N VAL B 88 -24.76 19.24 -17.33
CA VAL B 88 -24.28 18.86 -18.66
C VAL B 88 -25.37 18.95 -19.77
N GLY B 89 -26.44 19.67 -19.48
CA GLY B 89 -27.55 19.89 -20.44
C GLY B 89 -28.42 18.69 -20.75
N GLY B 90 -28.37 17.68 -19.89
CA GLY B 90 -29.12 16.44 -20.08
C GLY B 90 -30.62 16.56 -19.90
N GLN B 91 -31.04 17.40 -18.95
CA GLN B 91 -32.45 17.58 -18.63
C GLN B 91 -33.08 18.77 -19.34
N THR B 92 -32.34 19.37 -20.27
CA THR B 92 -32.82 20.53 -20.99
C THR B 92 -33.35 20.13 -22.37
N PRO B 93 -34.54 20.67 -22.74
CA PRO B 93 -35.09 20.41 -24.05
C PRO B 93 -34.53 21.42 -25.04
N HIS B 94 -33.64 20.97 -25.92
CA HIS B 94 -33.00 21.85 -26.89
C HIS B 94 -33.77 21.94 -28.23
N ASN B 95 -34.75 21.05 -28.45
CA ASN B 95 -35.46 20.95 -29.76
C ASN B 95 -36.99 20.79 -29.78
N GLY B 96 -37.71 21.52 -28.93
CA GLY B 96 -39.20 21.44 -28.93
C GLY B 96 -39.78 20.14 -28.35
N GLU B 97 -38.99 19.50 -27.51
CA GLU B 97 -39.35 18.26 -26.85
C GLU B 97 -40.27 18.55 -25.68
N VAL B 98 -41.06 17.55 -25.28
CA VAL B 98 -41.93 17.68 -24.12
C VAL B 98 -41.16 17.29 -22.85
N VAL B 99 -41.18 18.16 -21.84
CA VAL B 99 -40.48 17.89 -20.57
C VAL B 99 -41.36 17.04 -19.68
N ILE B 100 -40.80 15.99 -19.12
CA ILE B 100 -41.54 15.15 -18.20
C ILE B 100 -40.91 15.30 -16.83
N SER B 101 -41.46 16.23 -16.04
CA SER B 101 -41.00 16.48 -14.68
C SER B 101 -41.56 15.43 -13.71
N LEU B 102 -40.73 14.96 -12.80
CA LEU B 102 -41.12 13.95 -11.84
C LEU B 102 -41.31 14.54 -10.45
N LYS B 103 -41.26 15.87 -10.35
CA LYS B 103 -41.36 16.55 -9.06
C LYS B 103 -42.58 16.18 -8.22
N ARG B 104 -43.68 15.76 -8.86
CA ARG B 104 -44.90 15.40 -8.11
C ARG B 104 -44.86 14.00 -7.57
N MSE B 105 -44.07 13.13 -8.19
CA MSE B 105 -43.90 11.79 -7.68
C MSE B 105 -42.82 11.83 -6.60
O MSE B 105 -41.71 11.32 -6.80
CB MSE B 105 -43.54 10.82 -8.81
CG MSE B 105 -44.66 10.67 -9.81
SE MSE B 105 -44.43 9.17 -11.01
CE MSE B 105 -44.39 7.66 -9.75
N ASP B 106 -43.15 12.41 -5.46
CA ASP B 106 -42.18 12.60 -4.36
C ASP B 106 -42.50 11.81 -3.08
N LYS B 107 -43.29 10.75 -3.19
CA LYS B 107 -43.70 10.00 -2.01
C LYS B 107 -42.62 9.05 -1.47
N ILE B 108 -42.50 9.02 -0.14
CA ILE B 108 -41.66 8.05 0.54
C ILE B 108 -42.64 6.93 0.81
N ARG B 109 -42.41 5.76 0.23
CA ARG B 109 -43.37 4.66 0.35
C ARG B 109 -43.21 3.80 1.58
N GLU B 110 -42.00 3.34 1.83
CA GLU B 110 -41.77 2.43 2.94
C GLU B 110 -40.39 2.60 3.51
N ILE B 111 -40.31 2.57 4.83
CA ILE B 111 -39.03 2.65 5.54
C ILE B 111 -38.91 1.38 6.38
N ASP B 112 -38.07 0.47 5.95
CA ASP B 112 -37.84 -0.77 6.70
C ASP B 112 -36.52 -0.62 7.44
N THR B 113 -36.60 -0.44 8.76
CA THR B 113 -35.38 -0.24 9.57
C THR B 113 -34.68 -1.55 9.93
N SER B 114 -35.33 -2.70 9.76
CA SER B 114 -34.67 -4.02 10.01
C SER B 114 -33.89 -4.46 8.77
N SER B 115 -34.56 -4.44 7.63
CA SER B 115 -33.92 -4.76 6.35
C SER B 115 -33.00 -3.61 5.94
N ASN B 116 -33.24 -2.43 6.54
CA ASN B 116 -32.48 -1.21 6.25
C ASN B 116 -32.57 -0.83 4.80
N THR B 117 -33.82 -0.62 4.38
CA THR B 117 -34.15 -0.22 3.02
C THR B 117 -35.15 0.90 3.08
N ILE B 118 -35.21 1.68 2.00
CA ILE B 118 -36.19 2.74 1.88
C ILE B 118 -36.62 2.81 0.43
N THR B 119 -37.93 2.77 0.22
CA THR B 119 -38.52 2.78 -1.11
C THR B 119 -39.09 4.17 -1.32
N VAL B 120 -38.67 4.84 -2.39
CA VAL B 120 -39.11 6.20 -2.67
C VAL B 120 -39.44 6.41 -4.13
N GLU B 121 -40.24 7.42 -4.42
CA GLU B 121 -40.59 7.75 -5.80
C GLU B 121 -39.48 8.64 -6.39
N ALA B 122 -39.43 8.70 -7.70
CA ALA B 122 -38.33 9.39 -8.38
C ALA B 122 -38.17 10.86 -8.05
N GLY B 123 -39.26 11.51 -7.72
CA GLY B 123 -39.25 12.93 -7.44
C GLY B 123 -38.92 13.30 -6.03
N ALA B 124 -38.65 12.32 -5.19
CA ALA B 124 -38.34 12.63 -3.80
C ALA B 124 -37.03 13.43 -3.75
N ILE B 125 -37.06 14.58 -3.07
CA ILE B 125 -35.85 15.43 -2.90
C ILE B 125 -34.87 14.71 -1.98
N LEU B 126 -33.62 14.60 -2.42
CA LEU B 126 -32.56 13.95 -1.65
C LEU B 126 -32.57 14.37 -0.17
N GLN B 127 -32.61 15.67 0.06
CA GLN B 127 -32.58 16.21 1.41
C GLN B 127 -33.72 15.70 2.26
N ARG B 128 -34.91 15.50 1.68
CA ARG B 128 -36.04 15.02 2.48
C ARG B 128 -35.85 13.54 2.82
N VAL B 129 -35.19 12.78 1.94
CA VAL B 129 -34.92 11.38 2.21
C VAL B 129 -33.91 11.27 3.36
N GLN B 130 -32.91 12.14 3.35
CA GLN B 130 -31.92 12.19 4.42
C GLN B 130 -32.60 12.45 5.75
N GLU B 131 -33.54 13.39 5.73
CA GLU B 131 -34.28 13.78 6.94
C GLU B 131 -35.16 12.66 7.46
N LYS B 132 -35.82 11.94 6.56
CA LYS B 132 -36.67 10.84 6.97
C LYS B 132 -35.86 9.71 7.56
N ALA B 133 -34.70 9.44 7.00
CA ALA B 133 -33.84 8.41 7.53
C ALA B 133 -33.39 8.79 8.96
N ALA B 134 -33.05 10.05 9.16
CA ALA B 134 -32.60 10.55 10.46
C ALA B 134 -33.69 10.40 11.52
N GLU B 135 -34.95 10.59 11.12
CA GLU B 135 -36.08 10.49 12.06
C GLU B 135 -36.22 9.09 12.66
N VAL B 136 -35.69 8.08 11.99
CA VAL B 136 -35.76 6.68 12.46
C VAL B 136 -34.38 6.14 12.86
N ASP B 137 -33.49 7.05 13.25
CA ASP B 137 -32.12 6.73 13.71
C ASP B 137 -31.30 5.98 12.64
N ARG B 138 -31.45 6.39 11.38
CA ARG B 138 -30.68 5.82 10.27
C ARG B 138 -30.09 6.95 9.43
N LEU B 139 -29.19 6.59 8.53
CA LEU B 139 -28.54 7.55 7.66
C LEU B 139 -28.66 7.20 6.20
N PHE B 140 -28.94 8.21 5.37
CA PHE B 140 -28.88 8.04 3.93
C PHE B 140 -27.65 8.87 3.51
N PRO B 141 -26.52 8.19 3.33
CA PRO B 141 -25.23 8.82 3.13
C PRO B 141 -24.96 9.58 1.85
N LEU B 142 -25.79 9.46 0.82
CA LEU B 142 -25.56 10.24 -0.39
C LEU B 142 -25.75 11.71 -0.02
N SER B 143 -24.72 12.52 -0.26
CA SER B 143 -24.73 13.94 0.10
C SER B 143 -24.00 14.78 -0.95
N LEU B 144 -24.73 15.72 -1.56
CA LEU B 144 -24.22 16.61 -2.60
C LEU B 144 -24.36 18.09 -2.21
N GLY B 145 -24.14 18.98 -3.18
CA GLY B 145 -24.31 20.42 -2.99
C GLY B 145 -25.69 20.95 -3.44
N ALA B 146 -26.38 20.20 -4.32
CA ALA B 146 -27.72 20.58 -4.79
C ALA B 146 -28.81 19.79 -4.03
N GLN B 147 -28.41 19.18 -2.90
CA GLN B 147 -29.32 18.37 -2.00
C GLN B 147 -30.75 18.86 -1.87
N GLY B 148 -30.91 20.17 -1.66
CA GLY B 148 -32.22 20.80 -1.46
C GLY B 148 -33.13 20.82 -2.67
N SER B 149 -32.57 20.57 -3.86
CA SER B 149 -33.36 20.55 -5.10
C SER B 149 -33.30 19.22 -5.85
N CYS B 150 -32.14 18.56 -5.84
CA CYS B 150 -31.95 17.34 -6.63
C CYS B 150 -32.79 16.18 -6.10
N THR B 151 -33.30 15.38 -7.04
CA THR B 151 -34.17 14.27 -6.74
C THR B 151 -33.46 12.94 -6.83
N ILE B 152 -34.06 11.91 -6.24
CA ILE B 152 -33.49 10.56 -6.25
C ILE B 152 -33.36 10.05 -7.66
N GLY B 153 -34.41 10.26 -8.45
CA GLY B 153 -34.42 9.87 -9.85
C GLY B 153 -33.28 10.53 -10.60
N GLY B 154 -33.01 11.79 -10.29
CA GLY B 154 -31.91 12.51 -10.90
C GLY B 154 -30.59 11.90 -10.48
N ASN B 155 -30.44 11.68 -9.18
CA ASN B 155 -29.21 11.11 -8.62
C ASN B 155 -28.89 9.74 -9.23
N LEU B 156 -29.90 8.88 -9.32
CA LEU B 156 -29.69 7.57 -9.92
C LEU B 156 -29.37 7.70 -11.42
N SER B 157 -30.10 8.57 -12.12
CA SER B 157 -29.89 8.76 -13.56
C SER B 157 -28.49 9.32 -13.90
N THR B 158 -27.96 10.19 -13.05
CA THR B 158 -26.61 10.74 -13.26
C THR B 158 -25.52 9.95 -12.52
N ASN B 159 -25.92 9.03 -11.64
CA ASN B 159 -25.02 8.29 -10.77
C ASN B 159 -24.21 9.29 -9.93
N ALA B 160 -24.94 10.17 -9.26
CA ALA B 160 -24.34 11.20 -8.43
C ALA B 160 -23.52 10.60 -7.33
N GLY B 161 -22.48 11.33 -6.97
CA GLY B 161 -21.56 10.95 -5.88
C GLY B 161 -21.11 12.25 -5.21
N GLY B 162 -20.55 12.16 -4.03
CA GLY B 162 -20.14 13.36 -3.30
C GLY B 162 -18.94 13.19 -2.40
N THR B 163 -18.82 14.09 -1.46
CA THR B 163 -17.69 14.12 -0.56
C THR B 163 -17.39 12.80 0.13
N ALA B 164 -18.43 12.16 0.68
CA ALA B 164 -18.25 10.90 1.42
C ALA B 164 -18.22 9.63 0.55
N ALA B 165 -18.10 9.78 -0.77
CA ALA B 165 -18.09 8.63 -1.67
C ALA B 165 -17.07 7.56 -1.26
N LEU B 166 -15.90 7.98 -0.80
CA LEU B 166 -14.82 7.03 -0.44
C LEU B 166 -15.24 6.02 0.63
N ALA B 167 -16.25 6.36 1.42
CA ALA B 167 -16.72 5.46 2.46
C ALA B 167 -18.05 4.76 2.10
N TYR B 168 -18.98 5.51 1.55
CA TYR B 168 -20.31 4.98 1.27
C TYR B 168 -20.56 4.60 -0.18
N GLY B 169 -19.80 5.19 -1.10
CA GLY B 169 -19.95 4.88 -2.52
C GLY B 169 -20.77 5.92 -3.24
N LEU B 170 -21.24 5.56 -4.43
CA LEU B 170 -22.03 6.45 -5.27
C LEU B 170 -23.50 6.06 -5.20
N ALA B 171 -24.36 6.82 -5.89
CA ALA B 171 -25.79 6.51 -5.97
C ALA B 171 -25.98 5.05 -6.38
N ARG B 172 -25.18 4.59 -7.33
CA ARG B 172 -25.21 3.21 -7.77
C ARG B 172 -25.09 2.25 -6.58
N ASP B 173 -24.15 2.53 -5.70
CA ASP B 173 -23.88 1.70 -4.55
C ASP B 173 -25.06 1.72 -3.54
N MSE B 174 -25.88 2.77 -3.58
CA MSE B 174 -27.06 2.91 -2.73
C MSE B 174 -28.26 2.09 -3.23
O MSE B 174 -29.15 1.75 -2.44
CB MSE B 174 -27.56 4.38 -2.75
CG MSE B 174 -26.55 5.52 -2.45
SE MSE B 174 -26.07 5.62 -0.62
CE MSE B 174 -24.92 4.06 -0.60
N ALA B 175 -28.30 1.82 -4.52
CA ALA B 175 -29.47 1.20 -5.14
C ALA B 175 -29.63 -0.29 -4.90
N LEU B 176 -30.84 -0.70 -4.49
CA LEU B 176 -31.20 -2.12 -4.33
C LEU B 176 -32.17 -2.58 -5.44
N GLY B 177 -32.96 -1.64 -5.96
CA GLY B 177 -33.92 -1.90 -7.03
C GLY B 177 -34.43 -0.61 -7.64
N VAL B 178 -35.00 -0.71 -8.84
CA VAL B 178 -35.56 0.46 -9.52
C VAL B 178 -36.79 0.05 -10.30
N GLU B 179 -37.66 1.04 -10.56
CA GLU B 179 -38.85 0.83 -11.37
C GLU B 179 -38.70 1.77 -12.50
N VAL B 180 -38.76 1.25 -13.72
CA VAL B 180 -38.54 2.08 -14.90
C VAL B 180 -39.59 1.91 -15.94
N VAL B 181 -40.01 3.02 -16.57
CA VAL B 181 -40.94 2.99 -17.66
C VAL B 181 -40.13 3.20 -18.94
N LEU B 182 -40.28 2.30 -19.90
CA LEU B 182 -39.55 2.40 -21.18
C LEU B 182 -40.32 3.24 -22.18
N ALA B 183 -39.64 3.62 -23.26
CA ALA B 183 -40.26 4.42 -24.31
C ALA B 183 -41.53 3.82 -24.81
N ASP B 184 -41.61 2.50 -24.93
CA ASP B 184 -42.83 1.87 -25.48
C ASP B 184 -43.93 1.68 -24.45
N GLY B 185 -43.69 2.13 -23.22
CA GLY B 185 -44.68 2.05 -22.16
C GLY B 185 -44.58 0.88 -21.18
N ARG B 186 -43.71 -0.10 -21.47
CA ARG B 186 -43.56 -1.23 -20.55
C ARG B 186 -42.97 -0.76 -19.23
N VAL B 187 -43.37 -1.41 -18.16
CA VAL B 187 -42.89 -1.09 -16.85
C VAL B 187 -41.99 -2.23 -16.43
N MSE B 188 -40.79 -1.90 -15.97
CA MSE B 188 -39.86 -2.91 -15.46
C MSE B 188 -39.76 -2.66 -13.98
O MSE B 188 -39.14 -1.67 -13.56
CB MSE B 188 -38.49 -2.77 -16.10
CG MSE B 188 -37.56 -3.91 -15.75
SE MSE B 188 -35.75 -3.55 -16.20
CE MSE B 188 -35.46 -2.07 -15.00
N ASN B 189 -40.37 -3.53 -13.18
CA ASN B 189 -40.35 -3.36 -11.74
C ASN B 189 -39.31 -4.26 -11.07
N LEU B 190 -38.17 -3.65 -10.74
CA LEU B 190 -37.11 -4.34 -10.06
C LEU B 190 -36.94 -3.83 -8.63
N LEU B 191 -38.01 -3.28 -8.04
CA LEU B 191 -37.98 -2.83 -6.65
C LEU B 191 -37.75 -4.06 -5.80
N SER B 192 -36.72 -4.03 -4.99
CA SER B 192 -36.34 -5.17 -4.20
C SER B 192 -35.64 -4.70 -2.96
N LYS B 193 -35.78 -5.47 -1.90
CA LYS B 193 -35.08 -5.17 -0.65
C LYS B 193 -33.90 -6.12 -0.48
N LEU B 194 -33.67 -6.99 -1.44
CA LEU B 194 -32.64 -8.02 -1.33
C LEU B 194 -31.24 -7.51 -1.48
N LYS B 195 -30.34 -7.98 -0.59
CA LYS B 195 -28.91 -7.66 -0.63
C LYS B 195 -28.16 -8.72 -1.46
N LYS B 196 -28.76 -9.90 -1.65
CA LYS B 196 -28.18 -10.96 -2.50
C LYS B 196 -29.26 -11.48 -3.42
N ASP B 197 -29.01 -11.46 -4.72
CA ASP B 197 -30.01 -11.90 -5.70
C ASP B 197 -29.35 -12.08 -7.04
N ASN B 198 -28.95 -13.31 -7.34
CA ASN B 198 -28.33 -13.63 -8.61
C ASN B 198 -29.34 -14.34 -9.49
N THR B 199 -30.29 -13.57 -10.01
CA THR B 199 -31.37 -14.10 -10.86
C THR B 199 -31.43 -13.38 -12.19
N GLY B 200 -30.53 -13.72 -13.09
CA GLY B 200 -30.50 -13.08 -14.40
C GLY B 200 -29.56 -11.91 -14.46
N TYR B 201 -29.63 -11.18 -15.55
CA TYR B 201 -28.74 -10.06 -15.78
C TYR B 201 -29.07 -8.86 -14.89
N ASP B 202 -28.05 -8.05 -14.62
CA ASP B 202 -28.22 -6.85 -13.82
C ASP B 202 -28.68 -5.72 -14.74
N LEU B 203 -29.99 -5.53 -14.81
CA LEU B 203 -30.56 -4.46 -15.65
C LEU B 203 -30.64 -3.16 -14.86
N ARG B 204 -30.72 -3.27 -13.53
CA ARG B 204 -30.75 -2.11 -12.62
C ARG B 204 -29.67 -1.08 -12.97
N ASP B 205 -28.42 -1.54 -13.02
CA ASP B 205 -27.25 -0.66 -13.27
C ASP B 205 -27.14 -0.08 -14.68
N LEU B 206 -27.93 -0.61 -15.59
CA LEU B 206 -27.92 -0.11 -16.96
C LEU B 206 -28.59 1.28 -16.97
N PHE B 207 -29.65 1.43 -16.17
CA PHE B 207 -30.39 2.67 -16.09
C PHE B 207 -29.74 3.69 -15.18
N ILE B 208 -29.01 3.22 -14.17
CA ILE B 208 -28.28 4.10 -13.28
C ILE B 208 -27.08 4.60 -14.11
N GLY B 209 -27.07 5.89 -14.39
CA GLY B 209 -26.05 6.50 -15.21
C GLY B 209 -26.49 6.73 -16.66
N ALA B 210 -27.71 6.30 -16.99
CA ALA B 210 -28.25 6.45 -18.36
C ALA B 210 -28.72 7.86 -18.71
N GLU B 211 -28.81 8.73 -17.72
CA GLU B 211 -29.23 10.12 -17.91
C GLU B 211 -30.56 10.27 -18.66
N GLY B 212 -31.49 9.36 -18.37
CA GLY B 212 -32.81 9.41 -18.94
C GLY B 212 -32.93 9.04 -20.39
N THR B 213 -31.84 8.48 -20.96
CA THR B 213 -31.83 8.12 -22.36
C THR B 213 -32.33 6.72 -22.64
N LEU B 214 -32.58 5.93 -21.58
CA LEU B 214 -33.03 4.55 -21.73
C LEU B 214 -34.39 4.26 -21.10
N GLY B 215 -35.03 5.26 -20.53
CA GLY B 215 -36.34 5.10 -19.87
C GLY B 215 -36.49 6.07 -18.72
N ILE B 216 -37.67 6.07 -18.11
CA ILE B 216 -37.96 6.99 -17.01
C ILE B 216 -38.06 6.23 -15.70
N ILE B 217 -37.14 6.52 -14.78
CA ILE B 217 -37.16 5.93 -13.44
C ILE B 217 -38.31 6.59 -12.68
N THR B 218 -39.22 5.78 -12.17
CA THR B 218 -40.36 6.34 -11.41
C THR B 218 -40.26 6.06 -9.92
N ALA B 219 -39.47 5.05 -9.53
CA ALA B 219 -39.29 4.74 -8.11
C ALA B 219 -38.04 3.88 -7.89
N ALA B 220 -37.63 3.77 -6.64
CA ALA B 220 -36.44 2.99 -6.32
C ALA B 220 -36.34 2.60 -4.84
N THR B 221 -35.74 1.43 -4.60
CA THR B 221 -35.47 0.95 -3.25
CA THR B 221 -35.47 0.95 -3.25
C THR B 221 -33.98 1.23 -3.00
N LEU B 222 -33.69 1.94 -1.92
CA LEU B 222 -32.33 2.33 -1.57
C LEU B 222 -31.91 1.78 -0.21
N LYS B 223 -30.60 1.71 0.03
CA LYS B 223 -30.05 1.23 1.33
C LYS B 223 -30.07 2.31 2.38
N LEU B 224 -30.27 1.87 3.63
CA LEU B 224 -30.15 2.74 4.77
C LEU B 224 -28.94 2.25 5.54
N PHE B 225 -28.27 3.18 6.22
CA PHE B 225 -27.07 2.87 6.98
C PHE B 225 -27.23 3.26 8.41
N PRO B 226 -26.35 2.74 9.29
CA PRO B 226 -26.40 3.13 10.69
C PRO B 226 -26.01 4.59 10.85
N LYS B 227 -26.67 5.28 11.79
CA LYS B 227 -26.36 6.69 12.06
C LYS B 227 -25.10 6.71 12.94
N PRO B 228 -24.06 7.44 12.51
CA PRO B 228 -22.87 7.49 13.35
C PRO B 228 -23.17 8.20 14.67
N ARG B 229 -22.43 7.80 15.69
CA ARG B 229 -22.61 8.33 17.03
C ARG B 229 -21.63 9.50 17.25
N ALA B 230 -20.46 9.41 16.62
CA ALA B 230 -19.42 10.43 16.74
C ALA B 230 -18.84 10.86 15.38
N VAL B 231 -18.60 12.16 15.24
CA VAL B 231 -18.01 12.74 14.03
C VAL B 231 -16.88 13.70 14.44
N GLU B 232 -15.66 13.46 13.95
CA GLU B 232 -14.52 14.31 14.29
C GLU B 232 -13.90 14.88 13.03
N THR B 233 -13.45 16.14 13.11
CA THR B 233 -12.91 16.82 11.95
C THR B 233 -11.62 17.58 12.25
N ALA B 234 -10.72 17.60 11.27
CA ALA B 234 -9.45 18.28 11.39
C ALA B 234 -9.09 18.95 10.10
N PHE B 235 -8.42 20.10 10.20
CA PHE B 235 -7.94 20.81 9.04
C PHE B 235 -6.43 20.64 9.13
N VAL B 236 -5.80 20.19 8.05
CA VAL B 236 -4.38 19.89 8.04
C VAL B 236 -3.66 20.71 6.98
N GLY B 237 -2.47 21.21 7.31
CA GLY B 237 -1.65 21.98 6.39
C GLY B 237 -0.44 21.16 5.96
N LEU B 238 -0.22 21.06 4.65
CA LEU B 238 0.87 20.25 4.09
C LEU B 238 1.61 21.02 3.00
N GLN B 239 2.75 20.47 2.59
CA GLN B 239 3.61 21.09 1.57
C GLN B 239 3.30 20.68 0.13
N SER B 240 2.65 19.53 -0.07
CA SER B 240 2.39 19.05 -1.43
C SER B 240 1.25 18.05 -1.51
N PRO B 241 0.65 17.89 -2.70
CA PRO B 241 -0.39 16.90 -2.87
C PRO B 241 0.14 15.52 -2.60
N ASP B 242 1.41 15.29 -2.92
CA ASP B 242 2.03 14.00 -2.71
C ASP B 242 2.02 13.66 -1.21
N ASP B 243 2.32 14.65 -0.37
CA ASP B 243 2.27 14.48 1.09
C ASP B 243 0.85 14.21 1.56
N ALA B 244 -0.13 14.87 0.94
CA ALA B 244 -1.53 14.64 1.24
C ALA B 244 -1.91 13.20 0.87
N LEU B 245 -1.32 12.67 -0.21
CA LEU B 245 -1.57 11.28 -0.62
C LEU B 245 -1.00 10.28 0.41
N LYS B 246 0.17 10.56 0.95
CA LYS B 246 0.74 9.67 1.94
C LYS B 246 -0.13 9.67 3.19
N LEU B 247 -0.67 10.85 3.53
CA LEU B 247 -1.54 10.98 4.69
C LEU B 247 -2.77 10.14 4.48
N LEU B 248 -3.36 10.21 3.27
CA LEU B 248 -4.52 9.38 2.93
C LEU B 248 -4.24 7.89 3.21
N GLY B 249 -3.08 7.41 2.81
CA GLY B 249 -2.70 6.01 3.06
C GLY B 249 -2.77 5.69 4.54
N ILE B 250 -2.21 6.60 5.36
CA ILE B 250 -2.24 6.46 6.79
C ILE B 250 -3.68 6.46 7.30
N ALA B 251 -4.49 7.41 6.83
CA ALA B 251 -5.90 7.53 7.26
C ALA B 251 -6.73 6.32 6.90
N GLN B 252 -6.52 5.80 5.69
CA GLN B 252 -7.24 4.63 5.22
C GLN B 252 -6.90 3.40 6.06
N GLY B 253 -5.62 3.20 6.34
CA GLY B 253 -5.18 2.05 7.13
C GLY B 253 -5.63 2.10 8.57
N GLU B 254 -5.75 3.30 9.12
CA GLU B 254 -6.09 3.49 10.52
C GLU B 254 -7.62 3.62 10.76
N ALA B 255 -8.36 4.12 9.77
CA ALA B 255 -9.80 4.34 9.93
C ALA B 255 -10.70 3.47 9.05
N ALA B 256 -10.15 2.98 7.95
CA ALA B 256 -10.92 2.16 7.02
C ALA B 256 -12.28 2.83 6.64
N GLY B 257 -13.39 2.15 6.91
CA GLY B 257 -14.71 2.62 6.55
C GLY B 257 -15.21 3.83 7.32
N ASN B 258 -14.55 4.16 8.42
CA ASN B 258 -14.91 5.33 9.23
C ASN B 258 -14.34 6.65 8.69
N LEU B 259 -13.54 6.59 7.61
CA LEU B 259 -13.00 7.79 6.96
C LEU B 259 -14.07 8.32 5.98
N THR B 260 -14.85 9.29 6.43
CA THR B 260 -15.97 9.79 5.64
C THR B 260 -15.68 11.06 4.81
N SER B 261 -14.50 11.66 4.97
CA SER B 261 -14.10 12.82 4.13
C SER B 261 -12.61 13.01 4.15
N PHE B 262 -12.02 13.16 2.98
CA PHE B 262 -10.61 13.45 2.86
C PHE B 262 -10.45 14.37 1.65
N GLU B 263 -10.60 15.68 1.92
CA GLU B 263 -10.56 16.70 0.90
C GLU B 263 -9.19 17.32 0.73
N LEU B 264 -8.80 17.55 -0.52
CA LEU B 264 -7.54 18.22 -0.83
C LEU B 264 -7.92 19.61 -1.31
N ILE B 265 -7.35 20.64 -0.70
CA ILE B 265 -7.67 22.03 -1.06
C ILE B 265 -6.39 22.83 -1.25
N ALA B 266 -6.24 23.43 -2.43
CA ALA B 266 -5.06 24.26 -2.72
C ALA B 266 -5.20 25.58 -1.98
N GLU B 267 -4.09 26.28 -1.75
CA GLU B 267 -4.12 27.54 -1.01
C GLU B 267 -5.06 28.57 -1.63
N THR B 268 -5.02 28.70 -2.94
CA THR B 268 -5.85 29.69 -3.62
C THR B 268 -7.36 29.57 -3.31
N PRO B 269 -7.96 28.38 -3.50
CA PRO B 269 -9.38 28.26 -3.18
C PRO B 269 -9.69 28.57 -1.73
N LEU B 270 -8.81 28.15 -0.82
CA LEU B 270 -9.00 28.43 0.58
C LEU B 270 -8.93 29.93 0.79
N ASP B 271 -8.01 30.59 0.08
CA ASP B 271 -7.85 32.03 0.15
C ASP B 271 -9.12 32.73 -0.33
N PHE B 272 -9.72 32.24 -1.42
CA PHE B 272 -10.93 32.86 -1.91
C PHE B 272 -12.04 32.73 -0.90
N SER B 273 -12.20 31.54 -0.34
CA SER B 273 -13.27 31.29 0.61
C SER B 273 -13.15 32.18 1.86
N VAL B 274 -11.92 32.41 2.32
CA VAL B 274 -11.70 33.28 3.46
C VAL B 274 -12.03 34.73 3.13
N ARG B 275 -11.45 35.24 2.05
CA ARG B 275 -11.65 36.65 1.68
C ARG B 275 -13.03 37.01 1.12
N HIS B 276 -13.68 36.11 0.38
CA HIS B 276 -14.96 36.44 -0.27
C HIS B 276 -16.24 35.78 0.30
N ALA B 277 -16.10 34.87 1.27
CA ALA B 277 -17.27 34.20 1.88
C ALA B 277 -17.31 34.37 3.40
N ASN B 278 -16.45 35.25 3.91
CA ASN B 278 -16.37 35.53 5.34
C ASN B 278 -16.17 34.25 6.14
N ASN B 279 -15.09 33.54 5.84
CA ASN B 279 -14.76 32.29 6.54
C ASN B 279 -13.46 32.44 7.28
N ARG B 280 -13.35 31.71 8.36
CA ARG B 280 -12.20 31.82 9.22
C ARG B 280 -11.05 30.95 8.70
N ASP B 281 -9.88 31.56 8.59
CA ASP B 281 -8.68 30.86 8.19
C ASP B 281 -8.37 29.91 9.35
N PRO B 282 -8.40 28.60 9.10
CA PRO B 282 -8.29 27.61 10.16
C PRO B 282 -6.92 27.37 10.76
N LEU B 283 -5.87 27.95 10.21
CA LEU B 283 -4.54 27.73 10.79
C LEU B 283 -3.75 29.02 11.00
N GLU B 284 -2.82 28.96 11.96
CA GLU B 284 -1.98 30.09 12.38
C GLU B 284 -1.16 30.64 11.20
N ALA B 285 -0.61 29.75 10.38
CA ALA B 285 0.18 30.13 9.19
C ALA B 285 -0.47 29.60 7.92
N ARG B 286 -0.06 30.14 6.77
CA ARG B 286 -0.58 29.70 5.45
C ARG B 286 0.23 28.56 4.88
N TYR B 287 -0.46 27.62 4.23
CA TYR B 287 0.20 26.47 3.60
C TYR B 287 -0.23 26.34 2.14
N PRO B 288 0.67 25.81 1.29
CA PRO B 288 0.33 25.67 -0.13
C PRO B 288 -0.79 24.63 -0.37
N TRP B 289 -0.87 23.63 0.52
CA TRP B 289 -1.89 22.58 0.42
C TRP B 289 -2.52 22.25 1.76
N TYR B 290 -3.81 21.94 1.73
CA TYR B 290 -4.58 21.60 2.91
C TYR B 290 -5.39 20.33 2.70
N VAL B 291 -5.67 19.63 3.79
CA VAL B 291 -6.56 18.48 3.77
C VAL B 291 -7.62 18.70 4.84
N LEU B 292 -8.88 18.52 4.46
CA LEU B 292 -9.96 18.57 5.42
C LEU B 292 -10.34 17.14 5.60
N ILE B 293 -10.05 16.59 6.78
CA ILE B 293 -10.32 15.18 7.05
C ILE B 293 -11.44 15.02 8.08
N GLU B 294 -12.36 14.09 7.82
CA GLU B 294 -13.46 13.81 8.75
C GLU B 294 -13.65 12.32 8.94
N LEU B 295 -13.85 11.93 10.22
CA LEU B 295 -14.12 10.55 10.60
C LEU B 295 -15.48 10.45 11.25
N SER B 296 -16.22 9.38 10.91
CA SER B 296 -17.53 9.09 11.48
C SER B 296 -17.47 7.69 12.03
N SER B 297 -17.92 7.52 13.28
CA SER B 297 -17.89 6.22 13.92
C SER B 297 -19.17 5.87 14.67
N PRO B 298 -19.49 4.57 14.75
CA PRO B 298 -20.65 4.17 15.51
C PRO B 298 -20.39 4.24 17.05
N ARG B 299 -19.11 4.19 17.44
CA ARG B 299 -18.69 4.30 18.84
C ARG B 299 -17.98 5.65 19.03
N ASP B 300 -17.57 5.97 20.27
CA ASP B 300 -16.84 7.23 20.55
C ASP B 300 -15.31 7.03 20.43
N ASP B 301 -14.87 6.52 19.29
CA ASP B 301 -13.44 6.26 19.05
C ASP B 301 -12.95 6.99 17.82
N ALA B 302 -13.68 8.02 17.42
CA ALA B 302 -13.35 8.78 16.22
C ALA B 302 -12.18 9.69 16.47
N ARG B 303 -12.18 10.39 17.60
CA ARG B 303 -11.11 11.35 17.90
C ARG B 303 -9.75 10.65 18.11
N ALA B 304 -9.76 9.46 18.71
CA ALA B 304 -8.52 8.70 18.92
C ALA B 304 -7.91 8.25 17.59
N ALA B 305 -8.79 7.97 16.63
CA ALA B 305 -8.37 7.54 15.32
C ALA B 305 -7.79 8.72 14.55
N LEU B 306 -8.44 9.86 14.64
CA LEU B 306 -7.95 11.06 13.96
C LEU B 306 -6.60 11.47 14.54
N GLU B 307 -6.49 11.50 15.87
CA GLU B 307 -5.26 11.87 16.55
C GLU B 307 -4.13 10.88 16.24
N SER B 308 -4.48 9.62 16.06
CA SER B 308 -3.51 8.62 15.70
C SER B 308 -3.02 8.85 14.24
N ILE B 309 -3.95 9.24 13.36
CA ILE B 309 -3.63 9.53 11.98
C ILE B 309 -2.65 10.68 11.93
N LEU B 310 -3.02 11.78 12.54
CA LEU B 310 -2.17 12.97 12.52
C LEU B 310 -0.80 12.74 13.21
N GLU B 311 -0.73 11.84 14.18
CA GLU B 311 0.54 11.56 14.84
C GLU B 311 1.47 10.87 13.87
N ARG B 312 0.98 9.86 13.13
CA ARG B 312 1.83 9.21 12.12
C ARG B 312 2.27 10.27 11.10
N GLY B 313 1.35 11.16 10.73
CA GLY B 313 1.64 12.23 9.78
C GLY B 313 2.77 13.15 10.24
N PHE B 314 2.71 13.57 11.49
CA PHE B 314 3.78 14.42 12.05
C PHE B 314 5.10 13.67 12.09
N GLU B 315 5.07 12.41 12.53
CA GLU B 315 6.29 11.60 12.62
C GLU B 315 6.94 11.37 11.26
N ASP B 316 6.12 11.14 10.24
CA ASP B 316 6.62 10.95 8.85
C ASP B 316 7.07 12.27 8.22
N GLY B 317 6.72 13.39 8.84
CA GLY B 317 7.12 14.70 8.36
C GLY B 317 6.24 15.25 7.25
N ILE B 318 5.10 14.61 7.02
CA ILE B 318 4.19 15.04 5.97
C ILE B 318 3.16 16.08 6.48
N VAL B 319 2.83 16.05 7.77
CA VAL B 319 1.93 17.04 8.37
C VAL B 319 2.77 18.18 8.99
N VAL B 320 2.47 19.41 8.62
CA VAL B 320 3.20 20.55 9.15
C VAL B 320 2.44 21.17 10.32
N ASP B 321 1.13 21.32 10.17
CA ASP B 321 0.27 21.81 11.26
C ASP B 321 -1.10 21.19 11.07
N ALA B 322 -1.86 21.08 12.16
CA ALA B 322 -3.21 20.49 12.11
C ALA B 322 -4.06 21.03 13.23
N ALA B 323 -5.34 21.28 12.96
CA ALA B 323 -6.28 21.76 13.97
C ALA B 323 -7.52 20.85 14.01
N ILE B 324 -7.76 20.23 15.18
CA ILE B 324 -8.91 19.36 15.35
C ILE B 324 -10.06 20.17 15.91
N ALA B 325 -11.20 20.15 15.22
CA ALA B 325 -12.38 20.87 15.69
C ALA B 325 -12.73 20.40 17.10
N ASN B 326 -12.92 21.35 18.01
CA ASN B 326 -13.26 21.03 19.41
C ASN B 326 -14.72 21.28 19.77
N SER B 327 -15.50 21.79 18.81
CA SER B 327 -16.93 22.02 19.04
C SER B 327 -17.68 21.82 17.75
N VAL B 328 -19.00 21.75 17.84
CA VAL B 328 -19.85 21.63 16.66
C VAL B 328 -19.73 22.92 15.83
N GLN B 329 -19.70 24.07 16.51
CA GLN B 329 -19.56 25.36 15.84
C GLN B 329 -18.26 25.39 15.02
N GLN B 330 -17.19 24.82 15.58
CA GLN B 330 -15.90 24.81 14.89
C GLN B 330 -15.91 23.85 13.67
N GLN B 331 -16.62 22.72 13.78
CA GLN B 331 -16.76 21.79 12.67
C GLN B 331 -17.52 22.44 11.53
N GLN B 332 -18.61 23.12 11.88
CA GLN B 332 -19.44 23.80 10.89
C GLN B 332 -18.68 24.93 10.22
N ALA B 333 -17.78 25.55 10.99
CA ALA B 333 -16.93 26.61 10.47
C ALA B 333 -16.01 26.03 9.40
N PHE B 334 -15.39 24.87 9.70
CA PHE B 334 -14.52 24.19 8.72
C PHE B 334 -15.28 23.85 7.44
N TRP B 335 -16.42 23.19 7.57
CA TRP B 335 -17.19 22.80 6.40
C TRP B 335 -17.73 23.99 5.57
N LYS B 336 -18.10 25.08 6.25
CA LYS B 336 -18.62 26.28 5.56
C LYS B 336 -17.54 26.81 4.61
N LEU B 337 -16.29 26.82 5.09
CA LEU B 337 -15.16 27.25 4.29
C LEU B 337 -15.06 26.41 3.00
N ARG B 338 -15.15 25.10 3.15
CA ARG B 338 -15.03 24.17 2.01
C ARG B 338 -16.22 24.25 1.06
N GLU B 339 -17.42 24.23 1.63
CA GLU B 339 -18.66 24.28 0.85
C GLU B 339 -18.84 25.59 0.07
N GLU B 340 -18.22 26.66 0.53
CA GLU B 340 -18.36 27.98 -0.12
C GLU B 340 -17.20 28.36 -1.04
N ILE B 341 -16.34 27.40 -1.38
CA ILE B 341 -15.25 27.64 -2.32
C ILE B 341 -15.86 27.98 -3.67
N SER B 342 -16.92 27.25 -4.03
CA SER B 342 -17.59 27.42 -5.32
C SER B 342 -18.09 28.86 -5.59
N PRO B 343 -18.96 29.43 -4.71
CA PRO B 343 -19.41 30.83 -4.94
C PRO B 343 -18.32 31.89 -4.70
N ALA B 344 -17.30 31.57 -3.91
CA ALA B 344 -16.19 32.51 -3.62
C ALA B 344 -15.30 32.78 -4.85
N GLN B 345 -15.45 31.98 -5.90
CA GLN B 345 -14.71 32.18 -7.13
C GLN B 345 -15.29 33.33 -7.97
N LYS B 346 -16.62 33.50 -7.94
CA LYS B 346 -17.33 34.52 -8.76
C LYS B 346 -16.70 35.92 -8.76
N PRO B 347 -16.48 36.52 -7.58
CA PRO B 347 -15.90 37.87 -7.54
C PRO B 347 -14.44 37.96 -7.96
N GLU B 348 -13.78 36.80 -8.11
CA GLU B 348 -12.37 36.78 -8.50
C GLU B 348 -12.21 36.66 -10.04
N GLY B 349 -13.33 36.80 -10.75
CA GLY B 349 -13.31 36.78 -12.20
C GLY B 349 -13.80 35.49 -12.81
N GLY B 350 -13.55 35.37 -14.13
CA GLY B 350 -13.97 34.20 -14.91
C GLY B 350 -13.39 32.91 -14.39
N SER B 351 -14.14 31.83 -14.56
CA SER B 351 -13.70 30.55 -14.07
C SER B 351 -14.02 29.41 -15.04
N ILE B 352 -12.97 28.80 -15.59
CA ILE B 352 -13.12 27.66 -16.49
C ILE B 352 -13.09 26.45 -15.58
N LYS B 353 -14.21 25.72 -15.55
CA LYS B 353 -14.40 24.59 -14.63
C LYS B 353 -14.32 23.23 -15.31
N HIS B 354 -13.76 22.25 -14.60
CA HIS B 354 -13.67 20.86 -15.05
C HIS B 354 -13.77 19.93 -13.86
N ASP B 355 -14.59 18.90 -13.98
CA ASP B 355 -14.76 17.97 -12.91
C ASP B 355 -14.31 16.64 -13.44
N ILE B 356 -13.10 16.26 -13.07
CA ILE B 356 -12.48 15.07 -13.60
C ILE B 356 -12.05 14.09 -12.54
N SER B 357 -11.51 12.96 -12.96
CA SER B 357 -10.96 12.01 -12.01
C SER B 357 -9.80 11.27 -12.64
N VAL B 358 -8.91 10.81 -11.77
CA VAL B 358 -7.75 10.01 -12.16
C VAL B 358 -7.58 9.01 -11.06
N PRO B 359 -6.81 7.94 -11.29
CA PRO B 359 -6.53 7.01 -10.20
C PRO B 359 -5.96 7.77 -9.01
N VAL B 360 -6.39 7.40 -7.81
CA VAL B 360 -5.96 8.11 -6.59
C VAL B 360 -4.45 8.34 -6.57
N ALA B 361 -3.67 7.32 -6.93
CA ALA B 361 -2.21 7.46 -6.95
C ALA B 361 -1.72 8.56 -7.89
N ALA B 362 -2.51 8.89 -8.92
CA ALA B 362 -2.12 9.88 -9.93
C ALA B 362 -2.51 11.33 -9.62
N VAL B 363 -3.24 11.57 -8.55
CA VAL B 363 -3.69 12.93 -8.22
C VAL B 363 -2.53 13.95 -8.19
N PRO B 364 -1.47 13.67 -7.42
CA PRO B 364 -0.34 14.60 -7.45
C PRO B 364 0.22 14.84 -8.85
N GLN B 365 0.31 13.81 -9.69
CA GLN B 365 0.84 13.98 -11.06
C GLN B 365 -0.13 14.82 -11.87
N PHE B 366 -1.41 14.55 -11.73
CA PHE B 366 -2.40 15.31 -12.47
C PHE B 366 -2.33 16.80 -12.16
N ILE B 367 -2.32 17.13 -10.87
CA ILE B 367 -2.32 18.54 -10.45
C ILE B 367 -1.08 19.26 -10.96
N GLU B 368 0.05 18.59 -10.79
CA GLU B 368 1.33 19.11 -11.21
C GLU B 368 1.33 19.32 -12.73
N GLN B 369 0.95 18.29 -13.48
CA GLN B 369 0.95 18.38 -14.96
C GLN B 369 -0.06 19.37 -15.54
N ALA B 370 -1.27 19.37 -15.00
CA ALA B 370 -2.32 20.27 -15.47
C ALA B 370 -1.95 21.74 -15.18
N ASN B 371 -1.46 22.02 -13.98
CA ASN B 371 -1.04 23.39 -13.63
C ASN B 371 -0.02 23.94 -14.60
N ALA B 372 1.00 23.14 -14.90
CA ALA B 372 2.06 23.55 -15.78
C ALA B 372 1.54 23.82 -17.19
N ALA B 373 0.72 22.92 -17.70
CA ALA B 373 0.20 23.07 -19.07
C ALA B 373 -0.76 24.26 -19.16
N VAL B 374 -1.63 24.41 -18.17
CA VAL B 374 -2.56 25.55 -18.16
C VAL B 374 -1.80 26.90 -18.05
N VAL B 375 -0.77 26.94 -17.22
CA VAL B 375 0.05 28.17 -17.09
C VAL B 375 0.86 28.41 -18.37
N ALA B 376 1.22 27.34 -19.08
CA ALA B 376 1.94 27.47 -20.35
C ALA B 376 0.99 28.08 -21.38
N LEU B 377 -0.27 27.64 -21.35
CA LEU B 377 -1.33 28.11 -22.26
C LEU B 377 -1.69 29.57 -22.03
N ILE B 378 -2.00 29.89 -20.79
CA ILE B 378 -2.41 31.24 -20.39
C ILE B 378 -1.52 31.71 -19.22
N PRO B 379 -0.39 32.36 -19.53
CA PRO B 379 0.49 32.85 -18.47
C PRO B 379 -0.27 33.70 -17.44
N GLY B 380 -0.03 33.42 -16.17
CA GLY B 380 -0.69 34.17 -15.10
C GLY B 380 -2.04 33.61 -14.69
N ALA B 381 -2.55 32.60 -15.43
CA ALA B 381 -3.83 31.98 -15.06
C ALA B 381 -3.64 31.38 -13.67
N ARG B 382 -4.71 31.37 -12.87
CA ARG B 382 -4.64 30.87 -11.50
C ARG B 382 -5.44 29.61 -11.32
N PRO B 383 -4.75 28.47 -11.20
CA PRO B 383 -5.47 27.24 -10.95
C PRO B 383 -6.13 27.21 -9.57
N VAL B 384 -7.36 26.71 -9.53
CA VAL B 384 -8.12 26.59 -8.31
C VAL B 384 -8.57 25.12 -8.21
N PRO B 385 -7.66 24.22 -7.78
CA PRO B 385 -7.96 22.79 -7.65
C PRO B 385 -8.30 22.35 -6.23
N PHE B 386 -9.39 21.59 -6.10
CA PHE B 386 -9.81 21.07 -4.83
C PHE B 386 -10.68 19.88 -5.07
N GLY B 387 -10.70 18.92 -4.15
CA GLY B 387 -11.52 17.75 -4.36
C GLY B 387 -11.38 16.59 -3.40
N HIS B 388 -11.96 15.46 -3.82
CA HIS B 388 -12.03 14.24 -3.04
C HIS B 388 -10.88 13.33 -3.40
N LEU B 389 -9.80 13.46 -2.66
CA LEU B 389 -8.58 12.72 -2.92
C LEU B 389 -8.77 11.23 -2.77
N GLY B 390 -9.62 10.84 -1.80
CA GLY B 390 -9.92 9.43 -1.54
C GLY B 390 -10.59 8.66 -2.66
N ASP B 391 -11.24 9.37 -3.59
CA ASP B 391 -11.85 8.76 -4.75
C ASP B 391 -11.28 9.28 -6.08
N GLY B 392 -10.30 10.18 -5.99
CA GLY B 392 -9.61 10.70 -7.17
C GLY B 392 -10.33 11.76 -7.98
N ASN B 393 -11.37 12.32 -7.42
CA ASN B 393 -12.14 13.33 -8.13
C ASN B 393 -11.71 14.74 -7.74
N ILE B 394 -11.04 15.41 -8.67
CA ILE B 394 -10.59 16.79 -8.47
C ILE B 394 -11.45 17.77 -9.28
N HIS B 395 -12.00 18.78 -8.61
CA HIS B 395 -12.67 19.87 -9.28
C HIS B 395 -11.49 20.70 -9.72
N TYR B 396 -11.16 20.67 -11.02
CA TYR B 396 -10.02 21.41 -11.52
C TYR B 396 -10.48 22.64 -12.28
N ASN B 397 -10.58 23.76 -11.58
CA ASN B 397 -11.01 25.00 -12.17
C ASN B 397 -9.83 25.92 -12.34
N VAL B 398 -9.94 26.84 -13.28
CA VAL B 398 -8.89 27.83 -13.51
C VAL B 398 -9.51 29.21 -13.50
N SER B 399 -9.02 30.07 -12.62
CA SER B 399 -9.51 31.44 -12.57
C SER B 399 -8.62 32.30 -13.44
N GLN B 400 -9.19 33.34 -14.02
CA GLN B 400 -8.47 34.23 -14.92
C GLN B 400 -7.24 34.88 -14.26
N PRO B 401 -6.32 35.38 -15.08
CA PRO B 401 -5.21 36.13 -14.51
C PRO B 401 -5.75 37.44 -13.95
N VAL B 402 -5.12 37.95 -12.90
CA VAL B 402 -5.56 39.19 -12.30
C VAL B 402 -5.46 40.31 -13.34
N GLY B 403 -6.56 41.04 -13.51
CA GLY B 403 -6.61 42.18 -14.46
C GLY B 403 -6.99 41.85 -15.91
N ALA B 404 -7.03 40.56 -16.27
CA ALA B 404 -7.39 40.15 -17.64
C ALA B 404 -8.88 40.37 -17.89
N ASP B 405 -9.27 40.36 -19.16
CA ASP B 405 -10.66 40.54 -19.57
C ASP B 405 -11.43 39.23 -19.37
N LYS B 406 -12.51 39.29 -18.59
CA LYS B 406 -13.33 38.10 -18.29
C LYS B 406 -13.80 37.35 -19.52
N ALA B 407 -14.34 38.09 -20.50
CA ALA B 407 -14.88 37.47 -21.72
C ALA B 407 -13.78 36.78 -22.50
N GLU B 408 -12.68 37.50 -22.76
CA GLU B 408 -11.53 36.94 -23.49
C GLU B 408 -11.04 35.66 -22.85
N PHE B 409 -11.09 35.61 -21.52
CA PHE B 409 -10.63 34.45 -20.78
C PHE B 409 -11.57 33.26 -20.93
N LEU B 410 -12.87 33.48 -20.70
CA LEU B 410 -13.84 32.42 -20.84
C LEU B 410 -13.88 31.85 -22.26
N ALA B 411 -13.43 32.66 -23.24
CA ALA B 411 -13.36 32.22 -24.65
C ALA B 411 -12.34 31.10 -24.88
N ARG B 412 -11.42 30.91 -23.92
CA ARG B 412 -10.40 29.86 -23.98
C ARG B 412 -10.84 28.53 -23.36
N TRP B 413 -12.11 28.44 -22.94
CA TRP B 413 -12.66 27.23 -22.31
C TRP B 413 -12.27 25.97 -23.06
N HIS B 414 -12.51 25.96 -24.36
CA HIS B 414 -12.20 24.79 -25.18
C HIS B 414 -10.71 24.47 -25.18
N ASP B 415 -9.89 25.49 -25.39
CA ASP B 415 -8.44 25.30 -25.39
C ASP B 415 -7.95 24.71 -24.09
N VAL B 416 -8.53 25.13 -22.98
CA VAL B 416 -8.16 24.62 -21.67
C VAL B 416 -8.62 23.17 -21.53
N SER B 417 -9.79 22.86 -22.08
CA SER B 417 -10.29 21.48 -22.07
C SER B 417 -9.34 20.54 -22.78
N GLN B 418 -8.92 20.87 -24.01
CA GLN B 418 -7.96 20.03 -24.77
C GLN B 418 -6.76 19.68 -23.92
N VAL B 419 -6.23 20.69 -23.25
CA VAL B 419 -5.06 20.52 -22.41
C VAL B 419 -5.36 19.71 -21.17
N VAL B 420 -6.42 20.07 -20.47
CA VAL B 420 -6.79 19.34 -19.24
C VAL B 420 -7.07 17.87 -19.53
N PHE B 421 -7.81 17.59 -20.61
CA PHE B 421 -8.14 16.20 -20.93
C PHE B 421 -6.97 15.40 -21.36
N GLU B 422 -5.98 16.00 -21.99
CA GLU B 422 -4.79 15.24 -22.38
C GLU B 422 -4.07 14.76 -21.12
N VAL B 423 -4.05 15.58 -20.08
CA VAL B 423 -3.42 15.18 -18.82
C VAL B 423 -4.24 14.07 -18.20
N VAL B 424 -5.55 14.22 -18.21
CA VAL B 424 -6.42 13.19 -17.67
C VAL B 424 -6.25 11.86 -18.40
N LEU B 425 -6.30 11.89 -19.73
CA LEU B 425 -6.25 10.67 -20.49
CA LEU B 425 -6.17 10.68 -20.59
C LEU B 425 -4.91 9.92 -20.36
N ARG B 426 -3.79 10.64 -20.26
CA ARG B 426 -2.48 9.97 -20.10
C ARG B 426 -2.34 9.31 -18.73
N LEU B 427 -3.12 9.75 -17.76
CA LEU B 427 -3.07 9.17 -16.42
C LEU B 427 -4.16 8.10 -16.20
N GLY B 428 -4.97 7.84 -17.23
CA GLY B 428 -6.01 6.82 -17.15
C GLY B 428 -7.29 7.28 -16.50
N GLY B 429 -7.52 8.60 -16.53
CA GLY B 429 -8.66 9.20 -15.87
C GLY B 429 -9.92 9.36 -16.68
N SER B 430 -10.92 9.99 -16.07
CA SER B 430 -12.23 10.24 -16.71
C SER B 430 -12.41 11.72 -17.00
N ILE B 431 -13.02 12.02 -18.15
CA ILE B 431 -13.32 13.41 -18.52
C ILE B 431 -14.56 13.90 -17.78
N SER B 432 -15.33 12.98 -17.19
CA SER B 432 -16.52 13.32 -16.42
C SER B 432 -16.67 12.41 -15.19
N ALA B 433 -16.17 12.86 -14.05
CA ALA B 433 -16.21 12.06 -12.84
C ALA B 433 -17.57 11.96 -12.19
N GLU B 434 -18.37 13.02 -12.28
CA GLU B 434 -19.67 13.07 -11.57
C GLU B 434 -20.85 13.52 -12.41
N HIS B 435 -20.71 14.67 -13.08
CA HIS B 435 -21.84 15.32 -13.77
C HIS B 435 -22.47 14.54 -14.93
N GLY B 436 -21.66 13.75 -15.64
CA GLY B 436 -22.13 12.96 -16.77
C GLY B 436 -21.77 13.56 -18.12
N ILE B 437 -22.37 13.00 -19.16
CA ILE B 437 -22.12 13.39 -20.54
C ILE B 437 -23.18 14.35 -21.05
N GLY B 438 -24.44 13.91 -21.05
CA GLY B 438 -25.53 14.74 -21.54
C GLY B 438 -25.26 15.19 -22.96
N VAL B 439 -25.36 16.49 -23.18
CA VAL B 439 -25.14 17.11 -24.48
C VAL B 439 -23.71 17.67 -24.61
N MSE B 440 -23.22 18.24 -23.51
CA MSE B 440 -21.91 18.88 -23.46
C MSE B 440 -20.72 18.01 -23.85
O MSE B 440 -19.88 18.44 -24.62
CB MSE B 440 -21.68 19.41 -22.04
CG MSE B 440 -20.35 20.18 -21.84
SE MSE B 440 -20.21 20.81 -19.99
CE MSE B 440 -21.79 22.02 -20.02
N LYS B 441 -20.65 16.80 -23.32
CA LYS B 441 -19.50 15.93 -23.59
C LYS B 441 -19.87 14.74 -24.48
N ARG B 442 -20.95 14.86 -25.24
CA ARG B 442 -21.40 13.79 -26.11
C ARG B 442 -20.39 13.44 -27.23
N ASP B 443 -19.80 14.46 -27.85
CA ASP B 443 -18.79 14.24 -28.91
C ASP B 443 -17.47 13.73 -28.34
N GLU B 444 -17.04 14.29 -27.21
CA GLU B 444 -15.78 13.88 -26.55
C GLU B 444 -15.85 12.41 -26.06
N LEU B 445 -17.05 11.95 -25.68
CA LEU B 445 -17.24 10.57 -25.23
C LEU B 445 -16.90 9.63 -26.36
N ALA B 446 -17.43 9.94 -27.54
CA ALA B 446 -17.18 9.14 -28.74
C ALA B 446 -15.68 9.04 -29.12
N GLU B 447 -14.91 10.07 -28.76
CA GLU B 447 -13.50 10.11 -29.07
C GLU B 447 -12.62 9.35 -28.04
N VAL B 448 -13.00 9.39 -26.76
CA VAL B 448 -12.14 8.77 -25.71
C VAL B 448 -12.57 7.40 -25.20
N LYS B 449 -13.87 7.09 -25.26
CA LYS B 449 -14.34 5.81 -24.74
C LYS B 449 -13.89 4.63 -25.63
N ASP B 450 -13.73 3.46 -25.00
CA ASP B 450 -13.40 2.20 -25.69
C ASP B 450 -14.34 2.00 -26.89
N LYS B 451 -13.78 1.67 -28.06
CA LYS B 451 -14.60 1.56 -29.28
C LYS B 451 -15.77 0.60 -29.18
N THR B 452 -15.54 -0.58 -28.61
CA THR B 452 -16.59 -1.60 -28.48
C THR B 452 -17.68 -1.14 -27.52
N ALA B 453 -17.26 -0.53 -26.42
CA ALA B 453 -18.19 -0.01 -25.43
C ALA B 453 -19.19 0.94 -26.06
N ILE B 454 -18.70 1.83 -26.91
CA ILE B 454 -19.54 2.83 -27.56
C ILE B 454 -20.50 2.15 -28.54
N GLU B 455 -20.01 1.13 -29.23
CA GLU B 455 -20.86 0.37 -30.17
C GLU B 455 -22.02 -0.25 -29.42
N LEU B 456 -21.71 -0.87 -28.28
CA LEU B 456 -22.76 -1.47 -27.45
C LEU B 456 -23.74 -0.45 -26.91
N MSE B 457 -23.27 0.72 -26.51
CA MSE B 457 -24.18 1.73 -25.96
C MSE B 457 -25.20 2.14 -27.01
O MSE B 457 -26.38 2.31 -26.71
CB MSE B 457 -23.42 2.93 -25.42
CG MSE B 457 -22.55 2.63 -24.21
SE MSE B 457 -21.62 4.21 -23.61
CE MSE B 457 -20.22 3.35 -22.54
N ARG B 458 -24.74 2.31 -28.25
CA ARG B 458 -25.63 2.68 -29.35
C ARG B 458 -26.60 1.54 -29.67
N SER B 459 -26.13 0.29 -29.62
CA SER B 459 -27.01 -0.85 -29.87
C SER B 459 -28.05 -1.00 -28.74
N ILE B 460 -27.63 -0.81 -27.51
CA ILE B 460 -28.56 -0.89 -26.38
C ILE B 460 -29.58 0.27 -26.47
N LYS B 461 -29.11 1.46 -26.82
CA LYS B 461 -29.98 2.63 -27.00
C LYS B 461 -31.03 2.33 -28.07
N ALA B 462 -30.58 1.77 -29.19
CA ALA B 462 -31.50 1.46 -30.31
C ALA B 462 -32.53 0.41 -29.91
N LEU B 463 -32.11 -0.51 -29.08
CA LEU B 463 -32.97 -1.57 -28.61
C LEU B 463 -34.04 -1.04 -27.65
N LEU B 464 -33.64 -0.20 -26.71
CA LEU B 464 -34.57 0.35 -25.71
C LEU B 464 -35.40 1.56 -26.15
N ASP B 465 -34.92 2.29 -27.14
CA ASP B 465 -35.62 3.49 -27.64
C ASP B 465 -35.53 3.51 -29.17
N PRO B 466 -36.18 2.54 -29.84
CA PRO B 466 -36.06 2.45 -31.30
C PRO B 466 -36.54 3.68 -32.05
N HIS B 467 -37.57 4.35 -31.55
CA HIS B 467 -38.07 5.54 -32.23
C HIS B 467 -37.34 6.83 -31.79
N GLY B 468 -36.36 6.72 -30.90
CA GLY B 468 -35.58 7.88 -30.49
C GLY B 468 -36.36 9.00 -29.81
N ILE B 469 -37.27 8.65 -28.90
CA ILE B 469 -38.03 9.66 -28.16
C ILE B 469 -37.54 9.83 -26.72
N MSE B 470 -36.69 8.93 -26.25
CA MSE B 470 -36.22 8.97 -24.87
C MSE B 470 -34.98 9.85 -24.75
O MSE B 470 -33.86 9.38 -24.92
CB MSE B 470 -35.99 7.56 -24.36
CG MSE B 470 -35.84 7.43 -22.88
SE MSE B 470 -37.32 8.19 -21.86
CE MSE B 470 -38.77 7.11 -22.51
N ASN B 471 -35.20 11.12 -24.50
CA ASN B 471 -34.15 12.11 -24.31
C ASN B 471 -33.07 12.06 -25.42
N PRO B 472 -33.50 12.11 -26.69
CA PRO B 472 -32.58 12.01 -27.84
C PRO B 472 -31.48 13.08 -27.90
N GLY B 473 -30.35 12.74 -28.48
CA GLY B 473 -29.24 13.66 -28.64
C GLY B 473 -28.39 13.86 -27.41
N LYS B 474 -28.50 12.93 -26.46
CA LYS B 474 -27.75 13.00 -25.20
C LYS B 474 -27.04 11.66 -24.94
N VAL B 475 -25.84 11.75 -24.35
CA VAL B 475 -24.96 10.58 -24.08
C VAL B 475 -24.41 9.95 -25.38
N VAL B 476 -25.31 9.37 -26.18
CA VAL B 476 -24.97 8.78 -27.47
C VAL B 476 -26.14 9.04 -28.44
N THR C 12 35.45 -3.99 73.28
CA THR C 12 34.56 -4.60 72.25
C THR C 12 33.41 -5.44 72.91
N LEU C 13 32.60 -6.12 72.10
CA LEU C 13 31.47 -6.93 72.61
C LEU C 13 31.99 -8.17 73.31
N SER C 14 31.55 -8.38 74.56
CA SER C 14 32.04 -9.49 75.39
C SER C 14 31.62 -10.88 74.93
N PRO C 15 32.44 -11.90 75.25
CA PRO C 15 32.08 -13.28 74.99
C PRO C 15 30.74 -13.69 75.61
N GLU C 16 30.42 -13.11 76.77
CA GLU C 16 29.15 -13.37 77.46
C GLU C 16 27.97 -13.00 76.57
N LEU C 17 27.99 -11.77 76.04
CA LEU C 17 26.90 -11.26 75.20
C LEU C 17 26.83 -11.93 73.83
N ILE C 18 27.98 -12.22 73.23
CA ILE C 18 28.01 -12.94 71.93
C ILE C 18 27.35 -14.31 72.08
N ALA C 19 27.68 -15.00 73.17
CA ALA C 19 27.12 -16.31 73.44
C ALA C 19 25.60 -16.27 73.57
N ARG C 20 25.09 -15.30 74.33
CA ARG C 20 23.64 -15.18 74.56
C ARG C 20 22.89 -14.81 73.31
N PHE C 21 23.46 -13.94 72.49
CA PHE C 21 22.84 -13.59 71.23
C PHE C 21 22.84 -14.81 70.31
N THR C 22 23.96 -15.50 70.27
CA THR C 22 24.10 -16.69 69.43
C THR C 22 23.02 -17.73 69.77
N ALA C 23 22.79 -17.93 71.06
CA ALA C 23 21.79 -18.87 71.52
C ALA C 23 20.38 -18.50 71.00
N ILE C 24 20.04 -17.21 71.00
CA ILE C 24 18.71 -16.78 70.57
C ILE C 24 18.38 -17.20 69.15
N VAL C 25 19.32 -17.06 68.24
CA VAL C 25 19.07 -17.36 66.82
C VAL C 25 19.65 -18.67 66.31
N GLY C 26 20.51 -19.32 67.11
CA GLY C 26 21.19 -20.55 66.68
C GLY C 26 22.51 -20.14 66.04
N ASP C 27 23.61 -20.82 66.39
CA ASP C 27 24.96 -20.42 65.91
C ASP C 27 25.14 -20.38 64.41
N LYS C 28 24.42 -21.21 63.67
CA LYS C 28 24.53 -21.18 62.20
C LYS C 28 24.10 -19.83 61.64
N HIS C 29 23.34 -19.08 62.44
CA HIS C 29 22.83 -17.79 62.04
C HIS C 29 23.44 -16.61 62.81
N ALA C 30 24.56 -16.86 63.50
CA ALA C 30 25.30 -15.87 64.27
C ALA C 30 26.75 -15.83 63.74
N LEU C 31 27.04 -14.83 62.91
CA LEU C 31 28.34 -14.71 62.25
C LEU C 31 29.34 -13.83 63.01
N THR C 32 30.55 -14.34 63.21
CA THR C 32 31.65 -13.60 63.88
C THR C 32 33.00 -13.69 63.15
N ASP C 33 33.09 -14.56 62.13
CA ASP C 33 34.32 -14.72 61.34
C ASP C 33 34.39 -13.54 60.36
N PRO C 34 35.49 -12.75 60.40
CA PRO C 34 35.66 -11.57 59.51
C PRO C 34 35.37 -11.78 58.00
N LEU C 35 35.60 -12.98 57.47
CA LEU C 35 35.30 -13.29 56.05
C LEU C 35 33.78 -13.27 55.83
N GLU C 36 33.03 -13.79 56.80
CA GLU C 36 31.56 -13.80 56.74
C GLU C 36 30.96 -12.40 57.02
N LEU C 37 31.60 -11.63 57.92
CA LEU C 37 31.14 -10.26 58.28
C LEU C 37 31.33 -9.22 57.18
N GLU C 38 32.26 -9.49 56.25
CA GLU C 38 32.59 -8.58 55.15
C GLU C 38 31.36 -8.12 54.34
N ALA C 39 30.49 -9.06 53.98
CA ALA C 39 29.30 -8.75 53.17
C ALA C 39 28.27 -7.84 53.89
N TYR C 40 28.36 -7.76 55.22
CA TYR C 40 27.42 -6.95 56.04
C TYR C 40 28.00 -5.61 56.49
N ILE C 41 29.31 -5.54 56.71
CA ILE C 41 29.95 -4.29 57.17
C ILE C 41 30.25 -3.29 56.04
N THR C 42 30.09 -3.70 54.79
CA THR C 42 30.32 -2.81 53.65
C THR C 42 29.17 -2.91 52.69
N GLU C 43 28.95 -1.86 51.87
CA GLU C 43 27.84 -1.84 50.89
CA GLU C 43 27.84 -1.86 50.89
C GLU C 43 28.33 -1.87 49.43
N GLU C 44 27.36 -1.98 48.50
CA GLU C 44 27.60 -2.03 47.02
C GLU C 44 28.49 -0.88 46.45
N ARG C 45 28.09 0.37 46.68
CA ARG C 45 28.83 1.56 46.19
C ARG C 45 30.22 1.82 46.85
N ASN C 46 30.59 1.02 47.86
CA ASN C 46 31.90 1.11 48.57
C ASN C 46 32.19 2.52 49.14
N LEU C 47 31.13 3.15 49.65
CA LEU C 47 31.19 4.51 50.21
C LEU C 47 31.86 4.52 51.60
N TYR C 48 31.30 3.72 52.53
CA TYR C 48 31.82 3.59 53.92
C TYR C 48 32.27 2.16 54.18
N ARG C 49 33.22 2.00 55.11
CA ARG C 49 33.67 0.67 55.56
C ARG C 49 33.56 0.65 57.08
N GLY C 50 32.66 -0.19 57.59
CA GLY C 50 32.42 -0.29 59.04
C GLY C 50 33.09 -1.46 59.71
N HIS C 51 32.79 -1.61 61.01
CA HIS C 51 33.32 -2.72 61.80
C HIS C 51 32.24 -3.24 62.79
N SER C 52 32.13 -4.57 62.87
CA SER C 52 31.16 -5.23 63.73
C SER C 52 31.70 -6.54 64.30
N PRO C 53 31.39 -6.82 65.59
CA PRO C 53 31.83 -8.07 66.19
C PRO C 53 30.83 -9.23 65.96
N LEU C 54 29.62 -8.90 65.46
CA LEU C 54 28.57 -9.90 65.32
C LEU C 54 27.44 -9.52 64.36
N VAL C 55 27.02 -10.48 63.54
CA VAL C 55 25.87 -10.33 62.66
C VAL C 55 24.89 -11.43 63.06
N LEU C 56 23.61 -11.06 63.25
CA LEU C 56 22.55 -12.02 63.60
C LEU C 56 21.51 -12.06 62.50
N ARG C 57 21.06 -13.26 62.15
CA ARG C 57 20.07 -13.46 61.09
C ARG C 57 18.88 -14.19 61.70
N PRO C 58 18.08 -13.49 62.50
CA PRO C 58 16.93 -14.10 63.16
C PRO C 58 15.88 -14.61 62.18
N GLY C 59 15.10 -15.59 62.62
CA GLY C 59 14.08 -16.19 61.76
C GLY C 59 12.64 -15.96 62.19
N SER C 60 12.43 -15.12 63.19
CA SER C 60 11.08 -14.82 63.66
C SER C 60 11.06 -13.54 64.49
N THR C 61 9.88 -12.97 64.63
CA THR C 61 9.69 -11.78 65.45
C THR C 61 10.08 -12.08 66.93
N GLU C 62 9.70 -13.27 67.40
CA GLU C 62 9.96 -13.70 68.75
C GLU C 62 11.47 -13.57 69.02
N GLU C 63 12.30 -13.93 68.04
CA GLU C 63 13.76 -13.81 68.20
C GLU C 63 14.22 -12.37 68.17
N VAL C 64 13.62 -11.55 67.29
CA VAL C 64 13.95 -10.14 67.24
C VAL C 64 13.60 -9.52 68.61
N VAL C 65 12.51 -9.94 69.21
CA VAL C 65 12.13 -9.45 70.54
C VAL C 65 13.20 -9.83 71.58
N ALA C 66 13.62 -11.09 71.57
CA ALA C 66 14.63 -11.56 72.51
C ALA C 66 15.93 -10.73 72.36
N ILE C 67 16.32 -10.50 71.11
CA ILE C 67 17.53 -9.73 70.80
C ILE C 67 17.45 -8.30 71.32
N CYS C 68 16.32 -7.65 71.10
CA CYS C 68 16.17 -6.28 71.57
C CYS C 68 16.19 -6.17 73.09
N LYS C 69 15.49 -7.08 73.77
CA LYS C 69 15.47 -7.03 75.24
C LYS C 69 16.86 -7.11 75.84
N LEU C 70 17.71 -7.94 75.24
CA LEU C 70 19.07 -8.12 75.70
C LEU C 70 19.92 -6.90 75.32
N ALA C 71 19.80 -6.47 74.06
CA ALA C 71 20.53 -5.30 73.60
C ALA C 71 20.20 -4.07 74.45
N ASN C 72 18.91 -3.89 74.75
CA ASN C 72 18.44 -2.76 75.56
C ASN C 72 18.99 -2.82 76.98
N GLU C 73 18.93 -4.00 77.61
CA GLU C 73 19.42 -4.24 78.99
CA GLU C 73 19.38 -4.10 79.00
C GLU C 73 20.91 -3.95 79.09
N ALA C 74 21.65 -4.55 78.16
CA ALA C 74 23.12 -4.44 78.15
C ALA C 74 23.68 -3.22 77.41
N ARG C 75 22.80 -2.36 76.90
CA ARG C 75 23.25 -1.19 76.15
C ARG C 75 24.13 -1.59 74.94
N VAL C 76 23.68 -2.57 74.16
CA VAL C 76 24.38 -2.97 72.94
C VAL C 76 23.62 -2.36 71.76
N ALA C 77 24.32 -1.56 70.96
CA ALA C 77 23.71 -0.89 69.80
C ALA C 77 23.45 -1.87 68.69
N LEU C 78 22.30 -1.71 68.01
CA LEU C 78 21.88 -2.58 66.92
C LEU C 78 21.73 -1.82 65.63
N VAL C 79 21.98 -2.49 64.52
CA VAL C 79 21.84 -1.91 63.22
C VAL C 79 20.97 -2.82 62.34
N PRO C 80 19.68 -2.45 62.17
CA PRO C 80 18.83 -3.25 61.32
C PRO C 80 19.32 -3.20 59.90
N GLN C 81 19.15 -4.30 59.17
CA GLN C 81 19.59 -4.37 57.80
C GLN C 81 18.79 -5.40 57.00
N GLY C 82 18.51 -5.05 55.74
CA GLY C 82 17.83 -5.91 54.81
C GLY C 82 18.83 -6.35 53.74
N GLY C 83 18.60 -5.92 52.50
CA GLY C 83 19.46 -6.29 51.36
C GLY C 83 20.80 -5.59 51.28
N ASN C 84 21.05 -4.65 52.19
CA ASN C 84 22.32 -3.92 52.24
C ASN C 84 22.59 -3.21 50.92
N THR C 85 21.56 -2.54 50.39
CA THR C 85 21.70 -1.75 49.16
C THR C 85 21.54 -0.24 49.43
N GLY C 86 21.25 0.13 50.68
CA GLY C 86 21.12 1.54 51.07
C GLY C 86 22.37 2.32 50.69
N LEU C 87 22.18 3.59 50.29
CA LEU C 87 23.27 4.43 49.77
C LEU C 87 23.68 5.62 50.65
N VAL C 88 23.25 5.61 51.91
CA VAL C 88 23.59 6.72 52.85
C VAL C 88 24.23 6.25 54.16
N GLY C 89 24.74 5.01 54.15
CA GLY C 89 25.41 4.42 55.31
C GLY C 89 24.52 4.17 56.52
N GLY C 90 23.21 3.99 56.28
CA GLY C 90 22.23 3.73 57.34
C GLY C 90 22.30 2.33 57.95
N GLN C 91 22.51 1.33 57.09
CA GLN C 91 22.57 -0.08 57.50
C GLN C 91 24.00 -0.53 57.82
N THR C 92 24.94 0.40 57.85
CA THR C 92 26.33 0.07 58.10
C THR C 92 26.68 0.31 59.59
N PRO C 93 27.39 -0.66 60.22
CA PRO C 93 27.81 -0.53 61.59
C PRO C 93 29.16 0.15 61.66
N HIS C 94 29.15 1.46 61.86
CA HIS C 94 30.38 2.24 61.87
C HIS C 94 31.08 2.21 63.22
N ASN C 95 30.51 1.50 64.21
CA ASN C 95 31.02 1.63 65.56
C ASN C 95 30.91 0.38 66.48
N GLY C 96 31.33 -0.79 66.01
CA GLY C 96 31.31 -2.03 66.85
C GLY C 96 29.91 -2.46 67.32
N GLU C 97 28.92 -2.19 66.47
CA GLU C 97 27.54 -2.49 66.75
C GLU C 97 27.21 -3.86 66.22
N VAL C 98 26.12 -4.45 66.70
CA VAL C 98 25.67 -5.75 66.22
C VAL C 98 24.67 -5.54 65.08
N VAL C 99 24.90 -6.19 63.94
CA VAL C 99 23.98 -6.09 62.81
C VAL C 99 22.86 -7.10 62.93
N ILE C 100 21.62 -6.63 62.77
CA ILE C 100 20.46 -7.50 62.77
C ILE C 100 19.98 -7.56 61.33
N SER C 101 20.28 -8.67 60.69
CA SER C 101 19.84 -8.88 59.32
C SER C 101 18.52 -9.57 59.33
N LEU C 102 17.63 -9.14 58.47
CA LEU C 102 16.33 -9.75 58.37
C LEU C 102 16.21 -10.68 57.17
N LYS C 103 17.33 -11.04 56.55
CA LYS C 103 17.30 -11.90 55.35
C LYS C 103 16.57 -13.24 55.49
N ARG C 104 16.52 -13.81 56.69
CA ARG C 104 15.86 -15.11 56.92
C ARG C 104 14.38 -14.99 57.15
N MSE C 105 13.91 -13.79 57.51
CA MSE C 105 12.48 -13.57 57.65
C MSE C 105 11.96 -13.14 56.28
O MSE C 105 11.66 -11.98 56.08
CB MSE C 105 12.16 -12.53 58.72
CG MSE C 105 12.61 -12.94 60.09
SE MSE C 105 11.93 -11.81 61.48
CE MSE C 105 10.03 -12.20 61.29
N ASP C 106 11.86 -14.09 55.37
CA ASP C 106 11.43 -13.81 53.98
C ASP C 106 10.12 -14.49 53.55
N LYS C 107 9.31 -14.93 54.49
CA LYS C 107 8.07 -15.63 54.14
C LYS C 107 6.98 -14.68 53.57
N ILE C 108 6.25 -15.17 52.57
CA ILE C 108 5.06 -14.48 52.00
C ILE C 108 3.88 -15.15 52.68
N ARG C 109 3.32 -14.50 53.69
CA ARG C 109 2.30 -15.14 54.52
C ARG C 109 0.92 -15.31 53.92
N GLU C 110 0.40 -14.29 53.25
CA GLU C 110 -0.94 -14.38 52.68
C GLU C 110 -1.12 -13.49 51.47
N ILE C 111 -1.70 -14.04 50.42
CA ILE C 111 -2.02 -13.27 49.22
C ILE C 111 -3.54 -13.32 49.08
N ASP C 112 -4.20 -12.20 49.32
CA ASP C 112 -5.66 -12.11 49.26
C ASP C 112 -6.00 -11.32 48.01
N THR C 113 -6.50 -11.99 46.99
CA THR C 113 -6.81 -11.34 45.73
C THR C 113 -8.17 -10.59 45.71
N SER C 114 -9.06 -10.85 46.67
CA SER C 114 -10.35 -10.12 46.77
C SER C 114 -10.14 -8.81 47.50
N SER C 115 -9.41 -8.87 48.61
CA SER C 115 -9.09 -7.67 49.36
C SER C 115 -7.94 -6.93 48.67
N ASN C 116 -7.16 -7.66 47.87
CA ASN C 116 -6.00 -7.11 47.14
C ASN C 116 -4.96 -6.62 48.13
N THR C 117 -4.52 -7.55 48.96
CA THR C 117 -3.52 -7.29 49.97
C THR C 117 -2.54 -8.45 50.00
N ILE C 118 -1.34 -8.18 50.49
CA ILE C 118 -0.32 -9.19 50.61
C ILE C 118 0.46 -8.93 51.91
N THR C 119 0.54 -9.96 52.76
CA THR C 119 1.24 -9.88 54.03
C THR C 119 2.56 -10.60 53.84
N VAL C 120 3.67 -9.91 54.12
CA VAL C 120 5.02 -10.48 53.94
C VAL C 120 5.98 -10.08 55.06
N GLU C 121 6.94 -10.96 55.32
CA GLU C 121 7.97 -10.69 56.33
C GLU C 121 8.95 -9.67 55.73
N ALA C 122 9.54 -8.86 56.61
CA ALA C 122 10.43 -7.77 56.22
C ALA C 122 11.62 -8.14 55.33
N GLY C 123 12.07 -9.39 55.40
CA GLY C 123 13.22 -9.83 54.61
C GLY C 123 12.90 -10.32 53.21
N ALA C 124 11.64 -10.29 52.82
CA ALA C 124 11.26 -10.73 51.49
C ALA C 124 11.87 -9.84 50.41
N ILE C 125 12.54 -10.46 49.43
CA ILE C 125 13.12 -9.73 48.31
C ILE C 125 11.96 -9.12 47.50
N LEU C 126 12.04 -7.81 47.24
CA LEU C 126 11.01 -7.09 46.48
C LEU C 126 10.67 -7.79 45.15
N GLN C 127 11.70 -8.28 44.47
CA GLN C 127 11.50 -8.93 43.18
C GLN C 127 10.67 -10.19 43.30
N ARG C 128 10.81 -10.92 44.40
CA ARG C 128 10.06 -12.14 44.59
C ARG C 128 8.60 -11.81 44.91
N VAL C 129 8.36 -10.71 45.61
CA VAL C 129 6.98 -10.29 45.91
C VAL C 129 6.27 -9.96 44.59
N GLN C 130 6.96 -9.24 43.72
CA GLN C 130 6.43 -8.88 42.40
C GLN C 130 6.03 -10.13 41.65
N GLU C 131 6.91 -11.13 41.66
CA GLU C 131 6.67 -12.40 40.96
C GLU C 131 5.45 -13.12 41.51
N LYS C 132 5.33 -13.21 42.84
CA LYS C 132 4.17 -13.87 43.47
C LYS C 132 2.85 -13.17 43.13
N ALA C 133 2.87 -11.85 43.07
CA ALA C 133 1.70 -11.10 42.68
C ALA C 133 1.34 -11.41 41.22
N ALA C 134 2.37 -11.48 40.36
CA ALA C 134 2.19 -11.79 38.94
C ALA C 134 1.53 -13.16 38.76
N GLU C 135 1.97 -14.13 39.58
CA GLU C 135 1.43 -15.50 39.54
C GLU C 135 -0.06 -15.57 39.78
N VAL C 136 -0.63 -14.62 40.54
CA VAL C 136 -2.09 -14.58 40.79
C VAL C 136 -2.77 -13.44 40.04
N ASP C 137 -2.21 -13.05 38.90
CA ASP C 137 -2.78 -12.01 38.02
C ASP C 137 -2.92 -10.65 38.74
N ARG C 138 -1.88 -10.25 39.43
CA ARG C 138 -1.86 -8.96 40.12
C ARG C 138 -0.52 -8.30 39.93
N LEU C 139 -0.44 -7.04 40.34
CA LEU C 139 0.77 -6.25 40.25
C LEU C 139 1.15 -5.65 41.57
N PHE C 140 2.42 -5.79 41.95
CA PHE C 140 2.96 -5.09 43.10
C PHE C 140 3.87 -4.08 42.43
N PRO C 141 3.40 -2.82 42.28
CA PRO C 141 4.06 -1.78 41.46
C PRO C 141 5.37 -1.15 41.98
N LEU C 142 5.66 -1.22 43.26
CA LEU C 142 6.93 -0.67 43.73
C LEU C 142 8.02 -1.35 42.87
N SER C 143 8.79 -0.53 42.16
CA SER C 143 9.83 -1.06 41.26
C SER C 143 11.06 -0.15 41.25
N LEU C 144 12.22 -0.72 41.57
CA LEU C 144 13.48 0.04 41.64
C LEU C 144 14.73 -0.76 41.18
N GLY C 145 15.86 -0.06 41.04
CA GLY C 145 17.11 -0.69 40.54
C GLY C 145 17.64 -1.89 41.34
N ALA C 146 17.61 -1.79 42.68
CA ALA C 146 18.13 -2.86 43.53
C ALA C 146 17.13 -4.03 43.77
N GLN C 147 15.99 -4.02 43.05
CA GLN C 147 14.92 -5.08 43.15
C GLN C 147 15.36 -6.49 43.54
N GLY C 148 16.37 -7.00 42.84
CA GLY C 148 16.88 -8.34 43.07
C GLY C 148 17.58 -8.58 44.41
N SER C 149 17.88 -7.50 45.13
CA SER C 149 18.54 -7.60 46.43
C SER C 149 17.81 -6.90 47.57
N CYS C 150 17.09 -5.81 47.29
CA CYS C 150 16.42 -5.05 48.35
C CYS C 150 15.15 -5.74 48.86
N THR C 151 14.90 -5.55 50.16
CA THR C 151 13.81 -6.17 50.86
C THR C 151 12.66 -5.20 51.18
N ILE C 152 11.50 -5.75 51.49
CA ILE C 152 10.33 -4.96 51.83
C ILE C 152 10.60 -4.15 53.09
N GLY C 153 11.24 -4.74 54.09
CA GLY C 153 11.57 -4.02 55.30
C GLY C 153 12.44 -2.81 55.01
N GLY C 154 13.43 -3.02 54.13
CA GLY C 154 14.32 -1.95 53.71
C GLY C 154 13.59 -0.89 52.89
N ASN C 155 12.71 -1.33 51.99
CA ASN C 155 11.95 -0.40 51.17
C ASN C 155 11.10 0.50 52.06
N LEU C 156 10.40 -0.10 53.02
CA LEU C 156 9.57 0.66 53.93
C LEU C 156 10.40 1.59 54.85
N SER C 157 11.56 1.14 55.30
CA SER C 157 12.38 1.94 56.20
C SER C 157 12.99 3.17 55.51
N THR C 158 13.32 3.03 54.23
CA THR C 158 13.83 4.15 53.45
C THR C 158 12.70 4.91 52.73
N ASN C 159 11.49 4.36 52.69
CA ASN C 159 10.38 4.94 51.92
C ASN C 159 10.79 5.04 50.45
N ALA C 160 11.28 3.93 49.91
CA ALA C 160 11.76 3.84 48.53
C ALA C 160 10.68 4.21 47.53
N GLY C 161 11.12 4.72 46.39
CA GLY C 161 10.23 5.11 45.30
C GLY C 161 10.98 4.95 44.01
N GLY C 162 10.27 4.65 42.94
CA GLY C 162 10.91 4.41 41.65
C GLY C 162 10.34 5.19 40.48
N THR C 163 10.52 4.62 39.30
CA THR C 163 10.11 5.21 38.03
C THR C 163 8.62 5.47 37.96
N ALA C 164 7.87 4.47 38.42
CA ALA C 164 6.41 4.50 38.39
C ALA C 164 5.77 5.26 39.58
N ALA C 165 6.58 5.97 40.37
CA ALA C 165 6.06 6.68 41.55
C ALA C 165 4.93 7.65 41.20
N LEU C 166 4.98 8.26 40.01
CA LEU C 166 3.94 9.22 39.60
C LEU C 166 2.57 8.57 39.48
N ALA C 167 2.53 7.27 39.22
CA ALA C 167 1.27 6.55 39.07
C ALA C 167 0.86 5.79 40.33
N TYR C 168 1.81 5.10 40.93
CA TYR C 168 1.51 4.22 42.07
C TYR C 168 1.99 4.72 43.43
N GLY C 169 2.70 5.83 43.46
CA GLY C 169 3.20 6.39 44.72
C GLY C 169 4.44 5.69 45.24
N LEU C 170 4.77 5.98 46.49
CA LEU C 170 5.97 5.43 47.13
C LEU C 170 5.62 4.21 48.02
N ALA C 171 6.64 3.65 48.68
CA ALA C 171 6.45 2.50 49.60
C ALA C 171 5.37 2.82 50.65
N ARG C 172 5.33 4.08 51.08
CA ARG C 172 4.34 4.56 52.04
C ARG C 172 2.92 4.41 51.53
N ASP C 173 2.71 4.74 50.26
CA ASP C 173 1.38 4.68 49.66
C ASP C 173 0.87 3.24 49.48
N MSE C 174 1.75 2.25 49.71
CA MSE C 174 1.37 0.82 49.57
C MSE C 174 1.20 0.08 50.88
O MSE C 174 0.70 -1.05 50.89
CB MSE C 174 2.41 0.11 48.77
CG MSE C 174 2.89 0.93 47.66
SE MSE C 174 3.10 -0.03 46.14
CE MSE C 174 4.13 1.32 45.18
N ALA C 175 1.67 0.67 51.97
CA ALA C 175 1.58 0.06 53.25
C ALA C 175 0.16 0.19 53.78
N LEU C 176 -0.39 -0.91 54.27
CA LEU C 176 -1.70 -0.94 54.92
C LEU C 176 -1.52 -1.19 56.43
N GLY C 177 -0.38 -1.78 56.80
CA GLY C 177 -0.06 -2.09 58.17
C GLY C 177 1.37 -2.61 58.30
N VAL C 178 1.90 -2.57 59.52
CA VAL C 178 3.25 -3.07 59.81
C VAL C 178 3.33 -3.70 61.19
N GLU C 179 4.37 -4.49 61.40
CA GLU C 179 4.66 -5.10 62.69
C GLU C 179 6.08 -4.67 63.04
N VAL C 180 6.23 -4.01 64.17
CA VAL C 180 7.51 -3.47 64.57
C VAL C 180 7.87 -3.87 65.96
N VAL C 181 9.14 -4.24 66.15
CA VAL C 181 9.66 -4.55 67.46
C VAL C 181 10.45 -3.33 67.92
N LEU C 182 10.13 -2.81 69.09
CA LEU C 182 10.81 -1.62 69.62
C LEU C 182 12.09 -1.96 70.36
N ALA C 183 12.87 -0.95 70.69
CA ALA C 183 14.13 -1.16 71.40
C ALA C 183 13.93 -1.95 72.71
N ASP C 184 12.81 -1.71 73.41
CA ASP C 184 12.57 -2.40 74.68
C ASP C 184 11.94 -3.79 74.51
N GLY C 185 11.75 -4.20 73.25
CA GLY C 185 11.19 -5.52 72.95
C GLY C 185 9.70 -5.58 72.79
N ARG C 186 9.00 -4.49 73.00
CA ARG C 186 7.56 -4.50 72.81
C ARG C 186 7.28 -4.68 71.34
N VAL C 187 6.20 -5.37 71.02
CA VAL C 187 5.80 -5.56 69.64
C VAL C 187 4.59 -4.68 69.37
N MSE C 188 4.63 -3.97 68.26
CA MSE C 188 3.51 -3.17 67.86
C MSE C 188 2.98 -3.83 66.60
O MSE C 188 3.59 -3.69 65.55
CB MSE C 188 3.91 -1.74 67.58
CG MSE C 188 2.72 -0.83 67.38
SE MSE C 188 3.17 0.82 66.55
CE MSE C 188 3.94 0.08 64.93
N ASN C 189 1.87 -4.55 66.71
CA ASN C 189 1.30 -5.25 65.57
C ASN C 189 0.17 -4.48 64.93
N LEU C 190 0.48 -3.79 63.83
CA LEU C 190 -0.50 -3.01 63.10
C LEU C 190 -0.80 -3.63 61.75
N LEU C 191 -0.58 -4.94 61.61
CA LEU C 191 -0.91 -5.63 60.36
C LEU C 191 -2.42 -5.52 60.18
N SER C 192 -2.82 -5.17 58.98
CA SER C 192 -4.22 -4.93 58.68
C SER C 192 -4.42 -4.92 57.19
N LYS C 193 -5.60 -5.35 56.76
CA LYS C 193 -5.98 -5.32 55.34
C LYS C 193 -6.96 -4.18 55.08
N LEU C 194 -7.20 -3.32 56.04
CA LEU C 194 -8.21 -2.27 55.91
C LEU C 194 -7.76 -1.08 55.09
N LYS C 195 -8.65 -0.62 54.20
CA LYS C 195 -8.40 0.56 53.36
C LYS C 195 -8.91 1.83 54.06
N LYS C 196 -9.84 1.67 55.01
CA LYS C 196 -10.35 2.78 55.82
C LYS C 196 -10.32 2.38 57.28
N ASP C 197 -9.59 3.12 58.10
CA ASP C 197 -9.47 2.79 59.53
C ASP C 197 -8.95 4.00 60.32
N ASN C 198 -9.89 4.77 60.86
CA ASN C 198 -9.56 5.94 61.66
C ASN C 198 -9.76 5.65 63.13
N THR C 199 -8.81 4.90 63.69
CA THR C 199 -8.84 4.50 65.10
C THR C 199 -7.54 4.91 65.77
N GLY C 200 -7.47 6.18 66.18
CA GLY C 200 -6.27 6.70 66.83
C GLY C 200 -5.24 7.21 65.85
N TYR C 201 -4.08 7.58 66.37
CA TYR C 201 -3.02 8.18 65.57
C TYR C 201 -2.37 7.20 64.59
N ASP C 202 -1.91 7.74 63.46
CA ASP C 202 -1.24 6.96 62.47
C ASP C 202 0.21 6.75 62.87
N LEU C 203 0.49 5.60 63.48
CA LEU C 203 1.84 5.25 63.90
C LEU C 203 2.60 4.56 62.78
N ARG C 204 1.88 3.88 61.89
CA ARG C 204 2.48 3.16 60.78
C ARG C 204 3.49 4.02 60.02
N ASP C 205 3.09 5.22 59.67
CA ASP C 205 3.92 6.12 58.85
C ASP C 205 5.14 6.67 59.57
N LEU C 206 5.14 6.59 60.88
CA LEU C 206 6.23 7.07 61.69
C LEU C 206 7.49 6.18 61.49
N PHE C 207 7.29 4.89 61.25
CA PHE C 207 8.40 3.95 61.03
C PHE C 207 8.78 3.89 59.55
N ILE C 208 7.83 4.21 58.68
CA ILE C 208 8.11 4.22 57.25
C ILE C 208 8.90 5.48 56.99
N GLY C 209 10.19 5.29 56.65
CA GLY C 209 11.12 6.42 56.46
C GLY C 209 12.01 6.64 57.68
N ALA C 210 11.83 5.83 58.71
CA ALA C 210 12.60 5.96 59.95
C ALA C 210 14.00 5.37 59.86
N GLU C 211 14.27 4.69 58.75
CA GLU C 211 15.58 4.09 58.49
C GLU C 211 16.10 3.25 59.68
N GLY C 212 15.18 2.51 60.31
CA GLY C 212 15.51 1.64 61.40
C GLY C 212 15.94 2.32 62.67
N THR C 213 15.73 3.62 62.77
CA THR C 213 16.13 4.33 63.96
C THR C 213 15.04 4.35 65.03
N LEU C 214 13.86 3.81 64.73
CA LEU C 214 12.75 3.80 65.71
C LEU C 214 12.26 2.40 66.05
N GLY C 215 12.91 1.38 65.50
CA GLY C 215 12.53 -0.02 65.76
C GLY C 215 12.76 -0.88 64.54
N ILE C 216 12.52 -2.18 64.67
CA ILE C 216 12.75 -3.13 63.59
C ILE C 216 11.44 -3.62 63.02
N ILE C 217 11.23 -3.37 61.73
CA ILE C 217 10.03 -3.83 61.03
C ILE C 217 10.24 -5.27 60.69
N THR C 218 9.34 -6.13 61.16
CA THR C 218 9.46 -7.59 60.93
C THR C 218 8.47 -8.11 59.90
N ALA C 219 7.39 -7.36 59.67
CA ALA C 219 6.38 -7.76 58.68
C ALA C 219 5.53 -6.59 58.29
N ALA C 220 4.80 -6.76 57.20
CA ALA C 220 3.90 -5.70 56.73
C ALA C 220 2.86 -6.22 55.77
N THR C 221 1.70 -5.54 55.76
CA THR C 221 0.62 -5.82 54.85
CA THR C 221 0.64 -5.83 54.82
C THR C 221 0.68 -4.73 53.76
N LEU C 222 0.72 -5.16 52.50
CA LEU C 222 0.81 -4.25 51.37
C LEU C 222 -0.33 -4.38 50.41
N LYS C 223 -0.53 -3.34 49.58
CA LYS C 223 -1.58 -3.33 48.54
C LYS C 223 -1.17 -4.07 47.27
N LEU C 224 -2.14 -4.71 46.66
CA LEU C 224 -1.97 -5.33 45.36
C LEU C 224 -2.81 -4.51 44.40
N PHE C 225 -2.38 -4.42 43.16
CA PHE C 225 -3.07 -3.67 42.15
C PHE C 225 -3.39 -4.57 40.98
N PRO C 226 -4.34 -4.15 40.13
CA PRO C 226 -4.66 -4.91 38.92
C PRO C 226 -3.47 -4.97 37.98
N LYS C 227 -3.36 -6.06 37.24
CA LYS C 227 -2.30 -6.24 36.28
C LYS C 227 -2.73 -5.55 34.99
N PRO C 228 -1.94 -4.58 34.50
CA PRO C 228 -2.31 -3.95 33.23
C PRO C 228 -2.23 -4.95 32.09
N ARG C 229 -3.16 -4.85 31.14
CA ARG C 229 -3.21 -5.76 29.97
C ARG C 229 -2.51 -5.17 28.74
N ALA C 230 -2.22 -3.88 28.78
CA ALA C 230 -1.56 -3.18 27.69
C ALA C 230 -0.50 -2.22 28.23
N VAL C 231 0.73 -2.35 27.72
CA VAL C 231 1.82 -1.46 28.09
C VAL C 231 2.42 -0.90 26.81
N GLU C 232 2.44 0.42 26.66
CA GLU C 232 2.98 1.08 25.45
C GLU C 232 4.10 2.05 25.82
N THR C 233 5.18 2.05 25.03
CA THR C 233 6.35 2.86 25.33
C THR C 233 6.81 3.72 24.15
N ALA C 234 7.45 4.86 24.46
CA ALA C 234 7.94 5.75 23.41
C ALA C 234 9.09 6.64 23.84
N PHE C 235 10.06 6.80 22.94
CA PHE C 235 11.17 7.73 23.12
C PHE C 235 10.84 8.99 22.36
N VAL C 236 11.00 10.14 23.01
CA VAL C 236 10.69 11.41 22.40
C VAL C 236 11.91 12.29 22.48
N GLY C 237 12.13 13.08 21.43
CA GLY C 237 13.25 14.02 21.38
C GLY C 237 12.70 15.42 21.45
N LEU C 238 13.20 16.23 22.38
CA LEU C 238 12.73 17.61 22.57
C LEU C 238 13.91 18.55 22.68
N GLN C 239 13.62 19.86 22.64
CA GLN C 239 14.65 20.90 22.69
C GLN C 239 15.06 21.36 24.09
N SER C 240 14.18 21.19 25.07
CA SER C 240 14.49 21.64 26.44
C SER C 240 13.67 20.92 27.50
N PRO C 241 14.14 20.97 28.76
CA PRO C 241 13.38 20.39 29.85
C PRO C 241 12.04 21.07 30.02
N ASP C 242 11.95 22.33 29.61
CA ASP C 242 10.70 23.05 29.71
C ASP C 242 9.70 22.49 28.70
N ASP C 243 10.19 22.08 27.53
CA ASP C 243 9.32 21.44 26.55
C ASP C 243 8.84 20.06 27.11
N ALA C 244 9.76 19.34 27.74
CA ALA C 244 9.42 18.08 28.38
C ALA C 244 8.36 18.29 29.45
N LEU C 245 8.45 19.43 30.17
CA LEU C 245 7.47 19.75 31.23
C LEU C 245 6.10 19.98 30.64
N LYS C 246 6.02 20.63 29.49
CA LYS C 246 4.72 20.84 28.85
C LYS C 246 4.16 19.50 28.37
N LEU C 247 5.01 18.64 27.83
CA LEU C 247 4.59 17.34 27.36
C LEU C 247 4.05 16.48 28.52
N LEU C 248 4.67 16.64 29.70
CA LEU C 248 4.22 15.94 30.90
C LEU C 248 2.80 16.36 31.22
N GLY C 249 2.54 17.65 31.12
CA GLY C 249 1.21 18.21 31.38
C GLY C 249 0.13 17.61 30.49
N ILE C 250 0.46 17.46 29.20
CA ILE C 250 -0.45 16.89 28.22
C ILE C 250 -0.71 15.42 28.57
N ALA C 251 0.35 14.67 28.84
CA ALA C 251 0.24 13.24 29.20
C ALA C 251 -0.61 13.02 30.46
N GLN C 252 -0.41 13.85 31.47
CA GLN C 252 -1.20 13.74 32.70
C GLN C 252 -2.69 13.93 32.42
N GLY C 253 -3.03 14.97 31.68
CA GLY C 253 -4.43 15.23 31.34
C GLY C 253 -5.06 14.19 30.42
N GLU C 254 -4.22 13.52 29.64
CA GLU C 254 -4.70 12.53 28.68
C GLU C 254 -4.70 11.08 29.23
N ALA C 255 -3.73 10.74 30.09
CA ALA C 255 -3.61 9.35 30.62
C ALA C 255 -3.89 9.20 32.12
N ALA C 256 -3.76 10.29 32.87
CA ALA C 256 -3.98 10.27 34.30
C ALA C 256 -3.18 9.11 34.96
N GLY C 257 -3.87 8.24 35.72
CA GLY C 257 -3.25 7.13 36.42
C GLY C 257 -2.61 6.06 35.53
N ASN C 258 -2.89 6.11 34.23
CA ASN C 258 -2.28 5.19 33.27
C ASN C 258 -0.88 5.62 32.84
N LEU C 259 -0.48 6.85 33.17
CA LEU C 259 0.87 7.33 32.85
C LEU C 259 1.81 6.74 33.91
N THR C 260 2.41 5.59 33.58
CA THR C 260 3.26 4.88 34.55
C THR C 260 4.75 5.24 34.50
N SER C 261 5.18 5.95 33.47
CA SER C 261 6.58 6.43 33.41
C SER C 261 6.72 7.67 32.56
N PHE C 262 7.56 8.62 33.03
CA PHE C 262 7.86 9.85 32.29
C PHE C 262 9.27 10.30 32.69
N GLU C 263 10.25 9.65 32.06
CA GLU C 263 11.66 9.90 32.35
C GLU C 263 12.26 10.99 31.48
N LEU C 264 12.99 11.91 32.11
CA LEU C 264 13.68 12.97 31.39
C LEU C 264 15.13 12.57 31.34
N ILE C 265 15.72 12.52 30.14
CA ILE C 265 17.12 12.11 29.98
C ILE C 265 17.86 13.09 29.12
N ALA C 266 18.95 13.67 29.64
CA ALA C 266 19.75 14.61 28.85
C ALA C 266 20.53 13.83 27.83
N GLU C 267 21.06 14.53 26.82
CA GLU C 267 21.80 13.88 25.74
C GLU C 267 23.04 13.13 26.22
N THR C 268 23.80 13.74 27.12
CA THR C 268 25.03 13.12 27.62
C THR C 268 24.82 11.73 28.23
N PRO C 269 23.85 11.60 29.16
CA PRO C 269 23.63 10.27 29.72
C PRO C 269 23.13 9.26 28.68
N LEU C 270 22.38 9.72 27.68
CA LEU C 270 21.94 8.82 26.62
C LEU C 270 23.17 8.38 25.84
N ASP C 271 23.98 9.35 25.43
CA ASP C 271 25.24 9.10 24.70
C ASP C 271 26.09 8.08 25.46
N PHE C 272 26.20 8.26 26.77
CA PHE C 272 26.95 7.34 27.60
C PHE C 272 26.39 5.95 27.46
N SER C 273 25.08 5.82 27.60
CA SER C 273 24.42 4.50 27.54
C SER C 273 24.62 3.83 26.18
N VAL C 274 24.53 4.59 25.10
CA VAL C 274 24.73 4.05 23.75
C VAL C 274 26.17 3.58 23.54
N ARG C 275 27.13 4.44 23.82
CA ARG C 275 28.54 4.12 23.58
C ARG C 275 29.18 3.13 24.57
N HIS C 276 28.72 3.08 25.83
CA HIS C 276 29.40 2.20 26.82
C HIS C 276 28.60 0.98 27.34
N ALA C 277 27.32 0.89 26.98
CA ALA C 277 26.48 -0.25 27.39
C ALA C 277 25.88 -0.96 26.17
N ASN C 278 26.47 -0.73 25.00
CA ASN C 278 26.03 -1.34 23.76
C ASN C 278 24.51 -1.23 23.59
N ASN C 279 24.01 0.00 23.54
CA ASN C 279 22.58 0.28 23.40
C ASN C 279 22.26 1.02 22.12
N ARG C 280 21.10 0.73 21.57
CA ARG C 280 20.69 1.32 20.32
C ARG C 280 20.12 2.73 20.48
N ASP C 281 20.71 3.68 19.77
CA ASP C 281 20.25 5.06 19.77
C ASP C 281 18.84 5.01 19.17
N PRO C 282 17.82 5.42 19.95
CA PRO C 282 16.42 5.26 19.52
C PRO C 282 15.86 6.22 18.47
N LEU C 283 16.60 7.26 18.10
CA LEU C 283 16.10 8.17 17.08
C LEU C 283 17.14 8.43 15.99
N GLU C 284 16.62 8.76 14.79
CA GLU C 284 17.43 9.05 13.60
C GLU C 284 18.48 10.13 13.89
N ALA C 285 18.03 11.26 14.44
CA ALA C 285 18.92 12.37 14.79
C ALA C 285 19.08 12.44 16.31
N ARG C 286 20.05 13.24 16.76
CA ARG C 286 20.31 13.47 18.19
C ARG C 286 19.54 14.69 18.68
N TYR C 287 19.12 14.65 19.93
CA TYR C 287 18.43 15.78 20.55
C TYR C 287 19.11 16.16 21.87
N PRO C 288 18.96 17.42 22.29
CA PRO C 288 19.58 17.81 23.54
C PRO C 288 18.89 17.15 24.74
N TRP C 289 17.57 16.91 24.60
CA TRP C 289 16.76 16.30 25.65
C TRP C 289 15.85 15.21 25.13
N TYR C 290 15.61 14.20 25.97
CA TYR C 290 14.74 13.07 25.64
C TYR C 290 13.76 12.79 26.77
N VAL C 291 12.67 12.11 26.41
CA VAL C 291 11.65 11.66 27.36
C VAL C 291 11.28 10.22 27.05
N LEU C 292 11.36 9.35 28.06
CA LEU C 292 10.94 7.97 27.89
C LEU C 292 9.60 7.92 28.57
N ILE C 293 8.54 7.84 27.78
CA ILE C 293 7.19 7.82 28.32
C ILE C 293 6.59 6.44 28.14
N GLU C 294 5.84 5.99 29.15
CA GLU C 294 5.19 4.68 29.12
C GLU C 294 3.81 4.75 29.77
N LEU C 295 2.85 4.08 29.13
CA LEU C 295 1.49 4.02 29.61
C LEU C 295 1.09 2.58 29.86
N SER C 296 0.39 2.34 30.98
CA SER C 296 -0.09 1.01 31.34
C SER C 296 -1.61 1.09 31.48
N SER C 297 -2.33 0.24 30.77
CA SER C 297 -3.79 0.27 30.83
C SER C 297 -4.41 -1.09 31.11
N PRO C 298 -5.57 -1.09 31.80
CA PRO C 298 -6.29 -2.32 32.03
C PRO C 298 -7.01 -2.76 30.75
N ARG C 299 -7.42 -1.80 29.91
CA ARG C 299 -8.04 -2.08 28.63
C ARG C 299 -6.94 -2.06 27.57
N ASP C 300 -7.31 -2.32 26.31
CA ASP C 300 -6.33 -2.37 25.22
C ASP C 300 -6.33 -1.02 24.44
N ASP C 301 -6.32 0.08 25.19
CA ASP C 301 -6.38 1.44 24.61
C ASP C 301 -5.16 2.29 24.98
N ALA C 302 -4.05 1.63 25.32
CA ALA C 302 -2.86 2.34 25.75
C ALA C 302 -2.21 3.11 24.60
N ARG C 303 -2.14 2.46 23.44
CA ARG C 303 -1.48 3.06 22.30
C ARG C 303 -2.22 4.30 21.79
N ALA C 304 -3.55 4.24 21.80
CA ALA C 304 -4.37 5.37 21.37
C ALA C 304 -4.04 6.60 22.18
N ALA C 305 -4.06 6.45 23.51
CA ALA C 305 -3.73 7.54 24.43
C ALA C 305 -2.29 8.06 24.23
N LEU C 306 -1.35 7.15 23.98
CA LEU C 306 0.05 7.54 23.74
C LEU C 306 0.14 8.38 22.49
N GLU C 307 -0.49 7.92 21.43
CA GLU C 307 -0.48 8.63 20.16
C GLU C 307 -1.15 9.98 20.28
N SER C 308 -2.22 10.04 21.06
CA SER C 308 -2.92 11.28 21.27
C SER C 308 -2.02 12.30 22.00
N ILE C 309 -1.22 11.82 22.96
CA ILE C 309 -0.28 12.66 23.68
C ILE C 309 0.72 13.24 22.72
N LEU C 310 1.41 12.37 21.98
CA LEU C 310 2.44 12.79 21.02
C LEU C 310 1.91 13.75 19.93
N GLU C 311 0.65 13.58 19.55
CA GLU C 311 0.03 14.44 18.54
C GLU C 311 -0.10 15.87 19.05
N ARG C 312 -0.59 16.06 20.29
CA ARG C 312 -0.74 17.42 20.86
C ARG C 312 0.65 18.03 21.01
N GLY C 313 1.62 17.18 21.37
CA GLY C 313 3.01 17.59 21.50
C GLY C 313 3.54 18.11 20.19
N PHE C 314 3.22 17.41 19.10
CA PHE C 314 3.65 17.86 17.76
C PHE C 314 2.95 19.15 17.37
N GLU C 315 1.64 19.25 17.63
CA GLU C 315 0.87 20.46 17.32
CA GLU C 315 0.87 20.47 17.32
C GLU C 315 1.42 21.65 18.09
N ASP C 316 1.72 21.44 19.37
CA ASP C 316 2.27 22.50 20.23
C ASP C 316 3.71 22.85 19.95
N GLY C 317 4.37 22.10 19.06
CA GLY C 317 5.75 22.38 18.67
C GLY C 317 6.78 21.97 19.71
N ILE C 318 6.37 21.19 20.70
CA ILE C 318 7.28 20.78 21.76
C ILE C 318 7.94 19.42 21.50
N VAL C 319 7.30 18.55 20.72
CA VAL C 319 7.89 17.25 20.37
C VAL C 319 8.48 17.40 18.97
N VAL C 320 9.76 17.11 18.80
CA VAL C 320 10.39 17.23 17.47
C VAL C 320 10.38 15.89 16.71
N ASP C 321 10.59 14.79 17.43
CA ASP C 321 10.59 13.44 16.83
C ASP C 321 10.28 12.42 17.90
N ALA C 322 9.57 11.36 17.54
CA ALA C 322 9.18 10.33 18.50
C ALA C 322 9.02 8.98 17.86
N ALA C 323 9.42 7.94 18.61
CA ALA C 323 9.33 6.56 18.17
C ALA C 323 8.55 5.72 19.19
N ILE C 324 7.43 5.13 18.74
CA ILE C 324 6.63 4.25 19.59
C ILE C 324 7.17 2.84 19.37
N ALA C 325 7.41 2.11 20.46
CA ALA C 325 7.89 0.73 20.36
C ALA C 325 6.82 -0.13 19.71
N ASN C 326 7.21 -0.90 18.70
CA ASN C 326 6.28 -1.76 17.94
C ASN C 326 6.41 -3.24 18.24
N SER C 327 7.11 -3.55 19.33
CA SER C 327 7.30 -4.93 19.75
C SER C 327 7.83 -4.96 21.18
N VAL C 328 7.78 -6.13 21.79
CA VAL C 328 8.32 -6.30 23.15
C VAL C 328 9.84 -6.17 23.14
N GLN C 329 10.50 -6.60 22.05
CA GLN C 329 11.95 -6.51 21.96
C GLN C 329 12.38 -5.05 21.97
N GLN C 330 11.64 -4.20 21.27
CA GLN C 330 11.97 -2.77 21.19
C GLN C 330 11.70 -2.06 22.52
N GLN C 331 10.62 -2.42 23.21
CA GLN C 331 10.33 -1.85 24.54
C GLN C 331 11.50 -2.13 25.47
N GLN C 332 11.92 -3.38 25.53
CA GLN C 332 13.03 -3.76 26.39
C GLN C 332 14.33 -3.06 25.98
N ALA C 333 14.49 -2.77 24.69
CA ALA C 333 15.69 -2.07 24.19
C ALA C 333 15.70 -0.62 24.72
N PHE C 334 14.53 0.02 24.69
CA PHE C 334 14.33 1.36 25.22
C PHE C 334 14.68 1.40 26.69
N TRP C 335 14.14 0.48 27.46
CA TRP C 335 14.41 0.45 28.89
C TRP C 335 15.83 0.01 29.22
N LYS C 336 16.42 -0.86 28.41
CA LYS C 336 17.80 -1.28 28.66
C LYS C 336 18.70 -0.03 28.62
N LEU C 337 18.45 0.85 27.67
CA LEU C 337 19.22 2.09 27.52
C LEU C 337 19.08 2.97 28.79
N ARG C 338 17.85 3.14 29.27
CA ARG C 338 17.58 3.95 30.47
C ARG C 338 18.17 3.33 31.72
N GLU C 339 17.93 2.03 31.91
CA GLU C 339 18.43 1.30 33.08
C GLU C 339 19.96 1.23 33.16
N GLU C 340 20.63 1.32 32.01
CA GLU C 340 22.09 1.21 31.98
C GLU C 340 22.85 2.55 31.95
N ILE C 341 22.14 3.65 32.22
CA ILE C 341 22.77 4.97 32.30
C ILE C 341 23.75 5.00 33.46
N SER C 342 23.38 4.38 34.57
CA SER C 342 24.20 4.36 35.77
C SER C 342 25.60 3.71 35.59
N PRO C 343 25.65 2.45 35.12
CA PRO C 343 26.96 1.83 34.91
C PRO C 343 27.72 2.42 33.71
N ALA C 344 27.01 3.03 32.77
CA ALA C 344 27.66 3.64 31.61
C ALA C 344 28.50 4.89 31.98
N GLN C 345 28.30 5.41 33.19
CA GLN C 345 29.07 6.55 33.66
C GLN C 345 30.52 6.18 34.07
N LYS C 346 30.70 4.99 34.67
CA LYS C 346 32.03 4.53 35.18
C LYS C 346 33.23 4.71 34.23
N PRO C 347 33.10 4.24 32.97
CA PRO C 347 34.23 4.38 32.03
C PRO C 347 34.40 5.78 31.46
N GLU C 348 33.59 6.72 31.92
CA GLU C 348 33.67 8.07 31.42
C GLU C 348 34.33 8.98 32.48
N GLY C 349 34.95 8.34 33.49
CA GLY C 349 35.65 9.05 34.55
C GLY C 349 34.88 9.17 35.85
N GLY C 350 35.46 9.90 36.80
CA GLY C 350 34.84 10.14 38.12
C GLY C 350 33.49 10.81 38.01
N SER C 351 32.63 10.53 39.00
CA SER C 351 31.29 11.04 38.99
C SER C 351 30.81 11.47 40.37
N ILE C 352 30.37 12.73 40.47
CA ILE C 352 29.81 13.27 41.73
C ILE C 352 28.29 13.15 41.61
N LYS C 353 27.71 12.26 42.43
CA LYS C 353 26.29 11.92 42.35
C LYS C 353 25.41 12.54 43.43
N HIS C 354 24.26 13.06 43.00
CA HIS C 354 23.26 13.64 43.91
C HIS C 354 21.88 13.28 43.42
N ASP C 355 21.05 12.81 44.35
CA ASP C 355 19.68 12.43 44.07
C ASP C 355 18.81 13.40 44.83
N ILE C 356 18.23 14.36 44.11
CA ILE C 356 17.44 15.43 44.71
C ILE C 356 16.07 15.55 44.11
N SER C 357 15.25 16.43 44.68
CA SER C 357 13.92 16.68 44.16
C SER C 357 13.52 18.12 44.34
N VAL C 358 12.62 18.57 43.47
CA VAL C 358 12.09 19.91 43.50
C VAL C 358 10.64 19.83 43.03
N PRO C 359 9.84 20.87 43.27
CA PRO C 359 8.49 20.80 42.74
C PRO C 359 8.58 20.48 41.25
N VAL C 360 7.62 19.73 40.75
CA VAL C 360 7.67 19.30 39.35
C VAL C 360 7.85 20.50 38.42
N ALA C 361 7.14 21.59 38.71
CA ALA C 361 7.17 22.81 37.91
C ALA C 361 8.55 23.47 37.87
N ALA C 362 9.36 23.21 38.90
CA ALA C 362 10.69 23.82 39.01
C ALA C 362 11.81 22.99 38.41
N VAL C 363 11.52 21.83 37.84
CA VAL C 363 12.59 20.98 37.31
C VAL C 363 13.47 21.65 36.24
N PRO C 364 12.86 22.41 35.32
CA PRO C 364 13.69 23.09 34.30
C PRO C 364 14.56 24.18 34.89
N GLN C 365 14.05 24.87 35.91
CA GLN C 365 14.86 25.92 36.58
C GLN C 365 16.04 25.26 37.31
N PHE C 366 15.78 24.16 38.00
CA PHE C 366 16.83 23.46 38.71
C PHE C 366 17.98 23.01 37.80
N ILE C 367 17.64 22.39 36.67
CA ILE C 367 18.65 21.85 35.74
C ILE C 367 19.50 22.98 35.17
N GLU C 368 18.83 24.04 34.75
CA GLU C 368 19.48 25.18 34.16
C GLU C 368 20.42 25.84 35.16
N GLN C 369 19.94 26.04 36.38
CA GLN C 369 20.71 26.68 37.44
C GLN C 369 21.85 25.83 37.97
N ALA C 370 21.59 24.54 38.19
CA ALA C 370 22.64 23.62 38.66
C ALA C 370 23.74 23.51 37.60
N ASN C 371 23.37 23.28 36.34
CA ASN C 371 24.36 23.21 35.28
C ASN C 371 25.30 24.42 35.28
N ALA C 372 24.72 25.62 35.28
CA ALA C 372 25.52 26.86 35.25
C ALA C 372 26.42 26.96 36.47
N ALA C 373 25.85 26.72 37.65
CA ALA C 373 26.62 26.78 38.91
C ALA C 373 27.78 25.78 38.93
N VAL C 374 27.50 24.53 38.56
CA VAL C 374 28.55 23.51 38.55
C VAL C 374 29.68 23.84 37.51
N VAL C 375 29.31 24.28 36.32
CA VAL C 375 30.30 24.67 35.30
C VAL C 375 31.14 25.88 35.79
N ALA C 376 30.49 26.79 36.52
CA ALA C 376 31.23 27.94 37.11
C ALA C 376 32.27 27.45 38.15
N LEU C 377 31.91 26.40 38.89
CA LEU C 377 32.79 25.83 39.91
C LEU C 377 33.96 25.06 39.25
N ILE C 378 33.62 24.17 38.32
CA ILE C 378 34.57 23.32 37.64
C ILE C 378 34.37 23.44 36.14
N PRO C 379 35.15 24.29 35.48
CA PRO C 379 34.98 24.44 34.02
C PRO C 379 35.18 23.13 33.28
N GLY C 380 34.41 22.92 32.21
CA GLY C 380 34.51 21.71 31.43
C GLY C 380 33.79 20.50 32.03
N ALA C 381 33.28 20.65 33.27
CA ALA C 381 32.54 19.56 33.94
C ALA C 381 31.36 19.18 33.06
N ARG C 382 30.88 17.97 33.22
CA ARG C 382 29.81 17.47 32.38
C ARG C 382 28.63 16.98 33.19
N PRO C 383 27.58 17.80 33.26
CA PRO C 383 26.39 17.38 33.96
C PRO C 383 25.75 16.19 33.28
N VAL C 384 25.36 15.21 34.08
CA VAL C 384 24.69 14.03 33.60
C VAL C 384 23.37 13.94 34.38
N PRO C 385 22.37 14.76 33.98
CA PRO C 385 21.09 14.70 34.67
C PRO C 385 20.06 13.85 33.95
N PHE C 386 19.32 13.08 34.72
CA PHE C 386 18.23 12.28 34.21
C PHE C 386 17.34 11.97 35.40
N GLY C 387 16.07 11.69 35.16
CA GLY C 387 15.17 11.37 36.26
C GLY C 387 13.70 11.29 35.98
N HIS C 388 12.95 11.26 37.08
CA HIS C 388 11.53 11.09 37.07
C HIS C 388 10.84 12.45 37.10
N LEU C 389 10.65 13.03 35.93
CA LEU C 389 10.05 14.35 35.82
C LEU C 389 8.69 14.45 36.50
N GLY C 390 7.89 13.41 36.40
CA GLY C 390 6.53 13.40 36.99
C GLY C 390 6.43 13.50 38.52
N ASP C 391 7.53 13.23 39.22
CA ASP C 391 7.55 13.35 40.68
C ASP C 391 8.65 14.31 41.16
N GLY C 392 9.26 15.03 40.23
CA GLY C 392 10.29 16.00 40.55
C GLY C 392 11.64 15.47 41.01
N ASN C 393 11.84 14.15 40.99
CA ASN C 393 13.13 13.57 41.40
C ASN C 393 14.07 13.40 40.21
N ILE C 394 15.20 14.11 40.27
CA ILE C 394 16.21 14.10 39.25
C ILE C 394 17.52 13.59 39.79
N HIS C 395 18.12 12.63 39.09
CA HIS C 395 19.46 12.16 39.42
C HIS C 395 20.38 13.22 38.86
N TYR C 396 20.93 14.09 39.71
CA TYR C 396 21.80 15.13 39.22
C TYR C 396 23.24 14.77 39.50
N ASN C 397 23.86 14.16 38.51
CA ASN C 397 25.22 13.72 38.61
C ASN C 397 26.10 14.59 37.75
N VAL C 398 27.40 14.60 38.06
CA VAL C 398 28.35 15.37 37.28
C VAL C 398 29.57 14.52 37.01
N SER C 399 29.88 14.31 35.73
CA SER C 399 31.06 13.55 35.36
C SER C 399 32.24 14.50 35.21
N GLN C 400 33.45 13.99 35.43
CA GLN C 400 34.65 14.82 35.34
C GLN C 400 34.90 15.39 33.96
N PRO C 401 35.65 16.51 33.88
CA PRO C 401 36.01 17.03 32.55
C PRO C 401 36.84 16.00 31.80
N VAL C 402 36.63 15.91 30.48
CA VAL C 402 37.33 14.95 29.66
C VAL C 402 38.84 15.14 29.85
N GLY C 403 39.51 14.06 30.27
CA GLY C 403 40.97 14.07 30.45
C GLY C 403 41.50 14.41 31.83
N ALA C 404 40.69 15.03 32.68
CA ALA C 404 41.12 15.46 34.03
C ALA C 404 41.44 14.31 35.00
N ASP C 405 42.10 14.62 36.10
CA ASP C 405 42.44 13.63 37.11
C ASP C 405 41.18 13.23 37.88
N LYS C 406 40.90 11.93 37.89
CA LYS C 406 39.71 11.40 38.57
C LYS C 406 39.72 11.73 40.07
N ALA C 407 40.82 11.41 40.76
CA ALA C 407 40.92 11.64 42.22
C ALA C 407 40.82 13.12 42.61
N GLU C 408 41.36 13.98 41.75
CA GLU C 408 41.32 15.43 41.99
C GLU C 408 39.86 15.89 41.91
N PHE C 409 39.14 15.39 40.91
CA PHE C 409 37.73 15.75 40.69
C PHE C 409 36.80 15.28 41.79
N LEU C 410 36.94 14.01 42.19
CA LEU C 410 36.11 13.45 43.28
C LEU C 410 36.34 14.16 44.62
N ALA C 411 37.45 14.88 44.75
CA ALA C 411 37.75 15.63 45.96
C ALA C 411 36.83 16.85 46.10
N ARG C 412 36.30 17.33 44.96
CA ARG C 412 35.38 18.47 44.93
C ARG C 412 33.92 18.09 45.25
N TRP C 413 33.69 16.86 45.69
CA TRP C 413 32.33 16.37 46.00
C TRP C 413 31.56 17.34 46.92
N HIS C 414 32.17 17.70 48.05
CA HIS C 414 31.50 18.62 49.01
C HIS C 414 31.23 19.99 48.38
N ASP C 415 32.20 20.52 47.64
CA ASP C 415 32.02 21.81 47.00
C ASP C 415 30.86 21.79 46.01
N VAL C 416 30.70 20.68 45.28
CA VAL C 416 29.60 20.54 44.34
C VAL C 416 28.28 20.43 45.10
N SER C 417 28.31 19.73 46.24
CA SER C 417 27.12 19.57 47.11
C SER C 417 26.58 20.91 47.58
N GLN C 418 27.47 21.77 48.08
CA GLN C 418 27.06 23.10 48.55
C GLN C 418 26.31 23.83 47.46
N VAL C 419 26.87 23.80 46.26
CA VAL C 419 26.26 24.47 45.15
C VAL C 419 24.93 23.85 44.78
N VAL C 420 24.88 22.54 44.63
CA VAL C 420 23.64 21.88 44.24
C VAL C 420 22.54 22.10 45.27
N PHE C 421 22.88 21.99 46.56
CA PHE C 421 21.88 22.19 47.63
C PHE C 421 21.37 23.60 47.72
N GLU C 422 22.20 24.56 47.35
CA GLU C 422 21.76 25.92 47.35
C GLU C 422 20.69 26.09 46.28
N VAL C 423 20.86 25.45 45.12
CA VAL C 423 19.87 25.55 44.06
C VAL C 423 18.59 24.84 44.46
N VAL C 424 18.73 23.67 45.06
CA VAL C 424 17.58 22.92 45.50
C VAL C 424 16.80 23.69 46.56
N LEU C 425 17.50 24.24 47.53
CA LEU C 425 16.82 24.91 48.61
CA LEU C 425 16.87 25.00 48.63
C LEU C 425 16.10 26.18 48.13
N ARG C 426 16.69 26.90 47.19
CA ARG C 426 16.04 28.12 46.69
C ARG C 426 14.77 27.82 45.88
N LEU C 427 14.63 26.58 45.41
CA LEU C 427 13.45 26.16 44.64
C LEU C 427 12.44 25.34 45.48
N GLY C 428 12.69 25.25 46.79
CA GLY C 428 11.80 24.51 47.69
C GLY C 428 11.93 23.00 47.61
N GLY C 429 13.10 22.52 47.20
CA GLY C 429 13.34 21.09 47.07
C GLY C 429 13.89 20.38 48.28
N SER C 430 14.25 19.13 48.07
CA SER C 430 14.80 18.27 49.10
C SER C 430 16.22 17.84 48.75
N ILE C 431 17.08 17.77 49.77
CA ILE C 431 18.46 17.33 49.60
C ILE C 431 18.56 15.79 49.38
N SER C 432 17.50 15.07 49.80
CA SER C 432 17.40 13.60 49.64
C SER C 432 15.97 13.19 49.19
N ALA C 433 15.82 12.87 47.91
CA ALA C 433 14.51 12.52 47.36
C ALA C 433 14.07 11.06 47.62
N GLU C 434 15.03 10.13 47.59
CA GLU C 434 14.74 8.71 47.71
C GLU C 434 15.59 7.95 48.76
N HIS C 435 16.91 8.17 48.71
CA HIS C 435 17.87 7.39 49.53
C HIS C 435 17.79 7.56 51.04
N GLY C 436 17.43 8.76 51.48
CA GLY C 436 17.30 9.07 52.90
C GLY C 436 18.51 9.81 53.46
N ILE C 437 18.54 9.90 54.79
CA ILE C 437 19.58 10.62 55.53
C ILE C 437 20.71 9.73 56.02
N GLY C 438 20.37 8.70 56.79
CA GLY C 438 21.37 7.80 57.36
C GLY C 438 22.41 8.60 58.12
N VAL C 439 23.67 8.40 57.77
CA VAL C 439 24.79 9.10 58.39
C VAL C 439 25.27 10.24 57.48
N MSE C 440 25.27 9.97 56.17
CA MSE C 440 25.76 10.91 55.17
C MSE C 440 25.18 12.32 55.27
O MSE C 440 25.94 13.29 55.37
CB MSE C 440 25.51 10.34 53.76
CG MSE C 440 26.06 11.22 52.60
SE MSE C 440 25.70 10.44 50.82
CE MSE C 440 26.69 8.74 51.04
N LYS C 441 23.85 12.45 55.27
CA LYS C 441 23.20 13.76 55.26
C LYS C 441 22.59 14.15 56.61
N ARG C 442 23.17 13.64 57.69
CA ARG C 442 22.67 13.89 59.06
C ARG C 442 22.85 15.33 59.52
N ASP C 443 24.05 15.89 59.31
CA ASP C 443 24.34 17.28 59.69
C ASP C 443 23.57 18.24 58.78
N GLU C 444 23.45 17.86 57.48
CA GLU C 444 22.72 18.68 56.49
C GLU C 444 21.19 18.75 56.82
N LEU C 445 20.62 17.64 57.29
CA LEU C 445 19.21 17.60 57.70
C LEU C 445 18.94 18.63 58.78
N ALA C 446 19.82 18.68 59.77
CA ALA C 446 19.72 19.63 60.89
C ALA C 446 19.80 21.12 60.44
N GLU C 447 20.50 21.38 59.35
CA GLU C 447 20.63 22.75 58.84
C GLU C 447 19.38 23.17 58.05
N VAL C 448 18.82 22.27 57.26
CA VAL C 448 17.70 22.61 56.37
C VAL C 448 16.28 22.38 56.87
N LYS C 449 16.07 21.39 57.72
CA LYS C 449 14.71 21.04 58.15
C LYS C 449 14.12 22.05 59.14
N ASP C 450 12.79 22.22 59.07
CA ASP C 450 12.02 23.07 59.99
C ASP C 450 12.43 22.78 61.44
N LYS C 451 12.73 23.84 62.19
CA LYS C 451 13.25 23.71 63.55
C LYS C 451 12.35 22.90 64.51
N THR C 452 11.05 23.20 64.51
CA THR C 452 10.12 22.47 65.37
C THR C 452 10.06 21.01 64.95
N ALA C 453 10.06 20.78 63.63
CA ALA C 453 10.04 19.44 63.09
C ALA C 453 11.22 18.64 63.62
N ILE C 454 12.42 19.20 63.53
CA ILE C 454 13.62 18.51 63.98
C ILE C 454 13.52 18.24 65.48
N GLU C 455 13.04 19.21 66.24
CA GLU C 455 12.86 19.05 67.70
C GLU C 455 11.93 17.88 68.03
N LEU C 456 10.82 17.76 67.29
CA LEU C 456 9.89 16.65 67.51
C LEU C 456 10.51 15.32 67.14
N MSE C 457 11.27 15.29 66.06
CA MSE C 457 11.94 14.06 65.67
C MSE C 457 12.86 13.58 66.78
O MSE C 457 12.86 12.40 67.12
CB MSE C 457 12.75 14.22 64.38
CG MSE C 457 11.94 14.50 63.17
SE MSE C 457 13.02 14.71 61.57
CE MSE C 457 11.56 15.29 60.41
N ARG C 458 13.62 14.52 67.36
CA ARG C 458 14.53 14.17 68.46
C ARG C 458 13.78 13.65 69.68
N SER C 459 12.65 14.26 69.99
CA SER C 459 11.86 13.84 71.15
C SER C 459 11.24 12.49 70.92
N ILE C 460 10.77 12.22 69.70
CA ILE C 460 10.18 10.94 69.35
C ILE C 460 11.24 9.86 69.41
N LYS C 461 12.44 10.17 68.91
CA LYS C 461 13.58 9.25 68.97
C LYS C 461 13.90 8.89 70.42
N ALA C 462 13.93 9.90 71.28
CA ALA C 462 14.24 9.69 72.70
C ALA C 462 13.17 8.86 73.40
N LEU C 463 11.94 9.01 72.96
CA LEU C 463 10.84 8.28 73.52
C LEU C 463 10.85 6.82 73.11
N LEU C 464 11.07 6.56 71.83
CA LEU C 464 11.08 5.18 71.33
C LEU C 464 12.39 4.41 71.55
N ASP C 465 13.49 5.13 71.78
CA ASP C 465 14.80 4.51 71.97
C ASP C 465 15.58 5.27 73.04
N PRO C 466 15.09 5.26 74.28
CA PRO C 466 15.75 6.03 75.33
C PRO C 466 17.21 5.68 75.55
N HIS C 467 17.58 4.41 75.43
CA HIS C 467 18.98 4.00 75.64
C HIS C 467 19.87 4.14 74.40
N GLY C 468 19.29 4.61 73.28
CA GLY C 468 20.05 4.83 72.06
C GLY C 468 20.70 3.61 71.46
N ILE C 469 19.99 2.49 71.47
CA ILE C 469 20.54 1.26 70.88
C ILE C 469 20.00 1.01 69.48
N MSE C 470 19.01 1.79 69.05
CA MSE C 470 18.35 1.54 67.76
C MSE C 470 18.97 2.34 66.62
O MSE C 470 18.55 3.44 66.30
CB MSE C 470 16.85 1.82 67.90
CG MSE C 470 16.01 1.29 66.76
SE MSE C 470 16.21 -0.63 66.42
CE MSE C 470 15.69 -1.30 68.13
N ASN C 471 19.99 1.76 66.01
CA ASN C 471 20.70 2.35 64.89
C ASN C 471 21.17 3.77 65.23
N PRO C 472 21.92 3.92 66.32
CA PRO C 472 22.36 5.25 66.76
C PRO C 472 23.26 5.99 65.76
N GLY C 473 23.22 7.32 65.86
CA GLY C 473 24.02 8.20 65.01
C GLY C 473 23.50 8.34 63.59
N LYS C 474 22.22 8.00 63.37
CA LYS C 474 21.65 8.07 62.04
C LYS C 474 20.32 8.85 62.05
N VAL C 475 20.13 9.67 61.01
CA VAL C 475 18.94 10.56 60.85
C VAL C 475 18.95 11.75 61.86
N VAL C 476 18.92 11.44 63.16
CA VAL C 476 18.97 12.47 64.23
C VAL C 476 19.84 12.01 65.42
N THR D 12 -15.39 29.39 86.53
CA THR D 12 -15.42 29.54 85.03
C THR D 12 -14.27 30.48 84.55
N LEU D 13 -14.16 30.67 83.21
CA LEU D 13 -13.08 31.50 82.62
C LEU D 13 -13.12 32.96 83.08
N SER D 14 -11.99 33.45 83.58
CA SER D 14 -11.91 34.80 84.14
C SER D 14 -12.01 35.92 83.10
N PRO D 15 -12.57 37.08 83.51
CA PRO D 15 -12.66 38.26 82.67
C PRO D 15 -11.30 38.68 82.11
N GLU D 16 -10.25 38.51 82.92
CA GLU D 16 -8.86 38.79 82.52
C GLU D 16 -8.52 37.98 81.27
N LEU D 17 -8.71 36.67 81.35
CA LEU D 17 -8.39 35.79 80.23
C LEU D 17 -9.33 36.04 79.02
N ILE D 18 -10.60 36.28 79.27
CA ILE D 18 -11.54 36.55 78.17
C ILE D 18 -11.09 37.81 77.44
N ALA D 19 -10.71 38.82 78.21
CA ALA D 19 -10.25 40.07 77.64
C ALA D 19 -9.01 39.87 76.78
N ARG D 20 -8.03 39.14 77.31
CA ARG D 20 -6.78 38.93 76.58
C ARG D 20 -6.97 38.15 75.29
N PHE D 21 -7.78 37.10 75.32
CA PHE D 21 -8.05 36.34 74.09
C PHE D 21 -8.76 37.24 73.09
N THR D 22 -9.75 38.00 73.56
CA THR D 22 -10.49 38.93 72.70
C THR D 22 -9.52 39.87 71.98
N ALA D 23 -8.57 40.43 72.73
CA ALA D 23 -7.59 41.33 72.17
C ALA D 23 -6.84 40.69 70.98
N ILE D 24 -6.45 39.42 71.13
CA ILE D 24 -5.68 38.73 70.10
C ILE D 24 -6.37 38.70 68.75
N VAL D 25 -7.66 38.35 68.73
CA VAL D 25 -8.41 38.20 67.45
C VAL D 25 -9.34 39.37 67.07
N GLY D 26 -9.56 40.30 68.00
CA GLY D 26 -10.49 41.41 67.77
C GLY D 26 -11.86 40.99 68.26
N ASP D 27 -12.52 41.85 69.05
CA ASP D 27 -13.81 41.50 69.66
C ASP D 27 -14.87 41.05 68.69
N LYS D 28 -14.87 41.59 67.48
CA LYS D 28 -15.84 41.15 66.45
C LYS D 28 -15.71 39.66 66.16
N HIS D 29 -14.57 39.06 66.52
CA HIS D 29 -14.34 37.64 66.30
C HIS D 29 -14.18 36.83 67.59
N ALA D 30 -14.65 37.41 68.70
CA ALA D 30 -14.61 36.76 70.02
C ALA D 30 -16.04 36.74 70.51
N LEU D 31 -16.64 35.56 70.52
CA LEU D 31 -18.06 35.42 70.90
C LEU D 31 -18.26 34.90 72.33
N THR D 32 -19.01 35.67 73.12
CA THR D 32 -19.36 35.30 74.49
C THR D 32 -20.89 35.20 74.72
N ASP D 33 -21.68 35.86 73.87
CA ASP D 33 -23.15 35.83 73.97
C ASP D 33 -23.66 34.41 73.68
N PRO D 34 -24.45 33.83 74.63
CA PRO D 34 -25.05 32.48 74.50
C PRO D 34 -25.77 32.20 73.17
N LEU D 35 -26.44 33.20 72.61
CA LEU D 35 -27.14 33.04 71.32
C LEU D 35 -26.16 32.76 70.18
N GLU D 36 -25.02 33.46 70.20
CA GLU D 36 -23.96 33.30 69.18
C GLU D 36 -23.23 31.96 69.36
N LEU D 37 -22.88 31.63 70.61
CA LEU D 37 -22.20 30.37 70.98
C LEU D 37 -23.01 29.09 70.62
N GLU D 38 -24.33 29.22 70.55
CA GLU D 38 -25.25 28.08 70.26
C GLU D 38 -24.85 27.26 69.03
N ALA D 39 -24.38 27.91 67.97
CA ALA D 39 -24.00 27.21 66.74
C ALA D 39 -22.64 26.48 66.85
N TYR D 40 -21.83 26.79 67.87
CA TYR D 40 -20.50 26.18 68.06
C TYR D 40 -20.46 25.10 69.16
N ILE D 41 -21.34 25.23 70.15
CA ILE D 41 -21.38 24.28 71.27
C ILE D 41 -22.25 23.02 71.01
N THR D 42 -22.92 22.98 69.87
CA THR D 42 -23.75 21.81 69.48
C THR D 42 -23.55 21.57 67.99
N GLU D 43 -23.69 20.31 67.54
CA GLU D 43 -23.48 19.97 66.12
CA GLU D 43 -23.48 19.94 66.13
C GLU D 43 -24.78 19.61 65.39
N GLU D 44 -24.66 19.37 64.08
CA GLU D 44 -25.81 19.02 63.16
C GLU D 44 -26.80 17.96 63.71
N ARG D 45 -26.30 16.72 63.95
CA ARG D 45 -27.14 15.58 64.41
C ARG D 45 -27.48 15.50 65.95
N ASN D 46 -27.57 16.65 66.62
CA ASN D 46 -27.93 16.75 68.08
C ASN D 46 -27.39 15.64 69.01
N LEU D 47 -26.17 15.17 68.74
CA LEU D 47 -25.59 14.07 69.51
C LEU D 47 -25.22 14.47 70.96
N TYR D 48 -24.37 15.50 71.11
CA TYR D 48 -23.95 16.01 72.42
C TYR D 48 -24.25 17.48 72.51
N ARG D 49 -24.41 17.98 73.74
CA ARG D 49 -24.60 19.41 73.96
C ARG D 49 -23.59 19.89 74.99
N GLY D 50 -22.65 20.71 74.52
CA GLY D 50 -21.59 21.23 75.36
C GLY D 50 -21.88 22.60 75.91
N HIS D 51 -20.87 23.15 76.59
CA HIS D 51 -20.95 24.49 77.15
C HIS D 51 -19.58 25.14 77.02
N SER D 52 -19.59 26.41 76.65
CA SER D 52 -18.37 27.17 76.46
C SER D 52 -18.55 28.63 76.83
N PRO D 53 -17.52 29.22 77.44
CA PRO D 53 -17.57 30.62 77.79
C PRO D 53 -17.06 31.53 76.65
N LEU D 54 -16.36 30.95 75.66
CA LEU D 54 -15.75 31.77 74.61
C LEU D 54 -15.44 31.02 73.32
N VAL D 55 -15.86 31.59 72.20
CA VAL D 55 -15.51 31.07 70.89
C VAL D 55 -14.59 32.12 70.28
N LEU D 56 -13.53 31.69 69.61
CA LEU D 56 -12.56 32.58 68.94
C LEU D 56 -12.44 32.20 67.47
N ARG D 57 -12.33 33.21 66.61
CA ARG D 57 -12.24 33.00 65.18
C ARG D 57 -10.99 33.72 64.66
N PRO D 58 -9.81 33.14 64.90
CA PRO D 58 -8.58 33.79 64.48
C PRO D 58 -8.46 33.89 62.97
N GLY D 59 -7.69 34.87 62.51
CA GLY D 59 -7.53 35.13 61.08
C GLY D 59 -6.15 34.87 60.54
N SER D 60 -5.26 34.38 61.40
CA SER D 60 -3.91 34.11 61.00
C SER D 60 -3.28 33.10 61.92
N THR D 61 -2.24 32.45 61.41
CA THR D 61 -1.47 31.48 62.19
C THR D 61 -0.88 32.22 63.39
N GLU D 62 -0.34 33.40 63.13
CA GLU D 62 0.25 34.27 64.15
C GLU D 62 -0.72 34.43 65.33
N GLU D 63 -2.01 34.63 65.03
CA GLU D 63 -3.03 34.73 66.07
C GLU D 63 -3.24 33.39 66.78
N VAL D 64 -3.23 32.28 66.04
CA VAL D 64 -3.34 30.95 66.66
C VAL D 64 -2.16 30.71 67.65
N VAL D 65 -0.97 31.16 67.27
CA VAL D 65 0.20 31.06 68.13
C VAL D 65 -0.05 31.84 69.42
N ALA D 66 -0.53 33.08 69.32
CA ALA D 66 -0.77 33.88 70.54
C ALA D 66 -1.78 33.18 71.44
N ILE D 67 -2.87 32.67 70.83
CA ILE D 67 -3.89 31.97 71.59
C ILE D 67 -3.32 30.76 72.34
N CYS D 68 -2.57 29.92 71.63
CA CYS D 68 -1.98 28.73 72.22
C CYS D 68 -1.04 29.07 73.38
N LYS D 69 -0.12 30.01 73.16
CA LYS D 69 0.80 30.41 74.23
C LYS D 69 0.07 30.85 75.49
N LEU D 70 -1.00 31.63 75.32
CA LEU D 70 -1.78 32.10 76.46
C LEU D 70 -2.52 30.93 77.10
N ALA D 71 -3.20 30.13 76.28
CA ALA D 71 -3.94 28.96 76.76
C ALA D 71 -3.03 28.00 77.52
N ASN D 72 -1.81 27.81 77.02
CA ASN D 72 -0.87 26.91 77.66
C ASN D 72 -0.40 27.40 79.03
N GLU D 73 -0.03 28.68 79.12
CA GLU D 73 0.48 29.28 80.36
C GLU D 73 -0.58 29.32 81.45
N ALA D 74 -1.81 29.63 81.06
CA ALA D 74 -2.92 29.74 82.01
C ALA D 74 -3.70 28.43 82.16
N ARG D 75 -3.23 27.36 81.53
CA ARG D 75 -3.90 26.05 81.59
C ARG D 75 -5.38 26.16 81.16
N VAL D 76 -5.62 26.81 80.03
CA VAL D 76 -6.96 26.94 79.50
C VAL D 76 -7.07 25.94 78.38
N ALA D 77 -7.96 24.98 78.52
CA ALA D 77 -8.15 23.95 77.48
C ALA D 77 -8.81 24.53 76.20
N LEU D 78 -8.33 24.09 75.05
CA LEU D 78 -8.84 24.54 73.74
C LEU D 78 -9.47 23.40 72.95
N VAL D 79 -10.44 23.72 72.12
CA VAL D 79 -11.09 22.73 71.29
C VAL D 79 -11.15 23.24 69.87
N PRO D 80 -10.27 22.72 68.98
CA PRO D 80 -10.27 23.14 67.59
C PRO D 80 -11.55 22.72 66.90
N GLN D 81 -11.95 23.52 65.94
CA GLN D 81 -13.19 23.27 65.23
C GLN D 81 -13.21 24.00 63.91
N GLY D 82 -13.68 23.32 62.87
CA GLY D 82 -13.81 23.91 61.56
C GLY D 82 -15.27 24.07 61.22
N GLY D 83 -15.77 23.16 60.40
CA GLY D 83 -17.15 23.19 59.94
C GLY D 83 -18.19 22.78 60.96
N ASN D 84 -17.76 22.06 61.99
CA ASN D 84 -18.65 21.55 63.02
C ASN D 84 -19.61 20.48 62.43
N THR D 85 -19.08 19.65 61.53
CA THR D 85 -19.87 18.55 60.96
C THR D 85 -19.43 17.19 61.54
N GLY D 86 -18.42 17.21 62.43
CA GLY D 86 -17.92 16.00 63.10
C GLY D 86 -19.03 15.25 63.82
N LEU D 87 -18.97 13.91 63.76
CA LEU D 87 -20.03 13.02 64.31
C LEU D 87 -19.64 12.21 65.57
N VAL D 88 -18.54 12.58 66.23
CA VAL D 88 -18.05 11.85 67.39
C VAL D 88 -17.74 12.74 68.59
N GLY D 89 -18.34 13.93 68.61
CA GLY D 89 -18.14 14.89 69.69
C GLY D 89 -16.71 15.40 69.83
N GLY D 90 -15.94 15.29 68.75
CA GLY D 90 -14.54 15.72 68.73
C GLY D 90 -14.37 17.23 68.81
N GLN D 91 -15.24 17.97 68.13
CA GLN D 91 -15.16 19.44 68.10
C GLN D 91 -16.05 20.13 69.14
N THR D 92 -16.75 19.35 69.95
CA THR D 92 -17.65 19.90 70.96
C THR D 92 -16.92 20.11 72.31
N PRO D 93 -17.12 21.27 72.95
CA PRO D 93 -16.53 21.54 74.26
C PRO D 93 -17.44 21.04 75.37
N HIS D 94 -17.03 19.96 76.03
CA HIS D 94 -17.85 19.34 77.07
C HIS D 94 -17.51 19.82 78.50
N ASN D 95 -16.45 20.63 78.65
CA ASN D 95 -15.98 21.08 79.97
C ASN D 95 -15.67 22.56 80.13
N GLY D 96 -16.35 23.42 79.37
CA GLY D 96 -16.10 24.86 79.49
C GLY D 96 -14.77 25.30 78.88
N GLU D 97 -14.36 24.59 77.82
CA GLU D 97 -13.15 24.91 77.10
C GLU D 97 -13.44 26.08 76.17
N VAL D 98 -12.39 26.67 75.63
CA VAL D 98 -12.51 27.73 74.66
C VAL D 98 -12.50 27.11 73.27
N VAL D 99 -13.48 27.45 72.44
CA VAL D 99 -13.53 26.91 71.08
C VAL D 99 -12.69 27.77 70.17
N ILE D 100 -11.88 27.12 69.34
CA ILE D 100 -11.02 27.81 68.36
C ILE D 100 -11.53 27.43 67.02
N SER D 101 -12.39 28.27 66.47
CA SER D 101 -12.95 28.03 65.14
C SER D 101 -11.96 28.55 64.13
N LEU D 102 -11.69 27.75 63.10
CA LEU D 102 -10.77 28.15 62.03
C LEU D 102 -11.50 28.65 60.81
N LYS D 103 -12.77 29.01 60.98
CA LYS D 103 -13.61 29.43 59.84
C LYS D 103 -13.12 30.67 59.08
N ARG D 104 -12.45 31.61 59.77
CA ARG D 104 -11.96 32.83 59.08
C ARG D 104 -10.69 32.60 58.27
N MSE D 105 -9.88 31.62 58.68
CA MSE D 105 -8.69 31.26 57.89
C MSE D 105 -9.13 30.37 56.72
O MSE D 105 -8.96 29.17 56.78
CB MSE D 105 -7.65 30.55 58.75
CG MSE D 105 -7.11 31.40 59.87
SE MSE D 105 -5.60 30.56 60.73
CE MSE D 105 -4.36 30.68 59.23
N ASP D 106 -9.69 30.98 55.69
CA ASP D 106 -10.25 30.24 54.55
C ASP D 106 -9.68 30.63 53.21
N LYS D 107 -8.46 31.14 53.22
CA LYS D 107 -7.83 31.60 52.01
C LYS D 107 -7.21 30.44 51.21
N ILE D 108 -7.34 30.51 49.89
CA ILE D 108 -6.68 29.59 48.96
C ILE D 108 -5.44 30.36 48.56
N ARG D 109 -4.26 29.91 48.98
CA ARG D 109 -3.01 30.68 48.76
C ARG D 109 -2.36 30.57 47.40
N GLU D 110 -2.39 29.39 46.79
CA GLU D 110 -1.68 29.22 45.53
C GLU D 110 -2.11 27.96 44.85
N ILE D 111 -2.48 28.10 43.58
CA ILE D 111 -2.80 26.97 42.75
C ILE D 111 -1.63 26.86 41.77
N ASP D 112 -0.98 25.70 41.74
CA ASP D 112 0.12 25.45 40.79
C ASP D 112 -0.34 24.34 39.87
N THR D 113 -0.73 24.70 38.65
CA THR D 113 -1.22 23.70 37.71
C THR D 113 -0.14 22.80 37.07
N SER D 114 1.14 23.08 37.29
CA SER D 114 2.25 22.23 36.76
C SER D 114 2.78 21.22 37.79
N SER D 115 2.89 21.67 39.04
CA SER D 115 3.30 20.81 40.12
C SER D 115 2.11 20.01 40.60
N ASN D 116 0.92 20.51 40.25
CA ASN D 116 -0.37 19.95 40.61
C ASN D 116 -0.53 19.92 42.11
N THR D 117 -0.54 21.13 42.66
CA THR D 117 -0.67 21.34 44.09
C THR D 117 -1.53 22.56 44.36
N ILE D 118 -2.07 22.60 45.57
CA ILE D 118 -2.89 23.71 46.01
C ILE D 118 -2.60 23.91 47.50
N THR D 119 -2.30 25.15 47.86
CA THR D 119 -2.02 25.48 49.24
C THR D 119 -3.21 26.26 49.78
N VAL D 120 -3.79 25.78 50.88
CA VAL D 120 -4.97 26.42 51.47
C VAL D 120 -4.92 26.47 52.98
N GLU D 121 -5.65 27.42 53.54
CA GLU D 121 -5.77 27.54 54.98
C GLU D 121 -6.81 26.49 55.45
N ALA D 122 -6.68 26.08 56.71
CA ALA D 122 -7.53 25.02 57.27
C ALA D 122 -9.05 25.28 57.31
N GLY D 123 -9.45 26.53 57.16
CA GLY D 123 -10.87 26.90 57.19
C GLY D 123 -11.56 26.94 55.85
N ALA D 124 -10.84 26.59 54.79
CA ALA D 124 -11.42 26.60 53.47
C ALA D 124 -12.46 25.50 53.37
N ILE D 125 -13.65 25.83 52.88
CA ILE D 125 -14.72 24.86 52.71
C ILE D 125 -14.30 23.94 51.56
N LEU D 126 -14.42 22.64 51.78
CA LEU D 126 -14.05 21.60 50.79
C LEU D 126 -14.67 21.88 49.42
N GLN D 127 -15.96 22.20 49.40
CA GLN D 127 -16.70 22.50 48.16
C GLN D 127 -16.08 23.62 47.38
N ARG D 128 -15.60 24.66 48.07
CA ARG D 128 -14.96 25.79 47.39
C ARG D 128 -13.59 25.39 46.82
N VAL D 129 -12.84 24.56 47.54
CA VAL D 129 -11.57 24.08 47.04
C VAL D 129 -11.81 23.28 45.77
N GLN D 130 -12.88 22.48 45.76
CA GLN D 130 -13.25 21.72 44.55
C GLN D 130 -13.51 22.65 43.36
N GLU D 131 -14.25 23.73 43.63
CA GLU D 131 -14.59 24.70 42.59
C GLU D 131 -13.37 25.40 42.01
N LYS D 132 -12.46 25.85 42.87
CA LYS D 132 -11.25 26.51 42.39
C LYS D 132 -10.40 25.56 41.56
N ALA D 133 -10.35 24.29 41.93
CA ALA D 133 -9.62 23.33 41.13
C ALA D 133 -10.28 23.22 39.75
N ALA D 134 -11.60 23.14 39.75
CA ALA D 134 -12.40 23.04 38.53
C ALA D 134 -12.19 24.23 37.57
N GLU D 135 -12.08 25.44 38.12
CA GLU D 135 -11.88 26.65 37.32
C GLU D 135 -10.59 26.64 36.52
N VAL D 136 -9.58 25.91 36.99
CA VAL D 136 -8.31 25.82 36.28
C VAL D 136 -8.10 24.42 35.64
N ASP D 137 -9.21 23.77 35.29
CA ASP D 137 -9.21 22.47 34.61
C ASP D 137 -8.53 21.33 35.39
N ARG D 138 -8.78 21.30 36.69
CA ARG D 138 -8.23 20.27 37.58
C ARG D 138 -9.31 19.73 38.48
N LEU D 139 -8.98 18.69 39.23
CA LEU D 139 -9.92 18.04 40.14
C LEU D 139 -9.35 17.90 41.54
N PHE D 140 -10.12 18.29 42.55
CA PHE D 140 -9.76 17.98 43.92
C PHE D 140 -10.77 16.87 44.35
N PRO D 141 -10.34 15.58 44.25
CA PRO D 141 -11.22 14.40 44.39
C PRO D 141 -11.85 14.07 45.75
N LEU D 142 -11.33 14.60 46.85
CA LEU D 142 -11.94 14.34 48.16
C LEU D 142 -13.35 14.87 48.08
N SER D 143 -14.33 13.99 48.33
CA SER D 143 -15.74 14.34 48.21
C SER D 143 -16.61 13.57 49.17
N LEU D 144 -17.27 14.28 50.09
CA LEU D 144 -18.18 13.69 51.10
C LEU D 144 -19.54 14.42 51.20
N GLY D 145 -20.41 13.96 52.10
CA GLY D 145 -21.73 14.57 52.31
C GLY D 145 -21.77 15.92 53.04
N ALA D 146 -20.68 16.31 53.71
CA ALA D 146 -20.63 17.61 54.42
C ALA D 146 -19.83 18.67 53.64
N GLN D 147 -19.54 18.39 52.36
CA GLN D 147 -18.80 19.32 51.45
C GLN D 147 -19.16 20.79 51.58
N GLY D 148 -20.45 21.06 51.76
CA GLY D 148 -20.96 22.41 51.85
C GLY D 148 -20.48 23.20 53.06
N SER D 149 -20.03 22.51 54.09
CA SER D 149 -19.56 23.20 55.30
C SER D 149 -18.30 22.63 55.98
N CYS D 150 -17.93 21.39 55.68
CA CYS D 150 -16.75 20.80 56.29
C CYS D 150 -15.50 21.46 55.69
N THR D 151 -14.47 21.59 56.50
CA THR D 151 -13.27 22.29 56.10
C THR D 151 -12.08 21.37 55.91
N ILE D 152 -11.08 21.84 55.18
CA ILE D 152 -9.85 21.10 54.92
C ILE D 152 -9.18 20.72 56.21
N GLY D 153 -9.16 21.64 57.15
CA GLY D 153 -8.57 21.39 58.46
C GLY D 153 -9.27 20.24 59.16
N GLY D 154 -10.59 20.22 59.06
CA GLY D 154 -11.39 19.16 59.62
C GLY D 154 -11.21 17.85 58.88
N ASN D 155 -11.09 17.92 57.56
CA ASN D 155 -10.91 16.71 56.75
C ASN D 155 -9.61 16.01 57.08
N LEU D 156 -8.55 16.79 57.23
CA LEU D 156 -7.26 16.25 57.55
C LEU D 156 -7.25 15.73 58.96
N SER D 157 -7.79 16.53 59.88
CA SER D 157 -7.84 16.16 61.31
C SER D 157 -8.61 14.88 61.57
N THR D 158 -9.68 14.63 60.82
CA THR D 158 -10.47 13.38 60.98
C THR D 158 -10.06 12.31 59.96
N ASN D 159 -9.24 12.69 58.99
CA ASN D 159 -8.83 11.82 57.88
C ASN D 159 -10.05 11.35 57.10
N ALA D 160 -10.87 12.30 56.70
CA ALA D 160 -12.10 12.00 55.96
C ALA D 160 -11.82 11.21 54.69
N GLY D 161 -12.81 10.44 54.27
CA GLY D 161 -12.75 9.63 53.06
C GLY D 161 -14.16 9.54 52.55
N GLY D 162 -14.35 9.32 51.26
CA GLY D 162 -15.70 9.28 50.69
C GLY D 162 -15.92 8.17 49.69
N THR D 163 -17.00 8.32 48.91
CA THR D 163 -17.38 7.35 47.90
C THR D 163 -16.23 6.99 46.98
N ALA D 164 -15.51 8.01 46.53
CA ALA D 164 -14.38 7.86 45.56
C ALA D 164 -13.06 7.33 46.12
N ALA D 165 -12.99 7.06 47.42
CA ALA D 165 -11.74 6.63 48.07
C ALA D 165 -11.04 5.47 47.39
N LEU D 166 -11.80 4.57 46.77
CA LEU D 166 -11.20 3.41 46.12
C LEU D 166 -10.27 3.78 44.99
N ALA D 167 -10.40 4.98 44.45
CA ALA D 167 -9.56 5.46 43.37
C ALA D 167 -8.60 6.57 43.80
N TYR D 168 -9.11 7.53 44.55
CA TYR D 168 -8.30 8.69 44.93
C TYR D 168 -7.71 8.68 46.35
N GLY D 169 -8.05 7.68 47.16
CA GLY D 169 -7.54 7.59 48.51
C GLY D 169 -8.30 8.47 49.50
N LEU D 170 -7.74 8.63 50.68
CA LEU D 170 -8.36 9.43 51.74
C LEU D 170 -7.65 10.77 51.85
N ALA D 171 -8.18 11.65 52.71
CA ALA D 171 -7.57 12.97 52.97
C ALA D 171 -6.04 12.84 53.16
N ARG D 172 -5.61 11.77 53.83
CA ARG D 172 -4.19 11.48 54.05
C ARG D 172 -3.40 11.33 52.73
N ASP D 173 -4.04 10.76 51.72
CA ASP D 173 -3.40 10.54 50.41
C ASP D 173 -3.37 11.82 49.56
N MSE D 174 -4.19 12.82 49.94
CA MSE D 174 -4.25 14.11 49.28
C MSE D 174 -3.15 15.06 49.82
O MSE D 174 -2.81 16.06 49.16
CB MSE D 174 -5.55 14.82 49.61
CG MSE D 174 -6.86 14.09 49.38
SE MSE D 174 -7.37 14.04 47.56
CE MSE D 174 -6.06 12.70 47.06
N ALA D 175 -2.64 14.77 51.02
CA ALA D 175 -1.73 15.71 51.69
C ALA D 175 -0.26 15.62 51.29
N LEU D 176 0.31 16.77 50.96
CA LEU D 176 1.74 16.91 50.64
C LEU D 176 2.50 17.61 51.76
N GLY D 177 1.79 18.42 52.53
CA GLY D 177 2.38 19.14 53.64
C GLY D 177 1.31 19.80 54.49
N VAL D 178 1.67 20.13 55.73
CA VAL D 178 0.78 20.80 56.67
C VAL D 178 1.55 21.82 57.52
N GLU D 179 0.81 22.79 58.07
CA GLU D 179 1.36 23.76 58.98
C GLU D 179 0.53 23.58 60.25
N VAL D 180 1.19 23.33 61.37
CA VAL D 180 0.51 23.07 62.61
C VAL D 180 1.06 23.92 63.74
N VAL D 181 0.18 24.45 64.58
CA VAL D 181 0.60 25.19 65.76
C VAL D 181 0.44 24.22 66.93
N LEU D 182 1.52 24.03 67.70
CA LEU D 182 1.49 23.15 68.84
C LEU D 182 0.91 23.84 70.07
N ALA D 183 0.59 23.06 71.11
CA ALA D 183 0.02 23.60 72.34
C ALA D 183 0.86 24.70 72.97
N ASP D 184 2.17 24.57 72.85
CA ASP D 184 3.10 25.54 73.44
C ASP D 184 3.37 26.74 72.51
N GLY D 185 2.69 26.80 71.36
CA GLY D 185 2.84 27.94 70.46
C GLY D 185 3.87 27.80 69.36
N ARG D 186 4.66 26.73 69.38
CA ARG D 186 5.63 26.50 68.32
C ARG D 186 4.89 26.19 67.04
N VAL D 187 5.42 26.68 65.94
CA VAL D 187 4.86 26.42 64.63
C VAL D 187 5.71 25.37 63.96
N MSE D 188 5.07 24.39 63.33
CA MSE D 188 5.76 23.37 62.54
C MSE D 188 5.27 23.57 61.15
O MSE D 188 4.16 23.17 60.82
CB MSE D 188 5.44 21.96 63.00
CG MSE D 188 6.26 20.91 62.28
SE MSE D 188 5.66 19.11 62.59
CE MSE D 188 4.09 19.09 61.44
N ASN D 189 6.08 24.20 60.32
CA ASN D 189 5.71 24.47 58.94
C ASN D 189 6.32 23.46 57.99
N LEU D 190 5.51 22.49 57.55
CA LEU D 190 5.94 21.45 56.60
C LEU D 190 5.22 21.59 55.26
N LEU D 191 4.73 22.81 54.97
CA LEU D 191 4.10 23.07 53.68
C LEU D 191 5.18 22.73 52.62
N SER D 192 4.77 22.03 51.58
CA SER D 192 5.67 21.55 50.58
C SER D 192 4.89 21.11 49.37
N LYS D 193 5.55 21.15 48.21
CA LYS D 193 4.96 20.73 46.94
C LYS D 193 5.66 19.47 46.45
N LEU D 194 6.55 18.92 47.25
CA LEU D 194 7.33 17.79 46.80
C LEU D 194 6.55 16.48 46.82
N LYS D 195 6.72 15.68 45.77
CA LYS D 195 6.10 14.36 45.66
C LYS D 195 7.10 13.31 46.18
N LYS D 196 8.36 13.70 46.34
CA LYS D 196 9.39 12.83 46.90
C LYS D 196 10.26 13.63 47.84
N ASP D 197 10.28 13.25 49.10
CA ASP D 197 11.07 13.92 50.10
C ASP D 197 11.26 12.99 51.28
N ASN D 198 12.44 12.37 51.33
CA ASN D 198 12.79 11.47 52.40
C ASN D 198 13.83 12.16 53.27
N THR D 199 13.35 13.11 54.06
CA THR D 199 14.19 13.89 54.94
C THR D 199 13.66 13.84 56.37
N GLY D 200 13.99 12.76 57.07
CA GLY D 200 13.58 12.59 58.46
C GLY D 200 12.26 11.88 58.60
N TYR D 201 11.71 11.90 59.81
CA TYR D 201 10.48 11.19 60.11
C TYR D 201 9.29 11.88 59.54
N ASP D 202 8.28 11.08 59.22
CA ASP D 202 7.05 11.60 58.69
C ASP D 202 6.20 12.11 59.83
N LEU D 203 6.26 13.42 60.05
CA LEU D 203 5.44 14.03 61.10
C LEU D 203 4.08 14.46 60.55
N ARG D 204 4.01 14.69 59.23
CA ARG D 204 2.76 15.10 58.60
C ARG D 204 1.61 14.20 59.04
N ASP D 205 1.75 12.92 58.80
CA ASP D 205 0.70 11.93 59.06
C ASP D 205 0.31 11.73 60.53
N LEU D 206 1.12 12.25 61.42
CA LEU D 206 0.86 12.11 62.82
C LEU D 206 -0.32 13.02 63.22
N PHE D 207 -0.45 14.16 62.53
CA PHE D 207 -1.52 15.10 62.82
C PHE D 207 -2.78 14.84 62.00
N ILE D 208 -2.62 14.12 60.88
CA ILE D 208 -3.73 13.75 60.04
C ILE D 208 -4.39 12.57 60.74
N GLY D 209 -5.63 12.76 61.18
CA GLY D 209 -6.32 11.74 61.94
C GLY D 209 -6.26 12.00 63.44
N ALA D 210 -5.44 12.98 63.86
CA ALA D 210 -5.27 13.30 65.30
C ALA D 210 -6.52 13.97 65.94
N GLU D 211 -7.49 14.35 65.13
CA GLU D 211 -8.72 14.97 65.64
C GLU D 211 -8.48 16.15 66.61
N GLY D 212 -7.47 16.96 66.28
CA GLY D 212 -7.13 18.16 67.05
C GLY D 212 -6.50 17.93 68.41
N THR D 213 -6.05 16.69 68.66
CA THR D 213 -5.50 16.38 69.98
C THR D 213 -4.03 16.62 70.12
N LEU D 214 -3.34 16.84 68.98
CA LEU D 214 -1.88 17.05 68.96
C LEU D 214 -1.47 18.45 68.55
N GLY D 215 -2.44 19.26 68.13
CA GLY D 215 -2.18 20.65 67.71
C GLY D 215 -3.25 21.13 66.74
N ILE D 216 -3.14 22.37 66.29
CA ILE D 216 -4.10 22.96 65.37
C ILE D 216 -3.51 23.15 64.00
N ILE D 217 -4.13 22.54 63.00
CA ILE D 217 -3.70 22.70 61.61
C ILE D 217 -4.23 24.05 61.13
N THR D 218 -3.32 24.88 60.60
CA THR D 218 -3.68 26.19 60.08
C THR D 218 -3.64 26.25 58.56
N ALA D 219 -2.89 25.36 57.94
CA ALA D 219 -2.78 25.36 56.50
C ALA D 219 -2.22 24.05 56.01
N ALA D 220 -2.40 23.80 54.73
CA ALA D 220 -1.92 22.57 54.12
C ALA D 220 -1.74 22.71 52.61
N THR D 221 -0.92 21.81 52.07
CA THR D 221 -0.69 21.72 50.64
CA THR D 221 -0.70 21.73 50.63
C THR D 221 -1.29 20.39 50.21
N LEU D 222 -2.18 20.43 49.22
CA LEU D 222 -2.86 19.25 48.75
C LEU D 222 -2.59 19.00 47.27
N LYS D 223 -2.81 17.76 46.83
CA LYS D 223 -2.60 17.36 45.43
C LYS D 223 -3.78 17.74 44.58
N LEU D 224 -3.47 18.17 43.36
CA LEU D 224 -4.49 18.39 42.36
C LEU D 224 -4.38 17.21 41.39
N PHE D 225 -5.52 16.84 40.80
CA PHE D 225 -5.59 15.71 39.87
C PHE D 225 -6.14 16.13 38.53
N PRO D 226 -5.91 15.30 37.50
CA PRO D 226 -6.48 15.60 36.21
C PRO D 226 -8.02 15.58 36.26
N LYS D 227 -8.66 16.43 35.46
CA LYS D 227 -10.10 16.49 35.40
C LYS D 227 -10.54 15.46 34.37
N PRO D 228 -11.40 14.50 34.77
CA PRO D 228 -11.84 13.47 33.82
C PRO D 228 -12.70 14.06 32.71
N ARG D 229 -12.54 13.52 31.51
CA ARG D 229 -13.24 14.02 30.33
C ARG D 229 -14.62 13.36 30.20
N ALA D 230 -14.72 12.09 30.59
CA ALA D 230 -15.96 11.31 30.54
C ALA D 230 -16.28 10.61 31.87
N VAL D 231 -17.56 10.65 32.27
CA VAL D 231 -18.03 9.98 33.49
C VAL D 231 -19.29 9.19 33.16
N GLU D 232 -19.24 7.86 33.39
CA GLU D 232 -20.37 6.97 33.09
C GLU D 232 -20.84 6.23 34.33
N THR D 233 -22.15 6.06 34.44
CA THR D 233 -22.75 5.50 35.62
C THR D 233 -23.77 4.42 35.29
N ALA D 234 -23.87 3.42 36.17
CA ALA D 234 -24.84 2.33 36.01
C ALA D 234 -25.41 1.92 37.36
N PHE D 235 -26.67 1.48 37.34
CA PHE D 235 -27.32 0.95 38.53
C PHE D 235 -27.51 -0.52 38.19
N VAL D 236 -27.05 -1.41 39.04
CA VAL D 236 -27.10 -2.84 38.77
C VAL D 236 -27.89 -3.59 39.84
N GLY D 237 -28.69 -4.58 39.41
CA GLY D 237 -29.45 -5.43 40.32
C GLY D 237 -28.78 -6.79 40.43
N LEU D 238 -28.60 -7.28 41.66
CA LEU D 238 -27.95 -8.58 41.92
C LEU D 238 -28.67 -9.30 43.09
N GLN D 239 -28.33 -10.57 43.30
CA GLN D 239 -28.98 -11.38 44.33
C GLN D 239 -28.28 -11.38 45.70
N SER D 240 -26.97 -11.07 45.75
CA SER D 240 -26.24 -11.09 47.02
C SER D 240 -25.00 -10.25 47.03
N PRO D 241 -24.49 -9.93 48.23
CA PRO D 241 -23.23 -9.20 48.31
C PRO D 241 -22.07 -9.97 47.73
N ASP D 242 -22.03 -11.30 47.88
CA ASP D 242 -20.97 -12.10 47.26
C ASP D 242 -20.93 -11.84 45.76
N ASP D 243 -22.11 -11.71 45.16
CA ASP D 243 -22.18 -11.43 43.71
C ASP D 243 -21.68 -10.02 43.40
N ALA D 244 -22.02 -9.07 44.24
CA ALA D 244 -21.51 -7.71 44.08
C ALA D 244 -19.98 -7.70 44.18
N LEU D 245 -19.44 -8.52 45.10
CA LEU D 245 -17.99 -8.63 45.31
C LEU D 245 -17.31 -9.20 44.07
N LYS D 246 -17.91 -10.21 43.46
CA LYS D 246 -17.35 -10.78 42.24
C LYS D 246 -17.36 -9.76 41.13
N LEU D 247 -18.40 -8.91 41.12
CA LEU D 247 -18.53 -7.87 40.12
C LEU D 247 -17.47 -6.81 40.36
N LEU D 248 -17.22 -6.49 41.63
CA LEU D 248 -16.16 -5.53 42.02
C LEU D 248 -14.84 -5.99 41.48
N GLY D 249 -14.57 -7.29 41.58
CA GLY D 249 -13.35 -7.87 41.06
C GLY D 249 -13.22 -7.64 39.57
N ILE D 250 -14.34 -7.80 38.85
CA ILE D 250 -14.37 -7.59 37.41
C ILE D 250 -14.16 -6.14 37.07
N ALA D 251 -14.85 -5.26 37.79
CA ALA D 251 -14.74 -3.82 37.56
C ALA D 251 -13.29 -3.33 37.80
N GLN D 252 -12.65 -3.85 38.86
CA GLN D 252 -11.28 -3.47 39.18
C GLN D 252 -10.30 -3.88 38.08
N GLY D 253 -10.43 -5.11 37.59
CA GLY D 253 -9.53 -5.61 36.56
C GLY D 253 -9.66 -4.92 35.22
N GLU D 254 -10.84 -4.38 34.93
CA GLU D 254 -11.12 -3.78 33.65
C GLU D 254 -11.02 -2.25 33.65
N ALA D 255 -11.08 -1.64 34.83
CA ALA D 255 -11.06 -0.18 34.92
C ALA D 255 -9.89 0.39 35.71
N ALA D 256 -9.42 -0.35 36.72
CA ALA D 256 -8.29 0.11 37.55
C ALA D 256 -8.63 1.48 38.15
N GLY D 257 -7.70 2.43 38.05
CA GLY D 257 -7.88 3.76 38.61
C GLY D 257 -9.07 4.57 38.13
N ASN D 258 -9.70 4.12 37.04
CA ASN D 258 -10.89 4.79 36.50
C ASN D 258 -12.18 4.41 37.23
N LEU D 259 -12.11 3.39 38.09
CA LEU D 259 -13.30 2.98 38.85
C LEU D 259 -13.45 3.94 40.03
N THR D 260 -14.27 4.96 39.87
CA THR D 260 -14.40 5.99 40.88
C THR D 260 -15.54 5.79 41.89
N SER D 261 -16.43 4.81 41.65
CA SER D 261 -17.50 4.50 42.61
C SER D 261 -18.02 3.12 42.47
N PHE D 262 -18.22 2.44 43.61
CA PHE D 262 -18.79 1.11 43.64
C PHE D 262 -19.58 0.94 44.93
N GLU D 263 -20.77 1.52 44.96
CA GLU D 263 -21.63 1.44 46.13
C GLU D 263 -22.46 0.15 46.17
N LEU D 264 -22.60 -0.43 47.36
CA LEU D 264 -23.45 -1.61 47.56
C LEU D 264 -24.62 -1.10 48.36
N ILE D 265 -25.83 -1.31 47.83
CA ILE D 265 -27.04 -0.82 48.49
C ILE D 265 -28.05 -1.94 48.63
N ALA D 266 -28.50 -2.20 49.86
CA ALA D 266 -29.53 -3.22 50.12
C ALA D 266 -30.88 -2.67 49.68
N GLU D 267 -31.85 -3.56 49.50
CA GLU D 267 -33.18 -3.14 49.06
C GLU D 267 -33.87 -2.16 50.02
N THR D 268 -33.80 -2.43 51.32
CA THR D 268 -34.48 -1.58 52.27
C THR D 268 -34.10 -0.08 52.15
N PRO D 269 -32.79 0.25 52.12
CA PRO D 269 -32.47 1.66 51.98
C PRO D 269 -32.92 2.24 50.64
N LEU D 270 -32.79 1.49 49.56
CA LEU D 270 -33.25 1.98 48.26
C LEU D 270 -34.78 2.23 48.29
N ASP D 271 -35.51 1.32 48.92
CA ASP D 271 -36.94 1.46 49.08
C ASP D 271 -37.25 2.74 49.86
N PHE D 272 -36.50 2.98 50.92
CA PHE D 272 -36.69 4.17 51.73
C PHE D 272 -36.46 5.43 50.94
N SER D 273 -35.40 5.43 50.12
CA SER D 273 -35.07 6.58 49.31
C SER D 273 -36.14 6.83 48.28
N VAL D 274 -36.71 5.75 47.73
CA VAL D 274 -37.79 5.89 46.74
C VAL D 274 -39.07 6.43 47.38
N ARG D 275 -39.54 5.76 48.42
CA ARG D 275 -40.80 6.13 49.06
C ARG D 275 -40.80 7.44 49.85
N HIS D 276 -39.67 7.83 50.47
CA HIS D 276 -39.68 9.04 51.32
C HIS D 276 -38.94 10.27 50.80
N ALA D 277 -38.05 10.10 49.81
CA ALA D 277 -37.28 11.23 49.26
C ALA D 277 -37.68 11.57 47.82
N ASN D 278 -38.78 10.97 47.34
CA ASN D 278 -39.30 11.22 45.99
C ASN D 278 -38.22 10.95 44.91
N ASN D 279 -37.81 9.68 44.80
CA ASN D 279 -36.79 9.23 43.85
C ASN D 279 -37.26 8.06 42.99
N ARG D 280 -36.80 8.08 41.74
CA ARG D 280 -37.18 7.07 40.78
C ARG D 280 -36.46 5.73 41.00
N ASP D 281 -37.24 4.65 41.07
CA ASP D 281 -36.70 3.31 41.20
C ASP D 281 -35.97 3.03 39.87
N PRO D 282 -34.64 2.88 39.90
CA PRO D 282 -33.85 2.76 38.66
C PRO D 282 -34.00 1.50 37.82
N LEU D 283 -34.62 0.45 38.34
CA LEU D 283 -34.80 -0.78 37.56
C LEU D 283 -36.26 -1.23 37.50
N GLU D 284 -36.59 -2.00 36.47
CA GLU D 284 -37.99 -2.46 36.21
C GLU D 284 -38.54 -3.33 37.36
N ALA D 285 -37.76 -4.31 37.80
CA ALA D 285 -38.15 -5.18 38.91
C ALA D 285 -37.31 -4.84 40.16
N ARG D 286 -37.76 -5.28 41.33
CA ARG D 286 -37.01 -5.06 42.58
C ARG D 286 -35.98 -6.17 42.81
N TYR D 287 -34.87 -5.80 43.45
CA TYR D 287 -33.80 -6.74 43.77
C TYR D 287 -33.40 -6.60 45.22
N PRO D 288 -32.84 -7.66 45.80
CA PRO D 288 -32.43 -7.61 47.20
C PRO D 288 -31.16 -6.77 47.41
N TRP D 289 -30.32 -6.71 46.37
CA TRP D 289 -29.07 -5.97 46.44
C TRP D 289 -28.81 -5.20 45.16
N TYR D 290 -28.25 -4.01 45.30
CA TYR D 290 -27.95 -3.15 44.19
C TYR D 290 -26.53 -2.63 44.24
N VAL D 291 -25.99 -2.35 43.06
CA VAL D 291 -24.68 -1.73 42.95
C VAL D 291 -24.78 -0.47 42.09
N LEU D 292 -24.31 0.66 42.62
CA LEU D 292 -24.24 1.90 41.86
C LEU D 292 -22.79 2.03 41.48
N ILE D 293 -22.47 1.82 40.21
CA ILE D 293 -21.10 1.85 39.72
C ILE D 293 -20.87 3.06 38.85
N GLU D 294 -19.65 3.62 38.94
CA GLU D 294 -19.29 4.78 38.12
C GLU D 294 -17.84 4.77 37.72
N LEU D 295 -17.59 5.09 36.44
CA LEU D 295 -16.23 5.20 35.90
C LEU D 295 -15.96 6.61 35.44
N SER D 296 -14.74 7.08 35.69
CA SER D 296 -14.29 8.41 35.27
C SER D 296 -13.02 8.21 34.49
N SER D 297 -12.90 8.85 33.35
CA SER D 297 -11.73 8.67 32.51
C SER D 297 -11.27 9.95 31.85
N PRO D 298 -9.98 10.05 31.54
CA PRO D 298 -9.46 11.19 30.84
C PRO D 298 -9.75 11.09 29.32
N ARG D 299 -9.75 9.87 28.78
CA ARG D 299 -10.08 9.64 27.38
C ARG D 299 -11.61 9.45 27.36
N ASP D 300 -12.18 9.34 26.16
CA ASP D 300 -13.63 9.21 26.00
C ASP D 300 -14.00 7.71 25.86
N ASP D 301 -13.43 6.88 26.75
CA ASP D 301 -13.63 5.41 26.71
C ASP D 301 -14.25 4.83 28.01
N ALA D 302 -14.99 5.65 28.75
CA ALA D 302 -15.57 5.22 30.03
C ALA D 302 -16.77 4.29 29.83
N ARG D 303 -17.59 4.59 28.82
CA ARG D 303 -18.77 3.79 28.56
C ARG D 303 -18.40 2.39 28.05
N ALA D 304 -17.38 2.30 27.21
CA ALA D 304 -16.92 1.01 26.67
C ALA D 304 -16.48 0.09 27.80
N ALA D 305 -15.69 0.63 28.72
CA ALA D 305 -15.21 -0.14 29.87
C ALA D 305 -16.40 -0.55 30.78
N LEU D 306 -17.35 0.36 31.01
CA LEU D 306 -18.53 0.09 31.84
C LEU D 306 -19.34 -1.05 31.25
N GLU D 307 -19.54 -1.01 29.94
CA GLU D 307 -20.30 -2.04 29.24
C GLU D 307 -19.57 -3.37 29.25
N SER D 308 -18.25 -3.32 29.19
CA SER D 308 -17.45 -4.52 29.22
C SER D 308 -17.55 -5.20 30.62
N ILE D 309 -17.61 -4.40 31.67
CA ILE D 309 -17.75 -4.91 33.01
C ILE D 309 -19.11 -5.61 33.17
N LEU D 310 -20.16 -4.93 32.72
CA LEU D 310 -21.51 -5.48 32.81
C LEU D 310 -21.68 -6.75 31.98
N GLU D 311 -21.05 -6.78 30.80
CA GLU D 311 -21.13 -7.94 29.92
C GLU D 311 -20.60 -9.18 30.63
N ARG D 312 -19.43 -9.05 31.27
CA ARG D 312 -18.79 -10.16 32.04
CA ARG D 312 -18.83 -10.19 31.98
C ARG D 312 -19.68 -10.59 33.20
N GLY D 313 -20.30 -9.61 33.85
CA GLY D 313 -21.18 -9.87 34.98
C GLY D 313 -22.39 -10.69 34.56
N PHE D 314 -22.97 -10.34 33.40
CA PHE D 314 -24.07 -11.11 32.82
C PHE D 314 -23.62 -12.51 32.45
N GLU D 315 -22.49 -12.61 31.77
CA GLU D 315 -21.95 -13.91 31.36
C GLU D 315 -21.70 -14.83 32.56
N ASP D 316 -21.17 -14.27 33.65
CA ASP D 316 -20.90 -15.05 34.86
C ASP D 316 -22.17 -15.22 35.73
N GLY D 317 -23.32 -14.72 35.26
CA GLY D 317 -24.58 -14.85 35.97
C GLY D 317 -24.74 -14.05 37.26
N ILE D 318 -23.86 -13.08 37.48
CA ILE D 318 -23.92 -12.31 38.73
C ILE D 318 -24.72 -10.99 38.59
N VAL D 319 -24.93 -10.55 37.35
CA VAL D 319 -25.71 -9.35 37.08
C VAL D 319 -27.05 -9.79 36.53
N VAL D 320 -28.14 -9.47 37.22
CA VAL D 320 -29.46 -9.86 36.74
C VAL D 320 -30.05 -8.81 35.79
N ASP D 321 -29.85 -7.54 36.10
CA ASP D 321 -30.33 -6.45 35.27
C ASP D 321 -29.48 -5.19 35.53
N ALA D 322 -29.37 -4.34 34.52
CA ALA D 322 -28.57 -3.12 34.65
C ALA D 322 -29.15 -1.99 33.81
N ALA D 323 -28.97 -0.76 34.27
CA ALA D 323 -29.42 0.43 33.56
C ALA D 323 -28.27 1.43 33.57
N ILE D 324 -27.68 1.66 32.40
CA ILE D 324 -26.59 2.61 32.23
C ILE D 324 -27.20 3.98 32.03
N ALA D 325 -26.71 4.99 32.73
CA ALA D 325 -27.23 6.35 32.58
C ALA D 325 -27.03 6.81 31.15
N ASN D 326 -28.08 7.37 30.55
CA ASN D 326 -28.03 7.85 29.14
C ASN D 326 -27.99 9.37 29.00
N SER D 327 -28.00 10.07 30.13
CA SER D 327 -27.96 11.53 30.14
C SER D 327 -27.50 12.02 31.50
N VAL D 328 -27.04 13.26 31.57
CA VAL D 328 -26.64 13.85 32.83
C VAL D 328 -27.83 13.87 33.80
N GLN D 329 -29.03 14.06 33.26
CA GLN D 329 -30.26 14.10 34.07
C GLN D 329 -30.46 12.75 34.81
N GLN D 330 -30.23 11.66 34.09
CA GLN D 330 -30.40 10.32 34.64
C GLN D 330 -29.30 10.01 35.65
N GLN D 331 -28.07 10.44 35.35
CA GLN D 331 -26.95 10.27 36.28
C GLN D 331 -27.24 10.93 37.60
N GLN D 332 -27.76 12.15 37.56
CA GLN D 332 -28.07 12.89 38.78
C GLN D 332 -29.22 12.26 39.55
N ALA D 333 -30.18 11.66 38.84
CA ALA D 333 -31.32 10.97 39.49
C ALA D 333 -30.79 9.74 40.27
N PHE D 334 -29.86 9.02 39.65
CA PHE D 334 -29.19 7.87 40.27
C PHE D 334 -28.52 8.29 41.58
N TRP D 335 -27.67 9.30 41.51
CA TRP D 335 -26.98 9.78 42.70
C TRP D 335 -27.90 10.45 43.72
N LYS D 336 -28.96 11.11 43.24
CA LYS D 336 -29.91 11.71 44.18
C LYS D 336 -30.55 10.59 45.04
N LEU D 337 -30.76 9.42 44.46
CA LEU D 337 -31.30 8.29 45.21
C LEU D 337 -30.30 7.88 46.30
N ARG D 338 -29.04 7.68 45.90
CA ARG D 338 -27.97 7.26 46.81
C ARG D 338 -27.69 8.28 47.92
N GLU D 339 -27.54 9.55 47.56
CA GLU D 339 -27.23 10.60 48.53
C GLU D 339 -28.33 10.80 49.56
N GLU D 340 -29.57 10.54 49.19
CA GLU D 340 -30.70 10.77 50.10
C GLU D 340 -31.15 9.56 50.95
N ILE D 341 -30.39 8.48 50.91
CA ILE D 341 -30.71 7.31 51.75
C ILE D 341 -30.67 7.75 53.23
N SER D 342 -29.67 8.57 53.55
CA SER D 342 -29.48 9.07 54.91
C SER D 342 -30.71 9.77 55.52
N PRO D 343 -31.22 10.86 54.89
CA PRO D 343 -32.43 11.50 55.42
C PRO D 343 -33.73 10.69 55.21
N ALA D 344 -33.72 9.74 54.26
CA ALA D 344 -34.89 8.89 53.98
C ALA D 344 -35.21 7.91 55.12
N GLN D 345 -34.26 7.70 56.04
CA GLN D 345 -34.48 6.83 57.20
C GLN D 345 -35.34 7.51 58.31
N LYS D 346 -35.24 8.85 58.41
CA LYS D 346 -35.97 9.63 59.47
C LYS D 346 -37.48 9.26 59.64
N PRO D 347 -38.28 9.37 58.57
CA PRO D 347 -39.70 9.05 58.73
C PRO D 347 -39.98 7.57 59.04
N GLU D 348 -38.98 6.72 58.82
CA GLU D 348 -39.15 5.31 59.04
C GLU D 348 -38.86 4.91 60.52
N GLY D 349 -38.62 5.90 61.38
CA GLY D 349 -38.43 5.68 62.81
C GLY D 349 -37.02 5.76 63.38
N GLY D 350 -36.84 5.12 64.55
CA GLY D 350 -35.56 5.08 65.22
C GLY D 350 -34.50 4.38 64.38
N SER D 351 -33.27 4.90 64.45
CA SER D 351 -32.16 4.36 63.69
C SER D 351 -30.90 4.30 64.53
N ILE D 352 -30.35 3.10 64.70
CA ILE D 352 -29.10 2.88 65.41
C ILE D 352 -28.03 2.78 64.31
N LYS D 353 -27.21 3.82 64.22
CA LYS D 353 -26.22 3.97 63.16
C LYS D 353 -24.80 3.53 63.58
N HIS D 354 -24.06 2.96 62.62
CA HIS D 354 -22.69 2.51 62.83
C HIS D 354 -21.93 2.58 61.54
N ASP D 355 -20.79 3.26 61.56
CA ASP D 355 -19.96 3.35 60.37
C ASP D 355 -18.71 2.52 60.64
N ILE D 356 -18.66 1.32 60.04
CA ILE D 356 -17.55 0.40 60.27
C ILE D 356 -16.86 -0.02 58.98
N SER D 357 -15.76 -0.77 59.10
CA SER D 357 -15.08 -1.31 57.93
C SER D 357 -14.46 -2.66 58.23
N VAL D 358 -14.35 -3.46 57.18
CA VAL D 358 -13.74 -4.78 57.25
C VAL D 358 -12.97 -4.99 55.96
N PRO D 359 -12.18 -6.05 55.88
CA PRO D 359 -11.49 -6.27 54.63
C PRO D 359 -12.51 -6.41 53.51
N VAL D 360 -12.17 -5.95 52.30
CA VAL D 360 -13.12 -5.99 51.18
C VAL D 360 -13.69 -7.41 50.95
N ALA D 361 -12.85 -8.43 51.04
CA ALA D 361 -13.32 -9.80 50.83
C ALA D 361 -14.32 -10.25 51.89
N ALA D 362 -14.32 -9.58 53.05
CA ALA D 362 -15.18 -9.94 54.17
C ALA D 362 -16.51 -9.16 54.25
N VAL D 363 -16.77 -8.32 53.28
CA VAL D 363 -18.02 -7.52 53.30
C VAL D 363 -19.28 -8.38 53.30
N PRO D 364 -19.33 -9.42 52.45
CA PRO D 364 -20.51 -10.29 52.47
C PRO D 364 -20.71 -11.00 53.80
N GLN D 365 -19.62 -11.52 54.37
CA GLN D 365 -19.67 -12.21 55.65
C GLN D 365 -20.13 -11.25 56.74
N PHE D 366 -19.58 -10.04 56.75
CA PHE D 366 -19.99 -9.08 57.75
C PHE D 366 -21.48 -8.83 57.74
N ILE D 367 -22.02 -8.59 56.56
CA ILE D 367 -23.44 -8.29 56.40
C ILE D 367 -24.29 -9.45 56.85
N GLU D 368 -23.96 -10.61 56.34
CA GLU D 368 -24.69 -11.82 56.67
C GLU D 368 -24.68 -12.06 58.20
N GLN D 369 -23.54 -11.85 58.83
CA GLN D 369 -23.39 -12.10 60.27
C GLN D 369 -24.02 -11.01 61.13
N ALA D 370 -23.85 -9.74 60.73
CA ALA D 370 -24.42 -8.61 61.50
C ALA D 370 -25.95 -8.70 61.51
N ASN D 371 -26.54 -8.87 60.33
CA ASN D 371 -27.98 -9.03 60.19
C ASN D 371 -28.51 -10.14 61.12
N ALA D 372 -27.88 -11.31 61.07
CA ALA D 372 -28.34 -12.44 61.87
C ALA D 372 -28.24 -12.12 63.38
N ALA D 373 -27.09 -11.63 63.81
CA ALA D 373 -26.90 -11.29 65.22
C ALA D 373 -27.85 -10.18 65.69
N VAL D 374 -28.09 -9.16 64.84
CA VAL D 374 -29.01 -8.06 65.19
C VAL D 374 -30.47 -8.53 65.26
N VAL D 375 -30.92 -9.30 64.28
CA VAL D 375 -32.28 -9.83 64.30
C VAL D 375 -32.47 -10.72 65.54
N ALA D 376 -31.41 -11.43 65.95
CA ALA D 376 -31.49 -12.27 67.14
C ALA D 376 -31.64 -11.41 68.38
N LEU D 377 -30.99 -10.25 68.38
CA LEU D 377 -31.03 -9.32 69.52
C LEU D 377 -32.38 -8.66 69.64
N ILE D 378 -32.89 -8.19 68.50
CA ILE D 378 -34.17 -7.49 68.41
C ILE D 378 -34.98 -8.02 67.23
N PRO D 379 -35.80 -9.06 67.46
CA PRO D 379 -36.64 -9.58 66.39
C PRO D 379 -37.45 -8.46 65.74
N GLY D 380 -37.53 -8.47 64.41
CA GLY D 380 -38.27 -7.46 63.70
C GLY D 380 -37.48 -6.20 63.38
N ALA D 381 -36.25 -6.11 63.90
CA ALA D 381 -35.38 -4.97 63.59
C ALA D 381 -35.06 -5.04 62.09
N ARG D 382 -34.96 -3.87 61.45
CA ARG D 382 -34.72 -3.80 60.01
C ARG D 382 -33.34 -3.26 59.69
N PRO D 383 -32.42 -4.14 59.28
CA PRO D 383 -31.10 -3.67 58.92
C PRO D 383 -31.14 -2.83 57.67
N VAL D 384 -30.39 -1.74 57.68
CA VAL D 384 -30.28 -0.83 56.56
C VAL D 384 -28.77 -0.69 56.26
N PRO D 385 -28.23 -1.59 55.42
CA PRO D 385 -26.83 -1.56 55.11
C PRO D 385 -26.54 -1.09 53.73
N PHE D 386 -25.58 -0.18 53.62
CA PHE D 386 -25.14 0.36 52.33
C PHE D 386 -23.73 0.91 52.49
N GLY D 387 -22.94 0.88 51.43
CA GLY D 387 -21.57 1.37 51.56
C GLY D 387 -20.67 1.31 50.36
N HIS D 388 -19.40 1.58 50.62
CA HIS D 388 -18.38 1.66 49.61
C HIS D 388 -17.71 0.32 49.60
N LEU D 389 -18.19 -0.57 48.74
CA LEU D 389 -17.68 -1.93 48.69
C LEU D 389 -16.22 -2.00 48.29
N GLY D 390 -15.77 -1.03 47.50
CA GLY D 390 -14.38 -0.99 47.05
C GLY D 390 -13.35 -0.72 48.14
N ASP D 391 -13.77 -0.08 49.22
CA ASP D 391 -12.84 0.22 50.31
C ASP D 391 -13.22 -0.46 51.63
N GLY D 392 -14.27 -1.29 51.60
CA GLY D 392 -14.69 -2.05 52.78
C GLY D 392 -15.49 -1.30 53.84
N ASN D 393 -15.83 -0.05 53.58
CA ASN D 393 -16.58 0.77 54.53
C ASN D 393 -18.08 0.65 54.29
N ILE D 394 -18.79 0.08 55.25
CA ILE D 394 -20.22 -0.08 55.17
C ILE D 394 -20.93 0.71 56.26
N HIS D 395 -21.90 1.52 55.86
CA HIS D 395 -22.76 2.20 56.79
C HIS D 395 -23.73 1.14 57.24
N TYR D 396 -23.55 0.62 58.44
CA TYR D 396 -24.44 -0.41 58.95
C TYR D 396 -25.40 0.16 59.97
N ASN D 397 -26.54 0.58 59.46
CA ASN D 397 -27.59 1.13 60.28
C ASN D 397 -28.67 0.07 60.48
N VAL D 398 -29.48 0.26 61.51
CA VAL D 398 -30.56 -0.65 61.81
C VAL D 398 -31.77 0.18 62.18
N SER D 399 -32.81 0.15 61.36
CA SER D 399 -34.02 0.87 61.68
C SER D 399 -34.90 0.03 62.61
N GLN D 400 -35.74 0.71 63.37
CA GLN D 400 -36.62 0.04 64.34
C GLN D 400 -37.62 -0.90 63.68
N PRO D 401 -38.17 -1.85 64.45
CA PRO D 401 -39.23 -2.70 63.93
C PRO D 401 -40.46 -1.86 63.64
N VAL D 402 -41.21 -2.21 62.60
CA VAL D 402 -42.40 -1.46 62.26
C VAL D 402 -43.37 -1.39 63.48
N GLY D 403 -43.69 -0.17 63.90
CA GLY D 403 -44.63 0.05 64.99
C GLY D 403 -44.11 0.03 66.41
N ALA D 404 -42.83 -0.29 66.60
CA ALA D 404 -42.26 -0.32 67.96
C ALA D 404 -42.11 1.09 68.55
N ASP D 405 -41.87 1.14 69.87
CA ASP D 405 -41.67 2.38 70.60
C ASP D 405 -40.26 2.88 70.27
N LYS D 406 -40.18 4.00 69.57
CA LYS D 406 -38.91 4.58 69.14
C LYS D 406 -37.89 4.71 70.28
N ALA D 407 -38.29 5.37 71.37
CA ALA D 407 -37.40 5.59 72.52
C ALA D 407 -36.88 4.28 73.10
N GLU D 408 -37.75 3.29 73.16
CA GLU D 408 -37.41 1.97 73.69
C GLU D 408 -36.40 1.25 72.76
N PHE D 409 -36.49 1.51 71.46
CA PHE D 409 -35.57 0.93 70.49
C PHE D 409 -34.20 1.59 70.57
N LEU D 410 -34.17 2.92 70.61
CA LEU D 410 -32.91 3.65 70.70
C LEU D 410 -32.13 3.32 72.00
N ALA D 411 -32.84 2.92 73.05
CA ALA D 411 -32.21 2.52 74.30
C ALA D 411 -31.31 1.26 74.13
N ARG D 412 -31.56 0.47 73.08
CA ARG D 412 -30.74 -0.71 72.79
C ARG D 412 -29.48 -0.37 72.00
N TRP D 413 -29.22 0.92 71.74
CA TRP D 413 -28.04 1.34 70.96
C TRP D 413 -26.78 0.61 71.42
N HIS D 414 -26.52 0.63 72.72
CA HIS D 414 -25.31 -0.02 73.24
C HIS D 414 -25.32 -1.53 73.00
N ASP D 415 -26.45 -2.18 73.23
CA ASP D 415 -26.54 -3.63 72.99
C ASP D 415 -26.28 -3.96 71.52
N VAL D 416 -26.75 -3.09 70.62
CA VAL D 416 -26.51 -3.28 69.19
C VAL D 416 -25.01 -3.09 68.86
N SER D 417 -24.38 -2.08 69.48
CA SER D 417 -22.93 -1.81 69.29
C SER D 417 -22.06 -3.03 69.67
N GLN D 418 -22.32 -3.60 70.85
CA GLN D 418 -21.58 -4.78 71.30
C GLN D 418 -21.63 -5.87 70.27
N VAL D 419 -22.83 -6.13 69.75
CA VAL D 419 -23.03 -7.18 68.78
C VAL D 419 -22.36 -6.86 67.44
N VAL D 420 -22.57 -5.65 66.93
CA VAL D 420 -21.97 -5.27 65.65
C VAL D 420 -20.44 -5.26 65.73
N PHE D 421 -19.90 -4.74 66.84
CA PHE D 421 -18.44 -4.69 67.02
C PHE D 421 -17.81 -6.04 67.20
N GLU D 422 -18.57 -7.03 67.67
CA GLU D 422 -18.02 -8.36 67.79
C GLU D 422 -17.85 -8.95 66.39
N VAL D 423 -18.78 -8.63 65.48
CA VAL D 423 -18.68 -9.12 64.10
C VAL D 423 -17.52 -8.43 63.43
N VAL D 424 -17.42 -7.13 63.61
CA VAL D 424 -16.35 -6.36 63.02
C VAL D 424 -14.98 -6.89 63.46
N LEU D 425 -14.81 -7.04 64.77
CA LEU D 425 -13.55 -7.49 65.30
CA LEU D 425 -13.56 -7.55 65.39
C LEU D 425 -13.18 -8.90 64.84
N ARG D 426 -14.14 -9.83 64.79
CA ARG D 426 -13.81 -11.19 64.34
C ARG D 426 -13.38 -11.26 62.88
N LEU D 427 -13.75 -10.27 62.09
CA LEU D 427 -13.38 -10.23 60.69
C LEU D 427 -12.15 -9.36 60.44
N GLY D 428 -11.54 -8.85 61.51
CA GLY D 428 -10.35 -7.99 61.40
C GLY D 428 -10.66 -6.56 60.94
N GLY D 429 -11.81 -6.06 61.35
CA GLY D 429 -12.27 -4.74 60.93
C GLY D 429 -12.08 -3.60 61.92
N SER D 430 -12.56 -2.42 61.53
CA SER D 430 -12.47 -1.23 62.34
C SER D 430 -13.83 -0.80 62.86
N ILE D 431 -13.84 -0.44 64.13
CA ILE D 431 -15.04 0.05 64.79
C ILE D 431 -15.39 1.49 64.34
N SER D 432 -14.42 2.17 63.72
CA SER D 432 -14.61 3.51 63.15
C SER D 432 -13.87 3.62 61.81
N ALA D 433 -14.60 3.47 60.72
CA ALA D 433 -13.99 3.53 59.39
C ALA D 433 -13.60 4.95 58.94
N GLU D 434 -14.46 5.93 59.26
CA GLU D 434 -14.30 7.32 58.80
C GLU D 434 -14.39 8.40 59.89
N HIS D 435 -15.48 8.36 60.65
CA HIS D 435 -15.82 9.41 61.61
C HIS D 435 -14.81 9.67 62.74
N GLY D 436 -14.04 8.66 63.11
CA GLY D 436 -13.04 8.82 64.15
C GLY D 436 -13.49 8.41 65.54
N ILE D 437 -12.65 8.70 66.52
CA ILE D 437 -12.88 8.32 67.90
C ILE D 437 -13.58 9.42 68.74
N GLY D 438 -12.97 10.61 68.77
CA GLY D 438 -13.52 11.72 69.56
C GLY D 438 -13.75 11.30 71.00
N VAL D 439 -14.94 11.62 71.52
CA VAL D 439 -15.35 11.27 72.89
C VAL D 439 -16.23 10.00 72.94
N MSE D 440 -16.86 9.69 71.81
CA MSE D 440 -17.79 8.58 71.73
C MSE D 440 -17.13 7.21 71.84
O MSE D 440 -17.49 6.41 72.73
CB MSE D 440 -18.55 8.69 70.39
CG MSE D 440 -19.62 7.64 70.14
SE MSE D 440 -20.57 8.02 68.49
CE MSE D 440 -21.19 9.83 68.98
N LYS D 441 -16.19 6.93 70.94
CA LYS D 441 -15.55 5.63 70.87
C LYS D 441 -14.20 5.57 71.61
N ARG D 442 -14.04 6.46 72.59
CA ARG D 442 -12.78 6.56 73.35
C ARG D 442 -12.52 5.31 74.20
N ASP D 443 -13.54 4.84 74.93
CA ASP D 443 -13.39 3.63 75.76
C ASP D 443 -13.20 2.41 74.87
N GLU D 444 -14.00 2.29 73.81
CA GLU D 444 -13.92 1.14 72.92
C GLU D 444 -12.53 1.05 72.23
N LEU D 445 -11.89 2.19 71.97
CA LEU D 445 -10.54 2.20 71.35
C LEU D 445 -9.50 1.56 72.24
N ALA D 446 -9.54 1.90 73.53
CA ALA D 446 -8.62 1.35 74.52
C ALA D 446 -8.74 -0.18 74.58
N GLU D 447 -9.94 -0.70 74.38
CA GLU D 447 -10.18 -2.14 74.43
CA GLU D 447 -10.20 -2.13 74.43
C GLU D 447 -9.70 -2.87 73.19
N VAL D 448 -10.03 -2.34 72.01
CA VAL D 448 -9.68 -3.02 70.73
C VAL D 448 -8.31 -2.77 70.10
N LYS D 449 -7.73 -1.60 70.32
CA LYS D 449 -6.44 -1.27 69.68
C LYS D 449 -5.24 -2.09 70.26
N ASP D 450 -4.22 -2.30 69.43
CA ASP D 450 -2.98 -2.99 69.83
C ASP D 450 -2.42 -2.30 71.08
N LYS D 451 -2.11 -3.08 72.12
CA LYS D 451 -1.65 -2.51 73.39
C LYS D 451 -0.42 -1.60 73.28
N THR D 452 0.58 -1.99 72.51
CA THR D 452 1.76 -1.15 72.34
C THR D 452 1.39 0.13 71.63
N ALA D 453 0.54 0.02 70.62
CA ALA D 453 0.09 1.17 69.85
C ALA D 453 -0.52 2.23 70.75
N ILE D 454 -1.41 1.80 71.64
CA ILE D 454 -2.09 2.71 72.51
C ILE D 454 -1.09 3.36 73.49
N GLU D 455 -0.11 2.62 73.98
CA GLU D 455 0.89 3.20 74.87
C GLU D 455 1.65 4.31 74.16
N LEU D 456 2.04 4.09 72.91
CA LEU D 456 2.76 5.10 72.13
C LEU D 456 1.89 6.34 71.89
N MSE D 457 0.61 6.13 71.59
CA MSE D 457 -0.29 7.25 71.39
C MSE D 457 -0.35 8.14 72.62
O MSE D 457 -0.32 9.38 72.52
CB MSE D 457 -1.69 6.76 71.05
CG MSE D 457 -1.80 6.10 69.72
SE MSE D 457 -3.66 5.66 69.32
CE MSE D 457 -3.28 4.50 67.79
N ARG D 458 -0.44 7.53 73.81
CA ARG D 458 -0.49 8.30 75.05
C ARG D 458 0.84 9.02 75.31
N SER D 459 1.94 8.39 74.96
CA SER D 459 3.25 9.01 75.13
C SER D 459 3.40 10.21 74.19
N ILE D 460 2.98 10.04 72.94
CA ILE D 460 3.06 11.10 71.95
C ILE D 460 2.16 12.29 72.37
N LYS D 461 0.94 11.99 72.80
CA LYS D 461 0.01 13.01 73.32
C LYS D 461 0.66 13.78 74.50
N ALA D 462 1.23 13.04 75.44
CA ALA D 462 1.87 13.65 76.60
C ALA D 462 3.04 14.54 76.19
N LEU D 463 3.72 14.13 75.12
CA LEU D 463 4.89 14.85 74.62
C LEU D 463 4.51 16.16 73.90
N LEU D 464 3.50 16.11 73.05
CA LEU D 464 3.03 17.28 72.32
C LEU D 464 2.07 18.20 73.11
N ASP D 465 1.34 17.65 74.09
CA ASP D 465 0.38 18.43 74.92
C ASP D 465 0.55 18.11 76.43
N PRO D 466 1.74 18.41 76.98
CA PRO D 466 2.02 18.09 78.40
C PRO D 466 1.04 18.64 79.42
N HIS D 467 0.44 19.79 79.13
CA HIS D 467 -0.53 20.42 80.05
C HIS D 467 -1.99 20.08 79.74
N GLY D 468 -2.23 19.18 78.81
CA GLY D 468 -3.58 18.73 78.47
C GLY D 468 -4.59 19.80 78.09
N ILE D 469 -4.17 20.76 77.24
CA ILE D 469 -5.05 21.83 76.78
C ILE D 469 -5.50 21.64 75.35
N MSE D 470 -4.88 20.72 74.63
CA MSE D 470 -5.18 20.52 73.22
C MSE D 470 -6.29 19.48 73.03
O MSE D 470 -6.03 18.29 72.86
CB MSE D 470 -3.90 20.11 72.48
CG MSE D 470 -3.99 20.15 70.97
SE MSE D 470 -4.61 21.88 70.29
CE MSE D 470 -3.19 23.03 70.88
N ASN D 471 -7.53 19.97 73.08
CA ASN D 471 -8.73 19.14 72.88
C ASN D 471 -8.74 17.90 73.79
N PRO D 472 -8.59 18.12 75.11
CA PRO D 472 -8.52 17.01 76.07
C PRO D 472 -9.79 16.17 76.15
N GLY D 473 -9.60 14.90 76.56
CA GLY D 473 -10.69 13.93 76.70
C GLY D 473 -11.15 13.31 75.38
N LYS D 474 -10.37 13.48 74.32
CA LYS D 474 -10.76 12.96 73.01
C LYS D 474 -9.65 12.07 72.46
N VAL D 475 -10.06 11.01 71.74
CA VAL D 475 -9.15 9.96 71.21
C VAL D 475 -8.49 9.13 72.33
N VAL D 476 -7.55 9.73 73.06
CA VAL D 476 -6.85 9.05 74.18
C VAL D 476 -6.91 9.92 75.43
N THR E 12 -5.87 -8.05 -78.09
CA THR E 12 -4.53 -8.69 -78.18
C THR E 12 -3.46 -7.59 -78.35
N LEU E 13 -2.17 -7.95 -78.28
CA LEU E 13 -1.08 -6.99 -78.54
C LEU E 13 -1.03 -6.76 -80.05
N SER E 14 -1.19 -5.50 -80.47
CA SER E 14 -1.24 -5.17 -81.90
C SER E 14 0.06 -5.49 -82.65
N PRO E 15 -0.05 -5.75 -83.97
CA PRO E 15 1.11 -5.98 -84.85
C PRO E 15 2.07 -4.79 -84.85
N GLU E 16 1.51 -3.59 -84.77
CA GLU E 16 2.29 -2.36 -84.68
C GLU E 16 3.27 -2.44 -83.52
N LEU E 17 2.74 -2.66 -82.32
CA LEU E 17 3.57 -2.74 -81.13
C LEU E 17 4.54 -3.93 -81.17
N ILE E 18 4.10 -5.07 -81.70
CA ILE E 18 5.00 -6.22 -81.80
C ILE E 18 6.23 -5.87 -82.67
N ALA E 19 5.97 -5.15 -83.77
CA ALA E 19 7.02 -4.77 -84.69
C ALA E 19 8.00 -3.80 -84.04
N ARG E 20 7.48 -2.82 -83.32
CA ARG E 20 8.32 -1.84 -82.66
C ARG E 20 9.18 -2.46 -81.57
N PHE E 21 8.62 -3.36 -80.79
CA PHE E 21 9.41 -4.07 -79.77
C PHE E 21 10.46 -4.96 -80.46
N THR E 22 10.06 -5.66 -81.53
CA THR E 22 10.99 -6.50 -82.29
C THR E 22 12.17 -5.64 -82.76
N ALA E 23 11.86 -4.48 -83.33
CA ALA E 23 12.91 -3.60 -83.85
C ALA E 23 13.95 -3.22 -82.80
N ILE E 24 13.56 -3.11 -81.53
CA ILE E 24 14.48 -2.69 -80.49
C ILE E 24 15.55 -3.70 -80.21
N VAL E 25 15.14 -4.97 -80.09
CA VAL E 25 16.06 -6.05 -79.74
C VAL E 25 16.60 -6.90 -80.90
N GLY E 26 15.99 -6.76 -82.08
CA GLY E 26 16.32 -7.58 -83.24
C GLY E 26 15.41 -8.79 -83.24
N ASP E 27 14.86 -9.14 -84.40
CA ASP E 27 13.86 -10.22 -84.49
C ASP E 27 14.33 -11.56 -83.94
N LYS E 28 15.62 -11.87 -84.07
CA LYS E 28 16.17 -13.12 -83.55
C LYS E 28 16.04 -13.23 -82.02
N HIS E 29 15.72 -12.11 -81.37
CA HIS E 29 15.60 -12.08 -79.93
C HIS E 29 14.20 -11.66 -79.50
N ALA E 30 13.26 -11.78 -80.43
CA ALA E 30 11.85 -11.48 -80.19
C ALA E 30 11.09 -12.73 -80.59
N LEU E 31 10.43 -13.38 -79.62
CA LEU E 31 9.72 -14.64 -79.85
C LEU E 31 8.19 -14.47 -79.81
N THR E 32 7.51 -14.98 -80.85
CA THR E 32 6.03 -14.95 -80.95
C THR E 32 5.43 -16.33 -81.27
N ASP E 33 6.28 -17.27 -81.68
CA ASP E 33 5.86 -18.62 -82.03
C ASP E 33 5.50 -19.39 -80.74
N PRO E 34 4.23 -19.87 -80.61
CA PRO E 34 3.77 -20.60 -79.40
C PRO E 34 4.73 -21.68 -78.91
N LEU E 35 5.32 -22.45 -79.83
CA LEU E 35 6.29 -23.51 -79.47
C LEU E 35 7.47 -22.93 -78.69
N GLU E 36 7.98 -21.79 -79.15
CA GLU E 36 9.10 -21.12 -78.48
C GLU E 36 8.67 -20.44 -77.17
N LEU E 37 7.46 -19.87 -77.17
CA LEU E 37 6.89 -19.20 -75.98
C LEU E 37 6.61 -20.13 -74.79
N GLU E 38 6.46 -21.43 -75.08
CA GLU E 38 6.15 -22.46 -74.06
C GLU E 38 7.11 -22.43 -72.86
N ALA E 39 8.40 -22.28 -73.12
CA ALA E 39 9.40 -22.27 -72.05
C ALA E 39 9.31 -21.04 -71.13
N TYR E 40 8.68 -19.96 -71.60
CA TYR E 40 8.57 -18.72 -70.81
C TYR E 40 7.24 -18.56 -70.08
N ILE E 41 6.17 -19.14 -70.63
CA ILE E 41 4.83 -19.03 -70.05
C ILE E 41 4.51 -20.07 -68.96
N THR E 42 5.41 -21.03 -68.76
CA THR E 42 5.22 -22.07 -67.73
C THR E 42 6.51 -22.21 -66.94
N GLU E 43 6.42 -22.75 -65.72
CA GLU E 43 7.61 -22.93 -64.87
CA GLU E 43 7.60 -22.93 -64.85
C GLU E 43 7.83 -24.39 -64.45
N GLU E 44 9.01 -24.65 -63.85
CA GLU E 44 9.44 -25.99 -63.37
C GLU E 44 8.32 -26.91 -62.77
N ARG E 45 7.74 -26.49 -61.63
CA ARG E 45 6.69 -27.27 -60.93
C ARG E 45 5.24 -27.16 -61.51
N ASN E 46 5.10 -26.98 -62.83
CA ASN E 46 3.76 -26.87 -63.52
C ASN E 46 2.63 -26.27 -62.66
N LEU E 47 2.97 -25.23 -61.89
CA LEU E 47 2.01 -24.60 -60.95
C LEU E 47 0.94 -23.78 -61.69
N TYR E 48 1.39 -22.76 -62.42
CA TYR E 48 0.52 -21.88 -63.17
C TYR E 48 0.85 -22.03 -64.64
N ARG E 49 -0.15 -21.81 -65.50
CA ARG E 49 0.06 -21.81 -66.93
C ARG E 49 -0.43 -20.48 -67.45
N GLY E 50 0.50 -19.67 -67.97
CA GLY E 50 0.19 -18.35 -68.48
C GLY E 50 0.07 -18.26 -69.98
N HIS E 51 -0.19 -17.05 -70.46
CA HIS E 51 -0.28 -16.75 -71.90
C HIS E 51 0.37 -15.39 -72.21
N SER E 52 1.20 -15.38 -73.24
CA SER E 52 1.89 -14.17 -73.67
C SER E 52 1.97 -14.12 -75.20
N PRO E 53 1.79 -12.92 -75.76
CA PRO E 53 1.92 -12.73 -77.20
C PRO E 53 3.38 -12.47 -77.63
N LEU E 54 4.29 -12.16 -76.68
CA LEU E 54 5.67 -11.80 -77.03
C LEU E 54 6.69 -11.97 -75.90
N VAL E 55 7.88 -12.43 -76.26
CA VAL E 55 8.98 -12.58 -75.33
C VAL E 55 10.17 -11.87 -75.92
N LEU E 56 10.69 -10.88 -75.19
CA LEU E 56 11.86 -10.09 -75.63
C LEU E 56 13.07 -10.46 -74.82
N ARG E 57 14.20 -10.64 -75.50
CA ARG E 57 15.46 -10.99 -74.87
C ARG E 57 16.47 -9.87 -75.18
N PRO E 58 16.30 -8.71 -74.54
CA PRO E 58 17.17 -7.57 -74.81
C PRO E 58 18.61 -7.85 -74.44
N GLY E 59 19.54 -7.16 -75.09
CA GLY E 59 20.97 -7.37 -74.87
C GLY E 59 21.73 -6.25 -74.17
N SER E 60 21.02 -5.25 -73.67
CA SER E 60 21.66 -4.11 -73.03
C SER E 60 20.64 -3.27 -72.28
N THR E 61 21.13 -2.55 -71.27
CA THR E 61 20.29 -1.64 -70.48
C THR E 61 19.54 -0.67 -71.39
N GLU E 62 20.27 -0.16 -72.38
CA GLU E 62 19.72 0.78 -73.35
C GLU E 62 18.49 0.20 -74.04
N GLU E 63 18.54 -1.10 -74.35
CA GLU E 63 17.40 -1.76 -74.99
C GLU E 63 16.28 -1.92 -74.00
N VAL E 64 16.62 -2.26 -72.76
CA VAL E 64 15.61 -2.33 -71.71
C VAL E 64 14.94 -0.96 -71.54
N VAL E 65 15.72 0.13 -71.64
CA VAL E 65 15.17 1.48 -71.54
C VAL E 65 14.20 1.78 -72.68
N ALA E 66 14.58 1.39 -73.89
CA ALA E 66 13.70 1.60 -75.06
C ALA E 66 12.38 0.84 -74.86
N ILE E 67 12.47 -0.42 -74.43
CA ILE E 67 11.27 -1.24 -74.17
C ILE E 67 10.34 -0.61 -73.13
N CYS E 68 10.91 -0.18 -72.01
CA CYS E 68 10.11 0.43 -70.95
C CYS E 68 9.44 1.74 -71.36
N LYS E 69 10.11 2.56 -72.15
CA LYS E 69 9.49 3.81 -72.60
C LYS E 69 8.29 3.51 -73.47
N LEU E 70 8.43 2.53 -74.35
CA LEU E 70 7.34 2.18 -75.28
C LEU E 70 6.20 1.57 -74.52
N ALA E 71 6.51 0.56 -73.71
CA ALA E 71 5.50 -0.12 -72.92
C ALA E 71 4.70 0.86 -72.03
N ASN E 72 5.39 1.86 -71.48
CA ASN E 72 4.75 2.84 -70.60
C ASN E 72 3.81 3.78 -71.37
N GLU E 73 4.25 4.23 -72.54
CA GLU E 73 3.47 5.11 -73.40
C GLU E 73 2.22 4.36 -73.92
N ALA E 74 2.40 3.11 -74.35
CA ALA E 74 1.32 2.31 -74.92
C ALA E 74 0.52 1.51 -73.90
N ARG E 75 0.89 1.60 -72.62
CA ARG E 75 0.19 0.88 -71.55
C ARG E 75 0.21 -0.63 -71.79
N VAL E 76 1.39 -1.16 -72.11
CA VAL E 76 1.59 -2.59 -72.29
C VAL E 76 2.29 -3.13 -71.06
N ALA E 77 1.68 -4.10 -70.40
CA ALA E 77 2.27 -4.66 -69.17
C ALA E 77 3.48 -5.56 -69.48
N LEU E 78 4.52 -5.43 -68.64
CA LEU E 78 5.77 -6.20 -68.77
C LEU E 78 5.96 -7.12 -67.60
N VAL E 79 6.54 -8.29 -67.85
CA VAL E 79 6.86 -9.26 -66.81
C VAL E 79 8.36 -9.60 -66.88
N PRO E 80 9.18 -9.06 -65.95
CA PRO E 80 10.58 -9.38 -65.98
C PRO E 80 10.81 -10.84 -65.61
N GLN E 81 11.74 -11.49 -66.26
CA GLN E 81 12.00 -12.90 -65.98
C GLN E 81 13.46 -13.20 -66.20
N GLY E 82 14.01 -14.05 -65.35
CA GLY E 82 15.40 -14.44 -65.42
C GLY E 82 15.51 -15.89 -65.84
N GLY E 83 15.84 -16.74 -64.86
CA GLY E 83 15.97 -18.19 -65.08
C GLY E 83 14.65 -18.96 -65.03
N ASN E 84 13.55 -18.28 -64.67
CA ASN E 84 12.20 -18.89 -64.61
C ASN E 84 12.09 -20.05 -63.63
N THR E 85 12.74 -19.91 -62.48
CA THR E 85 12.72 -20.91 -61.44
C THR E 85 11.87 -20.45 -60.23
N GLY E 86 11.33 -19.22 -60.29
CA GLY E 86 10.51 -18.69 -59.20
C GLY E 86 9.34 -19.62 -58.93
N LEU E 87 8.97 -19.73 -57.65
CA LEU E 87 7.93 -20.67 -57.20
C LEU E 87 6.61 -20.00 -56.72
N VAL E 88 6.39 -18.74 -57.10
CA VAL E 88 5.15 -18.04 -56.67
C VAL E 88 4.38 -17.35 -57.83
N GLY E 89 4.69 -17.76 -59.06
CA GLY E 89 4.04 -17.20 -60.24
C GLY E 89 4.43 -15.76 -60.51
N GLY E 90 5.56 -15.34 -59.97
CA GLY E 90 6.03 -13.96 -60.11
C GLY E 90 6.51 -13.57 -61.51
N GLN E 91 7.16 -14.52 -62.19
CA GLN E 91 7.72 -14.31 -63.53
C GLN E 91 6.79 -14.84 -64.65
N THR E 92 5.59 -15.28 -64.28
CA THR E 92 4.66 -15.85 -65.24
C THR E 92 3.69 -14.78 -65.73
N PRO E 93 3.48 -14.69 -67.05
CA PRO E 93 2.49 -13.77 -67.60
C PRO E 93 1.13 -14.44 -67.58
N HIS E 94 0.23 -13.97 -66.73
CA HIS E 94 -1.09 -14.56 -66.60
C HIS E 94 -2.13 -13.78 -67.37
N ASN E 95 -1.75 -12.67 -68.01
CA ASN E 95 -2.78 -11.80 -68.60
C ASN E 95 -2.43 -11.10 -69.96
N GLY E 96 -1.58 -11.73 -70.78
CA GLY E 96 -1.21 -11.14 -72.08
C GLY E 96 -0.08 -10.10 -71.99
N GLU E 97 0.71 -10.20 -70.93
CA GLU E 97 1.84 -9.30 -70.75
C GLU E 97 2.95 -9.70 -71.71
N VAL E 98 3.91 -8.81 -71.89
CA VAL E 98 5.07 -9.10 -72.69
C VAL E 98 6.16 -9.50 -71.70
N VAL E 99 6.86 -10.59 -71.98
CA VAL E 99 7.91 -11.05 -71.09
C VAL E 99 9.20 -10.40 -71.50
N ILE E 100 9.92 -9.87 -70.52
CA ILE E 100 11.23 -9.27 -70.72
C ILE E 100 12.20 -10.21 -70.03
N SER E 101 12.83 -11.05 -70.83
CA SER E 101 13.82 -11.98 -70.33
C SER E 101 15.17 -11.30 -70.36
N LEU E 102 15.94 -11.51 -69.31
CA LEU E 102 17.25 -10.92 -69.21
C LEU E 102 18.34 -11.97 -69.45
N LYS E 103 17.97 -13.13 -69.99
CA LYS E 103 18.94 -14.20 -70.21
C LYS E 103 20.13 -13.83 -71.12
N ARG E 104 19.96 -12.89 -72.05
CA ARG E 104 21.08 -12.49 -72.94
C ARG E 104 22.06 -11.51 -72.30
N MSE E 105 21.62 -10.79 -71.26
CA MSE E 105 22.51 -9.86 -70.51
C MSE E 105 23.22 -10.67 -69.42
O MSE E 105 22.90 -10.57 -68.23
CB MSE E 105 21.69 -8.72 -69.89
CG MSE E 105 21.03 -7.80 -70.93
SE MSE E 105 20.34 -6.17 -70.14
CE MSE E 105 21.96 -5.54 -69.24
N ASP E 106 24.21 -11.45 -69.85
CA ASP E 106 24.91 -12.38 -68.95
C ASP E 106 26.40 -12.11 -68.80
N LYS E 107 26.82 -10.94 -69.23
CA LYS E 107 28.23 -10.59 -69.17
C LYS E 107 28.71 -10.36 -67.72
N ILE E 108 29.86 -10.96 -67.36
CA ILE E 108 30.54 -10.68 -66.08
C ILE E 108 31.38 -9.50 -66.49
N ARG E 109 31.16 -8.33 -65.90
CA ARG E 109 31.87 -7.12 -66.33
C ARG E 109 33.23 -6.86 -65.73
N GLU E 110 33.38 -7.06 -64.43
CA GLU E 110 34.63 -6.76 -63.76
C GLU E 110 34.76 -7.49 -62.47
N ILE E 111 35.96 -8.03 -62.25
CA ILE E 111 36.28 -8.73 -61.02
C ILE E 111 37.44 -8.00 -60.36
N ASP E 112 37.16 -7.32 -59.24
CA ASP E 112 38.20 -6.63 -58.50
C ASP E 112 38.52 -7.47 -57.28
N THR E 113 39.62 -8.21 -57.35
CA THR E 113 40.02 -9.08 -56.25
C THR E 113 40.59 -8.31 -55.02
N SER E 114 40.96 -7.03 -55.18
CA SER E 114 41.45 -6.23 -54.03
C SER E 114 40.29 -5.58 -53.28
N SER E 115 39.31 -5.09 -54.01
CA SER E 115 38.12 -4.52 -53.38
C SER E 115 37.14 -5.63 -53.03
N ASN E 116 37.34 -6.80 -53.65
CA ASN E 116 36.51 -7.97 -53.44
C ASN E 116 35.07 -7.69 -53.85
N THR E 117 34.94 -7.39 -55.12
CA THR E 117 33.67 -7.08 -55.72
C THR E 117 33.63 -7.71 -57.09
N ILE E 118 32.43 -7.88 -57.60
CA ILE E 118 32.23 -8.44 -58.91
C ILE E 118 30.97 -7.77 -59.47
N THR E 119 31.11 -7.20 -60.66
CA THR E 119 30.02 -6.50 -61.32
C THR E 119 29.51 -7.39 -62.46
N VAL E 120 28.25 -7.77 -62.38
CA VAL E 120 27.65 -8.65 -63.39
C VAL E 120 26.32 -8.11 -63.86
N GLU E 121 25.89 -8.63 -65.00
CA GLU E 121 24.61 -8.27 -65.59
C GLU E 121 23.56 -9.18 -64.98
N ALA E 122 22.30 -8.75 -65.02
CA ALA E 122 21.18 -9.47 -64.36
C ALA E 122 20.96 -10.91 -64.79
N GLY E 123 21.28 -11.21 -66.04
CA GLY E 123 21.05 -12.55 -66.58
C GLY E 123 22.15 -13.54 -66.34
N ALA E 124 23.21 -13.13 -65.64
CA ALA E 124 24.30 -14.01 -65.35
C ALA E 124 23.81 -15.15 -64.47
N ILE E 125 24.05 -16.39 -64.92
CA ILE E 125 23.67 -17.58 -64.15
C ILE E 125 24.49 -17.61 -62.85
N LEU E 126 23.83 -17.85 -61.73
CA LEU E 126 24.50 -17.92 -60.43
C LEU E 126 25.69 -18.89 -60.45
N GLN E 127 25.45 -20.09 -60.96
CA GLN E 127 26.50 -21.12 -61.02
C GLN E 127 27.73 -20.61 -61.76
N ARG E 128 27.54 -19.81 -62.81
CA ARG E 128 28.68 -19.27 -63.56
C ARG E 128 29.45 -18.17 -62.79
N VAL E 129 28.74 -17.36 -62.02
CA VAL E 129 29.41 -16.34 -61.19
C VAL E 129 30.28 -17.04 -60.13
N GLN E 130 29.72 -18.08 -59.50
CA GLN E 130 30.44 -18.89 -58.50
C GLN E 130 31.76 -19.38 -59.08
N GLU E 131 31.69 -19.95 -60.28
CA GLU E 131 32.87 -20.47 -60.97
C GLU E 131 33.91 -19.39 -61.28
N LYS E 132 33.47 -18.25 -61.81
CA LYS E 132 34.40 -17.16 -62.06
C LYS E 132 35.09 -16.72 -60.78
N ALA E 133 34.35 -16.70 -59.68
CA ALA E 133 34.93 -16.37 -58.38
C ALA E 133 36.04 -17.37 -58.03
N ALA E 134 35.70 -18.66 -58.16
CA ALA E 134 36.62 -19.75 -57.86
C ALA E 134 37.91 -19.68 -58.68
N GLU E 135 37.78 -19.28 -59.95
CA GLU E 135 38.94 -19.17 -60.83
C GLU E 135 39.99 -18.13 -60.36
N VAL E 136 39.55 -17.12 -59.61
CA VAL E 136 40.47 -16.08 -59.11
C VAL E 136 40.73 -16.22 -57.59
N ASP E 137 40.57 -17.45 -57.09
CA ASP E 137 40.80 -17.79 -55.66
C ASP E 137 39.85 -17.01 -54.72
N ARG E 138 38.58 -16.94 -55.09
CA ARG E 138 37.54 -16.29 -54.29
C ARG E 138 36.24 -17.14 -54.23
N LEU E 139 35.31 -16.69 -53.40
CA LEU E 139 34.03 -17.37 -53.24
C LEU E 139 32.88 -16.42 -53.39
N PHE E 140 31.87 -16.83 -54.13
CA PHE E 140 30.59 -16.13 -54.15
C PHE E 140 29.68 -17.13 -53.43
N PRO E 141 29.40 -16.86 -52.14
CA PRO E 141 28.73 -17.80 -51.27
C PRO E 141 27.26 -18.04 -51.49
N LEU E 142 26.55 -17.16 -52.20
CA LEU E 142 25.11 -17.41 -52.45
C LEU E 142 25.02 -18.73 -53.19
N SER E 143 24.38 -19.71 -52.57
CA SER E 143 24.28 -21.03 -53.14
C SER E 143 22.93 -21.61 -52.82
N LEU E 144 22.19 -22.01 -53.87
CA LEU E 144 20.85 -22.57 -53.70
C LEU E 144 20.58 -23.75 -54.66
N GLY E 145 19.38 -24.33 -54.57
CA GLY E 145 19.03 -25.51 -55.40
C GLY E 145 18.92 -25.34 -56.92
N ALA E 146 18.51 -24.14 -57.37
CA ALA E 146 18.35 -23.85 -58.81
C ALA E 146 19.54 -23.08 -59.40
N GLN E 147 20.72 -23.21 -58.76
CA GLN E 147 21.98 -22.55 -59.23
C GLN E 147 22.24 -22.62 -60.72
N GLY E 148 22.03 -23.80 -61.30
CA GLY E 148 22.28 -24.03 -62.71
C GLY E 148 21.45 -23.21 -63.68
N SER E 149 20.30 -22.71 -63.23
CA SER E 149 19.40 -21.95 -64.09
C SER E 149 19.12 -20.52 -63.59
N CYS E 150 19.03 -20.34 -62.27
CA CYS E 150 18.68 -19.02 -61.70
C CYS E 150 19.74 -17.96 -61.95
N THR E 151 19.27 -16.72 -62.06
CA THR E 151 20.13 -15.60 -62.37
C THR E 151 20.30 -14.66 -61.19
N ILE E 152 21.31 -13.80 -61.27
CA ILE E 152 21.59 -12.83 -60.21
C ILE E 152 20.43 -11.81 -60.10
N GLY E 153 19.89 -11.39 -61.23
CA GLY E 153 18.77 -10.46 -61.27
C GLY E 153 17.56 -11.08 -60.59
N GLY E 154 17.36 -12.38 -60.83
CA GLY E 154 16.30 -13.12 -60.19
C GLY E 154 16.56 -13.27 -58.71
N ASN E 155 17.80 -13.64 -58.36
CA ASN E 155 18.21 -13.82 -56.96
C ASN E 155 18.02 -12.55 -56.15
N LEU E 156 18.41 -11.42 -56.74
CA LEU E 156 18.23 -10.13 -56.09
C LEU E 156 16.75 -9.76 -56.02
N SER E 157 16.01 -10.00 -57.09
CA SER E 157 14.58 -9.66 -57.09
C SER E 157 13.76 -10.45 -56.06
N THR E 158 14.12 -11.70 -55.82
CA THR E 158 13.40 -12.52 -54.84
C THR E 158 14.06 -12.51 -53.48
N ASN E 159 15.26 -11.92 -53.37
CA ASN E 159 16.09 -11.95 -52.15
C ASN E 159 16.32 -13.41 -51.70
N ALA E 160 16.86 -14.20 -52.62
CA ALA E 160 17.13 -15.61 -52.41
C ALA E 160 18.09 -15.84 -51.26
N GLY E 161 17.92 -16.99 -50.61
CA GLY E 161 18.78 -17.39 -49.49
C GLY E 161 18.91 -18.90 -49.49
N GLY E 162 20.05 -19.40 -49.04
CA GLY E 162 20.31 -20.84 -49.06
C GLY E 162 20.76 -21.47 -47.76
N THR E 163 21.38 -22.63 -47.89
CA THR E 163 21.88 -23.42 -46.78
C THR E 163 22.90 -22.68 -45.93
N ALA E 164 23.75 -21.90 -46.59
CA ALA E 164 24.82 -21.16 -45.90
C ALA E 164 24.38 -19.77 -45.42
N ALA E 165 23.07 -19.48 -45.44
CA ALA E 165 22.58 -18.16 -45.02
C ALA E 165 23.05 -17.76 -43.64
N LEU E 166 23.12 -18.71 -42.72
CA LEU E 166 23.55 -18.39 -41.35
C LEU E 166 24.97 -17.82 -41.27
N ALA E 167 25.78 -18.09 -42.29
CA ALA E 167 27.14 -17.64 -42.34
C ALA E 167 27.33 -16.42 -43.22
N TYR E 168 26.73 -16.46 -44.39
CA TYR E 168 26.94 -15.42 -45.41
C TYR E 168 25.78 -14.48 -45.63
N GLY E 169 24.63 -14.78 -45.07
CA GLY E 169 23.45 -13.95 -45.27
C GLY E 169 22.74 -14.29 -46.59
N LEU E 170 21.84 -13.42 -47.01
CA LEU E 170 21.00 -13.62 -48.19
C LEU E 170 21.55 -12.81 -49.36
N ALA E 171 20.87 -12.84 -50.49
CA ALA E 171 21.26 -12.05 -51.67
C ALA E 171 21.44 -10.57 -51.33
N ARG E 172 20.57 -10.06 -50.48
CA ARG E 172 20.61 -8.66 -50.03
C ARG E 172 21.96 -8.31 -49.41
N ASP E 173 22.50 -9.25 -48.63
CA ASP E 173 23.78 -9.07 -47.95
C ASP E 173 24.96 -9.16 -48.90
N MSE E 174 24.73 -9.66 -50.10
CA MSE E 174 25.78 -9.75 -51.10
C MSE E 174 25.91 -8.46 -51.90
O MSE E 174 26.97 -8.18 -52.47
CB MSE E 174 25.42 -10.83 -52.13
CG MSE E 174 25.00 -12.19 -51.61
SE MSE E 174 26.43 -13.33 -51.16
CE MSE E 174 27.05 -12.36 -49.63
N ALA E 175 24.82 -7.67 -51.98
CA ALA E 175 24.79 -6.50 -52.87
C ALA E 175 25.44 -5.27 -52.34
N LEU E 176 26.23 -4.62 -53.20
CA LEU E 176 26.89 -3.34 -52.90
C LEU E 176 26.27 -2.25 -53.75
N GLY E 177 25.63 -2.64 -54.85
CA GLY E 177 25.00 -1.71 -55.74
C GLY E 177 24.19 -2.43 -56.79
N VAL E 178 23.26 -1.69 -57.40
CA VAL E 178 22.42 -2.22 -58.48
C VAL E 178 22.14 -1.14 -59.53
N GLU E 179 21.78 -1.60 -60.73
CA GLU E 179 21.38 -0.72 -61.79
C GLU E 179 19.98 -1.14 -62.18
N VAL E 180 19.04 -0.19 -62.15
CA VAL E 180 17.64 -0.48 -62.43
C VAL E 180 17.03 0.43 -63.47
N VAL E 181 16.17 -0.13 -64.33
CA VAL E 181 15.44 0.65 -65.32
C VAL E 181 14.01 0.71 -64.81
N LEU E 182 13.49 1.92 -64.57
CA LEU E 182 12.11 2.06 -64.06
C LEU E 182 11.11 1.94 -65.19
N ALA E 183 9.82 1.92 -64.84
CA ALA E 183 8.75 1.79 -65.83
C ALA E 183 8.76 2.91 -66.86
N ASP E 184 9.16 4.11 -66.46
CA ASP E 184 9.16 5.26 -67.35
C ASP E 184 10.45 5.36 -68.17
N GLY E 185 11.37 4.40 -67.98
CA GLY E 185 12.61 4.38 -68.76
C GLY E 185 13.82 5.02 -68.11
N ARG E 186 13.64 5.62 -66.95
CA ARG E 186 14.76 6.22 -66.25
C ARG E 186 15.69 5.12 -65.77
N VAL E 187 16.99 5.38 -65.84
CA VAL E 187 17.96 4.44 -65.35
C VAL E 187 18.47 4.92 -64.02
N MSE E 188 18.40 4.06 -63.01
CA MSE E 188 18.95 4.38 -61.71
C MSE E 188 20.22 3.56 -61.58
O MSE E 188 20.17 2.35 -61.44
CB MSE E 188 18.01 4.01 -60.57
CG MSE E 188 18.45 4.63 -59.24
SE MSE E 188 17.53 3.92 -57.73
CE MSE E 188 18.23 2.12 -57.79
N ASN E 189 21.38 4.23 -61.67
CA ASN E 189 22.64 3.55 -61.60
C ASN E 189 23.34 3.74 -60.26
N LEU E 190 23.29 2.70 -59.43
CA LEU E 190 23.91 2.69 -58.12
C LEU E 190 25.01 1.64 -58.03
N LEU E 191 25.54 1.22 -59.17
CA LEU E 191 26.68 0.28 -59.17
C LEU E 191 27.78 0.95 -58.36
N SER E 192 28.26 0.28 -57.35
CA SER E 192 29.25 0.85 -56.45
C SER E 192 30.06 -0.28 -55.88
N LYS E 193 31.35 -0.03 -55.64
CA LYS E 193 32.19 -1.02 -54.98
C LYS E 193 32.40 -0.64 -53.52
N LEU E 194 31.63 0.32 -53.00
CA LEU E 194 31.86 0.80 -51.64
C LEU E 194 31.26 -0.07 -50.56
N LYS E 195 31.96 -0.16 -49.42
CA LYS E 195 31.52 -0.94 -48.24
C LYS E 195 30.89 0.02 -47.21
N LYS E 196 31.23 1.31 -47.30
CA LYS E 196 30.66 2.36 -46.44
C LYS E 196 30.30 3.53 -47.33
N ASP E 197 29.02 3.88 -47.35
CA ASP E 197 28.52 4.98 -48.19
C ASP E 197 27.19 5.44 -47.66
N ASN E 198 27.19 6.48 -46.84
CA ASN E 198 25.98 7.03 -46.28
C ASN E 198 25.67 8.34 -46.97
N THR E 199 25.17 8.24 -48.19
CA THR E 199 24.82 9.39 -49.00
C THR E 199 23.41 9.25 -49.50
N GLY E 200 22.47 9.61 -48.63
CA GLY E 200 21.05 9.58 -48.96
C GLY E 200 20.40 8.29 -48.55
N TYR E 201 19.16 8.08 -49.01
CA TYR E 201 18.41 6.89 -48.64
C TYR E 201 18.93 5.69 -49.39
N ASP E 202 18.71 4.52 -48.79
CA ASP E 202 19.11 3.25 -49.34
C ASP E 202 18.02 2.74 -50.28
N LEU E 203 18.12 3.13 -51.54
CA LEU E 203 17.14 2.72 -52.55
C LEU E 203 17.42 1.30 -53.05
N ARG E 204 18.68 0.90 -53.00
CA ARG E 204 19.10 -0.45 -53.41
C ARG E 204 18.22 -1.56 -52.84
N ASP E 205 18.09 -1.57 -51.52
CA ASP E 205 17.33 -2.60 -50.84
C ASP E 205 15.83 -2.55 -51.12
N LEU E 206 15.37 -1.48 -51.74
CA LEU E 206 13.97 -1.35 -52.08
C LEU E 206 13.63 -2.27 -53.28
N PHE E 207 14.56 -2.38 -54.23
CA PHE E 207 14.36 -3.22 -55.41
C PHE E 207 14.73 -4.67 -55.15
N ILE E 208 15.59 -4.90 -54.15
CA ILE E 208 15.98 -6.26 -53.77
C ILE E 208 14.84 -6.79 -52.92
N GLY E 209 14.12 -7.77 -53.45
CA GLY E 209 12.93 -8.33 -52.81
C GLY E 209 11.62 -7.85 -53.48
N ALA E 210 11.73 -6.88 -54.41
CA ALA E 210 10.58 -6.29 -55.09
C ALA E 210 9.94 -7.18 -56.15
N GLU E 211 10.62 -8.28 -56.51
CA GLU E 211 10.10 -9.26 -57.48
C GLU E 211 9.70 -8.66 -58.84
N GLY E 212 10.44 -7.67 -59.29
CA GLY E 212 10.19 -7.05 -60.58
C GLY E 212 8.98 -6.16 -60.62
N THR E 213 8.42 -5.82 -59.46
CA THR E 213 7.24 -4.95 -59.41
C THR E 213 7.57 -3.44 -59.37
N LEU E 214 8.83 -3.08 -59.13
CA LEU E 214 9.24 -1.67 -59.07
C LEU E 214 10.18 -1.23 -60.20
N GLY E 215 10.63 -2.18 -61.02
CA GLY E 215 11.55 -1.87 -62.12
C GLY E 215 12.34 -3.09 -62.47
N ILE E 216 13.15 -2.99 -63.55
CA ILE E 216 13.95 -4.10 -64.05
C ILE E 216 15.44 -3.91 -63.72
N ILE E 217 16.00 -4.85 -62.94
CA ILE E 217 17.41 -4.82 -62.60
C ILE E 217 18.18 -5.33 -63.83
N THR E 218 19.16 -4.54 -64.28
CA THR E 218 19.97 -4.90 -65.45
C THR E 218 21.42 -5.28 -65.09
N ALA E 219 21.88 -4.87 -63.92
CA ALA E 219 23.23 -5.18 -63.49
C ALA E 219 23.39 -4.94 -62.01
N ALA E 220 24.43 -5.55 -61.43
CA ALA E 220 24.66 -5.38 -60.00
C ALA E 220 26.11 -5.58 -59.64
N THR E 221 26.51 -4.99 -58.50
CA THR E 221 27.86 -5.17 -57.96
CA THR E 221 27.86 -5.17 -57.97
C THR E 221 27.69 -6.02 -56.71
N LEU E 222 28.38 -7.15 -56.67
CA LEU E 222 28.26 -8.09 -55.56
C LEU E 222 29.57 -8.25 -54.82
N LYS E 223 29.48 -8.74 -53.59
CA LYS E 223 30.66 -9.00 -52.76
C LYS E 223 31.30 -10.33 -53.10
N LEU E 224 32.64 -10.37 -53.02
CA LEU E 224 33.38 -11.61 -53.16
C LEU E 224 33.94 -11.89 -51.79
N PHE E 225 34.16 -13.16 -51.50
CA PHE E 225 34.65 -13.58 -50.19
C PHE E 225 35.89 -14.44 -50.27
N PRO E 226 36.60 -14.59 -49.14
CA PRO E 226 37.75 -15.48 -49.11
C PRO E 226 37.34 -16.93 -49.39
N LYS E 227 38.14 -17.65 -50.18
CA LYS E 227 37.86 -19.04 -50.50
C LYS E 227 38.29 -19.86 -49.30
N PRO E 228 37.40 -20.72 -48.76
CA PRO E 228 37.84 -21.52 -47.64
C PRO E 228 38.86 -22.57 -48.08
N ARG E 229 39.79 -22.88 -47.19
CA ARG E 229 40.85 -23.83 -47.49
CA ARG E 229 40.89 -23.82 -47.42
C ARG E 229 40.46 -25.23 -46.98
N ALA E 230 39.58 -25.29 -45.96
CA ALA E 230 39.10 -26.54 -45.38
C ALA E 230 37.57 -26.57 -45.15
N VAL E 231 36.92 -27.64 -45.61
CA VAL E 231 35.50 -27.85 -45.40
C VAL E 231 35.34 -29.23 -44.77
N GLU E 232 34.71 -29.28 -43.60
CA GLU E 232 34.49 -30.55 -42.88
C GLU E 232 32.99 -30.73 -42.64
N THR E 233 32.50 -31.97 -42.71
CA THR E 233 31.08 -32.24 -42.60
C THR E 233 30.76 -33.40 -41.69
N ALA E 234 29.60 -33.36 -41.05
CA ALA E 234 29.20 -34.42 -40.15
C ALA E 234 27.69 -34.65 -40.18
N PHE E 235 27.29 -35.89 -39.99
CA PHE E 235 25.89 -36.24 -39.92
C PHE E 235 25.70 -36.66 -38.48
N VAL E 236 24.67 -36.14 -37.83
CA VAL E 236 24.43 -36.41 -36.42
C VAL E 236 22.99 -36.89 -36.21
N GLY E 237 22.83 -37.88 -35.32
CA GLY E 237 21.52 -38.41 -34.98
C GLY E 237 21.18 -37.96 -33.57
N LEU E 238 19.98 -37.40 -33.39
CA LEU E 238 19.54 -36.90 -32.08
C LEU E 238 18.09 -37.28 -31.86
N GLN E 239 17.62 -37.10 -30.61
CA GLN E 239 16.25 -37.46 -30.24
C GLN E 239 15.18 -36.41 -30.52
N SER E 240 15.56 -35.13 -30.61
CA SER E 240 14.56 -34.07 -30.82
C SER E 240 15.10 -32.79 -31.45
N PRO E 241 14.19 -31.96 -32.01
CA PRO E 241 14.61 -30.65 -32.51
C PRO E 241 15.19 -29.80 -31.39
N ASP E 242 14.68 -29.92 -30.17
CA ASP E 242 15.26 -29.18 -29.03
C ASP E 242 16.71 -29.52 -28.78
N ASP E 243 17.04 -30.80 -28.94
CA ASP E 243 18.43 -31.20 -28.79
C ASP E 243 19.25 -30.65 -29.94
N ALA E 244 18.68 -30.65 -31.14
CA ALA E 244 19.37 -30.07 -32.29
C ALA E 244 19.59 -28.57 -32.07
N LEU E 245 18.62 -27.90 -31.43
CA LEU E 245 18.73 -26.46 -31.14
C LEU E 245 19.87 -26.19 -30.16
N LYS E 246 20.01 -27.04 -29.15
CA LYS E 246 21.09 -26.92 -28.17
C LYS E 246 22.44 -27.16 -28.85
N LEU E 247 22.47 -28.05 -29.83
CA LEU E 247 23.70 -28.34 -30.54
C LEU E 247 24.10 -27.16 -31.41
N LEU E 248 23.10 -26.43 -31.92
CA LEU E 248 23.33 -25.22 -32.70
C LEU E 248 24.03 -24.16 -31.84
N GLY E 249 23.57 -23.97 -30.61
CA GLY E 249 24.20 -23.01 -29.71
C GLY E 249 25.66 -23.34 -29.45
N ILE E 250 25.97 -24.64 -29.34
CA ILE E 250 27.33 -25.10 -29.15
C ILE E 250 28.14 -24.80 -30.40
N ALA E 251 27.57 -25.16 -31.55
CA ALA E 251 28.20 -24.94 -32.85
C ALA E 251 28.52 -23.47 -33.07
N GLN E 252 27.55 -22.61 -32.77
CA GLN E 252 27.68 -21.15 -32.93
C GLN E 252 28.76 -20.55 -32.06
N GLY E 253 28.81 -20.98 -30.81
CA GLY E 253 29.81 -20.46 -29.88
C GLY E 253 31.22 -20.93 -30.21
N GLU E 254 31.33 -22.10 -30.85
CA GLU E 254 32.61 -22.70 -31.12
C GLU E 254 33.15 -22.41 -32.53
N ALA E 255 32.28 -22.06 -33.47
CA ALA E 255 32.70 -21.83 -34.87
C ALA E 255 32.35 -20.46 -35.44
N ALA E 256 31.37 -19.78 -34.85
CA ALA E 256 30.97 -18.46 -35.33
C ALA E 256 30.73 -18.46 -36.85
N GLY E 257 31.38 -17.54 -37.58
CA GLY E 257 31.24 -17.44 -39.02
C GLY E 257 31.75 -18.65 -39.80
N ASN E 258 32.47 -19.55 -39.15
CA ASN E 258 32.93 -20.76 -39.82
C ASN E 258 31.80 -21.84 -39.95
N LEU E 259 30.67 -21.66 -39.25
CA LEU E 259 29.54 -22.60 -39.34
C LEU E 259 28.74 -22.30 -40.62
N THR E 260 29.00 -23.02 -41.69
CA THR E 260 28.37 -22.75 -42.99
C THR E 260 27.14 -23.60 -43.31
N SER E 261 26.80 -24.57 -42.45
CA SER E 261 25.53 -25.35 -42.61
C SER E 261 25.13 -26.00 -41.32
N PHE E 262 23.82 -26.04 -41.08
CA PHE E 262 23.28 -26.71 -39.91
C PHE E 262 21.86 -27.05 -40.24
N GLU E 263 21.68 -28.17 -40.95
CA GLU E 263 20.37 -28.58 -41.39
C GLU E 263 19.69 -29.53 -40.42
N LEU E 264 18.43 -29.28 -40.11
CA LEU E 264 17.65 -30.19 -39.29
C LEU E 264 16.85 -31.03 -40.26
N ILE E 265 16.95 -32.35 -40.15
CA ILE E 265 16.23 -33.26 -41.02
C ILE E 265 15.51 -34.36 -40.22
N ALA E 266 14.18 -34.39 -40.32
CA ALA E 266 13.38 -35.43 -39.64
C ALA E 266 13.63 -36.81 -40.26
N GLU E 267 13.29 -37.87 -39.53
CA GLU E 267 13.53 -39.22 -40.03
C GLU E 267 12.85 -39.48 -41.35
N THR E 268 11.57 -39.14 -41.46
CA THR E 268 10.81 -39.43 -42.68
C THR E 268 11.44 -38.86 -43.98
N PRO E 269 11.84 -37.58 -43.99
CA PRO E 269 12.49 -37.09 -45.22
C PRO E 269 13.79 -37.86 -45.53
N LEU E 270 14.55 -38.23 -44.49
CA LEU E 270 15.81 -38.98 -44.67
C LEU E 270 15.53 -40.37 -45.23
N ASP E 271 14.49 -41.02 -44.70
CA ASP E 271 14.06 -42.34 -45.15
C ASP E 271 13.68 -42.28 -46.64
N PHE E 272 12.89 -41.28 -47.01
CA PHE E 272 12.48 -41.10 -48.40
C PHE E 272 13.68 -40.98 -49.32
N SER E 273 14.66 -40.21 -48.88
CA SER E 273 15.85 -39.99 -49.69
C SER E 273 16.71 -41.26 -49.84
N VAL E 274 16.80 -42.06 -48.78
CA VAL E 274 17.56 -43.29 -48.84
C VAL E 274 16.89 -44.32 -49.75
N ARG E 275 15.58 -44.53 -49.54
CA ARG E 275 14.85 -45.52 -50.30
C ARG E 275 14.58 -45.15 -51.77
N HIS E 276 14.32 -43.88 -52.06
CA HIS E 276 13.95 -43.46 -53.44
C HIS E 276 14.98 -42.69 -54.27
N ALA E 277 16.09 -42.29 -53.65
CA ALA E 277 17.15 -41.56 -54.37
C ALA E 277 18.52 -42.27 -54.29
N ASN E 278 18.49 -43.57 -53.97
CA ASN E 278 19.70 -44.43 -53.87
C ASN E 278 20.84 -43.76 -53.07
N ASN E 279 20.51 -43.35 -51.85
CA ASN E 279 21.47 -42.69 -50.98
C ASN E 279 21.77 -43.55 -49.79
N ARG E 280 22.98 -43.43 -49.29
CA ARG E 280 23.44 -44.25 -48.17
C ARG E 280 22.94 -43.70 -46.85
N ASP E 281 22.47 -44.59 -45.98
CA ASP E 281 22.02 -44.23 -44.65
C ASP E 281 23.33 -43.98 -43.88
N PRO E 282 23.57 -42.74 -43.46
CA PRO E 282 24.83 -42.33 -42.85
C PRO E 282 25.15 -42.88 -41.46
N LEU E 283 24.15 -43.34 -40.73
CA LEU E 283 24.41 -43.90 -39.39
C LEU E 283 23.93 -45.35 -39.28
N GLU E 284 24.54 -46.05 -38.31
CA GLU E 284 24.33 -47.49 -38.12
C GLU E 284 22.92 -47.83 -37.63
N ALA E 285 22.37 -46.96 -36.80
CA ALA E 285 20.99 -47.10 -36.31
C ALA E 285 20.17 -45.92 -36.84
N ARG E 286 18.85 -45.98 -36.67
CA ARG E 286 17.97 -44.90 -37.10
C ARG E 286 17.64 -43.98 -35.94
N TYR E 287 17.44 -42.71 -36.26
CA TYR E 287 17.10 -41.67 -35.27
C TYR E 287 15.90 -40.87 -35.75
N PRO E 288 15.10 -40.34 -34.82
CA PRO E 288 13.93 -39.55 -35.20
C PRO E 288 14.32 -38.20 -35.83
N TRP E 289 15.44 -37.66 -35.41
CA TRP E 289 15.93 -36.40 -35.92
C TRP E 289 17.40 -36.47 -36.25
N TYR E 290 17.80 -35.72 -37.26
CA TYR E 290 19.18 -35.66 -37.70
C TYR E 290 19.61 -34.23 -37.95
N VAL E 291 20.93 -34.02 -37.90
CA VAL E 291 21.51 -32.73 -38.22
C VAL E 291 22.63 -32.95 -39.22
N LEU E 292 22.71 -32.08 -40.22
CA LEU E 292 23.81 -32.10 -41.18
C LEU E 292 24.57 -30.83 -40.93
N ILE E 293 25.70 -30.94 -40.23
CA ILE E 293 26.52 -29.79 -39.86
C ILE E 293 27.75 -29.71 -40.75
N GLU E 294 28.19 -28.48 -41.04
CA GLU E 294 29.37 -28.26 -41.86
C GLU E 294 30.07 -26.96 -41.50
N LEU E 295 31.40 -27.03 -41.43
CA LEU E 295 32.27 -25.92 -41.13
C LEU E 295 33.20 -25.63 -42.30
N SER E 296 33.43 -24.35 -42.57
CA SER E 296 34.34 -23.91 -43.62
C SER E 296 35.32 -22.94 -43.02
N SER E 297 36.61 -23.21 -43.13
CA SER E 297 37.63 -22.33 -42.57
C SER E 297 38.69 -21.92 -43.60
N PRO E 298 39.29 -20.73 -43.43
CA PRO E 298 40.37 -20.33 -44.33
C PRO E 298 41.71 -21.03 -43.94
N ARG E 299 41.71 -21.72 -42.79
CA ARG E 299 42.83 -22.47 -42.26
C ARG E 299 42.40 -23.95 -42.11
N ASP E 300 43.30 -24.80 -41.58
CA ASP E 300 42.96 -26.24 -41.34
C ASP E 300 42.45 -26.54 -39.92
N ASP E 301 41.78 -25.57 -39.31
CA ASP E 301 41.22 -25.75 -37.95
C ASP E 301 39.74 -26.20 -38.00
N ALA E 302 39.24 -26.52 -39.19
CA ALA E 302 37.83 -26.89 -39.37
C ALA E 302 37.48 -28.19 -38.66
N ARG E 303 38.29 -29.24 -38.89
CA ARG E 303 38.02 -30.54 -38.27
C ARG E 303 38.09 -30.46 -36.75
N ALA E 304 39.10 -29.76 -36.25
CA ALA E 304 39.28 -29.56 -34.82
C ALA E 304 38.00 -29.01 -34.21
N ALA E 305 37.49 -27.93 -34.81
CA ALA E 305 36.28 -27.26 -34.33
C ALA E 305 35.07 -28.14 -34.34
N LEU E 306 34.90 -28.91 -35.41
CA LEU E 306 33.76 -29.81 -35.54
C LEU E 306 33.79 -30.85 -34.44
N GLU E 307 34.94 -31.50 -34.28
CA GLU E 307 35.12 -32.52 -33.26
C GLU E 307 34.84 -31.95 -31.87
N SER E 308 35.23 -30.71 -31.67
CA SER E 308 34.99 -30.05 -30.40
C SER E 308 33.46 -29.89 -30.15
N ILE E 309 32.73 -29.56 -31.21
CA ILE E 309 31.29 -29.39 -31.13
C ILE E 309 30.62 -30.70 -30.78
N LEU E 310 30.99 -31.75 -31.52
CA LEU E 310 30.45 -33.07 -31.29
C LEU E 310 30.81 -33.61 -29.90
N GLU E 311 32.00 -33.29 -29.41
CA GLU E 311 32.42 -33.76 -28.07
C GLU E 311 31.49 -33.16 -27.01
N ARG E 312 31.29 -31.85 -27.08
CA ARG E 312 30.40 -31.13 -26.17
C ARG E 312 29.00 -31.70 -26.24
N GLY E 313 28.53 -31.98 -27.45
CA GLY E 313 27.22 -32.56 -27.66
C GLY E 313 27.11 -33.88 -26.95
N PHE E 314 28.11 -34.73 -27.17
CA PHE E 314 28.17 -36.01 -26.48
C PHE E 314 28.18 -35.83 -24.96
N GLU E 315 29.03 -34.95 -24.44
CA GLU E 315 29.08 -34.73 -22.99
CA GLU E 315 29.08 -34.70 -22.98
C GLU E 315 27.73 -34.27 -22.43
N ASP E 316 27.06 -33.37 -23.15
CA ASP E 316 25.74 -32.84 -22.72
C ASP E 316 24.59 -33.82 -22.96
N GLY E 317 24.88 -34.97 -23.53
CA GLY E 317 23.87 -36.00 -23.76
C GLY E 317 22.95 -35.74 -24.94
N ILE E 318 23.21 -34.69 -25.71
CA ILE E 318 22.34 -34.36 -26.85
C ILE E 318 22.70 -35.13 -28.12
N VAL E 319 23.97 -35.48 -28.29
CA VAL E 319 24.37 -36.28 -29.46
C VAL E 319 24.38 -37.77 -29.11
N VAL E 320 23.58 -38.55 -29.82
CA VAL E 320 23.49 -39.98 -29.59
C VAL E 320 24.49 -40.73 -30.49
N ASP E 321 24.68 -40.24 -31.71
CA ASP E 321 25.67 -40.83 -32.65
C ASP E 321 26.05 -39.80 -33.71
N ALA E 322 27.29 -39.87 -34.19
CA ALA E 322 27.77 -38.96 -35.21
C ALA E 322 28.75 -39.64 -36.13
N ALA E 323 28.89 -39.09 -37.33
CA ALA E 323 29.82 -39.60 -38.30
C ALA E 323 30.44 -38.41 -39.05
N ILE E 324 31.76 -38.24 -38.91
CA ILE E 324 32.48 -37.18 -39.61
C ILE E 324 32.95 -37.74 -40.95
N ALA E 325 32.68 -37.02 -42.03
CA ALA E 325 33.10 -37.49 -43.37
C ALA E 325 34.63 -37.58 -43.41
N ASN E 326 35.15 -38.68 -43.95
CA ASN E 326 36.60 -38.91 -44.01
C ASN E 326 37.20 -38.86 -45.41
N SER E 327 36.45 -38.29 -46.34
CA SER E 327 36.89 -38.13 -47.71
C SER E 327 35.96 -37.19 -48.40
N VAL E 328 36.34 -36.74 -49.59
CA VAL E 328 35.51 -35.87 -50.40
C VAL E 328 34.27 -36.65 -50.91
N GLN E 329 34.48 -37.92 -51.25
CA GLN E 329 33.40 -38.77 -51.75
C GLN E 329 32.32 -38.98 -50.68
N GLN E 330 32.75 -39.11 -49.42
CA GLN E 330 31.82 -39.30 -48.31
C GLN E 330 31.05 -37.99 -48.05
N GLN E 331 31.70 -36.84 -48.23
CA GLN E 331 31.03 -35.53 -48.09
C GLN E 331 29.94 -35.38 -49.14
N GLN E 332 30.28 -35.67 -50.39
CA GLN E 332 29.32 -35.56 -51.49
C GLN E 332 28.13 -36.55 -51.33
N ALA E 333 28.38 -37.71 -50.69
CA ALA E 333 27.33 -38.69 -50.42
C ALA E 333 26.33 -38.14 -49.37
N PHE E 334 26.86 -37.40 -48.40
CA PHE E 334 26.04 -36.74 -47.35
C PHE E 334 25.13 -35.68 -47.93
N TRP E 335 25.69 -34.83 -48.77
CA TRP E 335 24.92 -33.78 -49.40
C TRP E 335 23.96 -34.27 -50.47
N LYS E 336 24.30 -35.36 -51.14
CA LYS E 336 23.42 -35.94 -52.16
C LYS E 336 22.14 -36.38 -51.47
N LEU E 337 22.28 -36.94 -50.27
CA LEU E 337 21.14 -37.36 -49.47
C LEU E 337 20.26 -36.16 -49.17
N ARG E 338 20.88 -35.09 -48.68
CA ARG E 338 20.15 -33.87 -48.33
C ARG E 338 19.49 -33.20 -49.53
N GLU E 339 20.24 -33.05 -50.61
CA GLU E 339 19.76 -32.36 -51.81
C GLU E 339 18.66 -33.11 -52.56
N GLU E 340 18.63 -34.43 -52.43
CA GLU E 340 17.61 -35.23 -53.11
C GLU E 340 16.37 -35.51 -52.24
N ILE E 341 16.29 -34.91 -51.04
CA ILE E 341 15.09 -35.06 -50.20
C ILE E 341 13.86 -34.65 -51.00
N SER E 342 13.99 -33.53 -51.70
CA SER E 342 12.89 -32.98 -52.49
C SER E 342 12.28 -33.93 -53.55
N PRO E 343 13.08 -34.42 -54.50
CA PRO E 343 12.53 -35.36 -55.52
C PRO E 343 12.13 -36.71 -54.95
N ALA E 344 12.74 -37.10 -53.83
CA ALA E 344 12.44 -38.35 -53.16
C ALA E 344 11.00 -38.41 -52.62
N GLN E 345 10.34 -37.26 -52.54
CA GLN E 345 8.95 -37.19 -52.08
C GLN E 345 7.93 -37.63 -53.16
N LYS E 346 8.19 -37.26 -54.42
CA LYS E 346 7.27 -37.57 -55.55
C LYS E 346 6.72 -39.03 -55.55
N PRO E 347 7.61 -40.04 -55.50
CA PRO E 347 7.10 -41.43 -55.53
C PRO E 347 6.34 -41.82 -54.28
N GLU E 348 6.41 -40.99 -53.24
CA GLU E 348 5.74 -41.29 -52.00
C GLU E 348 4.31 -40.66 -51.97
N GLY E 349 3.92 -40.06 -53.09
CA GLY E 349 2.58 -39.51 -53.22
C GLY E 349 2.48 -38.00 -53.19
N GLY E 350 1.26 -37.52 -53.03
CA GLY E 350 0.97 -36.09 -52.98
C GLY E 350 1.69 -35.36 -51.86
N SER E 351 2.19 -34.17 -52.17
CA SER E 351 2.89 -33.35 -51.20
C SER E 351 2.34 -31.94 -51.12
N ILE E 352 2.02 -31.49 -49.91
CA ILE E 352 1.58 -30.11 -49.67
C ILE E 352 2.80 -29.42 -49.09
N LYS E 353 3.32 -28.41 -49.81
CA LYS E 353 4.58 -27.77 -49.44
C LYS E 353 4.43 -26.34 -48.92
N HIS E 354 5.20 -26.00 -47.89
CA HIS E 354 5.22 -24.65 -47.31
C HIS E 354 6.63 -24.30 -46.88
N ASP E 355 7.12 -23.15 -47.30
CA ASP E 355 8.47 -22.72 -46.96
C ASP E 355 8.32 -21.55 -45.99
N ILE E 356 8.47 -21.83 -44.70
CA ILE E 356 8.22 -20.83 -43.68
C ILE E 356 9.41 -20.58 -42.81
N SER E 357 9.29 -19.60 -41.95
CA SER E 357 10.32 -19.29 -41.00
C SER E 357 9.72 -18.80 -39.69
N VAL E 358 10.45 -19.09 -38.61
CA VAL E 358 10.10 -18.66 -37.28
C VAL E 358 11.40 -18.29 -36.60
N PRO E 359 11.33 -17.55 -35.50
CA PRO E 359 12.55 -17.29 -34.78
C PRO E 359 13.27 -18.60 -34.46
N VAL E 360 14.60 -18.61 -34.56
CA VAL E 360 15.40 -19.83 -34.36
C VAL E 360 15.01 -20.56 -33.09
N ALA E 361 14.80 -19.82 -32.00
CA ALA E 361 14.42 -20.44 -30.73
C ALA E 361 13.06 -21.16 -30.79
N ALA E 362 12.20 -20.79 -31.75
CA ALA E 362 10.85 -21.35 -31.84
C ALA E 362 10.71 -22.50 -32.85
N VAL E 363 11.81 -22.93 -33.46
CA VAL E 363 11.73 -24.00 -34.45
C VAL E 363 11.16 -25.29 -33.85
N PRO E 364 11.60 -25.67 -32.65
CA PRO E 364 11.05 -26.89 -32.06
C PRO E 364 9.56 -26.80 -31.72
N GLN E 365 9.10 -25.63 -31.25
CA GLN E 365 7.68 -25.45 -30.96
C GLN E 365 6.88 -25.48 -32.26
N PHE E 366 7.44 -24.90 -33.33
CA PHE E 366 6.73 -24.89 -34.58
C PHE E 366 6.49 -26.30 -35.09
N ILE E 367 7.55 -27.11 -35.11
CA ILE E 367 7.46 -28.46 -35.61
C ILE E 367 6.43 -29.26 -34.80
N GLU E 368 6.54 -29.17 -33.50
CA GLU E 368 5.69 -29.89 -32.60
C GLU E 368 4.24 -29.53 -32.83
N GLN E 369 3.96 -28.23 -32.84
CA GLN E 369 2.61 -27.72 -33.01
C GLN E 369 1.99 -27.97 -34.38
N ALA E 370 2.77 -27.75 -35.44
CA ALA E 370 2.24 -27.93 -36.81
C ALA E 370 1.95 -29.41 -37.08
N ASN E 371 2.87 -30.28 -36.65
CA ASN E 371 2.65 -31.69 -36.78
C ASN E 371 1.29 -32.06 -36.16
N ALA E 372 1.07 -31.62 -34.91
CA ALA E 372 -0.16 -31.96 -34.21
C ALA E 372 -1.39 -31.47 -34.95
N ALA E 373 -1.39 -30.20 -35.31
CA ALA E 373 -2.53 -29.60 -36.00
C ALA E 373 -2.77 -30.28 -37.36
N VAL E 374 -1.71 -30.57 -38.09
CA VAL E 374 -1.83 -31.22 -39.40
C VAL E 374 -2.39 -32.65 -39.28
N VAL E 375 -1.94 -33.40 -38.29
CA VAL E 375 -2.44 -34.77 -38.11
C VAL E 375 -3.90 -34.75 -37.63
N ALA E 376 -4.26 -33.73 -36.88
CA ALA E 376 -5.64 -33.56 -36.47
C ALA E 376 -6.51 -33.25 -37.69
N LEU E 377 -5.98 -32.48 -38.63
CA LEU E 377 -6.73 -32.08 -39.85
C LEU E 377 -6.93 -33.26 -40.78
N ILE E 378 -5.85 -33.97 -41.05
CA ILE E 378 -5.86 -35.11 -41.95
C ILE E 378 -5.18 -36.27 -41.24
N PRO E 379 -5.96 -37.12 -40.56
CA PRO E 379 -5.36 -38.26 -39.89
C PRO E 379 -4.59 -39.15 -40.86
N GLY E 380 -3.43 -39.61 -40.42
CA GLY E 380 -2.59 -40.43 -41.24
C GLY E 380 -1.66 -39.66 -42.16
N ALA E 381 -1.75 -38.33 -42.15
CA ALA E 381 -0.86 -37.48 -42.94
C ALA E 381 0.54 -37.62 -42.36
N ARG E 382 1.54 -37.49 -43.22
CA ARG E 382 2.92 -37.69 -42.83
C ARG E 382 3.73 -36.43 -43.00
N PRO E 383 4.01 -35.74 -41.89
CA PRO E 383 4.81 -34.54 -41.98
C PRO E 383 6.19 -34.86 -42.49
N VAL E 384 6.71 -34.00 -43.35
CA VAL E 384 8.07 -34.14 -43.88
C VAL E 384 8.74 -32.78 -43.69
N PRO E 385 9.33 -32.55 -42.51
CA PRO E 385 10.00 -31.29 -42.22
C PRO E 385 11.52 -31.38 -42.19
N PHE E 386 12.15 -30.43 -42.86
CA PHE E 386 13.60 -30.33 -42.91
C PHE E 386 13.94 -28.88 -43.18
N GLY E 387 15.14 -28.45 -42.82
CA GLY E 387 15.48 -27.04 -43.05
C GLY E 387 16.72 -26.49 -42.38
N HIS E 388 16.87 -25.19 -42.51
CA HIS E 388 18.04 -24.46 -42.02
C HIS E 388 17.77 -23.95 -40.63
N LEU E 389 18.13 -24.76 -39.65
CA LEU E 389 17.86 -24.43 -38.26
C LEU E 389 18.52 -23.15 -37.80
N GLY E 390 19.70 -22.87 -38.33
CA GLY E 390 20.45 -21.68 -37.96
C GLY E 390 19.83 -20.35 -38.37
N ASP E 391 18.99 -20.38 -39.38
CA ASP E 391 18.30 -19.16 -39.84
C ASP E 391 16.77 -19.28 -39.67
N GLY E 392 16.32 -20.37 -39.05
CA GLY E 392 14.91 -20.58 -38.75
C GLY E 392 13.95 -20.87 -39.90
N ASN E 393 14.48 -21.20 -41.08
CA ASN E 393 13.66 -21.52 -42.24
C ASN E 393 13.49 -23.03 -42.35
N ILE E 394 12.25 -23.48 -42.18
CA ILE E 394 11.90 -24.87 -42.28
C ILE E 394 11.03 -25.09 -43.49
N HIS E 395 11.40 -26.07 -44.32
CA HIS E 395 10.56 -26.50 -45.41
C HIS E 395 9.59 -27.42 -44.71
N TYR E 396 8.37 -26.96 -44.49
CA TYR E 396 7.40 -27.77 -43.79
C TYR E 396 6.41 -28.39 -44.76
N ASN E 397 6.74 -29.60 -45.21
CA ASN E 397 5.92 -30.32 -46.15
C ASN E 397 5.10 -31.41 -45.47
N VAL E 398 4.02 -31.78 -46.12
CA VAL E 398 3.16 -32.84 -45.65
C VAL E 398 2.85 -33.76 -46.81
N SER E 399 3.21 -35.03 -46.65
CA SER E 399 2.93 -36.04 -47.66
C SER E 399 1.62 -36.73 -47.32
N GLN E 400 0.92 -37.19 -48.35
CA GLN E 400 -0.39 -37.81 -48.20
C GLN E 400 -0.33 -39.03 -47.31
N PRO E 401 -1.47 -39.42 -46.72
CA PRO E 401 -1.48 -40.67 -45.98
C PRO E 401 -1.25 -41.84 -46.92
N VAL E 402 -0.68 -42.92 -46.41
CA VAL E 402 -0.40 -44.09 -47.25
C VAL E 402 -1.69 -44.66 -47.83
N GLY E 403 -1.74 -44.82 -49.15
CA GLY E 403 -2.90 -45.39 -49.83
C GLY E 403 -4.00 -44.43 -50.30
N ALA E 404 -4.04 -43.24 -49.71
CA ALA E 404 -5.08 -42.22 -50.04
C ALA E 404 -4.99 -41.72 -51.48
N ASP E 405 -6.13 -41.30 -52.03
CA ASP E 405 -6.21 -40.73 -53.39
CA ASP E 405 -6.15 -40.80 -53.39
C ASP E 405 -5.45 -39.42 -53.43
N LYS E 406 -4.44 -39.34 -54.30
CA LYS E 406 -3.59 -38.14 -54.44
C LYS E 406 -4.37 -36.83 -54.66
N ALA E 407 -5.22 -36.78 -55.68
CA ALA E 407 -6.00 -35.57 -56.01
C ALA E 407 -6.85 -35.06 -54.85
N GLU E 408 -7.43 -35.99 -54.09
CA GLU E 408 -8.26 -35.65 -52.94
C GLU E 408 -7.42 -35.04 -51.84
N PHE E 409 -6.19 -35.54 -51.68
CA PHE E 409 -5.27 -35.01 -50.68
C PHE E 409 -4.76 -33.61 -51.06
N LEU E 410 -4.28 -33.47 -52.29
CA LEU E 410 -3.80 -32.17 -52.77
C LEU E 410 -4.88 -31.09 -52.67
N ALA E 411 -6.15 -31.48 -52.74
CA ALA E 411 -7.27 -30.52 -52.64
C ALA E 411 -7.37 -29.86 -51.24
N ARG E 412 -6.66 -30.43 -50.23
CA ARG E 412 -6.64 -29.89 -48.88
C ARG E 412 -5.52 -28.86 -48.67
N TRP E 413 -4.82 -28.49 -49.75
CA TRP E 413 -3.68 -27.54 -49.69
C TRP E 413 -4.01 -26.29 -48.88
N HIS E 414 -5.12 -25.65 -49.23
CA HIS E 414 -5.56 -24.40 -48.56
C HIS E 414 -5.85 -24.63 -47.08
N ASP E 415 -6.58 -25.68 -46.78
CA ASP E 415 -6.91 -26.01 -45.40
C ASP E 415 -5.63 -26.24 -44.56
N VAL E 416 -4.63 -26.85 -45.18
CA VAL E 416 -3.38 -27.11 -44.52
C VAL E 416 -2.63 -25.78 -44.30
N SER E 417 -2.70 -24.88 -45.29
CA SER E 417 -2.10 -23.56 -45.14
C SER E 417 -2.69 -22.83 -43.93
N GLN E 418 -4.03 -22.77 -43.82
CA GLN E 418 -4.68 -22.05 -42.70
C GLN E 418 -4.10 -22.47 -41.38
N VAL E 419 -3.99 -23.78 -41.19
CA VAL E 419 -3.46 -24.34 -39.97
C VAL E 419 -1.97 -24.01 -39.79
N VAL E 420 -1.15 -24.25 -40.82
CA VAL E 420 0.28 -23.97 -40.72
C VAL E 420 0.53 -22.47 -40.50
N PHE E 421 -0.17 -21.62 -41.23
CA PHE E 421 0.01 -20.17 -41.05
C PHE E 421 -0.47 -19.65 -39.71
N GLU E 422 -1.40 -20.35 -39.06
CA GLU E 422 -1.83 -19.92 -37.74
C GLU E 422 -0.72 -20.25 -36.73
N VAL E 423 0.00 -21.36 -36.96
CA VAL E 423 1.13 -21.75 -36.08
C VAL E 423 2.31 -20.80 -36.32
N VAL E 424 2.63 -20.52 -37.58
CA VAL E 424 3.70 -19.58 -37.88
C VAL E 424 3.39 -18.22 -37.23
N LEU E 425 2.21 -17.68 -37.52
CA LEU E 425 1.89 -16.35 -37.05
CA LEU E 425 1.75 -16.36 -36.98
C LEU E 425 1.90 -16.24 -35.49
N ARG E 426 1.43 -17.25 -34.77
CA ARG E 426 1.46 -17.16 -33.30
C ARG E 426 2.86 -17.21 -32.74
N LEU E 427 3.81 -17.75 -33.51
CA LEU E 427 5.20 -17.83 -33.08
C LEU E 427 6.06 -16.66 -33.60
N GLY E 428 5.42 -15.68 -34.25
CA GLY E 428 6.12 -14.52 -34.80
C GLY E 428 6.89 -14.81 -36.07
N GLY E 429 6.45 -15.81 -36.82
CA GLY E 429 7.13 -16.21 -38.04
C GLY E 429 6.61 -15.54 -39.30
N SER E 430 7.08 -16.05 -40.45
CA SER E 430 6.72 -15.55 -41.77
C SER E 430 6.15 -16.64 -42.65
N ILE E 431 5.13 -16.28 -43.41
CA ILE E 431 4.45 -17.20 -44.32
C ILE E 431 5.27 -17.52 -45.60
N SER E 432 6.31 -16.75 -45.85
CA SER E 432 7.19 -16.96 -47.00
C SER E 432 8.60 -16.55 -46.63
N ALA E 433 9.45 -17.53 -46.32
CA ALA E 433 10.82 -17.29 -45.87
C ALA E 433 11.83 -17.00 -46.99
N GLU E 434 11.61 -17.61 -48.16
CA GLU E 434 12.54 -17.48 -49.30
C GLU E 434 11.89 -17.17 -50.66
N HIS E 435 10.87 -17.94 -51.00
CA HIS E 435 10.28 -17.88 -52.36
C HIS E 435 9.61 -16.54 -52.77
N GLY E 436 9.05 -15.83 -51.80
CA GLY E 436 8.41 -14.54 -52.06
C GLY E 436 6.89 -14.60 -52.06
N ILE E 437 6.29 -13.54 -52.57
CA ILE E 437 4.84 -13.40 -52.61
C ILE E 437 4.27 -13.67 -54.00
N GLY E 438 4.78 -12.99 -55.01
CA GLY E 438 4.31 -13.14 -56.37
C GLY E 438 2.79 -13.03 -56.46
N VAL E 439 2.17 -13.98 -57.15
CA VAL E 439 0.72 -14.02 -57.31
C VAL E 439 0.12 -14.92 -56.22
N MSE E 440 0.85 -15.98 -55.87
CA MSE E 440 0.38 -17.00 -54.92
C MSE E 440 -0.01 -16.49 -53.53
O MSE E 440 -1.13 -16.71 -53.08
CB MSE E 440 1.43 -18.10 -54.76
CG MSE E 440 0.98 -19.28 -53.85
SE MSE E 440 2.37 -20.65 -53.74
CE MSE E 440 2.43 -21.10 -55.67
N LYS E 441 0.92 -15.82 -52.86
CA LYS E 441 0.68 -15.35 -51.49
C LYS E 441 0.28 -13.87 -51.40
N ARG E 442 -0.18 -13.30 -52.52
CA ARG E 442 -0.57 -11.89 -52.59
C ARG E 442 -1.71 -11.50 -51.61
N ASP E 443 -2.77 -12.29 -51.57
CA ASP E 443 -3.91 -12.04 -50.65
C ASP E 443 -3.53 -12.24 -49.18
N GLU E 444 -2.81 -13.34 -48.90
CA GLU E 444 -2.38 -13.66 -47.54
C GLU E 444 -1.41 -12.58 -46.99
N LEU E 445 -0.65 -11.94 -47.88
CA LEU E 445 0.26 -10.88 -47.48
C LEU E 445 -0.52 -9.72 -46.87
N ALA E 446 -1.65 -9.38 -47.51
CA ALA E 446 -2.50 -8.27 -47.05
C ALA E 446 -3.12 -8.52 -45.66
N GLU E 447 -3.36 -9.78 -45.31
CA GLU E 447 -3.95 -10.11 -44.02
C GLU E 447 -2.91 -10.07 -42.90
N VAL E 448 -1.73 -10.63 -43.17
CA VAL E 448 -0.68 -10.80 -42.17
C VAL E 448 0.30 -9.63 -41.94
N LYS E 449 0.60 -8.87 -42.97
CA LYS E 449 1.58 -7.78 -42.87
C LYS E 449 1.06 -6.58 -42.11
N ASP E 450 1.98 -5.92 -41.40
CA ASP E 450 1.72 -4.67 -40.68
C ASP E 450 0.96 -3.69 -41.58
N LYS E 451 -0.18 -3.21 -41.09
CA LYS E 451 -1.06 -2.30 -41.86
C LYS E 451 -0.36 -1.08 -42.47
N THR E 452 0.45 -0.37 -41.69
CA THR E 452 1.17 0.79 -42.22
C THR E 452 2.17 0.37 -43.30
N ALA E 453 2.84 -0.75 -43.08
CA ALA E 453 3.81 -1.26 -44.06
C ALA E 453 3.17 -1.50 -45.41
N ILE E 454 2.00 -2.12 -45.41
CA ILE E 454 1.30 -2.47 -46.64
C ILE E 454 0.93 -1.17 -47.38
N GLU E 455 0.40 -0.21 -46.64
CA GLU E 455 0.02 1.08 -47.25
C GLU E 455 1.20 1.74 -47.94
N LEU E 456 2.37 1.69 -47.30
CA LEU E 456 3.58 2.26 -47.88
C LEU E 456 4.00 1.48 -49.12
N MSE E 457 3.91 0.15 -49.08
CA MSE E 457 4.30 -0.64 -50.25
C MSE E 457 3.46 -0.24 -51.47
O MSE E 457 3.99 -0.11 -52.58
CB MSE E 457 4.18 -2.13 -50.01
CG MSE E 457 5.10 -2.69 -48.97
SE MSE E 457 4.85 -4.56 -48.81
CE MSE E 457 5.75 -4.79 -47.12
N ARG E 458 2.16 -0.03 -51.26
CA ARG E 458 1.26 0.35 -52.33
C ARG E 458 1.54 1.74 -52.83
N SER E 459 1.89 2.63 -51.92
CA SER E 459 2.21 4.01 -52.31
C SER E 459 3.46 4.02 -53.14
N ILE E 460 4.45 3.24 -52.72
CA ILE E 460 5.73 3.16 -53.43
C ILE E 460 5.54 2.53 -54.81
N LYS E 461 4.70 1.52 -54.89
CA LYS E 461 4.36 0.91 -56.16
C LYS E 461 3.70 1.94 -57.10
N ALA E 462 2.78 2.75 -56.58
CA ALA E 462 2.07 3.75 -57.41
C ALA E 462 3.00 4.85 -57.87
N LEU E 463 3.97 5.16 -57.03
CA LEU E 463 4.96 6.19 -57.33
C LEU E 463 5.96 5.72 -58.40
N LEU E 464 6.48 4.50 -58.26
CA LEU E 464 7.44 3.96 -59.24
C LEU E 464 6.81 3.37 -60.51
N ASP E 465 5.55 2.96 -60.45
CA ASP E 465 4.86 2.38 -61.61
C ASP E 465 3.43 2.91 -61.70
N PRO E 466 3.29 4.22 -61.92
CA PRO E 466 1.94 4.83 -61.97
C PRO E 466 0.99 4.16 -62.97
N HIS E 467 1.49 3.84 -64.17
CA HIS E 467 0.61 3.22 -65.18
C HIS E 467 0.39 1.70 -64.96
N GLY E 468 0.98 1.15 -63.92
CA GLY E 468 0.80 -0.26 -63.60
C GLY E 468 1.20 -1.24 -64.70
N ILE E 469 2.38 -1.02 -65.31
CA ILE E 469 2.90 -1.91 -66.38
C ILE E 469 4.05 -2.80 -65.91
N MSE E 470 4.55 -2.55 -64.72
CA MSE E 470 5.71 -3.26 -64.22
C MSE E 470 5.28 -4.47 -63.40
O MSE E 470 5.08 -4.39 -62.19
CB MSE E 470 6.55 -2.29 -63.40
CG MSE E 470 7.88 -2.82 -62.98
SE MSE E 470 8.96 -3.40 -64.46
CE MSE E 470 9.10 -1.73 -65.42
N ASN E 471 5.14 -5.60 -64.09
CA ASN E 471 4.78 -6.87 -63.45
C ASN E 471 3.51 -6.75 -62.57
N PRO E 472 2.39 -6.30 -63.17
CA PRO E 472 1.16 -6.08 -62.41
C PRO E 472 0.51 -7.33 -61.81
N GLY E 473 -0.17 -7.12 -60.68
CA GLY E 473 -0.92 -8.19 -60.00
C GLY E 473 -0.08 -9.10 -59.15
N LYS E 474 1.15 -8.68 -58.85
CA LYS E 474 2.04 -9.48 -58.05
C LYS E 474 2.53 -8.65 -56.89
N VAL E 475 2.74 -9.31 -55.73
CA VAL E 475 3.21 -8.71 -54.46
C VAL E 475 2.17 -7.79 -53.82
N VAL E 476 1.84 -6.69 -54.51
CA VAL E 476 0.80 -5.76 -54.05
C VAL E 476 -0.04 -5.31 -55.24
N THR F 12 7.00 33.29 -33.11
CA THR F 12 7.68 31.97 -32.94
C THR F 12 6.62 30.83 -32.72
N LEU F 13 6.85 29.90 -31.77
CA LEU F 13 5.86 28.83 -31.47
C LEU F 13 4.87 29.32 -30.40
N SER F 14 3.58 29.23 -30.72
CA SER F 14 2.52 29.75 -29.86
C SER F 14 2.37 29.04 -28.53
N PRO F 15 1.96 29.78 -27.49
CA PRO F 15 1.70 29.20 -26.17
C PRO F 15 0.73 28.03 -26.23
N GLU F 16 -0.28 28.12 -27.11
CA GLU F 16 -1.25 27.05 -27.29
C GLU F 16 -0.56 25.75 -27.66
N LEU F 17 0.30 25.80 -28.67
CA LEU F 17 1.01 24.60 -29.11
C LEU F 17 2.00 24.07 -28.07
N ILE F 18 2.71 24.98 -27.41
CA ILE F 18 3.65 24.60 -26.37
C ILE F 18 2.90 23.87 -25.24
N ALA F 19 1.72 24.38 -24.90
CA ALA F 19 0.91 23.79 -23.86
C ALA F 19 0.49 22.37 -24.25
N ARG F 20 -0.03 22.21 -25.46
CA ARG F 20 -0.53 20.92 -25.90
C ARG F 20 0.56 19.86 -26.00
N PHE F 21 1.77 20.24 -26.47
CA PHE F 21 2.88 19.30 -26.51
C PHE F 21 3.30 18.93 -25.08
N THR F 22 3.41 19.93 -24.23
CA THR F 22 3.76 19.73 -22.84
C THR F 22 2.81 18.72 -22.18
N ALA F 23 1.52 18.87 -22.44
CA ALA F 23 0.51 17.97 -21.87
C ALA F 23 0.74 16.53 -22.29
N ILE F 24 1.18 16.32 -23.53
CA ILE F 24 1.41 14.98 -24.04
C ILE F 24 2.49 14.22 -23.26
N VAL F 25 3.61 14.88 -22.98
CA VAL F 25 4.73 14.21 -22.34
C VAL F 25 4.90 14.45 -20.86
N GLY F 26 4.25 15.49 -20.33
CA GLY F 26 4.40 15.87 -18.91
C GLY F 26 5.40 17.02 -18.84
N ASP F 27 5.05 18.08 -18.11
CA ASP F 27 5.89 19.29 -18.07
C ASP F 27 7.32 19.03 -17.61
N LYS F 28 7.51 18.03 -16.75
CA LYS F 28 8.86 17.66 -16.30
C LYS F 28 9.74 17.20 -17.47
N HIS F 29 9.08 16.74 -18.54
CA HIS F 29 9.76 16.25 -19.73
C HIS F 29 9.59 17.19 -20.98
N ALA F 30 9.14 18.41 -20.75
CA ALA F 30 8.97 19.41 -21.82
C ALA F 30 9.78 20.63 -21.43
N LEU F 31 10.96 20.79 -22.02
CA LEU F 31 11.88 21.87 -21.65
C LEU F 31 11.76 23.13 -22.53
N THR F 32 11.63 24.29 -21.88
CA THR F 32 11.57 25.61 -22.57
C THR F 32 12.56 26.65 -22.01
N ASP F 33 13.19 26.36 -20.87
CA ASP F 33 14.17 27.27 -20.25
C ASP F 33 15.43 27.27 -21.12
N PRO F 34 15.89 28.47 -21.58
CA PRO F 34 17.09 28.54 -22.45
C PRO F 34 18.34 27.83 -21.90
N LEU F 35 18.52 27.77 -20.58
CA LEU F 35 19.66 27.04 -20.00
C LEU F 35 19.50 25.54 -20.26
N GLU F 36 18.28 25.02 -20.08
CA GLU F 36 17.99 23.60 -20.32
C GLU F 36 18.07 23.23 -21.81
N LEU F 37 17.71 24.17 -22.68
CA LEU F 37 17.74 23.95 -24.14
C LEU F 37 19.15 23.91 -24.73
N GLU F 38 20.10 24.52 -24.02
CA GLU F 38 21.51 24.61 -24.44
C GLU F 38 22.09 23.28 -24.89
N ALA F 39 21.88 22.24 -24.09
CA ALA F 39 22.40 20.90 -24.38
C ALA F 39 21.80 20.23 -25.64
N TYR F 40 20.66 20.73 -26.13
CA TYR F 40 19.97 20.15 -27.29
C TYR F 40 20.15 20.96 -28.60
N ILE F 41 20.35 22.28 -28.49
CA ILE F 41 20.50 23.14 -29.68
C ILE F 41 21.95 23.24 -30.21
N THR F 42 22.90 22.65 -29.49
CA THR F 42 24.31 22.64 -29.91
C THR F 42 24.87 21.23 -29.75
N GLU F 43 25.96 20.92 -30.48
CA GLU F 43 26.57 19.59 -30.45
CA GLU F 43 26.56 19.59 -30.43
C GLU F 43 28.03 19.60 -29.96
N GLU F 44 28.59 18.38 -29.76
CA GLU F 44 29.99 18.15 -29.28
C GLU F 44 31.06 18.97 -30.01
N ARG F 45 31.16 18.81 -31.34
CA ARG F 45 32.18 19.53 -32.15
C ARG F 45 31.97 21.08 -32.27
N ASN F 46 30.83 21.59 -31.75
CA ASN F 46 30.51 23.05 -31.73
C ASN F 46 30.47 23.69 -33.14
N LEU F 47 30.00 22.91 -34.11
CA LEU F 47 29.94 23.31 -35.53
C LEU F 47 28.82 24.33 -35.80
N TYR F 48 27.57 23.91 -35.58
CA TYR F 48 26.38 24.77 -35.77
C TYR F 48 25.77 25.11 -34.41
N ARG F 49 25.15 26.28 -34.34
CA ARG F 49 24.40 26.68 -33.14
C ARG F 49 23.00 27.04 -33.63
N GLY F 50 22.03 26.25 -33.20
CA GLY F 50 20.64 26.45 -33.61
C GLY F 50 19.81 27.15 -32.55
N HIS F 51 18.50 27.07 -32.71
CA HIS F 51 17.57 27.65 -31.77
C HIS F 51 16.22 26.91 -31.79
N SER F 52 15.69 26.65 -30.60
CA SER F 52 14.45 25.95 -30.44
C SER F 52 13.63 26.57 -29.30
N PRO F 53 12.30 26.60 -29.47
CA PRO F 53 11.43 27.07 -28.43
C PRO F 53 11.00 25.95 -27.47
N LEU F 54 11.21 24.66 -27.87
CA LEU F 54 10.76 23.49 -27.07
C LEU F 54 11.48 22.17 -27.37
N VAL F 55 11.89 21.47 -26.31
CA VAL F 55 12.48 20.13 -26.42
C VAL F 55 11.56 19.17 -25.67
N LEU F 56 11.15 18.08 -26.31
CA LEU F 56 10.27 17.10 -25.67
C LEU F 56 11.01 15.79 -25.49
N ARG F 57 10.79 15.16 -24.33
CA ARG F 57 11.43 13.90 -24.00
C ARG F 57 10.33 12.86 -23.75
N PRO F 58 9.72 12.34 -24.83
CA PRO F 58 8.63 11.39 -24.65
C PRO F 58 9.11 10.07 -24.08
N GLY F 59 8.22 9.38 -23.37
CA GLY F 59 8.54 8.08 -22.77
C GLY F 59 7.87 6.86 -23.42
N SER F 60 7.28 7.04 -24.60
CA SER F 60 6.61 5.92 -25.27
C SER F 60 6.28 6.24 -26.70
N THR F 61 6.12 5.20 -27.50
CA THR F 61 5.72 5.34 -28.89
C THR F 61 4.36 6.05 -29.00
N GLU F 62 3.46 5.69 -28.09
CA GLU F 62 2.15 6.30 -28.02
C GLU F 62 2.26 7.83 -27.86
N GLU F 63 3.25 8.29 -27.11
CA GLU F 63 3.46 9.72 -26.94
C GLU F 63 4.04 10.34 -28.21
N VAL F 64 4.95 9.61 -28.85
CA VAL F 64 5.55 10.06 -30.10
C VAL F 64 4.47 10.20 -31.16
N VAL F 65 3.53 9.25 -31.19
CA VAL F 65 2.41 9.31 -32.14
C VAL F 65 1.62 10.58 -31.89
N ALA F 66 1.29 10.85 -30.63
CA ALA F 66 0.51 12.05 -30.27
C ALA F 66 1.23 13.31 -30.71
N ILE F 67 2.53 13.36 -30.44
CA ILE F 67 3.35 14.50 -30.85
C ILE F 67 3.29 14.70 -32.35
N CYS F 68 3.51 13.63 -33.11
CA CYS F 68 3.49 13.72 -34.57
C CYS F 68 2.17 14.17 -35.12
N LYS F 69 1.06 13.62 -34.62
CA LYS F 69 -0.27 14.02 -35.11
C LYS F 69 -0.48 15.53 -34.94
N LEU F 70 -0.11 16.04 -33.76
CA LEU F 70 -0.28 17.47 -33.49
C LEU F 70 0.61 18.30 -34.40
N ALA F 71 1.88 17.92 -34.48
CA ALA F 71 2.84 18.63 -35.34
C ALA F 71 2.37 18.65 -36.79
N ASN F 72 1.97 17.48 -37.30
CA ASN F 72 1.53 17.37 -38.69
C ASN F 72 0.33 18.25 -39.02
N GLU F 73 -0.65 18.27 -38.12
CA GLU F 73 -1.89 19.06 -38.24
CA GLU F 73 -1.86 19.03 -38.38
C GLU F 73 -1.58 20.54 -38.23
N ALA F 74 -0.80 20.95 -37.22
CA ALA F 74 -0.45 22.37 -37.02
C ALA F 74 0.77 22.85 -37.83
N ARG F 75 1.38 21.96 -38.62
CA ARG F 75 2.55 22.32 -39.45
C ARG F 75 3.76 22.76 -38.62
N VAL F 76 4.03 22.04 -37.53
CA VAL F 76 5.19 22.32 -36.69
C VAL F 76 6.28 21.34 -37.05
N ALA F 77 7.44 21.86 -37.43
CA ALA F 77 8.57 21.02 -37.80
C ALA F 77 9.21 20.36 -36.57
N LEU F 78 9.60 19.10 -36.73
CA LEU F 78 10.24 18.31 -35.66
C LEU F 78 11.66 17.91 -36.04
N VAL F 79 12.52 17.79 -35.03
CA VAL F 79 13.90 17.35 -35.24
C VAL F 79 14.17 16.22 -34.26
N PRO F 80 14.18 14.97 -34.75
CA PRO F 80 14.49 13.86 -33.87
C PRO F 80 15.89 13.96 -33.41
N GLN F 81 16.15 13.47 -32.22
CA GLN F 81 17.47 13.53 -31.67
C GLN F 81 17.66 12.43 -30.65
N GLY F 82 18.85 11.86 -30.67
CA GLY F 82 19.21 10.82 -29.75
C GLY F 82 20.25 11.35 -28.78
N GLY F 83 21.48 10.91 -28.95
CA GLY F 83 22.60 11.32 -28.09
C GLY F 83 23.22 12.65 -28.46
N ASN F 84 22.82 13.20 -29.60
CA ASN F 84 23.34 14.49 -30.03
C ASN F 84 24.86 14.43 -30.29
N THR F 85 25.30 13.35 -30.92
CA THR F 85 26.70 13.16 -31.26
C THR F 85 26.93 13.27 -32.78
N GLY F 86 25.84 13.46 -33.55
CA GLY F 86 25.93 13.61 -35.01
C GLY F 86 26.87 14.73 -35.39
N LEU F 87 27.54 14.55 -36.54
CA LEU F 87 28.57 15.51 -37.00
C LEU F 87 28.22 16.29 -38.29
N VAL F 88 26.97 16.26 -38.71
CA VAL F 88 26.56 16.95 -39.94
C VAL F 88 25.34 17.88 -39.78
N GLY F 89 25.03 18.23 -38.53
CA GLY F 89 23.90 19.12 -38.22
C GLY F 89 22.52 18.51 -38.42
N GLY F 90 22.47 17.18 -38.49
CA GLY F 90 21.23 16.45 -38.69
C GLY F 90 20.25 16.57 -37.55
N GLN F 91 20.75 16.52 -36.32
CA GLN F 91 19.90 16.59 -35.12
C GLN F 91 19.73 17.99 -34.52
N THR F 92 20.29 19.01 -35.17
CA THR F 92 20.23 20.36 -34.66
C THR F 92 19.03 21.12 -35.25
N PRO F 93 18.27 21.82 -34.39
CA PRO F 93 17.16 22.65 -34.84
C PRO F 93 17.67 24.04 -35.25
N HIS F 94 17.77 24.28 -36.55
CA HIS F 94 18.29 25.55 -37.07
C HIS F 94 17.20 26.57 -37.32
N ASN F 95 15.94 26.24 -37.01
CA ASN F 95 14.88 27.11 -37.48
C ASN F 95 13.59 27.20 -36.62
N GLY F 96 13.70 27.12 -35.30
CA GLY F 96 12.49 27.20 -34.42
C GLY F 96 11.67 25.89 -34.41
N GLU F 97 12.36 24.80 -34.70
CA GLU F 97 11.80 23.50 -34.75
C GLU F 97 11.71 22.94 -33.32
N VAL F 98 10.81 22.01 -33.11
CA VAL F 98 10.67 21.35 -31.81
C VAL F 98 11.55 20.11 -31.83
N VAL F 99 12.44 19.99 -30.85
CA VAL F 99 13.32 18.84 -30.76
C VAL F 99 12.63 17.65 -30.10
N ILE F 100 12.67 16.48 -30.73
CA ILE F 100 12.05 15.27 -30.15
C ILE F 100 13.17 14.35 -29.70
N SER F 101 13.55 14.46 -28.43
CA SER F 101 14.59 13.65 -27.85
C SER F 101 14.04 12.32 -27.41
N LEU F 102 14.77 11.26 -27.72
CA LEU F 102 14.36 9.89 -27.39
C LEU F 102 15.18 9.33 -26.25
N LYS F 103 15.89 10.19 -25.53
CA LYS F 103 16.75 9.74 -24.44
C LYS F 103 16.01 8.95 -23.36
N ARG F 104 14.73 9.24 -23.12
CA ARG F 104 13.95 8.53 -22.07
C ARG F 104 13.46 7.15 -22.49
N MSE F 105 13.37 6.89 -23.79
CA MSE F 105 12.96 5.58 -24.29
C MSE F 105 14.21 4.73 -24.40
O MSE F 105 14.71 4.46 -25.51
CB MSE F 105 12.24 5.68 -25.62
CG MSE F 105 10.93 6.47 -25.54
SE MSE F 105 9.85 6.32 -27.15
CE MSE F 105 9.58 4.39 -27.13
N ASP F 106 14.71 4.29 -23.25
CA ASP F 106 15.97 3.55 -23.20
C ASP F 106 15.86 2.14 -22.68
N LYS F 107 14.69 1.55 -22.75
CA LYS F 107 14.49 0.22 -22.21
C LYS F 107 15.04 -0.88 -23.14
N ILE F 108 15.69 -1.90 -22.55
CA ILE F 108 16.09 -3.10 -23.27
C ILE F 108 14.91 -4.02 -23.04
N ARG F 109 14.19 -4.40 -24.08
CA ARG F 109 12.98 -5.17 -23.88
C ARG F 109 13.17 -6.66 -23.74
N GLU F 110 13.85 -7.27 -24.69
CA GLU F 110 14.03 -8.71 -24.67
C GLU F 110 15.37 -9.12 -25.21
N ILE F 111 15.96 -10.10 -24.56
CA ILE F 111 17.20 -10.66 -24.99
C ILE F 111 16.94 -12.14 -25.19
N ASP F 112 17.04 -12.60 -26.44
CA ASP F 112 16.82 -14.00 -26.75
C ASP F 112 18.17 -14.56 -27.19
N THR F 113 18.83 -15.26 -26.28
CA THR F 113 20.14 -15.82 -26.55
C THR F 113 20.12 -17.07 -27.46
N SER F 114 18.94 -17.64 -27.75
CA SER F 114 18.84 -18.77 -28.69
C SER F 114 18.62 -18.29 -30.12
N SER F 115 17.71 -17.32 -30.28
CA SER F 115 17.46 -16.71 -31.57
C SER F 115 18.54 -15.66 -31.84
N ASN F 116 19.31 -15.33 -30.80
CA ASN F 116 20.38 -14.35 -30.84
C ASN F 116 19.84 -13.03 -31.35
N THR F 117 18.97 -12.45 -30.53
CA THR F 117 18.37 -11.18 -30.85
C THR F 117 18.20 -10.39 -29.59
N ILE F 118 18.09 -9.08 -29.76
CA ILE F 118 17.87 -8.17 -28.68
C ILE F 118 17.00 -7.03 -29.18
N THR F 119 15.86 -6.83 -28.52
CA THR F 119 14.93 -5.75 -28.86
C THR F 119 15.17 -4.61 -27.89
N VAL F 120 15.31 -3.40 -28.42
CA VAL F 120 15.58 -2.20 -27.61
C VAL F 120 14.86 -0.98 -28.12
N GLU F 121 14.65 -0.03 -27.22
CA GLU F 121 14.04 1.23 -27.55
C GLU F 121 15.14 2.14 -28.12
N ALA F 122 14.76 3.01 -29.05
CA ALA F 122 15.71 3.87 -29.78
C ALA F 122 16.67 4.65 -28.92
N GLY F 123 16.24 5.00 -27.72
CA GLY F 123 17.08 5.78 -26.82
C GLY F 123 18.12 4.99 -26.06
N ALA F 124 18.16 3.67 -26.23
CA ALA F 124 19.14 2.87 -25.50
C ALA F 124 20.56 3.28 -25.92
N ILE F 125 21.40 3.58 -24.92
CA ILE F 125 22.80 3.97 -25.21
C ILE F 125 23.49 2.73 -25.76
N LEU F 126 24.20 2.88 -26.89
CA LEU F 126 24.93 1.77 -27.51
C LEU F 126 25.81 1.01 -26.51
N GLN F 127 26.62 1.71 -25.73
CA GLN F 127 27.48 1.08 -24.75
C GLN F 127 26.72 0.21 -23.76
N ARG F 128 25.52 0.64 -23.37
CA ARG F 128 24.74 -0.11 -22.41
C ARG F 128 24.22 -1.39 -23.06
N VAL F 129 23.94 -1.34 -24.36
CA VAL F 129 23.48 -2.51 -25.06
C VAL F 129 24.60 -3.55 -25.14
N GLN F 130 25.83 -3.08 -25.32
CA GLN F 130 27.00 -3.96 -25.41
C GLN F 130 27.20 -4.71 -24.09
N GLU F 131 27.10 -3.96 -23.00
CA GLU F 131 27.26 -4.52 -21.67
C GLU F 131 26.19 -5.58 -21.37
N LYS F 132 24.95 -5.36 -21.83
CA LYS F 132 23.88 -6.34 -21.60
C LYS F 132 24.11 -7.61 -22.39
N ALA F 133 24.65 -7.49 -23.59
CA ALA F 133 24.96 -8.67 -24.37
C ALA F 133 26.11 -9.42 -23.70
N ALA F 134 27.08 -8.67 -23.18
CA ALA F 134 28.25 -9.26 -22.51
C ALA F 134 27.83 -10.09 -21.31
N GLU F 135 26.82 -9.63 -20.58
CA GLU F 135 26.30 -10.33 -19.40
C GLU F 135 25.67 -11.70 -19.70
N VAL F 136 25.19 -11.91 -20.92
CA VAL F 136 24.59 -13.20 -21.31
C VAL F 136 25.50 -13.98 -22.28
N ASP F 137 26.80 -13.70 -22.19
CA ASP F 137 27.83 -14.37 -22.98
C ASP F 137 27.61 -14.16 -24.50
N ARG F 138 27.26 -12.91 -24.86
CA ARG F 138 27.07 -12.52 -26.27
C ARG F 138 27.81 -11.23 -26.58
N LEU F 139 27.88 -10.90 -27.87
CA LEU F 139 28.54 -9.71 -28.35
C LEU F 139 27.64 -8.91 -29.25
N PHE F 140 27.46 -7.63 -28.93
CA PHE F 140 26.80 -6.74 -29.85
C PHE F 140 27.99 -5.95 -30.42
N PRO F 141 28.39 -6.28 -31.66
CA PRO F 141 29.62 -5.80 -32.27
C PRO F 141 29.72 -4.35 -32.74
N LEU F 142 28.61 -3.65 -32.91
CA LEU F 142 28.67 -2.25 -33.34
C LEU F 142 29.45 -1.49 -32.27
N SER F 143 30.54 -0.86 -32.68
CA SER F 143 31.40 -0.17 -31.75
C SER F 143 31.97 1.10 -32.40
N LEU F 144 31.84 2.24 -31.71
CA LEU F 144 32.32 3.50 -32.24
C LEU F 144 32.77 4.50 -31.14
N GLY F 145 33.38 5.61 -31.54
CA GLY F 145 33.90 6.59 -30.57
C GLY F 145 32.90 7.22 -29.60
N ALA F 146 31.65 7.40 -30.04
CA ALA F 146 30.61 8.03 -29.21
C ALA F 146 29.82 7.04 -28.29
N GLN F 147 30.11 5.75 -28.40
CA GLN F 147 29.47 4.66 -27.59
C GLN F 147 28.73 5.07 -26.32
N GLY F 148 29.45 5.76 -25.42
CA GLY F 148 28.91 6.18 -24.13
C GLY F 148 27.80 7.22 -24.20
N SER F 149 27.57 7.79 -25.39
CA SER F 149 26.53 8.79 -25.56
C SER F 149 25.54 8.45 -26.68
N CYS F 150 26.02 7.92 -27.80
CA CYS F 150 25.15 7.66 -28.94
C CYS F 150 24.12 6.55 -28.63
N THR F 151 22.98 6.65 -29.31
CA THR F 151 21.83 5.75 -29.11
C THR F 151 21.59 4.82 -30.31
N ILE F 152 20.91 3.70 -30.09
CA ILE F 152 20.59 2.76 -31.16
C ILE F 152 19.77 3.44 -32.27
N GLY F 153 18.84 4.31 -31.89
CA GLY F 153 18.02 5.02 -32.86
C GLY F 153 18.90 5.90 -33.73
N GLY F 154 19.88 6.53 -33.09
CA GLY F 154 20.82 7.37 -33.79
C GLY F 154 21.66 6.55 -34.74
N ASN F 155 22.23 5.46 -34.23
CA ASN F 155 23.09 4.58 -35.04
C ASN F 155 22.37 4.03 -36.26
N LEU F 156 21.09 3.70 -36.11
CA LEU F 156 20.30 3.20 -37.23
C LEU F 156 19.99 4.36 -38.17
N SER F 157 19.61 5.50 -37.62
CA SER F 157 19.27 6.65 -38.44
C SER F 157 20.45 7.21 -39.27
N THR F 158 21.68 7.10 -38.76
CA THR F 158 22.86 7.54 -39.51
C THR F 158 23.57 6.37 -40.22
N ASN F 159 23.15 5.14 -39.96
CA ASN F 159 23.82 3.92 -40.44
C ASN F 159 25.31 3.93 -40.03
N ALA F 160 25.52 4.09 -38.72
CA ALA F 160 26.84 4.18 -38.14
C ALA F 160 27.59 2.91 -38.36
N GLY F 161 28.90 3.05 -38.47
CA GLY F 161 29.80 1.93 -38.68
C GLY F 161 31.10 2.24 -38.01
N GLY F 162 31.81 1.22 -37.57
CA GLY F 162 33.08 1.43 -36.90
C GLY F 162 34.27 0.66 -37.42
N THR F 163 35.26 0.57 -36.55
CA THR F 163 36.52 -0.09 -36.81
C THR F 163 36.35 -1.53 -37.27
N ALA F 164 35.46 -2.27 -36.58
CA ALA F 164 35.22 -3.70 -36.88
C ALA F 164 34.29 -3.98 -38.06
N ALA F 165 33.86 -2.94 -38.78
CA ALA F 165 32.94 -3.10 -39.90
C ALA F 165 33.32 -4.18 -40.91
N LEU F 166 34.59 -4.30 -41.23
CA LEU F 166 35.02 -5.32 -42.22
C LEU F 166 34.57 -6.73 -41.86
N ALA F 167 34.31 -6.96 -40.57
CA ALA F 167 33.89 -8.25 -40.08
C ALA F 167 32.39 -8.35 -39.80
N TYR F 168 31.84 -7.34 -39.14
CA TYR F 168 30.44 -7.39 -38.69
C TYR F 168 29.44 -6.49 -39.46
N GLY F 169 29.93 -5.63 -40.33
CA GLY F 169 29.10 -4.74 -41.08
C GLY F 169 28.75 -3.46 -40.34
N LEU F 170 27.78 -2.74 -40.87
CA LEU F 170 27.34 -1.47 -40.34
C LEU F 170 26.07 -1.69 -39.51
N ALA F 171 25.48 -0.61 -39.00
CA ALA F 171 24.22 -0.71 -38.21
C ALA F 171 23.14 -1.42 -39.03
N ARG F 172 23.09 -1.15 -40.33
CA ARG F 172 22.12 -1.77 -41.24
C ARG F 172 22.17 -3.27 -41.15
N ASP F 173 23.37 -3.81 -41.08
CA ASP F 173 23.60 -5.25 -41.02
C ASP F 173 23.18 -5.84 -39.67
N MSE F 174 23.14 -5.00 -38.63
CA MSE F 174 22.74 -5.42 -37.28
C MSE F 174 21.23 -5.50 -37.13
O MSE F 174 20.74 -6.15 -36.19
CB MSE F 174 23.18 -4.40 -36.23
CG MSE F 174 24.64 -3.94 -36.23
SE MSE F 174 25.81 -5.18 -35.48
CE MSE F 174 25.74 -6.45 -36.90
N ALA F 175 20.49 -4.80 -37.99
CA ALA F 175 19.06 -4.67 -37.85
C ALA F 175 18.24 -5.80 -38.44
N LEU F 176 17.35 -6.34 -37.62
CA LEU F 176 16.40 -7.38 -38.02
C LEU F 176 14.97 -6.80 -38.09
N GLY F 177 14.76 -5.64 -37.46
CA GLY F 177 13.48 -4.99 -37.48
C GLY F 177 13.53 -3.60 -36.86
N VAL F 178 12.51 -2.79 -37.15
CA VAL F 178 12.38 -1.45 -36.58
C VAL F 178 10.93 -1.11 -36.38
N GLU F 179 10.68 -0.15 -35.49
CA GLU F 179 9.36 0.40 -35.28
C GLU F 179 9.50 1.90 -35.52
N VAL F 180 8.71 2.44 -36.46
CA VAL F 180 8.79 3.83 -36.79
C VAL F 180 7.45 4.51 -36.72
N VAL F 181 7.44 5.77 -36.27
CA VAL F 181 6.22 6.57 -36.25
C VAL F 181 6.37 7.59 -37.36
N LEU F 182 5.47 7.57 -38.34
CA LEU F 182 5.55 8.50 -39.47
C LEU F 182 5.04 9.87 -39.07
N ALA F 183 5.29 10.86 -39.93
CA ALA F 183 4.86 12.23 -39.69
C ALA F 183 3.38 12.34 -39.38
N ASP F 184 2.55 11.53 -40.05
CA ASP F 184 1.09 11.60 -39.83
C ASP F 184 0.59 10.78 -38.62
N GLY F 185 1.52 10.20 -37.86
CA GLY F 185 1.15 9.45 -36.65
C GLY F 185 0.97 7.95 -36.79
N ARG F 186 1.07 7.43 -38.00
CA ARG F 186 0.94 6.01 -38.20
C ARG F 186 2.18 5.32 -37.64
N VAL F 187 1.97 4.14 -37.06
CA VAL F 187 3.08 3.33 -36.55
C VAL F 187 3.34 2.19 -37.48
N MSE F 188 4.57 2.09 -37.97
CA MSE F 188 4.95 0.96 -38.79
C MSE F 188 5.74 0.09 -37.87
O MSE F 188 6.86 0.43 -37.50
CB MSE F 188 5.79 1.36 -39.97
CG MSE F 188 5.96 0.23 -40.98
SE MSE F 188 7.32 0.62 -42.24
CE MSE F 188 8.85 0.47 -41.04
N ASN F 189 5.14 -1.03 -37.47
CA ASN F 189 5.77 -1.94 -36.55
C ASN F 189 6.33 -3.18 -37.25
N LEU F 190 7.62 -3.15 -37.59
CA LEU F 190 8.30 -4.27 -38.25
C LEU F 190 9.32 -4.95 -37.31
N LEU F 191 9.06 -4.91 -36.00
CA LEU F 191 9.93 -5.60 -35.07
C LEU F 191 9.81 -7.10 -35.38
N SER F 192 10.94 -7.74 -35.62
CA SER F 192 10.98 -9.15 -35.97
C SER F 192 12.28 -9.81 -35.52
N LYS F 193 12.19 -11.08 -35.15
CA LYS F 193 13.38 -11.86 -34.81
C LYS F 193 13.85 -12.71 -35.98
N LEU F 194 13.19 -12.61 -37.14
CA LEU F 194 13.47 -13.51 -38.29
C LEU F 194 14.72 -13.14 -39.08
N LYS F 195 15.42 -14.17 -39.55
CA LYS F 195 16.65 -14.02 -40.35
C LYS F 195 16.34 -14.16 -41.84
N LYS F 196 15.20 -14.78 -42.14
CA LYS F 196 14.70 -14.93 -43.48
C LYS F 196 13.23 -14.55 -43.47
N ASP F 197 12.87 -13.55 -44.26
CA ASP F 197 11.49 -13.10 -44.37
C ASP F 197 11.32 -12.32 -45.66
N ASN F 198 10.84 -12.99 -46.69
CA ASN F 198 10.61 -12.34 -47.97
C ASN F 198 9.14 -12.11 -48.13
N THR F 199 8.65 -11.09 -47.43
CA THR F 199 7.22 -10.73 -47.45
C THR F 199 7.02 -9.24 -47.79
N GLY F 200 7.12 -8.92 -49.07
CA GLY F 200 6.92 -7.56 -49.52
C GLY F 200 8.22 -6.82 -49.59
N TYR F 201 8.12 -5.51 -49.78
CA TYR F 201 9.28 -4.69 -49.94
C TYR F 201 9.99 -4.47 -48.62
N ASP F 202 11.30 -4.26 -48.71
CA ASP F 202 12.12 -3.97 -47.58
C ASP F 202 11.96 -2.50 -47.23
N LEU F 203 11.06 -2.21 -46.29
CA LEU F 203 10.83 -0.83 -45.86
C LEU F 203 11.78 -0.46 -44.72
N ARG F 204 12.25 -1.46 -43.98
CA ARG F 204 13.19 -1.26 -42.88
C ARG F 204 14.38 -0.44 -43.29
N ASP F 205 15.07 -0.89 -44.32
CA ASP F 205 16.30 -0.23 -44.80
C ASP F 205 16.11 1.18 -45.37
N LEU F 206 14.87 1.57 -45.56
CA LEU F 206 14.54 2.88 -46.09
C LEU F 206 14.70 3.92 -44.97
N PHE F 207 14.41 3.52 -43.73
CA PHE F 207 14.55 4.40 -42.58
C PHE F 207 15.96 4.36 -41.99
N ILE F 208 16.65 3.24 -42.17
CA ILE F 208 18.04 3.12 -41.71
C ILE F 208 18.88 3.93 -42.70
N GLY F 209 19.48 5.00 -42.21
CA GLY F 209 20.25 5.91 -43.04
C GLY F 209 19.47 7.18 -43.40
N ALA F 210 18.18 7.22 -43.04
CA ALA F 210 17.30 8.35 -43.40
C ALA F 210 17.52 9.63 -42.59
N GLU F 211 18.28 9.54 -41.51
CA GLU F 211 18.63 10.69 -40.66
C GLU F 211 17.42 11.43 -40.07
N GLY F 212 16.38 10.68 -39.78
CA GLY F 212 15.18 11.22 -39.18
C GLY F 212 14.33 12.00 -40.10
N THR F 213 14.55 11.89 -41.41
CA THR F 213 13.78 12.69 -42.35
C THR F 213 12.59 11.94 -42.90
N LEU F 214 12.39 10.70 -42.46
CA LEU F 214 11.27 9.90 -42.94
C LEU F 214 10.38 9.37 -41.81
N GLY F 215 10.76 9.62 -40.56
CA GLY F 215 9.99 9.18 -39.43
C GLY F 215 10.87 9.09 -38.23
N ILE F 216 10.29 8.66 -37.11
CA ILE F 216 11.01 8.53 -35.85
C ILE F 216 11.06 7.07 -35.44
N ILE F 217 12.25 6.50 -35.39
CA ILE F 217 12.44 5.15 -34.94
C ILE F 217 12.29 5.16 -33.42
N THR F 218 11.33 4.39 -32.90
CA THR F 218 11.11 4.31 -31.46
C THR F 218 11.67 3.01 -30.86
N ALA F 219 11.86 1.99 -31.70
CA ALA F 219 12.39 0.71 -31.22
C ALA F 219 12.93 -0.10 -32.36
N ALA F 220 13.74 -1.10 -32.03
CA ALA F 220 14.36 -1.94 -33.04
C ALA F 220 14.82 -3.26 -32.46
N THR F 221 14.90 -4.27 -33.33
CA THR F 221 15.37 -5.60 -32.94
CA THR F 221 15.38 -5.58 -32.92
C THR F 221 16.71 -5.81 -33.65
N LEU F 222 17.72 -6.24 -32.90
CA LEU F 222 19.07 -6.38 -33.46
C LEU F 222 19.69 -7.77 -33.30
N LYS F 223 20.72 -8.05 -34.09
CA LYS F 223 21.43 -9.31 -34.02
C LYS F 223 22.40 -9.35 -32.84
N LEU F 224 22.55 -10.52 -32.25
CA LEU F 224 23.54 -10.77 -31.23
C LEU F 224 24.52 -11.73 -31.88
N PHE F 225 25.77 -11.69 -31.47
CA PHE F 225 26.80 -12.55 -32.05
C PHE F 225 27.51 -13.33 -30.95
N PRO F 226 28.18 -14.43 -31.34
CA PRO F 226 28.96 -15.21 -30.37
C PRO F 226 30.08 -14.35 -29.80
N LYS F 227 30.41 -14.55 -28.53
CA LYS F 227 31.46 -13.78 -27.89
C LYS F 227 32.78 -14.46 -28.24
N PRO F 228 33.75 -13.71 -28.82
CA PRO F 228 35.03 -14.32 -29.15
C PRO F 228 35.78 -14.79 -27.91
N ARG F 229 36.48 -15.89 -28.07
CA ARG F 229 37.22 -16.54 -26.99
C ARG F 229 38.69 -16.06 -26.95
N ALA F 230 39.21 -15.65 -28.11
CA ALA F 230 40.60 -15.22 -28.25
C ALA F 230 40.74 -14.00 -29.16
N VAL F 231 41.37 -12.95 -28.64
CA VAL F 231 41.62 -11.76 -29.41
C VAL F 231 43.13 -11.55 -29.45
N GLU F 232 43.66 -11.34 -30.67
CA GLU F 232 45.10 -11.11 -30.84
C GLU F 232 45.35 -9.87 -31.65
N THR F 233 46.33 -9.08 -31.22
CA THR F 233 46.62 -7.82 -31.84
C THR F 233 48.10 -7.66 -32.21
N ALA F 234 48.38 -6.92 -33.27
CA ALA F 234 49.76 -6.68 -33.75
C ALA F 234 49.85 -5.32 -34.39
N PHE F 235 50.97 -4.62 -34.16
CA PHE F 235 51.21 -3.33 -34.76
C PHE F 235 52.27 -3.62 -35.83
N VAL F 236 52.09 -3.13 -37.06
CA VAL F 236 53.02 -3.45 -38.17
C VAL F 236 53.58 -2.19 -38.79
N GLY F 237 54.84 -2.23 -39.19
CA GLY F 237 55.50 -1.09 -39.84
C GLY F 237 55.75 -1.41 -41.30
N LEU F 238 55.30 -0.53 -42.19
CA LEU F 238 55.47 -0.74 -43.64
C LEU F 238 55.92 0.55 -44.30
N GLN F 239 56.33 0.42 -45.56
CA GLN F 239 56.84 1.57 -46.34
C GLN F 239 55.76 2.36 -47.12
N SER F 240 54.60 1.76 -47.38
CA SER F 240 53.56 2.47 -48.14
C SER F 240 52.15 1.92 -47.95
N PRO F 241 51.13 2.76 -48.26
CA PRO F 241 49.75 2.28 -48.20
C PRO F 241 49.49 1.14 -49.17
N ASP F 242 50.25 1.08 -50.26
CA ASP F 242 50.11 0.00 -51.23
C ASP F 242 50.56 -1.33 -50.60
N ASP F 243 51.65 -1.28 -49.81
CA ASP F 243 52.14 -2.47 -49.11
C ASP F 243 51.12 -2.93 -48.06
N ALA F 244 50.52 -1.97 -47.36
CA ALA F 244 49.49 -2.30 -46.38
C ALA F 244 48.29 -2.95 -47.07
N LEU F 245 47.95 -2.49 -48.28
CA LEU F 245 46.83 -3.04 -49.05
C LEU F 245 47.07 -4.50 -49.37
N LYS F 246 48.31 -4.85 -49.70
CA LYS F 246 48.65 -6.24 -49.98
C LYS F 246 48.57 -7.11 -48.73
N LEU F 247 49.00 -6.56 -47.57
CA LEU F 247 48.93 -7.28 -46.29
C LEU F 247 47.45 -7.56 -45.94
N LEU F 248 46.57 -6.62 -46.30
CA LEU F 248 45.14 -6.81 -46.09
C LEU F 248 44.63 -8.00 -46.89
N GLY F 249 45.16 -8.18 -48.09
CA GLY F 249 44.77 -9.31 -48.94
C GLY F 249 45.19 -10.63 -48.33
N ILE F 250 46.39 -10.64 -47.75
CA ILE F 250 46.92 -11.80 -47.07
C ILE F 250 46.08 -12.12 -45.83
N ALA F 251 45.76 -11.08 -45.05
CA ALA F 251 44.99 -11.23 -43.83
C ALA F 251 43.62 -11.79 -44.13
N GLN F 252 42.94 -11.16 -45.09
CA GLN F 252 41.61 -11.59 -45.50
C GLN F 252 41.61 -13.03 -45.92
N GLY F 253 42.61 -13.42 -46.70
CA GLY F 253 42.72 -14.78 -47.17
C GLY F 253 42.96 -15.78 -46.05
N GLU F 254 43.63 -15.32 -44.99
CA GLU F 254 44.01 -16.20 -43.89
C GLU F 254 43.02 -16.22 -42.73
N ALA F 255 42.42 -15.05 -42.42
CA ALA F 255 41.51 -14.91 -41.24
C ALA F 255 40.02 -14.78 -41.56
N ALA F 256 39.70 -14.35 -42.78
CA ALA F 256 38.32 -14.18 -43.20
C ALA F 256 37.49 -13.41 -42.13
N GLY F 257 36.41 -14.01 -41.64
CA GLY F 257 35.55 -13.38 -40.65
C GLY F 257 36.19 -13.06 -39.31
N ASN F 258 37.35 -13.66 -39.02
CA ASN F 258 38.08 -13.39 -37.79
C ASN F 258 38.90 -12.09 -37.83
N LEU F 259 39.07 -11.49 -39.00
CA LEU F 259 39.80 -10.22 -39.11
C LEU F 259 38.86 -9.11 -38.65
N THR F 260 39.01 -8.72 -37.39
CA THR F 260 38.14 -7.71 -36.77
C THR F 260 38.67 -6.30 -36.83
N SER F 261 39.94 -6.12 -37.14
CA SER F 261 40.49 -4.77 -37.33
C SER F 261 41.65 -4.79 -38.29
N PHE F 262 41.76 -3.75 -39.10
CA PHE F 262 42.88 -3.59 -39.99
C PHE F 262 42.99 -2.10 -40.30
N GLU F 263 43.57 -1.37 -39.34
CA GLU F 263 43.70 0.07 -39.43
C GLU F 263 45.02 0.53 -40.08
N LEU F 264 44.93 1.50 -41.00
CA LEU F 264 46.09 2.08 -41.64
C LEU F 264 46.31 3.40 -40.95
N ILE F 265 47.52 3.63 -40.44
CA ILE F 265 47.84 4.87 -39.71
C ILE F 265 49.16 5.44 -40.21
N ALA F 266 49.15 6.69 -40.67
CA ALA F 266 50.38 7.37 -41.15
C ALA F 266 51.28 7.72 -39.97
N GLU F 267 52.54 8.02 -40.26
CA GLU F 267 53.50 8.37 -39.22
C GLU F 267 53.03 9.60 -38.45
N THR F 268 52.61 10.63 -39.16
CA THR F 268 52.19 11.88 -38.53
C THR F 268 51.14 11.73 -37.45
N PRO F 269 50.02 11.04 -37.73
CA PRO F 269 49.03 10.90 -36.67
C PRO F 269 49.56 10.10 -35.48
N LEU F 270 50.40 9.10 -35.74
CA LEU F 270 50.97 8.29 -34.68
C LEU F 270 51.93 9.11 -33.84
N ASP F 271 52.76 9.92 -34.51
CA ASP F 271 53.70 10.82 -33.84
C ASP F 271 52.91 11.74 -32.89
N PHE F 272 51.75 12.21 -33.36
CA PHE F 272 50.88 13.10 -32.57
C PHE F 272 50.32 12.39 -31.33
N SER F 273 49.99 11.12 -31.48
CA SER F 273 49.41 10.33 -30.38
C SER F 273 50.44 10.03 -29.31
N VAL F 274 51.69 9.83 -29.73
CA VAL F 274 52.79 9.54 -28.80
C VAL F 274 53.18 10.79 -28.02
N ARG F 275 53.42 11.89 -28.74
CA ARG F 275 53.86 13.12 -28.12
C ARG F 275 52.79 13.86 -27.35
N HIS F 276 51.52 13.79 -27.77
CA HIS F 276 50.46 14.56 -27.07
C HIS F 276 49.44 13.76 -26.23
N ALA F 277 49.54 12.43 -26.23
CA ALA F 277 48.63 11.58 -25.44
C ALA F 277 49.41 10.57 -24.54
N ASN F 278 50.71 10.82 -24.36
CA ASN F 278 51.59 9.98 -23.54
C ASN F 278 51.45 8.48 -23.91
N ASN F 279 51.48 8.20 -25.20
CA ASN F 279 51.37 6.82 -25.67
C ASN F 279 52.70 6.28 -26.08
N ARG F 280 52.84 4.99 -25.93
CA ARG F 280 54.09 4.30 -26.19
C ARG F 280 54.29 3.97 -27.65
N ASP F 281 55.41 4.42 -28.22
CA ASP F 281 55.76 4.10 -29.61
C ASP F 281 55.93 2.59 -29.66
N PRO F 282 55.11 1.90 -30.47
CA PRO F 282 55.11 0.44 -30.49
C PRO F 282 56.24 -0.30 -31.22
N LEU F 283 57.07 0.39 -31.99
CA LEU F 283 58.19 -0.27 -32.69
C LEU F 283 59.51 0.45 -32.43
N GLU F 284 60.59 -0.32 -32.45
CA GLU F 284 61.93 0.21 -32.14
C GLU F 284 62.38 1.35 -33.08
N ALA F 285 61.91 1.32 -34.33
CA ALA F 285 62.21 2.36 -35.30
C ALA F 285 60.92 2.98 -35.84
N ARG F 286 61.05 4.16 -36.44
CA ARG F 286 59.91 4.86 -37.05
C ARG F 286 59.69 4.42 -38.48
N TYR F 287 58.42 4.40 -38.90
CA TYR F 287 58.03 4.01 -40.26
C TYR F 287 57.05 5.01 -40.82
N PRO F 288 57.03 5.17 -42.15
CA PRO F 288 56.11 6.13 -42.72
C PRO F 288 54.66 5.68 -42.58
N TRP F 289 54.43 4.36 -42.59
CA TRP F 289 53.07 3.83 -42.49
C TRP F 289 52.97 2.66 -41.54
N TYR F 290 51.87 2.64 -40.77
CA TYR F 290 51.61 1.57 -39.79
C TYR F 290 50.27 0.88 -40.07
N VAL F 291 50.12 -0.33 -39.53
CA VAL F 291 48.88 -1.09 -39.61
C VAL F 291 48.62 -1.72 -38.25
N LEU F 292 47.42 -1.48 -37.70
CA LEU F 292 47.03 -2.08 -36.43
C LEU F 292 46.08 -3.18 -36.78
N ILE F 293 46.56 -4.42 -36.76
CA ILE F 293 45.73 -5.57 -37.14
C ILE F 293 45.25 -6.29 -35.90
N GLU F 294 44.03 -6.82 -35.96
CA GLU F 294 43.47 -7.58 -34.85
C GLU F 294 42.61 -8.74 -35.33
N LEU F 295 42.78 -9.89 -34.69
CA LEU F 295 41.98 -11.06 -35.00
C LEU F 295 41.23 -11.50 -33.77
N SER F 296 39.96 -11.86 -33.98
CA SER F 296 39.07 -12.35 -32.93
C SER F 296 38.52 -13.71 -33.38
N SER F 297 38.77 -14.74 -32.59
CA SER F 297 38.34 -16.08 -32.93
C SER F 297 37.52 -16.71 -31.80
N PRO F 298 36.61 -17.62 -32.16
CA PRO F 298 35.86 -18.34 -31.12
C PRO F 298 36.71 -19.45 -30.45
N ARG F 299 37.89 -19.73 -31.00
CA ARG F 299 38.81 -20.75 -30.48
C ARG F 299 40.17 -20.11 -30.19
N ASP F 300 41.09 -20.87 -29.59
CA ASP F 300 42.43 -20.33 -29.24
C ASP F 300 43.44 -20.44 -30.42
N ASP F 301 42.96 -20.19 -31.65
CA ASP F 301 43.79 -20.27 -32.86
C ASP F 301 44.04 -18.89 -33.51
N ALA F 302 43.74 -17.80 -32.80
CA ALA F 302 43.91 -16.48 -33.38
C ALA F 302 45.39 -16.10 -33.55
N ARG F 303 46.22 -16.45 -32.58
CA ARG F 303 47.63 -16.10 -32.64
C ARG F 303 48.37 -16.79 -33.79
N ALA F 304 48.00 -18.04 -34.09
CA ALA F 304 48.63 -18.77 -35.18
C ALA F 304 48.34 -18.14 -36.54
N ALA F 305 47.09 -17.70 -36.74
CA ALA F 305 46.67 -17.07 -37.97
C ALA F 305 47.36 -15.71 -38.15
N LEU F 306 47.42 -14.93 -37.07
CA LEU F 306 48.09 -13.62 -37.10
C LEU F 306 49.56 -13.79 -37.48
N GLU F 307 50.21 -14.81 -36.92
CA GLU F 307 51.62 -15.09 -37.21
C GLU F 307 51.79 -15.52 -38.64
N SER F 308 50.91 -16.39 -39.10
CA SER F 308 50.94 -16.85 -40.48
C SER F 308 50.75 -15.66 -41.48
N ILE F 309 49.91 -14.69 -41.11
CA ILE F 309 49.69 -13.51 -41.93
C ILE F 309 51.00 -12.74 -42.02
N LEU F 310 51.57 -12.43 -40.85
CA LEU F 310 52.82 -11.71 -40.77
C LEU F 310 53.96 -12.48 -41.46
N GLU F 311 53.91 -13.80 -41.44
CA GLU F 311 54.96 -14.57 -42.11
C GLU F 311 54.89 -14.32 -43.61
N ARG F 312 53.70 -14.42 -44.21
CA ARG F 312 53.55 -14.12 -45.66
C ARG F 312 53.96 -12.68 -45.97
N GLY F 313 53.71 -11.78 -45.02
CA GLY F 313 54.06 -10.37 -45.18
C GLY F 313 55.56 -10.14 -45.25
N PHE F 314 56.31 -10.87 -44.41
CA PHE F 314 57.75 -10.76 -44.45
C PHE F 314 58.31 -11.37 -45.73
N GLU F 315 57.78 -12.54 -46.09
CA GLU F 315 58.23 -13.24 -47.29
C GLU F 315 58.02 -12.39 -48.53
N ASP F 316 56.85 -11.78 -48.65
CA ASP F 316 56.53 -10.93 -49.79
C ASP F 316 57.21 -9.55 -49.75
N GLY F 317 57.95 -9.27 -48.67
CA GLY F 317 58.71 -8.04 -48.52
C GLY F 317 57.90 -6.80 -48.18
N ILE F 318 56.66 -6.97 -47.78
CA ILE F 318 55.79 -5.84 -47.46
C ILE F 318 55.78 -5.45 -45.98
N VAL F 319 56.16 -6.36 -45.10
CA VAL F 319 56.26 -6.05 -43.66
C VAL F 319 57.73 -5.81 -43.32
N VAL F 320 58.03 -4.68 -42.71
CA VAL F 320 59.42 -4.40 -42.32
C VAL F 320 59.66 -4.81 -40.88
N ASP F 321 58.69 -4.53 -40.01
CA ASP F 321 58.79 -4.91 -38.61
C ASP F 321 57.37 -5.11 -38.04
N ALA F 322 57.24 -5.94 -36.99
CA ALA F 322 55.94 -6.21 -36.37
C ALA F 322 56.06 -6.57 -34.90
N ALA F 323 55.12 -6.09 -34.10
CA ALA F 323 55.08 -6.37 -32.67
C ALA F 323 53.74 -6.98 -32.31
N ILE F 324 53.72 -8.27 -31.98
CA ILE F 324 52.49 -8.93 -31.59
C ILE F 324 52.34 -8.75 -30.10
N ALA F 325 51.21 -8.19 -29.67
CA ALA F 325 50.95 -7.98 -28.24
C ALA F 325 51.14 -9.29 -27.49
N ASN F 326 51.76 -9.25 -26.31
CA ASN F 326 52.01 -10.44 -25.48
C ASN F 326 51.22 -10.46 -24.17
N SER F 327 50.33 -9.48 -23.99
CA SER F 327 49.53 -9.39 -22.77
C SER F 327 48.36 -8.46 -22.99
N VAL F 328 47.41 -8.48 -22.06
CA VAL F 328 46.24 -7.61 -22.10
C VAL F 328 46.67 -6.14 -21.94
N GLN F 329 47.67 -5.88 -21.10
CA GLN F 329 48.17 -4.52 -20.90
C GLN F 329 48.71 -3.93 -22.21
N GLN F 330 49.44 -4.74 -22.96
CA GLN F 330 50.07 -4.29 -24.21
C GLN F 330 49.01 -4.03 -25.30
N GLN F 331 48.01 -4.91 -25.40
CA GLN F 331 46.92 -4.69 -26.35
C GLN F 331 46.23 -3.37 -26.06
N GLN F 332 45.89 -3.14 -24.80
CA GLN F 332 45.24 -1.89 -24.42
C GLN F 332 46.10 -0.68 -24.80
N ALA F 333 47.43 -0.82 -24.65
CA ALA F 333 48.36 0.28 -25.01
C ALA F 333 48.30 0.58 -26.51
N PHE F 334 48.30 -0.48 -27.32
CA PHE F 334 48.17 -0.39 -28.76
C PHE F 334 46.92 0.38 -29.13
N TRP F 335 45.78 -0.05 -28.59
CA TRP F 335 44.51 0.60 -28.89
C TRP F 335 44.40 1.98 -28.29
N LYS F 336 45.05 2.23 -27.15
CA LYS F 336 45.00 3.56 -26.57
C LYS F 336 45.63 4.53 -27.58
N LEU F 337 46.76 4.15 -28.17
CA LEU F 337 47.43 4.98 -29.16
C LEU F 337 46.49 5.34 -30.33
N ARG F 338 45.88 4.32 -30.93
CA ARG F 338 44.95 4.49 -32.05
C ARG F 338 43.73 5.35 -31.72
N GLU F 339 43.12 5.07 -30.57
CA GLU F 339 41.89 5.79 -30.14
C GLU F 339 42.12 7.24 -29.72
N GLU F 340 43.35 7.59 -29.42
CA GLU F 340 43.66 8.97 -28.99
C GLU F 340 44.22 9.87 -30.10
N ILE F 341 44.22 9.38 -31.35
CA ILE F 341 44.70 10.17 -32.48
C ILE F 341 43.85 11.43 -32.61
N SER F 342 42.55 11.27 -32.44
CA SER F 342 41.60 12.37 -32.53
C SER F 342 41.95 13.57 -31.62
N PRO F 343 41.99 13.38 -30.28
CA PRO F 343 42.36 14.52 -29.40
C PRO F 343 43.84 14.89 -29.48
N ALA F 344 44.70 13.95 -29.90
CA ALA F 344 46.13 14.24 -30.05
C ALA F 344 46.43 15.31 -31.14
N GLN F 345 45.42 15.62 -31.96
CA GLN F 345 45.54 16.66 -33.00
C GLN F 345 45.38 18.08 -32.46
N LYS F 346 44.43 18.29 -31.52
CA LYS F 346 44.10 19.64 -30.94
C LYS F 346 45.29 20.57 -30.57
N PRO F 347 46.31 20.05 -29.87
CA PRO F 347 47.46 20.90 -29.54
C PRO F 347 48.42 21.13 -30.71
N GLU F 348 48.20 20.42 -31.82
CA GLU F 348 49.06 20.58 -32.98
C GLU F 348 48.47 21.66 -33.92
N GLY F 349 47.31 22.22 -33.55
CA GLY F 349 46.69 23.32 -34.32
C GLY F 349 45.32 23.02 -34.87
N GLY F 350 44.91 23.81 -35.85
CA GLY F 350 43.64 23.63 -36.53
C GLY F 350 43.69 22.40 -37.40
N SER F 351 42.54 21.74 -37.51
CA SER F 351 42.43 20.52 -38.30
C SER F 351 41.19 20.58 -39.19
N ILE F 352 41.37 20.35 -40.49
CA ILE F 352 40.26 20.30 -41.45
C ILE F 352 39.98 18.83 -41.65
N LYS F 353 38.78 18.40 -41.26
CA LYS F 353 38.43 16.98 -41.24
C LYS F 353 37.46 16.54 -42.33
N HIS F 354 37.71 15.33 -42.84
CA HIS F 354 36.84 14.72 -43.84
C HIS F 354 36.78 13.21 -43.64
N ASP F 355 35.58 12.68 -43.60
CA ASP F 355 35.38 11.27 -43.42
C ASP F 355 34.80 10.73 -44.74
N ILE F 356 35.71 10.25 -45.58
CA ILE F 356 35.36 9.79 -46.91
C ILE F 356 35.61 8.31 -47.11
N SER F 357 35.14 7.76 -48.23
CA SER F 357 35.43 6.38 -48.56
C SER F 357 35.70 6.20 -50.06
N VAL F 358 36.49 5.19 -50.38
CA VAL F 358 36.80 4.83 -51.75
C VAL F 358 36.86 3.34 -51.80
N PRO F 359 36.81 2.77 -52.99
CA PRO F 359 36.96 1.33 -53.06
C PRO F 359 38.25 0.92 -52.37
N VAL F 360 38.24 -0.20 -51.65
CA VAL F 360 39.44 -0.65 -50.94
C VAL F 360 40.72 -0.56 -51.83
N ALA F 361 40.64 -1.11 -53.06
CA ALA F 361 41.82 -1.10 -53.97
C ALA F 361 42.36 0.29 -54.27
N ALA F 362 41.52 1.32 -54.08
CA ALA F 362 41.90 2.69 -54.40
C ALA F 362 42.43 3.52 -53.26
N VAL F 363 42.49 2.96 -52.06
CA VAL F 363 42.95 3.74 -50.89
C VAL F 363 44.37 4.34 -51.07
N PRO F 364 45.33 3.54 -51.61
CA PRO F 364 46.65 4.13 -51.85
C PRO F 364 46.60 5.28 -52.85
N GLN F 365 45.83 5.13 -53.93
CA GLN F 365 45.70 6.19 -54.92
C GLN F 365 45.10 7.42 -54.25
N PHE F 366 44.08 7.22 -53.42
CA PHE F 366 43.44 8.34 -52.77
C PHE F 366 44.40 9.13 -51.90
N ILE F 367 45.07 8.44 -50.98
CA ILE F 367 46.00 9.10 -50.06
C ILE F 367 47.06 9.90 -50.81
N GLU F 368 47.70 9.23 -51.76
CA GLU F 368 48.75 9.81 -52.57
C GLU F 368 48.28 11.10 -53.29
N GLN F 369 47.13 11.01 -53.95
CA GLN F 369 46.55 12.13 -54.70
C GLN F 369 46.00 13.22 -53.80
N ALA F 370 45.35 12.84 -52.71
CA ALA F 370 44.79 13.83 -51.76
C ALA F 370 45.92 14.67 -51.15
N ASN F 371 46.98 14.00 -50.69
CA ASN F 371 48.12 14.69 -50.11
C ASN F 371 48.74 15.69 -51.05
N ALA F 372 48.95 15.28 -52.31
CA ALA F 372 49.58 16.17 -53.28
C ALA F 372 48.71 17.40 -53.55
N ALA F 373 47.43 17.17 -53.80
CA ALA F 373 46.52 18.27 -54.10
C ALA F 373 46.39 19.21 -52.91
N VAL F 374 46.26 18.65 -51.71
CA VAL F 374 46.15 19.47 -50.50
C VAL F 374 47.42 20.33 -50.29
N VAL F 375 48.60 19.73 -50.40
CA VAL F 375 49.85 20.49 -50.24
C VAL F 375 49.98 21.60 -51.29
N ALA F 376 49.48 21.34 -52.50
CA ALA F 376 49.52 22.31 -53.57
C ALA F 376 48.64 23.49 -53.19
N LEU F 377 47.47 23.21 -52.62
CA LEU F 377 46.52 24.24 -52.21
C LEU F 377 47.10 25.12 -51.09
N ILE F 378 47.59 24.45 -50.04
CA ILE F 378 48.13 25.10 -48.84
C ILE F 378 49.53 24.57 -48.55
N PRO F 379 50.57 25.25 -49.07
CA PRO F 379 51.92 24.76 -48.81
C PRO F 379 52.22 24.69 -47.32
N GLY F 380 52.90 23.63 -46.91
CA GLY F 380 53.25 23.42 -45.50
C GLY F 380 52.16 22.74 -44.70
N ALA F 381 50.98 22.52 -45.32
CA ALA F 381 49.87 21.82 -44.64
C ALA F 381 50.31 20.40 -44.36
N ARG F 382 49.82 19.84 -43.26
CA ARG F 382 50.22 18.51 -42.82
C ARG F 382 49.10 17.48 -42.85
N PRO F 383 49.14 16.56 -43.83
CA PRO F 383 48.11 15.55 -43.89
C PRO F 383 48.15 14.61 -42.69
N VAL F 384 46.96 14.32 -42.15
CA VAL F 384 46.81 13.41 -41.04
C VAL F 384 45.80 12.33 -41.46
N PRO F 385 46.27 11.30 -42.21
CA PRO F 385 45.35 10.28 -42.65
C PRO F 385 45.45 8.97 -41.88
N PHE F 386 44.30 8.47 -41.48
CA PHE F 386 44.20 7.17 -40.81
C PHE F 386 42.78 6.66 -41.00
N GLY F 387 42.62 5.34 -40.96
CA GLY F 387 41.31 4.76 -41.17
C GLY F 387 41.25 3.24 -41.26
N HIS F 388 40.10 2.77 -41.72
CA HIS F 388 39.81 1.35 -41.79
C HIS F 388 40.02 0.88 -43.22
N LEU F 389 41.23 0.46 -43.51
CA LEU F 389 41.59 0.06 -44.86
C LEU F 389 40.69 -1.05 -45.36
N GLY F 390 40.19 -1.88 -44.45
CA GLY F 390 39.34 -3.02 -44.81
C GLY F 390 37.97 -2.71 -45.34
N ASP F 391 37.49 -1.50 -45.10
CA ASP F 391 36.19 -1.08 -45.65
C ASP F 391 36.32 0.21 -46.47
N GLY F 392 37.55 0.61 -46.76
CA GLY F 392 37.81 1.77 -47.57
C GLY F 392 37.49 3.14 -46.99
N ASN F 393 37.20 3.19 -45.69
CA ASN F 393 36.86 4.45 -45.03
C ASN F 393 38.09 5.07 -44.39
N ILE F 394 38.51 6.22 -44.92
CA ILE F 394 39.67 6.94 -44.44
C ILE F 394 39.26 8.26 -43.82
N HIS F 395 39.73 8.48 -42.57
CA HIS F 395 39.55 9.75 -41.93
C HIS F 395 40.68 10.55 -42.50
N TYR F 396 40.36 11.42 -43.46
CA TYR F 396 41.37 12.23 -44.10
C TYR F 396 41.33 13.62 -43.52
N ASN F 397 42.28 13.91 -42.65
CA ASN F 397 42.37 15.20 -42.00
C ASN F 397 43.61 15.90 -42.40
N VAL F 398 43.59 17.21 -42.31
CA VAL F 398 44.75 18.01 -42.64
C VAL F 398 45.00 18.97 -41.49
N SER F 399 46.19 18.90 -40.91
CA SER F 399 46.53 19.81 -39.82
C SER F 399 47.22 21.02 -40.44
N GLN F 400 47.02 22.16 -39.79
CA GLN F 400 47.57 23.41 -40.27
C GLN F 400 49.09 23.37 -40.36
N PRO F 401 49.67 24.24 -41.20
CA PRO F 401 51.14 24.31 -41.24
C PRO F 401 51.68 24.78 -39.89
N VAL F 402 52.90 24.38 -39.55
CA VAL F 402 53.49 24.78 -38.29
C VAL F 402 53.66 26.31 -38.28
N GLY F 403 53.06 26.97 -37.30
CA GLY F 403 53.18 28.42 -37.14
C GLY F 403 52.07 29.29 -37.75
N ALA F 404 51.26 28.75 -38.64
CA ALA F 404 50.20 29.53 -39.28
C ALA F 404 49.11 29.95 -38.30
N ASP F 405 48.30 30.94 -38.68
CA ASP F 405 47.19 31.37 -37.86
C ASP F 405 46.10 30.30 -37.93
N LYS F 406 45.62 29.87 -36.77
CA LYS F 406 44.59 28.84 -36.70
C LYS F 406 43.27 29.23 -37.40
N ALA F 407 42.86 30.49 -37.26
CA ALA F 407 41.60 30.96 -37.90
C ALA F 407 41.73 31.01 -39.44
N GLU F 408 42.81 31.62 -39.95
CA GLU F 408 43.05 31.67 -41.41
C GLU F 408 42.88 30.27 -42.02
N PHE F 409 43.62 29.31 -41.46
CA PHE F 409 43.62 27.93 -41.97
C PHE F 409 42.25 27.26 -41.95
N LEU F 410 41.56 27.36 -40.81
CA LEU F 410 40.21 26.80 -40.70
C LEU F 410 39.24 27.43 -41.71
N ALA F 411 39.55 28.64 -42.18
CA ALA F 411 38.72 29.31 -43.18
C ALA F 411 38.81 28.62 -44.56
N ARG F 412 39.92 27.90 -44.80
CA ARG F 412 40.11 27.20 -46.08
C ARG F 412 39.36 25.85 -46.15
N TRP F 413 38.48 25.59 -45.18
CA TRP F 413 37.74 24.32 -45.11
C TRP F 413 37.01 23.97 -46.42
N HIS F 414 36.27 24.93 -46.97
CA HIS F 414 35.51 24.69 -48.22
C HIS F 414 36.47 24.41 -49.38
N ASP F 415 37.56 25.16 -49.45
CA ASP F 415 38.53 24.96 -50.53
C ASP F 415 39.14 23.55 -50.46
N VAL F 416 39.42 23.06 -49.26
CA VAL F 416 39.98 21.72 -49.09
C VAL F 416 38.94 20.67 -49.48
N SER F 417 37.68 20.92 -49.12
CA SER F 417 36.58 20.04 -49.50
C SER F 417 36.47 19.83 -51.03
N GLN F 418 36.64 20.90 -51.81
CA GLN F 418 36.56 20.78 -53.27
C GLN F 418 37.62 19.86 -53.78
N VAL F 419 38.85 20.07 -53.28
CA VAL F 419 39.97 19.28 -53.72
C VAL F 419 39.82 17.83 -53.29
N VAL F 420 39.53 17.60 -52.00
CA VAL F 420 39.39 16.22 -51.48
C VAL F 420 38.25 15.48 -52.19
N PHE F 421 37.12 16.15 -52.39
CA PHE F 421 35.99 15.53 -53.08
C PHE F 421 36.26 15.26 -54.57
N GLU F 422 37.12 16.02 -55.21
CA GLU F 422 37.43 15.71 -56.62
C GLU F 422 38.25 14.41 -56.69
N VAL F 423 39.14 14.20 -55.72
CA VAL F 423 39.90 12.96 -55.67
C VAL F 423 38.97 11.78 -55.36
N VAL F 424 38.10 11.98 -54.37
CA VAL F 424 37.16 10.95 -53.97
C VAL F 424 36.26 10.54 -55.13
N LEU F 425 35.72 11.53 -55.85
CA LEU F 425 34.80 11.23 -56.92
CA LEU F 425 34.81 11.29 -56.99
C LEU F 425 35.48 10.53 -58.11
N ARG F 426 36.67 10.98 -58.51
CA ARG F 426 37.35 10.32 -59.66
C ARG F 426 37.70 8.87 -59.36
N LEU F 427 37.73 8.51 -58.07
CA LEU F 427 38.03 7.16 -57.63
C LEU F 427 36.77 6.35 -57.30
N GLY F 428 35.60 6.94 -57.51
CA GLY F 428 34.33 6.25 -57.26
C GLY F 428 34.00 6.15 -55.80
N GLY F 429 34.31 7.20 -55.05
CA GLY F 429 34.12 7.19 -53.62
C GLY F 429 32.90 7.92 -53.15
N SER F 430 32.82 8.09 -51.84
CA SER F 430 31.70 8.77 -51.22
C SER F 430 32.16 9.95 -50.40
N ILE F 431 31.50 11.08 -50.61
CA ILE F 431 31.79 12.30 -49.85
C ILE F 431 31.43 12.17 -48.36
N SER F 432 30.69 11.10 -48.00
CA SER F 432 30.31 10.84 -46.61
C SER F 432 30.24 9.34 -46.34
N ALA F 433 31.29 8.78 -45.73
CA ALA F 433 31.36 7.35 -45.46
C ALA F 433 30.56 6.89 -44.23
N GLU F 434 30.59 7.69 -43.18
CA GLU F 434 29.96 7.33 -41.91
C GLU F 434 28.95 8.34 -41.37
N HIS F 435 29.32 9.61 -41.34
CA HIS F 435 28.53 10.64 -40.64
C HIS F 435 27.19 11.03 -41.25
N GLY F 436 27.04 10.84 -42.55
CA GLY F 436 25.79 11.18 -43.21
C GLY F 436 25.78 12.55 -43.89
N ILE F 437 24.62 12.95 -44.35
CA ILE F 437 24.46 14.21 -45.08
C ILE F 437 24.00 15.38 -44.21
N GLY F 438 22.91 15.18 -43.47
CA GLY F 438 22.35 16.23 -42.60
C GLY F 438 22.17 17.52 -43.37
N VAL F 439 22.60 18.63 -42.78
CA VAL F 439 22.54 19.94 -43.42
C VAL F 439 23.87 20.30 -44.11
N MSE F 440 24.97 19.71 -43.64
CA MSE F 440 26.31 20.05 -44.13
C MSE F 440 26.60 19.67 -45.58
O MSE F 440 27.08 20.49 -46.35
CB MSE F 440 27.37 19.41 -43.22
CG MSE F 440 28.81 19.76 -43.57
SE MSE F 440 30.08 18.87 -42.35
CE MSE F 440 29.65 19.85 -40.69
N LYS F 441 26.31 18.43 -45.94
CA LYS F 441 26.63 17.91 -47.29
C LYS F 441 25.39 17.79 -48.21
N ARG F 442 24.32 18.47 -47.84
CA ARG F 442 23.06 18.44 -48.58
C ARG F 442 23.19 18.92 -50.03
N ASP F 443 23.80 20.08 -50.23
CA ASP F 443 24.00 20.64 -51.58
C ASP F 443 24.94 19.77 -52.40
N GLU F 444 26.02 19.30 -51.78
CA GLU F 444 26.98 18.43 -52.43
C GLU F 444 26.32 17.11 -52.91
N LEU F 445 25.42 16.57 -52.09
CA LEU F 445 24.70 15.36 -52.45
C LEU F 445 23.90 15.56 -53.73
N ALA F 446 23.20 16.70 -53.80
CA ALA F 446 22.34 17.03 -54.94
C ALA F 446 23.08 17.04 -56.28
N GLU F 447 24.38 17.32 -56.28
CA GLU F 447 25.13 17.38 -57.53
C GLU F 447 25.93 16.11 -57.89
N VAL F 448 26.38 15.36 -56.87
CA VAL F 448 27.19 14.15 -57.10
C VAL F 448 26.37 12.86 -57.27
N LYS F 449 25.26 12.76 -56.55
CA LYS F 449 24.43 11.55 -56.58
C LYS F 449 23.77 11.36 -57.95
N ASP F 450 23.49 10.11 -58.29
CA ASP F 450 22.79 9.71 -59.52
C ASP F 450 21.49 10.49 -59.65
N LYS F 451 21.22 11.07 -60.82
CA LYS F 451 20.03 11.94 -60.99
C LYS F 451 18.72 11.25 -60.65
N THR F 452 18.54 10.01 -61.10
CA THR F 452 17.30 9.27 -60.81
C THR F 452 17.17 8.91 -59.33
N ALA F 453 18.28 8.55 -58.71
CA ALA F 453 18.26 8.22 -57.29
C ALA F 453 17.79 9.41 -56.47
N ILE F 454 18.28 10.59 -56.85
CA ILE F 454 17.97 11.82 -56.13
C ILE F 454 16.49 12.19 -56.33
N GLU F 455 15.96 11.95 -57.52
CA GLU F 455 14.54 12.23 -57.79
C GLU F 455 13.66 11.32 -56.95
N LEU F 456 14.04 10.05 -56.86
CA LEU F 456 13.26 9.10 -56.08
C LEU F 456 13.29 9.43 -54.60
N MSE F 457 14.44 9.85 -54.09
CA MSE F 457 14.52 10.22 -52.69
C MSE F 457 13.55 11.36 -52.40
O MSE F 457 12.85 11.34 -51.40
CB MSE F 457 15.94 10.63 -52.29
CG MSE F 457 16.97 9.54 -52.39
SE MSE F 457 18.71 10.12 -51.83
CE MSE F 457 19.71 8.62 -52.53
N ARG F 458 13.50 12.33 -53.31
CA ARG F 458 12.60 13.47 -53.12
C ARG F 458 11.15 13.03 -53.16
N SER F 459 10.82 12.07 -54.02
CA SER F 459 9.46 11.57 -54.10
C SER F 459 9.07 10.78 -52.86
N ILE F 460 10.01 9.99 -52.34
CA ILE F 460 9.76 9.21 -51.13
C ILE F 460 9.62 10.14 -49.91
N LYS F 461 10.40 11.21 -49.88
CA LYS F 461 10.29 12.23 -48.83
C LYS F 461 8.90 12.91 -48.88
N ALA F 462 8.47 13.29 -50.08
CA ALA F 462 7.18 13.96 -50.25
C ALA F 462 6.02 13.02 -49.90
N LEU F 463 6.20 11.76 -50.23
CA LEU F 463 5.21 10.75 -49.95
C LEU F 463 5.07 10.51 -48.43
N LEU F 464 6.20 10.29 -47.75
CA LEU F 464 6.20 10.00 -46.30
C LEU F 464 6.06 11.23 -45.36
N ASP F 465 6.33 12.42 -45.89
CA ASP F 465 6.28 13.66 -45.11
C ASP F 465 5.80 14.78 -46.01
N PRO F 466 4.53 14.69 -46.47
CA PRO F 466 3.98 15.69 -47.36
C PRO F 466 4.02 17.12 -46.81
N HIS F 467 3.81 17.27 -45.50
CA HIS F 467 3.81 18.62 -44.91
C HIS F 467 5.21 19.12 -44.50
N GLY F 468 6.23 18.31 -44.73
CA GLY F 468 7.61 18.71 -44.44
C GLY F 468 7.93 19.03 -43.00
N ILE F 469 7.37 18.27 -42.06
CA ILE F 469 7.64 18.48 -40.63
C ILE F 469 8.70 17.55 -40.08
N MSE F 470 9.03 16.49 -40.81
CA MSE F 470 9.97 15.49 -40.33
C MSE F 470 11.41 15.86 -40.66
O MSE F 470 11.95 15.52 -41.69
CB MSE F 470 9.57 14.11 -40.91
CG MSE F 470 10.22 12.94 -40.26
SE MSE F 470 9.98 12.91 -38.32
CE MSE F 470 8.07 12.89 -38.27
N ASN F 471 12.01 16.62 -39.74
CA ASN F 471 13.40 17.05 -39.84
C ASN F 471 13.70 17.70 -41.20
N PRO F 472 12.95 18.79 -41.54
CA PRO F 472 13.10 19.46 -42.84
C PRO F 472 14.46 20.13 -43.07
N GLY F 473 14.84 20.24 -44.34
CA GLY F 473 16.11 20.86 -44.73
C GLY F 473 17.34 20.00 -44.51
N LYS F 474 17.15 18.68 -44.37
CA LYS F 474 18.26 17.77 -44.13
C LYS F 474 18.17 16.62 -45.12
N VAL F 475 19.33 16.18 -45.61
CA VAL F 475 19.46 15.10 -46.63
C VAL F 475 18.98 15.57 -48.02
N VAL F 476 17.67 15.86 -48.15
CA VAL F 476 17.09 16.31 -49.42
C VAL F 476 16.02 17.39 -49.23
PA FAD G . -17.01 -21.93 -13.09
O1A FAD G . -15.97 -22.45 -14.01
O2A FAD G . -17.61 -23.02 -12.25
O5B FAD G . -18.11 -21.19 -13.93
C5B FAD G . -19.24 -20.65 -13.30
C4B FAD G . -19.97 -19.78 -14.29
O4B FAD G . -19.12 -18.74 -14.66
C3B FAD G . -20.33 -20.50 -15.57
O3B FAD G . -21.52 -19.94 -16.08
C2B FAD G . -19.17 -20.19 -16.49
O2B FAD G . -19.53 -20.23 -17.86
C1B FAD G . -18.84 -18.79 -16.07
N9A FAD G . -17.47 -18.34 -16.28
C8A FAD G . -16.33 -18.80 -15.66
N7A FAD G . -15.28 -18.08 -16.09
C5A FAD G . -15.72 -17.17 -16.97
C6A FAD G . -15.07 -16.19 -17.71
N6A FAD G . -13.81 -15.89 -17.45
N1A FAD G . -15.83 -15.38 -18.54
C2A FAD G . -17.21 -15.54 -18.65
N3A FAD G . -17.83 -16.52 -17.91
C4A FAD G . -17.10 -17.31 -17.08
N1 FAD G . -20.66 -19.40 -4.44
C2 FAD G . -20.91 -18.24 -3.75
O2 FAD G . -21.37 -17.28 -4.35
N3 FAD G . -20.62 -18.18 -2.40
C4 FAD G . -20.08 -19.26 -1.73
O4 FAD G . -19.83 -19.18 -0.53
C4X FAD G . -19.83 -20.44 -2.44
N5 FAD G . -19.29 -21.53 -1.81
C5X FAD G . -19.03 -22.69 -2.50
C6 FAD G . -18.48 -23.77 -1.81
C7 FAD G . -18.20 -24.97 -2.45
C7M FAD G . -17.61 -26.12 -1.67
C8 FAD G . -18.47 -25.08 -3.83
C8M FAD G . -18.19 -26.36 -4.56
C9 FAD G . -19.02 -24.00 -4.53
C9A FAD G . -19.32 -22.79 -3.88
N10 FAD G . -19.86 -21.66 -4.56
C10 FAD G . -20.12 -20.51 -3.81
C1' FAD G . -20.24 -21.62 -6.04
C2' FAD G . -19.63 -20.43 -6.82
O2' FAD G . -20.44 -19.78 -7.80
C3' FAD G . -18.43 -20.94 -7.50
O3' FAD G . -17.67 -21.57 -6.50
C4' FAD G . -17.71 -19.76 -8.20
O4' FAD G . -18.39 -18.52 -8.13
C5' FAD G . -17.52 -20.05 -9.66
O5' FAD G . -16.17 -19.87 -9.91
P FAD G . -15.48 -20.81 -10.94
O1P FAD G . -14.11 -20.28 -11.25
O2P FAD G . -15.49 -22.21 -10.42
O3P FAD G . -16.43 -20.68 -12.25
O1 UNL H . -21.98 -24.49 1.99
O2 UNL H . -21.20 -23.00 3.74
O3 UNL H . -19.02 -21.84 4.69
O4 UNL H . -21.38 -20.69 3.89
O5 UNL H . -21.37 -19.75 1.68
O6 UNL H . -22.79 -18.58 1.51
P PO4 I . -4.91 -8.05 -22.73
O1 PO4 I . -5.59 -7.73 -24.04
O2 PO4 I . -5.40 -9.37 -22.17
O3 PO4 I . -5.22 -6.93 -21.75
O4 PO4 I . -3.43 -8.15 -22.95
P PO4 J . -29.09 -24.21 -4.84
O1 PO4 J . -27.97 -23.89 -5.82
O2 PO4 J . -28.47 -24.58 -3.50
O3 PO4 J . -29.91 -25.38 -5.37
O4 PO4 J . -30.01 -23.04 -4.65
P PO4 K . -24.35 -27.09 2.07
O1 PO4 K . -25.32 -28.07 2.66
O2 PO4 K . -23.52 -26.48 3.18
O3 PO4 K . -25.08 -25.97 1.36
O4 PO4 K . -23.49 -27.82 1.09
PA FAD L . -31.98 16.70 -13.37
O1A FAD L . -33.39 17.19 -13.46
O2A FAD L . -31.00 17.82 -13.47
O5B FAD L . -31.67 15.59 -14.48
C5B FAD L . -30.37 15.22 -14.76
C4B FAD L . -30.36 14.04 -15.74
O4B FAD L . -31.13 12.98 -15.21
C3B FAD L . -30.97 14.35 -17.05
O3B FAD L . -30.28 13.61 -18.03
C2B FAD L . -32.42 13.87 -16.92
O2B FAD L . -33.02 13.55 -18.15
C1B FAD L . -32.25 12.66 -16.03
N9A FAD L . -33.38 12.34 -15.13
C8A FAD L . -33.85 13.07 -14.08
N7A FAD L . -34.88 12.40 -13.50
C5A FAD L . -35.05 11.25 -14.16
C6A FAD L . -35.94 10.18 -13.98
N6A FAD L . -36.56 9.99 -12.83
N1A FAD L . -35.85 9.12 -14.84
C2A FAD L . -34.90 9.10 -15.84
N3A FAD L . -34.04 10.14 -16.01
C4A FAD L . -34.10 11.20 -15.18
N1 FAD L . -23.42 16.13 -8.91
C2 FAD L . -22.65 15.20 -8.29
O2 FAD L . -22.59 14.07 -8.78
N3 FAD L . -21.96 15.53 -7.13
C4 FAD L . -22.06 16.82 -6.59
O4 FAD L . -21.44 17.12 -5.56
C4X FAD L . -22.85 17.77 -7.24
N5 FAD L . -22.96 19.04 -6.74
C5X FAD L . -23.74 19.97 -7.37
C6 FAD L . -23.81 21.25 -6.81
C7 FAD L . -24.59 22.24 -7.40
C7M FAD L . -24.66 23.61 -6.79
C8 FAD L . -25.30 21.93 -8.58
C8M FAD L . -26.14 22.98 -9.25
C9 FAD L . -25.21 20.64 -9.15
C9A FAD L . -24.44 19.64 -8.54
N10 FAD L . -24.33 18.32 -9.06
C10 FAD L . -23.53 17.42 -8.40
C1' FAD L . -25.02 17.83 -10.34
C2' FAD L . -25.91 16.57 -10.13
O2' FAD L . -25.91 15.65 -11.23
C3' FAD L . -27.30 17.02 -9.94
O3' FAD L . -27.28 17.99 -8.88
C4' FAD L . -28.20 15.78 -9.68
O4' FAD L . -27.54 14.52 -9.78
C5' FAD L . -29.33 15.75 -10.69
O5' FAD L . -30.51 15.64 -9.98
P FAD L . -31.79 16.31 -10.57
O1P FAD L . -32.97 15.77 -9.80
O2P FAD L . -31.69 17.81 -10.53
O3P FAD L . -31.80 15.77 -12.08
O1 UNL M . -19.78 21.37 -5.19
O2 UNL M . -17.99 21.38 -4.37
O3 UNL M . -18.18 20.35 -3.09
O4 UNL M . -18.22 18.52 -4.40
O5 UNL M . -20.67 19.21 -4.19
O6 UNL M . -18.41 16.82 -5.71
P PO4 N . -45.99 1.91 -8.88
O1 PO4 N . -46.34 1.19 -10.17
O2 PO4 N . -45.49 3.30 -9.19
O3 PO4 N . -44.88 1.16 -8.17
O4 PO4 N . -47.21 2.03 -7.98
P PO4 O . -17.84 19.79 -15.82
O1 PO4 O . -17.76 18.37 -15.33
O2 PO4 O . -17.51 20.78 -14.72
O3 PO4 O . -19.27 20.04 -16.30
O4 PO4 O . -16.85 19.96 -16.94
P PO4 P . -17.38 25.15 -8.93
O1 PO4 P . -16.79 24.02 -9.76
O2 PO4 P . -18.89 25.13 -9.07
O3 PO4 P . -16.83 26.47 -9.40
O4 PO4 P . -16.98 24.95 -7.50
PA FAD Q . 19.26 -1.80 53.68
O1A FAD Q . 19.60 -3.11 54.31
O2A FAD Q . 20.37 -1.34 52.79
O5B FAD Q . 18.91 -0.70 54.80
C5B FAD Q . 18.48 0.59 54.44
C4B FAD Q . 18.04 1.35 55.69
O4B FAD Q . 16.82 0.79 56.13
C3B FAD Q . 18.99 1.25 56.86
O3B FAD Q . 18.93 2.43 57.63
C2B FAD Q . 18.46 0.10 57.68
O2B FAD Q . 18.75 0.21 59.06
C1B FAD Q . 16.98 0.20 57.42
N9A FAD Q . 16.31 -1.10 57.47
C8A FAD Q . 16.51 -2.17 56.64
N7A FAD Q . 15.69 -3.17 57.03
C5A FAD Q . 14.99 -2.74 58.10
C6A FAD Q . 14.02 -3.36 58.87
N6A FAD Q . 13.36 -4.38 58.35
N1A FAD Q . 13.46 -2.66 59.92
C2A FAD Q . 13.85 -1.37 60.20
N3A FAD Q . 14.82 -0.76 59.42
C4A FAD Q . 15.36 -1.44 58.38
N1 FAD Q . 16.18 3.66 46.22
C2 FAD Q . 15.01 4.21 45.79
O2 FAD Q . 14.28 4.74 46.62
N3 FAD Q . 14.68 4.18 44.44
C4 FAD Q . 15.53 3.55 43.53
O4 FAD Q . 15.20 3.54 42.33
C4X FAD Q . 16.74 2.97 43.99
N5 FAD Q . 17.63 2.35 43.11
C5X FAD Q . 18.80 1.78 43.60
C6 FAD Q . 19.66 1.15 42.70
C7 FAD Q . 20.86 0.57 43.12
C7M FAD Q . 21.76 -0.09 42.10
C8 FAD Q . 21.20 0.61 44.48
C8M FAD Q . 22.49 -0.01 44.96
C9 FAD Q . 20.34 1.24 45.39
C9A FAD Q . 19.12 1.84 44.98
N10 FAD Q . 18.22 2.47 45.87
C10 FAD Q . 17.05 3.03 45.35
C1' FAD Q . 18.45 2.62 47.37
C2' FAD Q . 17.30 2.06 48.22
O2' FAD Q . 17.10 2.80 49.43
C3' FAD Q . 17.60 0.65 48.61
O3' FAD Q . 17.92 -0.10 47.43
C4' FAD Q . 16.39 0.07 49.43
O4' FAD Q . 15.32 0.99 49.66
C5' FAD Q . 16.87 -0.42 50.79
O5' FAD Q . 16.56 -1.79 50.89
P FAD Q . 17.57 -2.73 51.65
O1P FAD Q . 16.83 -4.04 51.93
O2P FAD Q . 18.83 -2.95 50.85
O3P FAD Q . 17.84 -1.87 52.97
O1 UNL R . 20.29 4.50 39.49
O2 UNL R . 18.82 5.20 38.19
O3 UNL R . 17.56 4.36 37.46
O4 UNL R . 15.95 5.28 38.93
O5 UNL R . 15.50 3.31 39.74
O6 UNL R . 15.39 5.82 41.22
P PO4 S . 4.47 -12.52 63.99
O1 PO4 S . 4.60 -11.93 65.38
O2 PO4 S . 5.82 -12.47 63.29
O3 PO4 S . 3.44 -11.75 63.20
O4 PO4 S . 4.03 -13.96 64.11
P PO4 T . 22.76 11.03 47.11
O1 PO4 T . 21.67 12.08 47.07
O2 PO4 T . 22.94 10.41 45.74
O3 PO4 T . 22.42 9.92 48.07
O4 PO4 T . 24.04 11.75 47.53
P PO4 U . 23.73 6.74 39.29
O1 PO4 U . 22.51 5.88 39.05
O2 PO4 U . 23.54 7.49 40.60
O3 PO4 U . 23.87 7.73 38.18
O4 PO4 U . 24.97 5.91 39.36
PA FAD V . -15.15 19.65 62.78
O1A FAD V . -15.16 21.15 63.03
O2A FAD V . -16.53 19.09 62.98
O5B FAD V . -14.02 18.92 63.65
C5B FAD V . -13.62 17.59 63.35
C4B FAD V . -12.49 17.14 64.25
O4B FAD V . -11.28 17.70 63.78
C3B FAD V . -12.65 17.62 65.68
O3B FAD V . -12.08 16.66 66.54
C2B FAD V . -11.86 18.90 65.75
O2B FAD V . -11.28 19.11 67.01
C1B FAD V . -10.80 18.69 64.69
N9A FAD V . -10.45 19.86 63.87
C8A FAD V . -11.26 20.60 63.04
N7A FAD V . -10.51 21.57 62.45
C5A FAD V . -9.23 21.44 62.88
C6A FAD V . -8.05 22.14 62.60
N6A FAD V . -7.96 22.90 61.52
N1A FAD V . -6.89 21.76 63.20
C2A FAD V . -6.87 20.69 64.09
N3A FAD V . -8.04 20.00 64.37
C4A FAD V . -9.20 20.37 63.77
N1 FAD V . -16.91 11.90 57.04
C2 FAD V . -16.25 11.08 56.15
O2 FAD V . -15.09 10.71 56.42
N3 FAD V . -16.88 10.70 54.97
C4 FAD V . -18.16 11.12 54.69
O4 FAD V . -18.71 10.77 53.62
C4X FAD V . -18.83 11.95 55.59
N5 FAD V . -20.12 12.40 55.32
C5X FAD V . -20.77 13.23 56.22
C6 FAD V . -22.07 13.65 55.90
C7 FAD V . -22.79 14.47 56.76
C7M FAD V . -24.20 14.91 56.39
C8 FAD V . -22.19 14.88 57.96
C8M FAD V . -22.95 15.78 58.92
C9 FAD V . -20.89 14.46 58.28
C9A FAD V . -20.15 13.62 57.42
N10 FAD V . -18.82 13.18 57.71
C10 FAD V . -18.19 12.34 56.78
C1' FAD V . -18.04 13.52 58.99
C2' FAD V . -16.63 14.13 58.73
O2' FAD V . -15.63 13.73 59.67
C3' FAD V . -16.72 15.60 58.85
O3' FAD V . -17.85 16.01 58.05
C4' FAD V . -15.36 16.27 58.45
O4' FAD V . -14.31 15.34 58.23
C5' FAD V . -14.87 17.21 59.55
O5' FAD V . -14.79 18.50 59.04
P FAD V . -15.25 19.69 59.98
O1P FAD V . -14.70 20.99 59.46
O2P FAD V . -16.74 19.73 60.17
O3P FAD V . -14.53 19.31 61.35
O1 UNL W . -24.59 8.00 55.68
O2 UNL W . -24.09 8.62 53.08
O3 UNL W . -22.71 8.62 51.77
O4 UNL W . -21.35 7.82 52.61
O5 UNL W . -21.64 10.38 52.70
O6 UNL W . -19.17 8.33 53.27
P PO4 X . 1.59 31.26 57.63
O1 PO4 X . 2.54 31.12 58.81
O2 PO4 X . 0.18 30.94 58.07
O3 PO4 X . 1.99 30.30 56.52
O4 PO4 X . 1.66 32.68 57.11
P PO4 Y . -20.67 6.26 63.89
O1 PO4 Y . -19.21 6.09 63.56
O2 PO4 Y . -21.52 6.28 62.64
O3 PO4 Y . -20.83 7.59 64.60
O4 PO4 Y . -21.10 5.12 64.78
P PO4 Z . -26.74 7.63 57.85
O1 PO4 Z . -26.99 7.59 56.37
O2 PO4 Z . -27.72 6.72 58.54
O3 PO4 Z . -26.97 9.03 58.36
O4 PO4 Z . -25.32 7.19 58.12
PA FAD AA . 12.67 -15.80 -62.15
O1A FAD AA . 12.73 -15.69 -63.64
O2A FAD AA . 12.05 -17.11 -61.80
O5B FAD AA . 11.84 -14.58 -61.53
C5B FAD AA . 11.63 -14.48 -60.16
C4B FAD AA . 11.04 -13.12 -59.79
O4B FAD AA . 12.03 -12.15 -59.99
C3B FAD AA . 9.85 -12.70 -60.63
O3B FAD AA . 8.93 -11.93 -59.84
C2B FAD AA . 10.46 -11.85 -61.72
O2B FAD AA . 9.59 -10.87 -62.26
C1B FAD AA . 11.61 -11.22 -60.97
N9A FAD AA . 12.77 -10.89 -61.81
C8A FAD AA . 13.57 -11.77 -62.48
N7A FAD AA . 14.54 -11.07 -63.09
C5A FAD AA . 14.36 -9.77 -62.80
C6A FAD AA . 15.08 -8.64 -63.17
N6A FAD AA . 16.37 -8.78 -63.46
N1A FAD AA . 14.62 -7.43 -62.71
C2A FAD AA . 13.51 -7.34 -61.89
N3A FAD AA . 12.81 -8.47 -61.53
C4A FAD AA . 13.24 -9.65 -61.98
N1 FAD AA . 14.94 -19.98 -53.66
C2 FAD AA . 15.65 -19.68 -52.53
O2 FAD AA . 15.57 -18.54 -52.05
N3 FAD AA . 16.43 -20.65 -51.92
C4 FAD AA . 16.51 -21.93 -52.47
O4 FAD AA . 17.21 -22.78 -51.91
C4X FAD AA . 15.80 -22.24 -53.62
N5 FAD AA . 15.88 -23.49 -54.16
C5X FAD AA . 15.18 -23.79 -55.30
C6 FAD AA . 15.29 -25.09 -55.81
C7 FAD AA . 14.60 -25.46 -56.96
C7M FAD AA . 14.76 -26.88 -57.48
C8 FAD AA . 13.79 -24.52 -57.63
C8M FAD AA . 13.03 -24.88 -58.88
C9 FAD AA . 13.68 -23.21 -57.11
C9A FAD AA . 14.37 -22.82 -55.94
N10 FAD AA . 14.28 -21.51 -55.40
C10 FAD AA . 15.00 -21.24 -54.23
C1' FAD AA . 13.42 -20.39 -56.00
C2' FAD AA . 14.16 -19.06 -56.23
O2' FAD AA . 13.42 -17.87 -55.92
C3' FAD AA . 14.53 -18.95 -57.66
O3' FAD AA . 15.17 -20.19 -57.98
C4' FAD AA . 15.40 -17.69 -57.88
O4' FAD AA . 15.60 -16.89 -56.71
C5' FAD AA . 14.80 -16.78 -58.96
O5' FAD AA . 15.78 -16.53 -59.94
P FAD AA . 15.32 -16.57 -61.47
O1P FAD AA . 16.46 -16.07 -62.33
O2P FAD AA . 14.86 -17.95 -61.86
O3P FAD AA . 14.11 -15.52 -61.48
O1 UNL BA . 16.15 -26.75 -52.13
O2 UNL BA . 14.15 -27.67 -50.92
O3 UNL BA . 16.90 -27.58 -50.13
O4 UNL BA . 16.62 -25.21 -49.55
O5 UNL BA . 17.95 -24.85 -50.94
O6 UNL BA . 16.26 -23.37 -49.16
P PO4 CA . 25.03 0.00 -68.45
O1 PO4 CA . 23.91 0.98 -68.22
O2 PO4 CA . 24.53 -1.27 -69.11
O3 PO4 CA . 25.66 -0.34 -67.14
O4 PO4 CA . 26.06 0.65 -69.35
P PO4 DA . 5.89 -22.31 -50.62
O1 PO4 DA . 6.68 -21.17 -51.22
O2 PO4 DA . 6.81 -23.49 -50.32
O3 PO4 DA . 4.86 -22.80 -51.60
O4 PO4 DA . 5.21 -21.86 -49.35
P PO4 EA . 10.50 -29.36 -51.59
O1 PO4 EA . 9.57 -30.52 -51.35
O2 PO4 EA . 10.05 -28.15 -50.78
O3 PO4 EA . 10.49 -29.03 -53.06
O4 PO4 EA . 11.91 -29.72 -51.17
PA FAD FA . 21.94 12.14 -33.02
O1A FAD FA . 21.09 12.63 -31.89
O2A FAD FA . 23.22 12.90 -33.08
O5B FAD FA . 21.12 12.16 -34.39
C5B FAD FA . 21.74 11.75 -35.58
C4B FAD FA . 20.77 11.75 -36.75
O4B FAD FA . 19.83 10.72 -36.55
C3B FAD FA . 19.97 13.02 -36.85
O3B FAD FA . 19.68 13.22 -38.22
C2B FAD FA . 18.71 12.75 -36.08
O2B FAD FA . 17.61 13.50 -36.52
C1B FAD FA . 18.54 11.26 -36.33
N9A FAD FA . 17.92 10.51 -35.22
C8A FAD FA . 18.41 10.29 -33.95
N7A FAD FA . 17.53 9.51 -33.27
C5A FAD FA . 16.51 9.22 -34.11
C6A FAD FA . 15.33 8.45 -33.98
N6A FAD FA . 15.20 7.59 -32.99
N1A FAD FA . 14.49 8.36 -35.06
C2A FAD FA . 14.77 8.99 -36.25
N3A FAD FA . 15.90 9.73 -36.37
C4A FAD FA . 16.76 9.84 -35.33
N1 FAD FA . 29.98 7.72 -36.53
C2 FAD FA . 30.32 6.56 -37.17
O2 FAD FA . 29.58 6.12 -38.05
N3 FAD FA . 31.48 5.90 -36.81
C4 FAD FA . 32.31 6.40 -35.80
O4 FAD FA . 33.36 5.80 -35.50
C4X FAD FA . 31.94 7.59 -35.15
N5 FAD FA . 32.74 8.12 -34.14
C5X FAD FA . 32.39 9.29 -33.51
C6 FAD FA . 33.21 9.78 -32.51
C7 FAD FA . 32.89 10.95 -31.83
C7M FAD FA . 33.80 11.47 -30.75
C8 FAD FA . 31.72 11.64 -32.17
C8M FAD FA . 31.33 12.90 -31.47
C9 FAD FA . 30.90 11.13 -33.18
C9A FAD FA . 31.21 9.96 -33.87
N10 FAD FA . 30.37 9.42 -34.89
C10 FAD FA . 30.77 8.25 -35.53
C1' FAD FA . 29.07 10.07 -35.37
C2' FAD FA . 27.88 9.10 -35.34
O2' FAD FA . 26.94 9.31 -36.38
C3' FAD FA . 27.15 9.28 -34.06
O3' FAD FA . 28.10 8.97 -33.01
C4' FAD FA . 25.85 8.42 -34.01
O4' FAD FA . 25.61 7.59 -35.15
C5' FAD FA . 24.61 9.31 -33.84
O5' FAD FA . 23.90 8.80 -32.74
P FAD FA . 23.07 9.80 -31.84
O1P FAD FA . 22.22 8.97 -30.93
O2P FAD FA . 23.98 10.77 -31.10
O3P FAD FA . 22.16 10.54 -32.93
O1 UNL GA . 39.41 8.35 -34.46
O2 UNL GA . 37.16 9.92 -35.60
O3 UNL GA . 38.34 7.12 -34.47
O4 UNL GA . 37.46 5.72 -35.93
O5 UNL GA . 35.60 5.88 -34.30
O6 UNL GA . 35.31 5.52 -37.54
P PO4 HA . 5.60 -0.16 -28.60
O1 PO4 HA . 4.50 0.31 -29.54
O2 PO4 HA . 6.40 1.04 -28.11
O3 PO4 HA . 6.50 -1.15 -29.30
O4 PO4 HA . 4.95 -0.88 -27.44
P PO4 IA . 32.88 14.84 -42.27
O1 PO4 IA . 31.51 14.71 -41.64
O2 PO4 IA . 33.94 14.48 -41.25
O3 PO4 IA . 33.10 16.28 -42.73
O4 PO4 IA . 32.97 13.95 -43.50
P PO4 JA . 39.20 12.95 -35.94
O1 PO4 JA . 39.12 11.63 -35.20
O2 PO4 JA . 38.82 14.09 -35.03
O3 PO4 JA . 38.24 12.89 -37.11
O4 PO4 JA . 40.61 13.15 -36.40
#